data_9NM1
#
_entry.id   9NM1
#
_cell.length_a   1.00
_cell.length_b   1.00
_cell.length_c   1.00
_cell.angle_alpha   90.00
_cell.angle_beta   90.00
_cell.angle_gamma   90.00
#
_symmetry.space_group_name_H-M   'P 1'
#
loop_
_entity.id
_entity.type
_entity.pdbx_description
1 polymer 'Vesicular-fusion protein SEC18'
2 polymer 'Protein SSO1'
3 non-polymer "ADENOSINE-5'-DIPHOSPHATE"
4 non-polymer "ADENOSINE-5'-TRIPHOSPHATE"
5 water water
#
loop_
_entity_poly.entity_id
_entity_poly.type
_entity_poly.pdbx_seq_one_letter_code
_entity_poly.pdbx_strand_id
1 'polypeptide(L)'
;GAHMFKIPGFGKAAANHTPPDMTNMDTRTRHLKVSNCPNNSYALANVAAVSPNDFPNNIYIIIDNLFVFTTRHSNDIPPG
TIGFNGNQRTWGGWSLNQDVQAKAFDLFKYSGKQSYLGSIDIDISFRARGKAVSTVFDQDELAKQFVRCYESQIFSPTQY
LIMEFQGHFFDLKIRNVQAIDLGDIEPTSAVATGIETKGILTKQTQINFFKGRDGLVNLKSSNSLRPRSNAVIRPDFKFE
DLGVGGLDKEFTKIFRRAFASRIFPPSVIEKLGISHVKGLLLYGPPGTGKTLIARKIGTMLNAKEPKIVNGPEILSKYVG
SSEENIRNLFKDAEAEYRAKGEESSLHIIIFDELDSVFKQRGSRGDGTGVGDNVVNQLLAKMDGVDQLNNILVIGMTNRK
DLIDSALLRPGRFEVQVEIHLPDEKGRLQIFDIQTKKMRENNMMSDDVNLAELAALTKNFSGAEIEGLVKSASSFAINKT
VNIGKGATKLNTKDIAKLKVTREDFLNALNDVTPAFGISEEDLKTCVEGGMMLYSERVNSILKNGARYVRQVRESDKSRL
VSLLIHGPAGSGKTALAAEIALKSGFPFIRLISPNELSGMSESAKIAYIDNTFRDAYKSPLNILVIDSLETLVDWVPIGP
RFSNNILQMLKVALKRKPPQDRRLLIMTTTSAYSVLQQMDILSCFDNEIAVPNMTNLDELNNVMIESNFLDDAGRVKVIN
ELSRSCPNFNVGIKKTLTNIETARHDEDPVNELVELMTQSA
;
A,B,C,D,E,F
2 'polypeptide(L)'
;GASHMSYNNPYQLETPFEESYELDEGSSAIGAEGHDFVGFMNKISQINRDLDKYDHTINQVDSLHKRLLTEVNEEQASHL
RHSLDNFVAQATDLQFKLKNEIKSAQRDGIHDTNKQAQAENSRQRFLKLIQDYRIVDSNYKEENKEQAKRQYMIIQPEAT
EDEVEAAISDVGGQQIFSQALLNANRRGEAKTALAEVQARHQELLKLEKSMAELTQLFNDMEELVIEQQENVDVIDKNVE
DAQLDVEQGVGHTDKAVKSARKARKNKIR
;
K
#
# COMPACT_ATOMS: atom_id res chain seq x y z
N ASP A 241 1.72 46.03 -33.96
CA ASP A 241 0.41 46.55 -34.35
C ASP A 241 -0.69 45.85 -33.57
N LEU A 242 -0.41 44.63 -33.10
CA LEU A 242 -1.24 43.95 -32.12
C LEU A 242 -0.65 44.15 -30.73
N GLY A 243 -1.39 43.68 -29.72
CA GLY A 243 -1.04 43.97 -28.35
C GLY A 243 -0.01 43.04 -27.73
N VAL A 244 1.25 43.13 -28.16
CA VAL A 244 2.35 42.44 -27.50
C VAL A 244 3.61 43.26 -27.67
N GLY A 245 4.23 43.66 -26.55
CA GLY A 245 5.41 44.51 -26.57
C GLY A 245 6.56 43.85 -25.83
N GLY A 246 7.76 44.02 -26.37
CA GLY A 246 8.97 43.49 -25.77
C GLY A 246 9.44 42.17 -26.36
N LEU A 247 8.56 41.46 -27.05
CA LEU A 247 8.91 40.18 -27.68
C LEU A 247 9.11 40.45 -29.16
N ASP A 248 10.37 40.52 -29.58
CA ASP A 248 10.70 40.79 -30.98
C ASP A 248 11.38 39.60 -31.66
N LYS A 249 12.51 39.14 -31.13
CA LYS A 249 13.22 38.02 -31.75
C LYS A 249 12.36 36.76 -31.73
N GLU A 250 11.72 36.50 -30.59
CA GLU A 250 10.93 35.27 -30.46
C GLU A 250 9.83 35.22 -31.51
N PHE A 251 9.18 36.36 -31.77
CA PHE A 251 8.06 36.33 -32.71
C PHE A 251 8.56 36.15 -34.14
N THR A 252 9.72 36.73 -34.47
CA THR A 252 10.30 36.48 -35.79
C THR A 252 10.60 35.00 -35.97
N LYS A 253 11.18 34.38 -34.94
CA LYS A 253 11.46 32.94 -35.03
C LYS A 253 10.17 32.15 -35.23
N ILE A 254 9.13 32.49 -34.45
CA ILE A 254 7.87 31.76 -34.54
C ILE A 254 7.26 31.91 -35.93
N PHE A 255 7.26 33.14 -36.45
CA PHE A 255 6.66 33.41 -37.75
C PHE A 255 7.42 32.67 -38.84
N ARG A 256 8.75 32.67 -38.77
CA ARG A 256 9.56 32.01 -39.79
C ARG A 256 9.35 30.50 -39.78
N ARG A 257 9.28 29.91 -38.59
CA ARG A 257 9.27 28.44 -38.53
C ARG A 257 7.88 27.84 -38.58
N ALA A 258 6.85 28.56 -38.15
CA ALA A 258 5.51 28.00 -38.03
C ALA A 258 4.60 28.38 -39.18
N PHE A 259 4.55 29.66 -39.54
CA PHE A 259 3.62 30.16 -40.55
C PHE A 259 4.31 30.52 -41.86
N ALA A 260 5.47 29.92 -42.14
CA ALA A 260 6.16 30.11 -43.40
C ALA A 260 5.76 29.06 -44.43
N SER A 261 4.85 28.15 -44.09
CA SER A 261 4.32 27.18 -45.03
C SER A 261 2.80 27.20 -45.13
N ARG A 262 2.13 28.10 -44.41
CA ARG A 262 0.68 28.23 -44.47
C ARG A 262 0.26 29.52 -45.18
N ILE A 263 1.19 30.33 -45.64
CA ILE A 263 0.91 31.62 -46.26
C ILE A 263 1.13 31.58 -47.77
N PHE A 264 2.11 30.80 -48.21
CA PHE A 264 2.46 30.73 -49.63
C PHE A 264 1.36 30.06 -50.43
N PRO A 265 1.32 30.27 -51.75
CA PRO A 265 0.33 29.58 -52.58
C PRO A 265 0.47 28.07 -52.42
N PRO A 266 -0.64 27.33 -52.33
CA PRO A 266 -0.53 25.89 -52.09
C PRO A 266 0.29 25.15 -53.13
N SER A 267 0.29 25.66 -54.37
CA SER A 267 0.99 24.96 -55.45
C SER A 267 2.50 24.88 -55.16
N VAL A 268 3.09 26.00 -54.74
CA VAL A 268 4.53 26.03 -54.51
C VAL A 268 4.91 25.05 -53.40
N ILE A 269 4.17 25.09 -52.28
CA ILE A 269 4.49 24.21 -51.17
C ILE A 269 4.27 22.75 -51.54
N GLU A 270 3.25 22.47 -52.35
CA GLU A 270 3.06 21.10 -52.81
C GLU A 270 4.23 20.65 -53.67
N LYS A 271 4.72 21.52 -54.54
CA LYS A 271 5.89 21.19 -55.34
C LYS A 271 7.10 20.91 -54.47
N LEU A 272 7.31 21.74 -53.44
CA LEU A 272 8.46 21.57 -52.57
C LEU A 272 8.40 20.23 -51.84
N GLY A 273 7.20 19.73 -51.56
CA GLY A 273 7.05 18.46 -50.88
C GLY A 273 7.49 18.49 -49.43
N ILE A 274 6.77 19.25 -48.60
CA ILE A 274 7.07 19.37 -47.19
C ILE A 274 5.75 19.46 -46.42
N SER A 275 5.73 18.92 -45.21
CA SER A 275 4.54 18.94 -44.37
C SER A 275 4.54 20.21 -43.53
N HIS A 276 3.60 20.30 -42.58
CA HIS A 276 3.44 21.45 -41.71
C HIS A 276 3.84 21.10 -40.29
N VAL A 277 4.33 22.10 -39.57
CA VAL A 277 4.69 21.93 -38.16
C VAL A 277 3.43 21.69 -37.34
N LYS A 278 3.50 20.76 -36.39
CA LYS A 278 2.35 20.32 -35.62
C LYS A 278 2.60 20.41 -34.13
N GLY A 279 3.39 21.40 -33.71
CA GLY A 279 3.64 21.57 -32.30
C GLY A 279 4.36 22.87 -32.02
N LEU A 280 4.23 23.32 -30.78
CA LEU A 280 4.91 24.54 -30.34
C LEU A 280 4.94 24.59 -28.81
N LEU A 281 6.12 24.54 -28.22
CA LEU A 281 6.30 24.55 -26.78
C LEU A 281 7.05 25.82 -26.41
N LEU A 282 6.38 26.74 -25.73
CA LEU A 282 6.97 28.00 -25.30
C LEU A 282 6.86 28.10 -23.80
N TYR A 283 8.00 28.32 -23.13
CA TYR A 283 8.09 28.21 -21.69
C TYR A 283 8.78 29.44 -21.10
N GLY A 284 8.50 29.70 -19.82
CA GLY A 284 9.07 30.82 -19.12
C GLY A 284 8.40 31.06 -17.78
N PRO A 285 8.84 32.09 -17.06
CA PRO A 285 8.26 32.36 -15.75
C PRO A 285 6.80 32.74 -15.88
N PRO A 286 5.98 32.45 -14.86
CA PRO A 286 4.54 32.70 -14.97
C PRO A 286 4.24 34.19 -15.03
N GLY A 287 3.14 34.52 -15.72
CA GLY A 287 2.68 35.89 -15.81
C GLY A 287 3.47 36.77 -16.76
N THR A 288 4.01 36.22 -17.84
CA THR A 288 4.86 37.00 -18.74
C THR A 288 4.29 37.18 -20.13
N GLY A 289 3.13 36.59 -20.45
CA GLY A 289 2.49 36.84 -21.73
C GLY A 289 2.45 35.66 -22.67
N LYS A 290 2.28 34.44 -22.16
CA LYS A 290 2.26 33.27 -23.03
C LYS A 290 0.88 33.04 -23.64
N THR A 291 -0.17 33.09 -22.82
CA THR A 291 -1.52 32.88 -23.34
C THR A 291 -1.89 33.97 -24.33
N LEU A 292 -1.46 35.21 -24.06
CA LEU A 292 -1.75 36.31 -24.97
C LEU A 292 -1.16 36.05 -26.35
N ILE A 293 0.10 35.63 -26.40
CA ILE A 293 0.74 35.38 -27.69
C ILE A 293 0.10 34.19 -28.39
N ALA A 294 -0.28 33.16 -27.62
CA ALA A 294 -0.98 32.03 -28.22
C ALA A 294 -2.27 32.47 -28.90
N ARG A 295 -3.08 33.24 -28.17
CA ARG A 295 -4.36 33.68 -28.72
C ARG A 295 -4.16 34.60 -29.91
N LYS A 296 -3.16 35.48 -29.86
CA LYS A 296 -2.89 36.36 -30.99
C LYS A 296 -2.45 35.58 -32.22
N ILE A 297 -1.62 34.56 -32.03
CA ILE A 297 -1.24 33.69 -33.14
C ILE A 297 -2.49 33.05 -33.73
N GLY A 298 -3.38 32.58 -32.87
CA GLY A 298 -4.63 32.01 -33.34
C GLY A 298 -5.43 32.98 -34.19
N THR A 299 -5.56 34.22 -33.72
CA THR A 299 -6.37 35.22 -34.40
C THR A 299 -5.78 35.62 -35.75
N MET A 300 -4.47 35.85 -35.80
CA MET A 300 -3.88 36.43 -37.00
C MET A 300 -3.90 35.47 -38.19
N LEU A 301 -4.20 34.20 -37.96
CA LEU A 301 -4.22 33.18 -39.02
C LEU A 301 -5.62 32.60 -39.19
N ASN A 302 -6.65 33.42 -38.99
CA ASN A 302 -8.04 32.96 -39.05
C ASN A 302 -8.18 31.83 -38.03
N ALA A 303 -8.56 30.61 -38.44
CA ALA A 303 -8.65 29.48 -37.52
C ALA A 303 -9.86 29.62 -36.62
N LYS A 304 -10.24 28.40 -36.07
CA LYS A 304 -11.42 28.34 -35.22
C LYS A 304 -11.08 28.78 -33.81
N GLU A 305 -12.07 28.75 -32.92
CA GLU A 305 -11.84 29.15 -31.55
C GLU A 305 -10.89 28.17 -30.85
N PRO A 306 -9.90 28.66 -30.11
CA PRO A 306 -9.01 27.74 -29.39
C PRO A 306 -9.79 26.88 -28.40
N LYS A 307 -9.32 25.64 -28.25
CA LYS A 307 -9.88 24.68 -27.30
C LYS A 307 -8.92 24.59 -26.11
N ILE A 308 -9.34 25.09 -24.96
CA ILE A 308 -8.44 25.27 -23.82
C ILE A 308 -8.61 24.11 -22.86
N VAL A 309 -7.49 23.69 -22.26
CA VAL A 309 -7.49 22.65 -21.23
C VAL A 309 -6.24 22.83 -20.40
N ASN A 310 -6.30 22.35 -19.15
CA ASN A 310 -5.18 22.43 -18.22
C ASN A 310 -4.88 21.06 -17.66
N GLY A 311 -3.62 20.84 -17.31
CA GLY A 311 -3.09 19.51 -17.05
C GLY A 311 -3.90 18.66 -16.11
N PRO A 312 -3.93 19.02 -14.82
CA PRO A 312 -4.52 18.13 -13.81
C PRO A 312 -6.02 17.90 -13.96
N GLU A 313 -6.70 18.62 -14.85
CA GLU A 313 -8.11 18.38 -15.07
C GLU A 313 -8.37 17.13 -15.90
N ILE A 314 -7.38 16.67 -16.66
CA ILE A 314 -7.58 15.51 -17.53
C ILE A 314 -7.91 14.26 -16.72
N LEU A 315 -7.20 14.05 -15.62
CA LEU A 315 -7.25 12.78 -14.91
C LEU A 315 -8.64 12.51 -14.34
N SER A 316 -9.00 11.24 -14.29
CA SER A 316 -10.23 10.77 -13.64
C SER A 316 -9.87 9.54 -12.81
N LYS A 317 -10.90 8.84 -12.31
CA LYS A 317 -10.69 7.69 -11.43
C LYS A 317 -11.39 6.43 -11.92
N TYR A 318 -11.77 6.37 -13.19
CA TYR A 318 -12.28 5.15 -13.82
C TYR A 318 -11.31 4.69 -14.89
N VAL A 319 -11.14 3.36 -15.01
CA VAL A 319 -10.24 2.85 -16.04
C VAL A 319 -10.74 3.29 -17.40
N GLY A 320 -9.86 3.88 -18.19
CA GLY A 320 -10.22 4.25 -19.55
C GLY A 320 -10.93 5.57 -19.70
N SER A 321 -11.04 6.37 -18.64
CA SER A 321 -11.60 7.72 -18.75
C SER A 321 -10.54 8.80 -18.70
N SER A 322 -9.37 8.52 -18.14
CA SER A 322 -8.30 9.50 -18.11
C SER A 322 -7.67 9.73 -19.48
N GLU A 323 -7.82 8.78 -20.40
CA GLU A 323 -7.29 8.91 -21.75
C GLU A 323 -8.37 9.18 -22.78
N GLU A 324 -9.64 8.96 -22.45
CA GLU A 324 -10.72 9.34 -23.35
C GLU A 324 -10.78 10.85 -23.50
N ASN A 325 -10.43 11.60 -22.46
CA ASN A 325 -10.48 13.06 -22.56
C ASN A 325 -9.42 13.58 -23.52
N ILE A 326 -8.24 12.95 -23.55
CA ILE A 326 -7.19 13.33 -24.49
C ILE A 326 -7.52 12.93 -25.92
N ARG A 327 -8.50 12.04 -26.11
CA ARG A 327 -8.87 11.61 -27.45
C ARG A 327 -9.98 12.45 -28.04
N ASN A 328 -10.80 13.09 -27.20
CA ASN A 328 -11.94 13.89 -27.64
C ASN A 328 -11.53 15.25 -28.18
N LEU A 329 -10.26 15.65 -28.02
CA LEU A 329 -9.84 16.97 -28.50
C LEU A 329 -9.55 16.99 -30.00
N PHE A 330 -9.39 15.82 -30.63
CA PHE A 330 -9.01 15.74 -32.03
C PHE A 330 -10.15 15.30 -32.93
N LYS A 331 -11.37 15.15 -32.41
CA LYS A 331 -12.46 14.59 -33.22
C LYS A 331 -12.85 15.54 -34.34
N ASP A 332 -13.09 16.81 -34.00
CA ASP A 332 -13.62 17.74 -34.99
C ASP A 332 -12.63 17.97 -36.13
N ALA A 333 -11.35 18.10 -35.80
CA ALA A 333 -10.34 18.30 -36.83
C ALA A 333 -10.31 17.12 -37.79
N GLU A 334 -10.35 15.91 -37.25
CA GLU A 334 -10.33 14.70 -38.08
C GLU A 334 -11.56 14.66 -38.98
N ALA A 335 -12.74 14.96 -38.42
CA ALA A 335 -13.96 14.93 -39.22
C ALA A 335 -13.88 15.92 -40.38
N GLU A 336 -13.47 17.16 -40.08
CA GLU A 336 -13.39 18.16 -41.14
C GLU A 336 -12.35 17.77 -42.19
N TYR A 337 -11.22 17.24 -41.75
CA TYR A 337 -10.20 16.83 -42.72
C TYR A 337 -10.73 15.73 -43.63
N ARG A 338 -11.42 14.75 -43.07
CA ARG A 338 -11.96 13.68 -43.90
C ARG A 338 -12.99 14.20 -44.88
N ALA A 339 -13.85 15.11 -44.43
CA ALA A 339 -14.93 15.61 -45.30
C ALA A 339 -14.39 16.54 -46.38
N LYS A 340 -13.78 17.65 -45.97
CA LYS A 340 -13.38 18.67 -46.94
C LYS A 340 -12.16 18.23 -47.73
N GLY A 341 -11.04 18.02 -47.04
CA GLY A 341 -9.81 17.61 -47.70
C GLY A 341 -8.63 18.48 -47.35
N GLU A 342 -8.02 19.09 -48.37
CA GLU A 342 -6.89 19.99 -48.18
C GLU A 342 -7.29 21.45 -48.17
N GLU A 343 -8.59 21.74 -48.15
CA GLU A 343 -9.10 23.10 -48.08
C GLU A 343 -9.70 23.42 -46.72
N SER A 344 -9.33 22.66 -45.69
CA SER A 344 -9.92 22.81 -44.38
C SER A 344 -9.41 24.08 -43.70
N SER A 345 -10.02 24.39 -42.56
CA SER A 345 -9.69 25.56 -41.76
C SER A 345 -8.88 25.15 -40.54
N LEU A 346 -7.83 25.91 -40.25
CA LEU A 346 -6.90 25.55 -39.19
C LEU A 346 -7.63 25.44 -37.84
N HIS A 347 -7.23 24.46 -37.04
CA HIS A 347 -7.74 24.27 -35.69
C HIS A 347 -6.60 24.43 -34.70
N ILE A 348 -6.92 24.89 -33.49
CA ILE A 348 -5.90 25.13 -32.46
C ILE A 348 -6.32 24.42 -31.18
N ILE A 349 -5.32 23.94 -30.43
CA ILE A 349 -5.52 23.30 -29.14
C ILE A 349 -4.45 23.81 -28.18
N ILE A 350 -4.86 24.46 -27.10
CA ILE A 350 -3.92 25.03 -26.13
C ILE A 350 -3.85 24.11 -24.93
N PHE A 351 -2.62 23.67 -24.60
CA PHE A 351 -2.35 22.80 -23.46
C PHE A 351 -1.66 23.63 -22.39
N ASP A 352 -2.08 23.47 -21.15
CA ASP A 352 -1.55 24.25 -20.04
C ASP A 352 -0.93 23.33 -19.00
N GLU A 353 0.23 23.72 -18.49
CA GLU A 353 0.94 22.95 -17.47
C GLU A 353 1.24 21.54 -17.98
N LEU A 354 2.03 21.48 -19.03
CA LEU A 354 2.34 20.22 -19.70
C LEU A 354 3.27 19.32 -18.88
N ASP A 355 3.86 19.82 -17.80
CA ASP A 355 4.83 19.08 -17.02
C ASP A 355 4.23 18.42 -15.77
N SER A 356 2.90 18.45 -15.62
CA SER A 356 2.27 17.85 -14.45
C SER A 356 1.83 16.42 -14.68
N VAL A 357 1.42 16.07 -15.90
CA VAL A 357 0.97 14.73 -16.23
C VAL A 357 1.89 14.03 -17.21
N PHE A 358 2.44 14.77 -18.18
CA PHE A 358 3.27 14.16 -19.23
C PHE A 358 4.73 14.18 -18.77
N LYS A 359 5.06 13.24 -17.89
CA LYS A 359 6.41 13.05 -17.40
C LYS A 359 7.01 11.76 -17.93
N GLN A 360 8.33 11.73 -18.00
CA GLN A 360 9.07 10.61 -18.57
C GLN A 360 8.48 9.28 -18.13
N ARG A 361 8.29 8.38 -19.10
CA ARG A 361 7.73 7.06 -18.82
C ARG A 361 8.86 6.06 -18.76
N GLY A 362 8.73 5.09 -17.86
CA GLY A 362 9.73 4.05 -17.71
C GLY A 362 10.54 4.22 -16.44
N GLY A 369 0.45 2.01 -14.97
CA GLY A 369 0.04 3.24 -14.30
C GLY A 369 -0.66 4.17 -15.24
N VAL A 370 -1.39 5.15 -14.70
CA VAL A 370 -2.12 6.08 -15.54
C VAL A 370 -1.17 6.99 -16.31
N GLY A 371 -0.04 7.36 -15.71
CA GLY A 371 0.88 8.28 -16.38
C GLY A 371 1.39 7.73 -17.71
N ASP A 372 1.83 6.47 -17.69
CA ASP A 372 2.34 5.86 -18.91
C ASP A 372 1.25 5.79 -19.97
N ASN A 373 0.03 5.42 -19.57
CA ASN A 373 -1.06 5.32 -20.53
C ASN A 373 -1.37 6.68 -21.13
N VAL A 374 -1.37 7.74 -20.33
CA VAL A 374 -1.68 9.07 -20.84
C VAL A 374 -0.62 9.50 -21.85
N VAL A 375 0.66 9.31 -21.51
CA VAL A 375 1.71 9.70 -22.45
C VAL A 375 1.61 8.90 -23.74
N ASN A 376 1.35 7.59 -23.65
CA ASN A 376 1.24 6.80 -24.87
C ASN A 376 0.06 7.25 -25.71
N GLN A 377 -1.07 7.56 -25.08
CA GLN A 377 -2.25 7.97 -25.84
C GLN A 377 -2.05 9.32 -26.53
N LEU A 378 -1.30 10.24 -25.92
CA LEU A 378 -0.99 11.48 -26.63
C LEU A 378 0.05 11.25 -27.72
N LEU A 379 1.04 10.40 -27.47
CA LEU A 379 2.08 10.13 -28.46
C LEU A 379 1.48 9.53 -29.73
N ALA A 380 0.57 8.57 -29.58
CA ALA A 380 -0.01 7.90 -30.73
C ALA A 380 -0.99 8.78 -31.49
N LYS A 381 -1.41 9.91 -30.93
CA LYS A 381 -2.37 10.77 -31.60
C LYS A 381 -1.70 11.98 -32.25
N MET A 382 -0.62 12.49 -31.68
CA MET A 382 0.08 13.61 -32.31
C MET A 382 0.64 13.23 -33.67
N ASP A 383 1.24 12.04 -33.79
CA ASP A 383 1.82 11.60 -35.06
C ASP A 383 1.68 10.09 -35.17
N GLY A 384 0.64 9.64 -35.89
CA GLY A 384 0.34 8.21 -35.98
C GLY A 384 0.22 7.68 -37.38
N VAL A 385 -0.45 6.53 -37.53
CA VAL A 385 -0.56 5.87 -38.82
C VAL A 385 -1.44 6.64 -39.79
N ASP A 386 -2.35 7.47 -39.29
CA ASP A 386 -3.28 8.24 -40.12
C ASP A 386 -2.83 9.68 -40.16
N GLN A 387 -2.56 10.18 -41.36
CA GLN A 387 -2.07 11.55 -41.52
C GLN A 387 -3.16 12.57 -41.22
N LEU A 388 -2.74 13.71 -40.66
CA LEU A 388 -3.65 14.81 -40.33
C LEU A 388 -2.83 16.08 -40.24
N ASN A 389 -2.96 16.98 -41.20
CA ASN A 389 -2.13 18.18 -41.26
C ASN A 389 -2.98 19.45 -41.39
N ASN A 390 -4.03 19.56 -40.58
CA ASN A 390 -4.79 20.80 -40.47
C ASN A 390 -4.96 21.20 -39.02
N ILE A 391 -3.95 20.93 -38.20
CA ILE A 391 -4.01 21.13 -36.76
C ILE A 391 -2.72 21.80 -36.31
N LEU A 392 -2.77 22.43 -35.13
CA LEU A 392 -1.61 23.06 -34.51
C LEU A 392 -1.83 23.11 -33.01
N VAL A 393 -0.91 22.52 -32.24
CA VAL A 393 -1.05 22.40 -30.80
C VAL A 393 0.06 23.20 -30.12
N ILE A 394 -0.34 24.09 -29.21
CA ILE A 394 0.56 24.91 -28.41
C ILE A 394 0.62 24.36 -27.00
N GLY A 395 1.80 24.41 -26.41
CA GLY A 395 2.00 23.93 -25.06
C GLY A 395 2.82 24.91 -24.26
N MET A 396 2.45 25.10 -23.01
CA MET A 396 3.09 26.08 -22.15
C MET A 396 3.54 25.42 -20.87
N THR A 397 4.75 25.78 -20.43
CA THR A 397 5.34 25.14 -19.25
C THR A 397 6.39 26.05 -18.63
N ASN A 398 6.74 25.74 -17.38
CA ASN A 398 7.74 26.48 -16.64
C ASN A 398 9.02 25.69 -16.40
N ARG A 399 8.95 24.36 -16.45
CA ARG A 399 10.11 23.48 -16.30
C ARG A 399 10.16 22.53 -17.50
N LYS A 400 11.06 22.82 -18.43
CA LYS A 400 11.13 22.09 -19.68
C LYS A 400 11.96 20.83 -19.59
N ASP A 401 12.62 20.55 -18.46
CA ASP A 401 13.48 19.39 -18.31
C ASP A 401 12.80 18.25 -17.55
N LEU A 402 11.47 18.16 -17.63
CA LEU A 402 10.72 17.05 -17.08
C LEU A 402 9.78 16.41 -18.08
N ILE A 403 9.61 17.00 -19.27
CA ILE A 403 8.72 16.44 -20.28
C ILE A 403 9.38 15.21 -20.89
N ASP A 404 8.56 14.27 -21.34
CA ASP A 404 9.08 13.04 -21.92
C ASP A 404 10.05 13.39 -23.03
N SER A 405 10.99 12.50 -23.35
CA SER A 405 12.01 12.76 -24.35
C SER A 405 11.60 12.40 -25.76
N ALA A 406 10.48 11.71 -25.95
CA ALA A 406 9.96 11.40 -27.27
C ALA A 406 8.92 12.40 -27.75
N LEU A 407 8.40 13.24 -26.86
CA LEU A 407 7.45 14.29 -27.21
C LEU A 407 8.12 15.56 -27.68
N LEU A 408 9.44 15.57 -27.81
CA LEU A 408 10.21 16.75 -28.22
C LEU A 408 11.07 16.43 -29.43
N ARG A 409 10.56 15.62 -30.33
CA ARG A 409 11.25 15.20 -31.53
C ARG A 409 10.67 15.87 -32.77
N PRO A 410 11.49 16.23 -33.76
CA PRO A 410 10.92 16.89 -34.94
C PRO A 410 9.76 16.12 -35.54
N GLY A 411 8.56 16.70 -35.47
CA GLY A 411 7.36 16.03 -35.90
C GLY A 411 6.26 16.11 -34.86
N ARG A 412 6.64 16.29 -33.59
CA ARG A 412 5.68 16.37 -32.50
C ARG A 412 5.68 17.76 -31.85
N PHE A 413 6.82 18.19 -31.31
CA PHE A 413 6.96 19.53 -30.71
C PHE A 413 8.27 20.07 -31.26
N GLU A 414 8.20 20.71 -32.42
CA GLU A 414 9.42 21.02 -33.15
C GLU A 414 10.06 22.31 -32.68
N VAL A 415 9.26 23.37 -32.48
CA VAL A 415 9.77 24.70 -32.16
C VAL A 415 9.71 24.90 -30.66
N GLN A 416 10.84 25.27 -30.06
CA GLN A 416 10.95 25.56 -28.64
C GLN A 416 11.43 26.99 -28.46
N VAL A 417 10.69 27.77 -27.66
CA VAL A 417 10.95 29.20 -27.49
C VAL A 417 10.91 29.54 -26.00
N GLU A 418 11.63 30.60 -25.63
CA GLU A 418 11.73 31.05 -24.25
C GLU A 418 11.26 32.49 -24.11
N ILE A 419 10.53 32.76 -23.03
CA ILE A 419 9.99 34.09 -22.74
C ILE A 419 10.69 34.63 -21.50
N HIS A 420 11.39 35.76 -21.65
CA HIS A 420 12.10 36.41 -20.56
C HIS A 420 11.21 37.44 -19.86
N LEU A 421 11.71 38.00 -18.77
CA LEU A 421 11.03 39.14 -18.18
C LEU A 421 11.30 40.39 -19.01
N PRO A 422 10.37 41.35 -19.00
CA PRO A 422 10.56 42.54 -19.83
C PRO A 422 11.77 43.36 -19.39
N ASP A 423 12.41 43.99 -20.37
CA ASP A 423 13.56 44.85 -20.14
C ASP A 423 13.04 46.28 -19.94
N GLU A 424 13.93 47.28 -19.92
CA GLU A 424 13.47 48.66 -19.76
C GLU A 424 12.60 49.09 -20.95
N LYS A 425 13.03 48.74 -22.16
CA LYS A 425 12.19 49.07 -23.32
C LYS A 425 10.92 48.25 -23.31
N GLY A 426 11.00 47.00 -22.87
CA GLY A 426 9.79 46.19 -22.83
C GLY A 426 8.75 46.83 -21.93
N ARG A 427 9.18 47.34 -20.79
CA ARG A 427 8.24 48.00 -19.87
C ARG A 427 7.67 49.27 -20.50
N LEU A 428 8.51 50.03 -21.21
CA LEU A 428 7.98 51.24 -21.86
C LEU A 428 6.92 50.88 -22.90
N GLN A 429 7.18 49.86 -23.70
CA GLN A 429 6.21 49.46 -24.72
C GLN A 429 4.93 48.93 -24.08
N ILE A 430 5.05 48.16 -23.00
CA ILE A 430 3.86 47.65 -22.33
C ILE A 430 3.02 48.82 -21.80
N PHE A 431 3.69 49.83 -21.24
CA PHE A 431 2.96 51.00 -20.78
C PHE A 431 2.23 51.67 -21.94
N ASP A 432 2.90 51.81 -23.08
CA ASP A 432 2.25 52.43 -24.24
C ASP A 432 1.01 51.65 -24.66
N ILE A 433 1.09 50.32 -24.66
CA ILE A 433 -0.06 49.51 -25.05
C ILE A 433 -1.20 49.62 -24.04
N GLN A 434 -0.88 49.62 -22.75
CA GLN A 434 -1.93 49.56 -21.74
C GLN A 434 -2.69 50.89 -21.61
N THR A 435 -2.00 52.02 -21.64
CA THR A 435 -2.64 53.33 -21.48
C THR A 435 -2.99 53.93 -22.84
N LYS A 436 -3.89 53.26 -23.54
CA LYS A 436 -4.38 53.73 -24.84
C LYS A 436 -5.83 54.17 -24.80
N LYS A 437 -6.68 53.46 -24.07
CA LYS A 437 -8.08 53.90 -23.92
C LYS A 437 -8.15 55.25 -23.20
N MET A 438 -7.33 55.42 -22.16
CA MET A 438 -7.32 56.67 -21.41
C MET A 438 -6.63 57.80 -22.16
N ARG A 439 -5.92 57.50 -23.25
CA ARG A 439 -5.19 58.52 -23.98
C ARG A 439 -6.06 59.18 -25.03
N GLU A 440 -6.60 58.37 -25.95
CA GLU A 440 -7.44 58.92 -27.02
C GLU A 440 -8.68 59.58 -26.45
N ASN A 441 -9.28 59.00 -25.42
CA ASN A 441 -10.53 59.52 -24.89
C ASN A 441 -10.33 60.75 -24.02
N ASN A 442 -9.09 61.24 -23.90
CA ASN A 442 -8.81 62.49 -23.21
C ASN A 442 -9.24 62.42 -21.74
N MET A 443 -8.69 61.44 -21.02
CA MET A 443 -8.84 61.38 -19.58
C MET A 443 -7.53 61.08 -18.88
N MET A 444 -6.40 61.41 -19.51
CA MET A 444 -5.08 61.27 -18.91
C MET A 444 -4.38 62.61 -18.97
N SER A 445 -3.95 63.10 -17.81
CA SER A 445 -3.38 64.43 -17.71
C SER A 445 -2.13 64.55 -18.59
N ASP A 446 -1.68 65.78 -18.76
CA ASP A 446 -0.51 66.07 -19.58
C ASP A 446 0.79 66.03 -18.78
N ASP A 447 0.73 65.77 -17.47
CA ASP A 447 1.91 65.79 -16.64
C ASP A 447 2.57 64.41 -16.53
N VAL A 448 1.81 63.34 -16.75
CA VAL A 448 2.37 61.99 -16.65
C VAL A 448 3.40 61.79 -17.75
N ASN A 449 4.61 61.38 -17.36
CA ASN A 449 5.70 61.11 -18.29
C ASN A 449 6.02 59.63 -18.15
N LEU A 450 5.52 58.82 -19.09
CA LEU A 450 5.61 57.37 -18.97
C LEU A 450 7.05 56.86 -18.97
N ALA A 451 8.01 57.62 -19.49
CA ALA A 451 9.40 57.18 -19.44
C ALA A 451 9.88 57.02 -18.00
N GLU A 452 9.58 58.01 -17.16
CA GLU A 452 9.95 57.92 -15.75
C GLU A 452 9.25 56.75 -15.09
N LEU A 453 7.96 56.56 -15.39
CA LEU A 453 7.24 55.44 -14.80
C LEU A 453 7.86 54.10 -15.19
N ALA A 454 8.26 53.96 -16.45
CA ALA A 454 8.94 52.73 -16.87
C ALA A 454 10.26 52.55 -16.14
N ALA A 455 11.02 53.63 -15.97
CA ALA A 455 12.30 53.52 -15.29
C ALA A 455 12.15 53.17 -13.81
N LEU A 456 11.06 53.61 -13.16
CA LEU A 456 10.90 53.35 -11.74
C LEU A 456 10.43 51.93 -11.42
N THR A 457 9.91 51.20 -12.40
CA THR A 457 9.39 49.85 -12.17
C THR A 457 10.45 48.86 -12.65
N LYS A 458 11.04 48.13 -11.70
CA LYS A 458 12.07 47.14 -12.01
C LYS A 458 11.54 45.76 -11.64
N ASN A 459 11.75 44.80 -12.54
CA ASN A 459 11.32 43.42 -12.36
C ASN A 459 9.81 43.27 -12.40
N PHE A 460 9.08 44.28 -12.87
CA PHE A 460 7.64 44.12 -13.05
C PHE A 460 7.37 43.17 -14.20
N SER A 461 6.34 42.35 -14.04
CA SER A 461 6.16 41.17 -14.87
C SER A 461 5.31 41.39 -16.11
N GLY A 462 4.66 42.55 -16.26
CA GLY A 462 3.82 42.82 -17.40
C GLY A 462 2.34 42.69 -17.10
N ALA A 463 1.99 41.86 -16.12
CA ALA A 463 0.63 41.84 -15.60
C ALA A 463 0.45 42.77 -14.42
N GLU A 464 1.49 42.93 -13.59
CA GLU A 464 1.43 43.90 -12.51
C GLU A 464 1.28 45.33 -13.04
N ILE A 465 1.76 45.60 -14.26
CA ILE A 465 1.54 46.91 -14.86
C ILE A 465 0.05 47.14 -15.12
N GLU A 466 -0.65 46.13 -15.62
CA GLU A 466 -2.09 46.25 -15.80
C GLU A 466 -2.77 46.55 -14.47
N GLY A 467 -2.43 45.80 -13.43
CA GLY A 467 -2.99 46.05 -12.13
C GLY A 467 -2.70 47.48 -11.68
N LEU A 468 -1.48 47.95 -11.90
CA LEU A 468 -1.10 49.29 -11.49
C LEU A 468 -1.97 50.34 -12.17
N VAL A 469 -2.10 50.26 -13.49
CA VAL A 469 -2.86 51.29 -14.20
C VAL A 469 -4.32 51.27 -13.77
N LYS A 470 -4.90 50.07 -13.64
CA LYS A 470 -6.31 49.99 -13.25
C LYS A 470 -6.51 50.54 -11.85
N SER A 471 -5.61 50.21 -10.92
CA SER A 471 -5.74 50.72 -9.56
C SER A 471 -5.60 52.23 -9.53
N ALA A 472 -4.69 52.79 -10.31
CA ALA A 472 -4.54 54.24 -10.35
C ALA A 472 -5.82 54.90 -10.85
N SER A 473 -6.41 54.35 -11.92
CA SER A 473 -7.65 54.92 -12.42
C SER A 473 -8.76 54.86 -11.38
N SER A 474 -8.90 53.72 -10.70
CA SER A 474 -9.92 53.61 -9.67
C SER A 474 -9.67 54.61 -8.54
N PHE A 475 -8.41 54.78 -8.14
CA PHE A 475 -8.08 55.78 -7.12
C PHE A 475 -8.54 57.16 -7.55
N ALA A 476 -8.24 57.54 -8.80
CA ALA A 476 -8.63 58.86 -9.27
C ALA A 476 -10.14 59.04 -9.22
N ILE A 477 -10.90 58.08 -9.75
CA ILE A 477 -12.35 58.23 -9.77
C ILE A 477 -12.90 58.30 -8.35
N ASN A 478 -12.45 57.39 -7.48
CA ASN A 478 -12.97 57.38 -6.12
C ASN A 478 -12.64 58.68 -5.39
N LYS A 479 -11.48 59.28 -5.69
CA LYS A 479 -11.16 60.58 -5.13
C LYS A 479 -12.10 61.65 -5.63
N THR A 480 -12.42 61.65 -6.93
CA THR A 480 -13.29 62.67 -7.47
C THR A 480 -14.67 62.61 -6.82
N VAL A 481 -15.37 61.48 -6.97
CA VAL A 481 -16.69 61.32 -6.38
C VAL A 481 -16.60 61.44 -4.86
N ASP A 494 -19.08 67.68 -12.79
CA ASP A 494 -17.64 67.44 -12.89
C ASP A 494 -17.35 65.97 -13.20
N ILE A 495 -18.40 65.16 -13.31
CA ILE A 495 -18.23 63.76 -13.64
C ILE A 495 -17.65 63.56 -15.03
N ALA A 496 -17.76 64.59 -15.88
CA ALA A 496 -17.22 64.54 -17.24
C ALA A 496 -15.87 65.23 -17.34
N LYS A 497 -15.27 65.62 -16.21
CA LYS A 497 -13.97 66.30 -16.20
C LYS A 497 -12.91 65.49 -15.46
N LEU A 498 -13.09 64.18 -15.34
CA LEU A 498 -12.13 63.34 -14.65
C LEU A 498 -10.76 63.43 -15.32
N LYS A 499 -9.72 63.57 -14.50
CA LYS A 499 -8.35 63.57 -14.98
C LYS A 499 -7.51 62.73 -14.02
N VAL A 500 -6.66 61.86 -14.57
CA VAL A 500 -5.75 61.04 -13.77
C VAL A 500 -4.38 61.68 -13.86
N THR A 501 -3.81 62.03 -12.71
CA THR A 501 -2.56 62.76 -12.65
C THR A 501 -1.44 61.84 -12.18
N ARG A 502 -0.25 62.44 -12.01
CA ARG A 502 0.91 61.66 -11.61
C ARG A 502 0.74 61.10 -10.20
N GLU A 503 0.09 61.86 -9.31
CA GLU A 503 -0.01 61.43 -7.91
C GLU A 503 -0.71 60.09 -7.79
N ASP A 504 -1.78 59.89 -8.56
CA ASP A 504 -2.49 58.62 -8.50
C ASP A 504 -1.59 57.47 -8.91
N PHE A 505 -0.83 57.66 -10.00
CA PHE A 505 0.06 56.59 -10.45
C PHE A 505 1.12 56.29 -9.40
N LEU A 506 1.69 57.32 -8.79
CA LEU A 506 2.73 57.10 -7.79
C LEU A 506 2.16 56.39 -6.57
N ASN A 507 0.96 56.77 -6.12
CA ASN A 507 0.35 56.07 -4.99
C ASN A 507 0.09 54.61 -5.32
N ALA A 508 -0.45 54.34 -6.52
CA ALA A 508 -0.70 52.95 -6.91
C ALA A 508 0.60 52.16 -6.96
N LEU A 509 1.66 52.77 -7.47
CA LEU A 509 2.96 52.11 -7.48
C LEU A 509 3.42 51.79 -6.07
N ASN A 510 3.29 52.77 -5.16
CA ASN A 510 3.69 52.53 -3.78
C ASN A 510 2.90 51.38 -3.15
N ASP A 511 1.64 51.21 -3.53
CA ASP A 511 0.83 50.15 -2.93
C ASP A 511 1.27 48.78 -3.42
N VAL A 512 1.50 48.63 -4.73
CA VAL A 512 1.71 47.30 -5.30
C VAL A 512 3.05 46.72 -4.87
N THR A 513 3.07 45.41 -4.70
CA THR A 513 4.30 44.67 -4.33
C THR A 513 4.62 43.64 -5.42
N PRO A 514 5.73 43.76 -6.14
CA PRO A 514 6.02 42.80 -7.21
C PRO A 514 6.38 41.43 -6.67
N ALA A 515 6.33 40.45 -7.57
CA ALA A 515 6.61 39.06 -7.20
C ALA A 515 8.08 38.69 -7.29
N PHE A 516 8.89 39.42 -8.05
CA PHE A 516 10.31 39.21 -8.16
C PHE A 516 11.06 40.40 -7.59
N GLY A 517 10.59 40.92 -6.47
CA GLY A 517 11.15 42.12 -5.89
C GLY A 517 11.47 42.00 -4.42
N ILE A 518 11.72 43.14 -3.78
CA ILE A 518 12.14 43.15 -2.38
C ILE A 518 10.99 42.71 -1.49
N SER A 519 11.31 42.01 -0.41
CA SER A 519 10.34 41.65 0.62
C SER A 519 10.64 42.52 1.82
N GLU A 520 10.04 43.71 1.84
CA GLU A 520 10.43 44.73 2.81
C GLU A 520 10.02 44.36 4.23
N GLU A 521 8.86 43.74 4.40
CA GLU A 521 8.31 43.53 5.73
C GLU A 521 9.21 42.65 6.58
N ASP A 522 9.71 41.55 6.01
CA ASP A 522 10.52 40.62 6.79
C ASP A 522 11.85 41.26 7.19
N LEU A 523 12.54 41.89 6.24
CA LEU A 523 13.79 42.55 6.54
C LEU A 523 13.62 43.74 7.46
N LYS A 524 12.41 44.31 7.54
CA LYS A 524 12.18 45.42 8.45
C LYS A 524 11.82 44.95 9.86
N THR A 525 11.09 43.85 9.98
CA THR A 525 10.82 43.29 11.32
C THR A 525 12.01 42.55 11.90
N CYS A 526 12.98 42.13 11.07
CA CYS A 526 14.18 41.51 11.63
C CYS A 526 15.01 42.49 12.44
N VAL A 527 14.85 43.79 12.22
CA VAL A 527 15.68 44.81 12.86
C VAL A 527 14.80 45.76 13.65
N GLU A 528 13.69 45.25 14.21
CA GLU A 528 12.75 46.09 14.92
C GLU A 528 13.35 46.74 16.15
N GLY A 529 14.46 46.22 16.66
CA GLY A 529 15.07 46.76 17.86
C GLY A 529 16.01 47.92 17.65
N GLY A 530 16.33 48.24 16.41
CA GLY A 530 17.16 49.38 16.09
C GLY A 530 18.63 49.01 16.04
N MET A 531 19.39 49.82 15.30
CA MET A 531 20.83 49.63 15.11
C MET A 531 21.56 50.73 15.86
N MET A 532 22.07 50.41 17.05
CA MET A 532 22.86 51.32 17.85
C MET A 532 24.34 51.03 17.62
N LEU A 533 25.11 52.10 17.39
CA LEU A 533 26.56 51.97 17.26
C LEU A 533 27.18 52.10 18.64
N TYR A 534 27.35 50.97 19.32
CA TYR A 534 27.87 50.97 20.68
C TYR A 534 29.38 50.85 20.75
N SER A 535 30.06 50.65 19.63
CA SER A 535 31.51 50.50 19.63
C SER A 535 32.03 50.73 18.21
N GLU A 536 33.30 50.40 18.00
CA GLU A 536 33.93 50.61 16.71
C GLU A 536 33.80 49.40 15.79
N ARG A 537 33.47 48.22 16.34
CA ARG A 537 33.39 47.03 15.50
C ARG A 537 32.27 47.14 14.48
N VAL A 538 31.12 47.68 14.90
CA VAL A 538 29.94 47.69 14.03
C VAL A 538 30.26 48.36 12.71
N ASN A 539 30.95 49.50 12.77
CA ASN A 539 31.30 50.22 11.55
C ASN A 539 32.17 49.37 10.63
N SER A 540 33.14 48.66 11.21
CA SER A 540 34.00 47.81 10.38
C SER A 540 33.21 46.70 9.71
N ILE A 541 32.29 46.07 10.46
CA ILE A 541 31.48 44.99 9.88
C ILE A 541 30.66 45.52 8.71
N LEU A 542 29.99 46.66 8.91
CA LEU A 542 29.16 47.21 7.84
C LEU A 542 30.01 47.62 6.64
N LYS A 543 31.20 48.14 6.88
CA LYS A 543 32.08 48.51 5.77
C LYS A 543 32.47 47.29 4.95
N ASN A 544 32.80 46.18 5.62
CA ASN A 544 33.14 44.97 4.88
C ASN A 544 31.94 44.45 4.08
N GLY A 545 30.75 44.48 4.68
CA GLY A 545 29.58 44.09 3.92
C GLY A 545 29.40 44.91 2.66
N ALA A 546 29.54 46.23 2.80
CA ALA A 546 29.41 47.11 1.63
C ALA A 546 30.48 46.81 0.59
N ARG A 547 31.70 46.52 1.03
CA ARG A 547 32.76 46.18 0.10
C ARG A 547 32.39 44.97 -0.74
N TYR A 548 31.85 43.93 -0.09
CA TYR A 548 31.49 42.72 -0.83
C TYR A 548 30.34 43.00 -1.79
N VAL A 549 29.36 43.82 -1.37
CA VAL A 549 28.27 44.18 -2.26
C VAL A 549 28.82 44.86 -3.52
N ARG A 550 29.72 45.82 -3.32
CA ARG A 550 30.29 46.52 -4.47
C ARG A 550 31.06 45.57 -5.37
N GLN A 551 31.85 44.68 -4.78
CA GLN A 551 32.60 43.72 -5.60
C GLN A 551 31.68 42.90 -6.47
N VAL A 552 30.59 42.38 -5.89
CA VAL A 552 29.66 41.58 -6.67
C VAL A 552 29.02 42.40 -7.79
N ARG A 553 28.72 43.66 -7.51
CA ARG A 553 28.05 44.48 -8.52
C ARG A 553 28.91 44.76 -9.75
N GLU A 554 30.21 45.04 -9.55
CA GLU A 554 31.05 45.57 -10.61
C GLU A 554 32.06 44.56 -11.17
N SER A 555 31.86 43.28 -10.94
CA SER A 555 32.82 42.29 -11.40
C SER A 555 32.37 41.64 -12.70
N ASP A 556 33.33 41.00 -13.37
CA ASP A 556 33.10 40.33 -14.64
C ASP A 556 33.19 38.81 -14.54
N LYS A 557 34.16 38.28 -13.80
CA LYS A 557 34.28 36.84 -13.61
C LYS A 557 33.72 36.35 -12.29
N SER A 558 33.56 37.23 -11.31
CA SER A 558 33.03 36.86 -10.00
C SER A 558 31.52 36.98 -10.05
N ARG A 559 30.86 35.90 -10.46
CA ARG A 559 29.41 35.85 -10.56
C ARG A 559 28.76 35.13 -9.40
N LEU A 560 29.52 34.80 -8.36
CA LEU A 560 28.96 34.13 -7.19
C LEU A 560 29.88 34.40 -6.00
N VAL A 561 29.30 34.85 -4.90
CA VAL A 561 30.03 35.10 -3.68
C VAL A 561 29.18 34.61 -2.51
N SER A 562 29.71 33.68 -1.73
CA SER A 562 29.04 33.16 -0.54
C SER A 562 29.81 33.58 0.68
N LEU A 563 29.11 34.17 1.65
CA LEU A 563 29.71 34.78 2.82
C LEU A 563 29.16 34.14 4.09
N LEU A 564 30.03 33.91 5.07
CA LEU A 564 29.62 33.32 6.35
C LEU A 564 29.79 34.35 7.45
N ILE A 565 28.82 34.44 8.34
CA ILE A 565 28.90 35.33 9.50
C ILE A 565 28.58 34.53 10.74
N HIS A 566 29.50 34.54 11.70
CA HIS A 566 29.44 33.66 12.86
C HIS A 566 29.94 34.36 14.11
N GLY A 567 29.50 33.85 15.26
CA GLY A 567 29.88 34.39 16.55
C GLY A 567 29.10 33.79 17.68
N PRO A 568 29.35 34.24 18.91
CA PRO A 568 28.64 33.69 20.06
C PRO A 568 27.14 33.90 19.95
N ALA A 569 26.40 33.09 20.70
CA ALA A 569 24.95 33.15 20.65
C ALA A 569 24.45 34.45 21.26
N GLY A 570 23.45 35.05 20.63
CA GLY A 570 22.85 36.27 21.12
C GLY A 570 23.59 37.54 20.73
N SER A 571 24.68 37.42 19.96
CA SER A 571 25.52 38.54 19.60
C SER A 571 24.87 39.47 18.58
N GLY A 572 23.66 39.16 18.10
CA GLY A 572 23.01 39.99 17.12
C GLY A 572 23.64 39.92 15.74
N LYS A 573 23.52 38.76 15.10
CA LYS A 573 24.11 38.50 13.80
C LYS A 573 23.13 38.70 12.65
N THR A 574 21.86 38.31 12.83
CA THR A 574 20.88 38.47 11.76
C THR A 574 20.60 39.93 11.48
N ALA A 575 20.61 40.77 12.52
CA ALA A 575 20.34 42.18 12.31
C ALA A 575 21.38 42.82 11.39
N LEU A 576 22.65 42.46 11.57
CA LEU A 576 23.69 43.02 10.72
C LEU A 576 23.49 42.57 9.27
N ALA A 577 23.14 41.30 9.06
CA ALA A 577 22.90 40.82 7.69
C ALA A 577 21.74 41.57 7.05
N ALA A 578 20.65 41.76 7.79
CA ALA A 578 19.52 42.49 7.24
C ALA A 578 19.88 43.93 6.91
N GLU A 579 20.66 44.60 7.77
CA GLU A 579 21.03 45.98 7.49
C GLU A 579 21.93 46.09 6.25
N ILE A 580 22.87 45.15 6.11
CA ILE A 580 23.72 45.16 4.93
C ILE A 580 22.87 44.95 3.68
N ALA A 581 21.88 44.06 3.76
CA ALA A 581 21.04 43.83 2.60
C ALA A 581 20.19 45.05 2.29
N LEU A 582 19.69 45.74 3.32
CA LEU A 582 18.78 46.87 3.13
C LEU A 582 19.50 48.14 2.72
N LYS A 583 20.83 48.15 2.69
CA LYS A 583 21.58 49.33 2.29
C LYS A 583 22.42 49.04 1.06
N SER A 584 21.88 48.24 0.14
CA SER A 584 22.57 47.86 -1.08
C SER A 584 21.89 48.38 -2.34
N GLY A 585 20.58 48.20 -2.47
CA GLY A 585 19.84 48.66 -3.63
C GLY A 585 19.56 47.62 -4.69
N PHE A 586 19.91 46.36 -4.46
CA PHE A 586 19.60 45.32 -5.43
C PHE A 586 18.10 45.16 -5.56
N PRO A 587 17.60 44.82 -6.76
CA PRO A 587 16.14 44.71 -6.94
C PRO A 587 15.52 43.44 -6.41
N PHE A 588 16.31 42.39 -6.16
CA PHE A 588 15.80 41.08 -5.74
C PHE A 588 16.46 40.73 -4.42
N ILE A 589 15.69 40.72 -3.34
CA ILE A 589 16.18 40.35 -2.00
C ILE A 589 15.21 39.35 -1.40
N ARG A 590 15.74 38.25 -0.86
CA ARG A 590 14.86 37.24 -0.27
C ARG A 590 15.51 36.60 0.94
N LEU A 591 14.67 36.07 1.84
CA LEU A 591 15.11 35.52 3.12
C LEU A 591 14.55 34.11 3.29
N ILE A 592 15.37 33.20 3.80
CA ILE A 592 14.95 31.85 4.19
C ILE A 592 15.16 31.72 5.69
N SER A 593 14.08 31.60 6.45
CA SER A 593 14.14 31.54 7.90
C SER A 593 13.40 30.32 8.41
N PRO A 594 13.73 29.84 9.62
CA PRO A 594 13.01 28.68 10.16
C PRO A 594 11.53 28.92 10.37
N ASN A 595 11.11 30.18 10.55
CA ASN A 595 9.69 30.47 10.74
C ASN A 595 8.87 30.08 9.52
N GLU A 596 9.35 30.37 8.32
CA GLU A 596 8.62 30.04 7.11
C GLU A 596 8.45 28.52 6.97
N LEU A 597 9.52 27.77 7.24
CA LEU A 597 9.53 26.34 6.98
C LEU A 597 8.72 25.55 8.01
N SER A 598 8.60 26.05 9.24
CA SER A 598 8.04 25.26 10.33
C SER A 598 6.64 24.76 9.99
N GLY A 599 6.40 23.48 10.31
CA GLY A 599 5.11 22.85 10.14
C GLY A 599 5.01 21.93 8.94
N MET A 600 5.95 21.99 8.01
CA MET A 600 5.90 21.20 6.79
C MET A 600 6.59 19.86 6.98
N SER A 601 6.50 19.02 5.95
CA SER A 601 7.18 17.74 5.91
C SER A 601 8.57 17.92 5.29
N GLU A 602 9.37 16.86 5.32
CA GLU A 602 10.72 16.96 4.77
C GLU A 602 10.69 17.23 3.28
N SER A 603 9.82 16.53 2.54
CA SER A 603 9.73 16.74 1.10
C SER A 603 9.31 18.15 0.76
N ALA A 604 8.31 18.69 1.47
CA ALA A 604 7.89 20.06 1.21
C ALA A 604 8.99 21.04 1.54
N LYS A 605 9.75 20.78 2.61
CA LYS A 605 10.87 21.65 2.96
C LYS A 605 11.90 21.69 1.86
N ILE A 606 12.25 20.52 1.30
CA ILE A 606 13.23 20.48 0.22
C ILE A 606 12.68 21.20 -1.02
N ALA A 607 11.40 20.98 -1.33
CA ALA A 607 10.81 21.65 -2.49
C ALA A 607 10.88 23.16 -2.35
N TYR A 608 10.56 23.67 -1.16
CA TYR A 608 10.59 25.12 -0.94
C TYR A 608 12.02 25.67 -1.04
N ILE A 609 12.98 24.97 -0.45
CA ILE A 609 14.36 25.43 -0.51
C ILE A 609 14.88 25.40 -1.94
N ASP A 610 14.34 24.51 -2.78
CA ASP A 610 14.83 24.42 -4.15
C ASP A 610 14.17 25.46 -5.04
N ASN A 611 12.86 25.63 -4.90
CA ASN A 611 12.17 26.60 -5.74
C ASN A 611 12.67 28.01 -5.47
N THR A 612 12.87 28.37 -4.19
CA THR A 612 13.37 29.71 -3.92
C THR A 612 14.72 29.97 -4.56
N PHE A 613 15.52 28.93 -4.77
CA PHE A 613 16.79 29.05 -5.47
C PHE A 613 16.65 29.05 -6.98
N ARG A 614 15.52 28.57 -7.50
CA ARG A 614 15.31 28.58 -8.94
C ARG A 614 14.66 29.86 -9.46
N ASP A 615 14.10 30.70 -8.59
CA ASP A 615 13.59 32.01 -8.96
C ASP A 615 14.62 33.12 -8.86
N ALA A 616 15.80 32.82 -8.34
CA ALA A 616 16.88 33.79 -8.25
C ALA A 616 17.79 33.77 -9.48
N TYR A 617 17.50 32.90 -10.45
CA TYR A 617 18.27 32.80 -11.68
C TYR A 617 17.57 33.44 -12.87
N LYS A 618 16.48 34.19 -12.64
CA LYS A 618 15.73 34.82 -13.71
C LYS A 618 15.70 36.34 -13.57
N SER A 619 16.72 36.91 -12.95
CA SER A 619 16.81 38.36 -12.84
C SER A 619 18.21 38.78 -13.00
N PRO A 620 18.44 40.05 -13.24
CA PRO A 620 19.82 40.47 -13.52
C PRO A 620 20.71 40.52 -12.30
N LEU A 621 20.18 40.89 -11.13
CA LEU A 621 20.97 41.08 -9.92
C LEU A 621 20.17 40.56 -8.75
N ASN A 622 20.79 39.79 -7.86
CA ASN A 622 20.07 39.15 -6.77
C ASN A 622 20.87 39.17 -5.47
N ILE A 623 20.17 38.91 -4.37
CA ILE A 623 20.78 38.70 -3.05
C ILE A 623 19.80 37.91 -2.16
N LEU A 624 20.33 36.89 -1.51
CA LEU A 624 19.50 35.89 -0.86
C LEU A 624 20.16 35.53 0.47
N VAL A 625 19.38 35.60 1.55
CA VAL A 625 19.90 35.45 2.91
C VAL A 625 19.37 34.14 3.47
N ILE A 626 20.25 33.38 4.11
CA ILE A 626 19.89 32.13 4.78
C ILE A 626 20.15 32.33 6.26
N ASP A 627 19.20 31.91 7.09
CA ASP A 627 19.23 32.22 8.51
C ASP A 627 19.46 30.95 9.32
N SER A 628 20.37 31.04 10.30
CA SER A 628 20.61 29.97 11.25
C SER A 628 21.52 28.89 10.65
N LEU A 629 21.00 28.10 9.72
CA LEU A 629 21.71 27.02 9.04
C LEU A 629 21.99 25.83 9.94
N GLU A 630 21.67 25.91 11.23
CA GLU A 630 21.75 24.76 12.12
C GLU A 630 20.38 24.30 12.60
N THR A 631 19.41 25.21 12.69
CA THR A 631 18.03 24.81 12.93
C THR A 631 17.32 24.34 11.68
N LEU A 632 17.79 24.77 10.49
CA LEU A 632 17.26 24.25 9.24
C LEU A 632 17.59 22.77 9.06
N VAL A 633 18.68 22.31 9.68
CA VAL A 633 19.15 20.93 9.51
C VAL A 633 18.67 20.02 10.64
N ASP A 634 17.94 20.54 11.62
CA ASP A 634 17.39 19.75 12.72
C ASP A 634 18.48 19.08 13.56
N TRP A 635 19.33 19.90 14.17
CA TRP A 635 20.46 19.39 14.94
C TRP A 635 20.10 19.26 16.41
N VAL A 636 20.38 18.10 16.99
CA VAL A 636 20.24 17.88 18.44
C VAL A 636 21.47 17.10 18.91
N PRO A 637 22.11 17.49 20.00
CA PRO A 637 23.46 16.99 20.29
C PRO A 637 23.56 15.59 20.87
N ILE A 638 22.45 14.91 21.18
CA ILE A 638 22.52 13.59 21.81
C ILE A 638 22.30 12.55 20.72
N GLY A 639 23.39 11.90 20.30
CA GLY A 639 23.34 10.76 19.41
C GLY A 639 24.32 10.83 18.24
N PRO A 640 24.44 11.97 17.56
CA PRO A 640 23.50 13.09 17.43
C PRO A 640 22.48 12.80 16.35
N ARG A 641 21.56 13.71 16.07
CA ARG A 641 20.55 13.52 15.03
C ARG A 641 20.51 14.75 14.15
N PHE A 642 20.20 14.54 12.88
CA PHE A 642 19.97 15.64 11.93
C PHE A 642 19.42 15.05 10.64
N SER A 643 19.20 15.91 9.66
CA SER A 643 18.63 15.52 8.37
C SER A 643 19.72 15.57 7.32
N ASN A 644 20.00 14.44 6.68
CA ASN A 644 21.02 14.41 5.65
C ASN A 644 20.54 15.00 4.33
N ASN A 645 19.25 14.82 4.02
CA ASN A 645 18.72 15.29 2.74
C ASN A 645 18.81 16.81 2.62
N ILE A 646 18.32 17.53 3.63
CA ILE A 646 18.35 18.99 3.57
C ILE A 646 19.80 19.48 3.55
N LEU A 647 20.66 18.83 4.33
CA LEU A 647 22.06 19.24 4.34
C LEU A 647 22.70 19.11 2.97
N GLN A 648 22.44 18.00 2.28
CA GLN A 648 23.03 17.81 0.96
C GLN A 648 22.43 18.80 -0.04
N MET A 649 21.14 19.10 0.08
CA MET A 649 20.55 20.09 -0.80
C MET A 649 21.24 21.45 -0.65
N LEU A 650 21.42 21.89 0.60
CA LEU A 650 22.07 23.18 0.81
C LEU A 650 23.52 23.16 0.35
N LYS A 651 24.22 22.03 0.55
CA LYS A 651 25.60 21.93 0.11
C LYS A 651 25.71 22.05 -1.40
N VAL A 652 24.81 21.40 -2.13
CA VAL A 652 24.88 21.48 -3.58
C VAL A 652 24.51 22.88 -4.05
N ALA A 653 23.53 23.51 -3.39
CA ALA A 653 23.04 24.80 -3.85
C ALA A 653 24.02 25.93 -3.59
N LEU A 654 24.90 25.81 -2.60
CA LEU A 654 25.79 26.93 -2.26
C LEU A 654 27.02 27.00 -3.14
N LYS A 655 27.21 26.07 -4.07
CA LYS A 655 28.37 26.05 -4.95
C LYS A 655 28.03 26.21 -6.43
N ARG A 656 26.76 26.33 -6.79
CA ARG A 656 26.34 26.37 -8.18
C ARG A 656 26.31 27.81 -8.68
N LYS A 657 27.02 28.07 -9.77
CA LYS A 657 27.03 29.39 -10.38
C LYS A 657 25.73 29.64 -11.14
N PRO A 658 25.21 30.87 -11.12
CA PRO A 658 23.96 31.14 -11.82
C PRO A 658 24.13 31.02 -13.33
N PRO A 659 23.06 30.69 -14.06
CA PRO A 659 23.19 30.51 -15.50
C PRO A 659 23.41 31.82 -16.24
N GLN A 660 23.93 31.68 -17.45
CA GLN A 660 24.12 32.82 -18.35
C GLN A 660 24.84 33.94 -17.61
N ASP A 661 24.52 35.18 -17.92
CA ASP A 661 25.14 36.34 -17.27
C ASP A 661 24.19 36.86 -16.19
N ARG A 662 24.37 36.36 -14.97
CA ARG A 662 23.63 36.83 -13.81
C ARG A 662 24.61 37.02 -12.66
N ARG A 663 24.12 37.34 -11.47
CA ARG A 663 24.97 37.54 -10.33
C ARG A 663 24.21 37.18 -9.07
N LEU A 664 24.94 36.82 -8.03
CA LEU A 664 24.33 36.38 -6.79
C LEU A 664 25.27 36.64 -5.63
N LEU A 665 24.70 36.80 -4.44
CA LEU A 665 25.47 37.06 -3.23
C LEU A 665 24.75 36.36 -2.09
N ILE A 666 25.20 35.17 -1.74
CA ILE A 666 24.60 34.43 -0.64
C ILE A 666 25.30 34.85 0.65
N MET A 667 24.53 34.94 1.73
CA MET A 667 25.04 35.48 2.99
C MET A 667 24.36 34.69 4.10
N THR A 668 25.10 33.80 4.77
CA THR A 668 24.53 32.89 5.74
C THR A 668 25.09 33.14 7.13
N THR A 669 24.23 32.99 8.14
CA THR A 669 24.58 33.25 9.53
C THR A 669 24.51 31.96 10.34
N THR A 670 25.47 31.79 11.25
CA THR A 670 25.48 30.61 12.09
C THR A 670 26.14 30.93 13.43
N SER A 671 25.91 30.06 14.41
CA SER A 671 26.47 30.26 15.75
C SER A 671 26.97 28.95 16.34
N ALA A 672 27.32 27.97 15.50
CA ALA A 672 27.86 26.69 15.94
C ALA A 672 29.03 26.27 15.07
N TYR A 673 29.97 27.20 14.85
CA TYR A 673 31.13 26.95 14.00
C TYR A 673 31.67 25.52 14.12
N SER A 674 31.80 25.02 15.35
CA SER A 674 32.42 23.71 15.56
C SER A 674 31.63 22.60 14.87
N VAL A 675 30.30 22.65 14.94
CA VAL A 675 29.50 21.62 14.29
C VAL A 675 29.71 21.65 12.78
N LEU A 676 29.71 22.84 12.19
CA LEU A 676 29.96 22.95 10.76
C LEU A 676 31.33 22.39 10.41
N GLN A 677 32.32 22.62 11.27
CA GLN A 677 33.64 22.06 11.04
C GLN A 677 33.58 20.53 11.03
N GLN A 678 32.83 19.95 11.97
CA GLN A 678 32.74 18.48 12.03
C GLN A 678 32.03 17.91 10.82
N MET A 679 30.96 18.55 10.35
CA MET A 679 30.26 18.07 9.17
C MET A 679 31.09 18.19 7.91
N ASP A 680 32.21 18.91 7.96
CA ASP A 680 33.05 19.15 6.80
C ASP A 680 32.22 19.82 5.70
N ILE A 681 31.71 21.00 6.02
CA ILE A 681 30.93 21.85 5.13
C ILE A 681 31.56 23.21 4.98
N LEU A 682 32.76 23.40 5.49
CA LEU A 682 33.40 24.70 5.57
C LEU A 682 34.14 25.08 4.29
N SER A 683 34.09 24.22 3.27
CA SER A 683 34.71 24.50 1.98
C SER A 683 33.77 25.22 1.02
N CYS A 684 32.51 25.38 1.38
CA CYS A 684 31.55 26.06 0.51
C CYS A 684 31.58 27.57 0.66
N PHE A 685 32.24 28.10 1.68
CA PHE A 685 32.21 29.52 2.00
C PHE A 685 33.51 30.18 1.56
N ASP A 686 33.40 31.39 1.01
CA ASP A 686 34.56 32.10 0.48
C ASP A 686 35.23 32.99 1.54
N ASN A 687 34.44 33.74 2.30
CA ASN A 687 34.97 34.63 3.31
C ASN A 687 34.07 34.57 4.54
N GLU A 688 34.67 34.93 5.67
CA GLU A 688 34.04 34.75 6.97
C GLU A 688 34.16 36.04 7.77
N ILE A 689 33.15 36.30 8.59
CA ILE A 689 33.10 37.48 9.45
C ILE A 689 32.72 37.04 10.84
N ALA A 690 33.33 37.66 11.85
CA ALA A 690 33.11 37.33 13.24
C ALA A 690 32.39 38.48 13.96
N VAL A 691 31.50 38.13 14.88
CA VAL A 691 30.68 39.10 15.58
C VAL A 691 30.88 38.91 17.09
N PRO A 692 31.87 39.55 17.69
CA PRO A 692 32.07 39.40 19.14
C PRO A 692 31.08 40.22 19.94
N ASN A 693 30.84 39.77 21.17
CA ASN A 693 29.90 40.42 22.08
C ASN A 693 30.63 41.41 22.99
N MET A 694 29.86 42.12 23.81
CA MET A 694 30.40 43.21 24.60
C MET A 694 31.27 42.70 25.73
N THR A 695 32.50 43.23 25.81
CA THR A 695 33.36 43.08 26.98
C THR A 695 33.91 44.46 27.36
N ASN A 696 33.12 45.24 28.08
CA ASN A 696 33.55 46.55 28.56
C ASN A 696 32.38 47.18 29.30
N LEU A 697 32.64 48.31 29.96
CA LEU A 697 31.62 49.02 30.71
C LEU A 697 31.16 50.30 30.02
N ASP A 698 32.05 51.01 29.33
CA ASP A 698 31.63 52.19 28.58
C ASP A 698 30.62 51.82 27.50
N GLU A 699 30.71 50.61 26.94
CA GLU A 699 29.72 50.17 25.97
C GLU A 699 28.33 50.08 26.60
N LEU A 700 28.25 49.53 27.81
CA LEU A 700 26.97 49.48 28.50
C LEU A 700 26.46 50.89 28.79
N ASN A 701 27.35 51.80 29.16
CA ASN A 701 26.94 53.18 29.38
C ASN A 701 26.36 53.78 28.12
N ASN A 702 27.01 53.56 26.98
CA ASN A 702 26.51 54.09 25.72
C ASN A 702 25.15 53.50 25.39
N VAL A 703 24.98 52.20 25.59
CA VAL A 703 23.71 51.55 25.30
C VAL A 703 22.60 52.16 26.15
N MET A 704 22.87 52.36 27.44
CA MET A 704 21.82 52.86 28.33
C MET A 704 21.54 54.35 28.10
N ILE A 705 22.53 55.13 27.63
CA ILE A 705 22.21 56.51 27.26
C ILE A 705 21.37 56.54 26.00
N GLU A 706 21.68 55.67 25.02
CA GLU A 706 20.90 55.66 23.79
C GLU A 706 19.48 55.16 24.04
N SER A 707 19.29 54.22 24.96
CA SER A 707 17.96 53.75 25.31
C SER A 707 17.30 54.59 26.40
N ASN A 708 18.03 55.53 26.99
CA ASN A 708 17.51 56.36 28.09
C ASN A 708 16.89 55.50 29.19
N PHE A 709 17.72 54.65 29.78
CA PHE A 709 17.22 53.78 30.84
C PHE A 709 16.76 54.57 32.06
N LEU A 710 17.56 55.56 32.48
CA LEU A 710 17.27 56.35 33.68
C LEU A 710 17.92 57.71 33.54
N ASP A 711 17.72 58.55 34.55
CA ASP A 711 18.45 59.80 34.65
C ASP A 711 19.89 59.55 35.06
N ASP A 712 20.77 60.46 34.65
CA ASP A 712 22.22 60.26 34.82
C ASP A 712 22.58 59.80 36.23
N ALA A 713 21.82 60.22 37.24
CA ALA A 713 22.14 59.87 38.62
C ALA A 713 22.24 58.36 38.81
N GLY A 714 21.14 57.66 38.52
CA GLY A 714 21.13 56.22 38.69
C GLY A 714 22.08 55.52 37.74
N ARG A 715 22.21 56.03 36.51
CA ARG A 715 23.08 55.39 35.54
C ARG A 715 24.52 55.40 36.04
N VAL A 716 24.97 56.57 36.53
CA VAL A 716 26.33 56.68 37.06
C VAL A 716 26.49 55.75 38.25
N LYS A 717 25.50 55.72 39.14
CA LYS A 717 25.61 54.87 40.32
C LYS A 717 25.73 53.40 39.94
N VAL A 718 24.92 52.94 38.99
CA VAL A 718 24.93 51.52 38.63
C VAL A 718 26.24 51.17 37.93
N ILE A 719 26.74 52.05 37.05
CA ILE A 719 27.99 51.73 36.37
C ILE A 719 29.14 51.68 37.38
N ASN A 720 29.13 52.57 38.38
CA ASN A 720 30.18 52.52 39.40
C ASN A 720 30.07 51.23 40.22
N GLU A 721 28.85 50.84 40.59
CA GLU A 721 28.67 49.62 41.35
C GLU A 721 29.15 48.40 40.57
N LEU A 722 28.82 48.34 39.27
CA LEU A 722 29.27 47.21 38.46
C LEU A 722 30.78 47.24 38.27
N SER A 723 31.36 48.43 38.12
CA SER A 723 32.81 48.53 38.00
C SER A 723 33.49 48.00 39.24
N ARG A 724 32.97 48.33 40.42
CA ARG A 724 33.56 47.82 41.65
C ARG A 724 33.23 46.35 41.88
N SER A 725 32.18 45.83 41.25
CA SER A 725 31.75 44.45 41.46
C SER A 725 32.18 43.51 40.34
N CYS A 726 31.79 43.81 39.09
CA CYS A 726 32.02 42.89 37.99
C CYS A 726 33.23 43.37 37.18
N PRO A 727 34.35 42.64 37.17
CA PRO A 727 35.52 43.11 36.42
C PRO A 727 35.53 42.70 34.95
N ASN A 728 34.88 41.59 34.61
CA ASN A 728 34.99 40.98 33.28
C ASN A 728 33.61 40.80 32.67
N PHE A 729 32.80 41.85 32.71
CA PHE A 729 31.49 41.84 32.10
C PHE A 729 31.56 41.30 30.67
N ASN A 730 30.68 40.35 30.34
CA ASN A 730 30.69 39.69 29.05
C ASN A 730 29.28 39.18 28.74
N VAL A 731 28.56 39.92 27.89
CA VAL A 731 27.18 39.57 27.55
C VAL A 731 26.87 40.11 26.15
N GLY A 732 25.91 39.48 25.47
CA GLY A 732 25.45 39.93 24.18
C GLY A 732 24.52 41.13 24.28
N ILE A 733 24.10 41.62 23.12
CA ILE A 733 23.28 42.84 23.10
C ILE A 733 21.80 42.56 23.31
N LYS A 734 21.36 41.33 23.05
CA LYS A 734 19.96 41.01 23.28
C LYS A 734 19.67 40.97 24.76
N LYS A 735 20.53 40.29 25.53
CA LYS A 735 20.31 40.19 26.95
C LYS A 735 20.41 41.57 27.59
N THR A 736 21.34 42.39 27.11
CA THR A 736 21.48 43.74 27.63
C THR A 736 20.16 44.51 27.48
N LEU A 737 19.58 44.50 26.28
CA LEU A 737 18.35 45.26 26.07
C LEU A 737 17.21 44.70 26.92
N THR A 738 17.06 43.37 26.95
CA THR A 738 15.93 42.81 27.69
C THR A 738 16.08 43.08 29.19
N ASN A 739 17.29 42.98 29.73
CA ASN A 739 17.50 43.28 31.15
C ASN A 739 17.23 44.75 31.44
N ILE A 740 17.65 45.65 30.54
CA ILE A 740 17.40 47.07 30.77
C ILE A 740 15.89 47.31 30.85
N GLU A 741 15.14 46.72 29.92
CA GLU A 741 13.70 46.91 29.94
C GLU A 741 13.08 46.34 31.21
N THR A 742 13.51 45.15 31.62
CA THR A 742 12.96 44.54 32.84
C THR A 742 13.24 45.40 34.05
N ALA A 743 14.45 45.94 34.16
CA ALA A 743 14.75 46.83 35.28
C ALA A 743 13.91 48.08 35.22
N ARG A 744 13.71 48.64 34.03
CA ARG A 744 12.89 49.84 33.90
C ARG A 744 11.49 49.59 34.44
N HIS A 745 10.85 48.49 34.02
CA HIS A 745 9.50 48.22 34.48
C HIS A 745 9.45 47.73 35.92
N ASP A 746 10.59 47.38 36.50
CA ASP A 746 10.67 46.98 37.90
C ASP A 746 11.02 48.22 38.73
N GLU A 747 11.33 48.02 40.01
CA GLU A 747 11.59 49.11 40.93
C GLU A 747 13.08 49.23 41.24
N ASP A 748 13.56 50.47 41.25
CA ASP A 748 14.92 50.84 41.65
C ASP A 748 15.95 50.30 40.65
N PRO A 749 17.00 51.08 40.34
CA PRO A 749 18.02 50.57 39.41
C PRO A 749 18.91 49.50 40.04
N VAL A 750 19.49 49.79 41.19
CA VAL A 750 20.43 48.87 41.79
C VAL A 750 19.73 47.59 42.25
N ASN A 751 18.45 47.69 42.58
CA ASN A 751 17.72 46.51 43.08
C ASN A 751 17.66 45.41 42.05
N GLU A 752 17.43 45.76 40.78
CA GLU A 752 17.23 44.78 39.73
C GLU A 752 18.31 44.80 38.66
N LEU A 753 18.59 45.96 38.07
CA LEU A 753 19.53 46.02 36.94
C LEU A 753 20.89 45.42 37.31
N VAL A 754 21.47 45.87 38.42
CA VAL A 754 22.78 45.39 38.83
C VAL A 754 22.75 43.89 39.13
N GLU A 755 21.72 43.42 39.84
CA GLU A 755 21.63 42.00 40.14
C GLU A 755 21.51 41.16 38.87
N LEU A 756 20.66 41.60 37.94
CA LEU A 756 20.48 40.89 36.68
C LEU A 756 21.79 40.83 35.91
N MET A 757 22.50 41.95 35.83
CA MET A 757 23.76 41.96 35.10
C MET A 757 24.77 41.04 35.76
N THR A 758 24.83 41.05 37.09
CA THR A 758 25.77 40.17 37.79
C THR A 758 25.46 38.71 37.53
N GLN A 759 24.18 38.34 37.57
CA GLN A 759 23.81 36.94 37.33
C GLN A 759 23.92 36.56 35.86
N SER A 760 23.95 37.54 34.96
CA SER A 760 24.03 37.25 33.53
C SER A 760 25.46 37.12 33.03
N ALA A 761 26.38 37.92 33.57
CA ALA A 761 27.78 37.87 33.14
C ALA A 761 28.48 36.67 33.74
N LYS B 220 -12.12 -29.16 -55.45
CA LYS B 220 -11.29 -28.24 -56.22
C LYS B 220 -9.81 -28.42 -55.84
N SER B 221 -8.93 -28.23 -56.82
CA SER B 221 -7.48 -28.27 -56.65
C SER B 221 -6.83 -28.71 -57.95
N SER B 222 -6.28 -29.93 -57.98
CA SER B 222 -5.61 -30.47 -59.15
C SER B 222 -4.27 -29.79 -59.36
N ASN B 223 -3.49 -30.26 -60.35
CA ASN B 223 -2.17 -29.72 -60.61
C ASN B 223 -2.31 -28.44 -61.43
N SER B 224 -1.99 -27.30 -60.82
CA SER B 224 -2.06 -26.00 -61.48
C SER B 224 -0.81 -25.21 -61.13
N LEU B 225 0.19 -25.25 -62.01
CA LEU B 225 1.44 -24.52 -61.80
C LEU B 225 1.38 -23.15 -62.46
N ARG B 226 0.37 -22.37 -62.06
CA ARG B 226 0.19 -21.01 -62.53
C ARG B 226 -0.04 -20.08 -61.34
N PRO B 227 0.32 -18.81 -61.46
CA PRO B 227 0.24 -17.90 -60.31
C PRO B 227 -1.16 -17.85 -59.71
N ARG B 228 -1.23 -17.31 -58.49
CA ARG B 228 -2.51 -17.21 -57.79
C ARG B 228 -3.48 -16.35 -58.58
N SER B 229 -4.77 -16.59 -58.37
CA SER B 229 -5.80 -15.85 -59.09
C SER B 229 -5.67 -14.35 -58.86
N ASN B 230 -5.81 -13.92 -57.61
CA ASN B 230 -5.67 -12.52 -57.21
C ASN B 230 -4.45 -12.46 -56.30
N ALA B 231 -3.27 -12.28 -56.91
CA ALA B 231 -2.05 -12.28 -56.14
C ALA B 231 -2.12 -11.23 -55.03
N VAL B 232 -1.33 -11.46 -53.99
CA VAL B 232 -1.39 -10.59 -52.82
C VAL B 232 -0.41 -9.43 -52.88
N ILE B 233 0.68 -9.53 -53.64
CA ILE B 233 1.69 -8.49 -53.59
C ILE B 233 1.42 -7.49 -54.69
N ARG B 234 1.68 -7.86 -55.93
CA ARG B 234 1.24 -7.14 -57.12
C ARG B 234 1.88 -7.76 -58.35
N PRO B 235 1.44 -7.42 -59.56
CA PRO B 235 2.24 -7.75 -60.75
C PRO B 235 3.42 -6.81 -60.97
N ASP B 236 3.41 -5.62 -60.37
CA ASP B 236 4.44 -4.60 -60.60
C ASP B 236 4.91 -4.09 -59.25
N PHE B 237 6.11 -4.51 -58.82
CA PHE B 237 6.62 -4.14 -57.50
C PHE B 237 8.14 -4.18 -57.52
N LYS B 238 8.75 -3.30 -56.72
CA LYS B 238 10.19 -3.25 -56.53
C LYS B 238 10.49 -2.39 -55.31
N PHE B 239 11.48 -2.81 -54.52
CA PHE B 239 11.81 -2.08 -53.30
C PHE B 239 12.22 -0.65 -53.58
N GLU B 240 12.65 -0.33 -54.80
CA GLU B 240 13.20 0.99 -55.06
C GLU B 240 12.12 2.08 -54.95
N ASP B 241 10.85 1.72 -55.01
CA ASP B 241 9.77 2.69 -55.01
C ASP B 241 8.90 2.61 -53.77
N LEU B 242 9.29 1.82 -52.77
CA LEU B 242 8.51 1.75 -51.54
C LEU B 242 8.52 3.08 -50.82
N GLY B 243 9.68 3.75 -50.78
CA GLY B 243 9.81 5.02 -50.10
C GLY B 243 10.59 4.98 -48.81
N VAL B 244 11.20 3.85 -48.45
CA VAL B 244 11.99 3.71 -47.23
C VAL B 244 13.43 3.43 -47.63
N GLY B 245 14.35 4.18 -47.04
CA GLY B 245 15.76 4.05 -47.38
C GLY B 245 16.61 3.80 -46.15
N GLY B 246 17.68 3.04 -46.37
CA GLY B 246 18.62 2.71 -45.32
C GLY B 246 18.46 1.32 -44.74
N LEU B 247 17.32 0.68 -44.97
CA LEU B 247 17.02 -0.66 -44.48
C LEU B 247 16.83 -1.57 -45.68
N ASP B 248 17.83 -2.39 -45.98
CA ASP B 248 17.77 -3.33 -47.08
C ASP B 248 17.76 -4.78 -46.60
N LYS B 249 18.64 -5.12 -45.65
CA LYS B 249 18.63 -6.47 -45.10
C LYS B 249 17.31 -6.77 -44.38
N GLU B 250 16.81 -5.80 -43.61
CA GLU B 250 15.56 -6.02 -42.88
C GLU B 250 14.43 -6.35 -43.83
N PHE B 251 14.32 -5.63 -44.96
CA PHE B 251 13.23 -5.89 -45.87
C PHE B 251 13.36 -7.26 -46.51
N THR B 252 14.57 -7.68 -46.84
CA THR B 252 14.76 -9.02 -47.38
C THR B 252 14.25 -10.05 -46.37
N LYS B 253 14.63 -9.91 -45.10
CA LYS B 253 14.17 -10.85 -44.09
C LYS B 253 12.65 -10.86 -43.97
N ILE B 254 12.04 -9.67 -43.90
CA ILE B 254 10.60 -9.59 -43.70
C ILE B 254 9.86 -10.21 -44.89
N PHE B 255 10.24 -9.84 -46.10
CA PHE B 255 9.51 -10.32 -47.26
C PHE B 255 9.80 -11.78 -47.56
N ARG B 256 10.93 -12.31 -47.09
CA ARG B 256 11.19 -13.73 -47.24
C ARG B 256 10.36 -14.55 -46.26
N ARG B 257 10.25 -14.10 -45.01
CA ARG B 257 9.63 -14.93 -43.99
C ARG B 257 8.12 -14.80 -43.94
N ALA B 258 7.57 -13.64 -44.31
CA ALA B 258 6.15 -13.37 -44.15
C ALA B 258 5.37 -13.47 -45.46
N PHE B 259 5.79 -12.77 -46.51
CA PHE B 259 5.04 -12.69 -47.75
C PHE B 259 5.58 -13.61 -48.84
N ALA B 260 6.26 -14.69 -48.47
CA ALA B 260 6.82 -15.61 -49.45
C ALA B 260 5.89 -16.77 -49.75
N SER B 261 5.14 -17.24 -48.75
CA SER B 261 4.22 -18.35 -48.92
C SER B 261 2.88 -17.93 -49.50
N ARG B 262 2.64 -16.63 -49.67
CA ARG B 262 1.38 -16.14 -50.20
C ARG B 262 1.44 -15.87 -51.69
N ILE B 263 2.56 -16.18 -52.33
CA ILE B 263 2.75 -15.93 -53.75
C ILE B 263 2.82 -17.23 -54.54
N PHE B 264 3.40 -18.28 -53.97
CA PHE B 264 3.55 -19.54 -54.65
C PHE B 264 2.16 -20.12 -54.94
N PRO B 265 2.01 -20.94 -55.98
CA PRO B 265 0.68 -21.46 -56.31
C PRO B 265 0.08 -22.19 -55.12
N PRO B 266 -1.23 -22.08 -54.91
CA PRO B 266 -1.82 -22.73 -53.72
C PRO B 266 -1.63 -24.24 -53.69
N SER B 267 -1.52 -24.90 -54.85
CA SER B 267 -1.41 -26.35 -54.86
C SER B 267 -0.14 -26.79 -54.15
N VAL B 268 0.99 -26.19 -54.49
CA VAL B 268 2.26 -26.61 -53.88
C VAL B 268 2.25 -26.32 -52.37
N ILE B 269 1.76 -25.15 -51.98
CA ILE B 269 1.73 -24.84 -50.54
C ILE B 269 0.84 -25.83 -49.80
N GLU B 270 -0.27 -26.24 -50.40
CA GLU B 270 -1.11 -27.25 -49.77
C GLU B 270 -0.37 -28.58 -49.66
N LYS B 271 0.41 -28.94 -50.67
CA LYS B 271 1.15 -30.20 -50.61
C LYS B 271 2.16 -30.22 -49.46
N LEU B 272 2.87 -29.11 -49.24
CA LEU B 272 3.90 -29.09 -48.20
C LEU B 272 3.34 -29.14 -46.79
N GLY B 273 2.04 -28.95 -46.59
CA GLY B 273 1.48 -28.95 -45.25
C GLY B 273 1.97 -27.81 -44.38
N ILE B 274 1.96 -26.59 -44.91
CA ILE B 274 2.47 -25.42 -44.22
C ILE B 274 1.30 -24.48 -43.89
N SER B 275 1.49 -23.66 -42.86
CA SER B 275 0.59 -22.57 -42.53
C SER B 275 1.36 -21.26 -42.49
N HIS B 276 0.66 -20.16 -42.77
CA HIS B 276 1.30 -18.86 -42.94
C HIS B 276 1.57 -18.20 -41.59
N VAL B 277 2.42 -17.18 -41.62
CA VAL B 277 2.84 -16.46 -40.42
C VAL B 277 1.77 -15.43 -40.04
N LYS B 278 1.41 -15.38 -38.75
CA LYS B 278 0.33 -14.53 -38.28
C LYS B 278 0.77 -13.44 -37.31
N GLY B 279 1.97 -12.90 -37.49
CA GLY B 279 2.40 -11.82 -36.60
C GLY B 279 3.66 -11.17 -37.10
N LEU B 280 3.90 -9.94 -36.63
CA LEU B 280 5.13 -9.24 -36.97
C LEU B 280 5.35 -8.12 -35.97
N LEU B 281 6.42 -8.21 -35.19
CA LEU B 281 6.77 -7.21 -34.19
C LEU B 281 8.06 -6.51 -34.61
N LEU B 282 8.07 -5.18 -34.56
CA LEU B 282 9.28 -4.45 -34.91
C LEU B 282 9.49 -3.30 -33.94
N TYR B 283 10.72 -3.19 -33.41
CA TYR B 283 11.04 -2.31 -32.29
C TYR B 283 12.35 -1.58 -32.54
N GLY B 284 12.51 -0.44 -31.88
CA GLY B 284 13.72 0.36 -31.99
C GLY B 284 13.62 1.67 -31.21
N PRO B 285 14.66 2.50 -31.27
CA PRO B 285 14.62 3.76 -30.53
C PRO B 285 13.69 4.77 -31.19
N PRO B 286 13.51 5.95 -30.59
CA PRO B 286 12.50 6.89 -31.08
C PRO B 286 12.85 7.49 -32.44
N GLY B 287 11.84 7.55 -33.30
CA GLY B 287 11.92 8.25 -34.57
C GLY B 287 12.97 7.66 -35.49
N THR B 288 12.74 6.44 -35.97
CA THR B 288 13.70 5.80 -36.85
C THR B 288 13.06 5.01 -37.99
N GLY B 289 11.74 5.09 -38.16
CA GLY B 289 11.09 4.49 -39.31
C GLY B 289 10.30 3.22 -39.08
N LYS B 290 9.52 3.14 -37.99
CA LYS B 290 8.69 1.98 -37.72
C LYS B 290 7.25 2.18 -38.20
N THR B 291 6.58 3.25 -37.77
CA THR B 291 5.23 3.53 -38.27
C THR B 291 5.23 3.69 -39.78
N LEU B 292 6.33 4.18 -40.36
CA LEU B 292 6.40 4.31 -41.81
C LEU B 292 6.28 2.95 -42.49
N ILE B 293 7.00 1.95 -42.00
CA ILE B 293 6.89 0.61 -42.57
C ILE B 293 5.48 0.07 -42.37
N ALA B 294 4.92 0.22 -41.18
CA ALA B 294 3.59 -0.29 -40.91
C ALA B 294 2.57 0.35 -41.83
N ARG B 295 2.78 1.61 -42.20
CA ARG B 295 1.87 2.28 -43.11
C ARG B 295 2.05 1.79 -44.55
N LYS B 296 3.31 1.67 -45.00
CA LYS B 296 3.55 1.26 -46.37
C LYS B 296 3.06 -0.16 -46.63
N ILE B 297 3.29 -1.07 -45.68
CA ILE B 297 2.85 -2.45 -45.87
C ILE B 297 1.34 -2.54 -46.03
N GLY B 298 0.62 -1.72 -45.29
CA GLY B 298 -0.83 -1.83 -45.26
C GLY B 298 -1.57 -1.07 -46.32
N THR B 299 -0.86 -0.46 -47.27
CA THR B 299 -1.47 0.36 -48.30
C THR B 299 -1.07 -0.04 -49.70
N MET B 300 -0.13 -0.96 -49.87
CA MET B 300 0.34 -1.37 -51.19
C MET B 300 0.40 -2.89 -51.30
N LEU B 301 -0.68 -3.55 -50.88
CA LEU B 301 -0.70 -5.02 -50.90
C LEU B 301 -2.01 -5.60 -51.42
N ASN B 302 -2.85 -4.82 -52.10
CA ASN B 302 -4.10 -5.37 -52.64
C ASN B 302 -4.93 -6.06 -51.55
N ALA B 303 -4.69 -5.74 -50.29
CA ALA B 303 -5.41 -6.37 -49.19
C ALA B 303 -6.64 -5.54 -48.82
N LYS B 304 -7.28 -5.87 -47.70
CA LYS B 304 -8.42 -5.11 -47.22
C LYS B 304 -7.97 -3.89 -46.44
N GLU B 305 -8.94 -3.08 -46.02
CA GLU B 305 -8.66 -1.87 -45.27
C GLU B 305 -8.09 -2.21 -43.90
N PRO B 306 -6.95 -1.63 -43.51
CA PRO B 306 -6.40 -1.93 -42.18
C PRO B 306 -7.35 -1.51 -41.07
N LYS B 307 -7.29 -2.25 -39.97
CA LYS B 307 -8.10 -2.00 -38.78
C LYS B 307 -7.18 -1.44 -37.70
N ILE B 308 -7.16 -0.11 -37.54
CA ILE B 308 -6.15 0.57 -36.74
C ILE B 308 -6.65 0.76 -35.31
N VAL B 309 -5.80 0.42 -34.35
CA VAL B 309 -6.04 0.66 -32.93
C VAL B 309 -4.76 1.29 -32.38
N ASN B 310 -4.82 2.58 -32.04
CA ASN B 310 -3.64 3.36 -31.68
C ASN B 310 -3.66 3.72 -30.21
N GLY B 311 -2.71 3.18 -29.45
CA GLY B 311 -2.63 3.43 -28.03
C GLY B 311 -3.63 2.58 -27.28
N PRO B 312 -3.84 2.89 -26.01
CA PRO B 312 -4.89 2.19 -25.24
C PRO B 312 -6.29 2.66 -25.61
N GLU B 313 -6.75 2.27 -26.79
CA GLU B 313 -8.04 2.71 -27.31
C GLU B 313 -9.13 1.70 -27.05
N ILE B 314 -8.88 0.69 -26.23
CA ILE B 314 -9.83 -0.37 -25.98
C ILE B 314 -10.44 -0.28 -24.57
N LEU B 315 -9.69 0.20 -23.59
CA LEU B 315 -10.17 0.20 -22.21
C LEU B 315 -11.46 0.98 -22.07
N SER B 316 -12.38 0.44 -21.27
CA SER B 316 -13.66 1.05 -20.98
C SER B 316 -13.97 0.85 -19.50
N LYS B 317 -14.91 1.64 -18.98
CA LYS B 317 -15.20 1.66 -17.56
C LYS B 317 -16.34 0.74 -17.13
N TYR B 318 -16.94 -0.03 -18.04
CA TYR B 318 -17.98 -0.99 -17.70
C TYR B 318 -17.40 -2.39 -17.66
N VAL B 319 -17.77 -3.16 -16.63
CA VAL B 319 -17.20 -4.49 -16.47
C VAL B 319 -17.60 -5.36 -17.65
N GLY B 320 -16.60 -5.97 -18.28
CA GLY B 320 -16.82 -6.87 -19.39
C GLY B 320 -16.88 -6.24 -20.75
N SER B 321 -16.86 -4.91 -20.84
CA SER B 321 -16.89 -4.23 -22.12
C SER B 321 -15.50 -3.88 -22.65
N SER B 322 -14.46 -4.10 -21.86
CA SER B 322 -13.11 -3.79 -22.30
C SER B 322 -12.63 -4.79 -23.33
N GLU B 323 -12.86 -6.08 -23.09
CA GLU B 323 -12.40 -7.14 -23.98
C GLU B 323 -13.33 -7.37 -25.16
N GLU B 324 -14.59 -6.96 -25.05
CA GLU B 324 -15.48 -7.06 -26.21
C GLU B 324 -14.97 -6.25 -27.37
N ASN B 325 -14.14 -5.23 -27.11
CA ASN B 325 -13.52 -4.46 -28.18
C ASN B 325 -12.37 -5.22 -28.82
N ILE B 326 -11.74 -6.15 -28.10
CA ILE B 326 -10.67 -6.96 -28.68
C ILE B 326 -11.25 -8.11 -29.50
N ARG B 327 -12.46 -8.57 -29.16
CA ARG B 327 -13.09 -9.63 -29.91
C ARG B 327 -13.78 -9.14 -31.18
N ASN B 328 -13.97 -7.84 -31.33
CA ASN B 328 -14.65 -7.29 -32.50
C ASN B 328 -13.70 -6.99 -33.65
N LEU B 329 -12.39 -7.10 -33.45
CA LEU B 329 -11.45 -6.84 -34.51
C LEU B 329 -11.30 -8.02 -35.45
N PHE B 330 -11.72 -9.21 -35.03
CA PHE B 330 -11.53 -10.42 -35.82
C PHE B 330 -12.82 -10.92 -36.48
N LYS B 331 -13.95 -10.24 -36.28
CA LYS B 331 -15.23 -10.78 -36.72
C LYS B 331 -15.27 -10.95 -38.24
N ASP B 332 -14.83 -9.93 -38.97
CA ASP B 332 -14.92 -10.00 -40.42
C ASP B 332 -14.05 -11.13 -40.97
N ALA B 333 -12.86 -11.32 -40.42
CA ALA B 333 -11.97 -12.37 -40.89
C ALA B 333 -12.62 -13.74 -40.69
N GLU B 334 -13.21 -13.97 -39.52
CA GLU B 334 -13.88 -15.24 -39.27
C GLU B 334 -15.04 -15.44 -40.22
N ALA B 335 -15.84 -14.39 -40.41
CA ALA B 335 -17.02 -14.51 -41.27
C ALA B 335 -16.63 -14.85 -42.70
N GLU B 336 -15.57 -14.22 -43.21
CA GLU B 336 -15.15 -14.50 -44.58
C GLU B 336 -14.44 -15.84 -44.70
N TYR B 337 -13.74 -16.28 -43.66
CA TYR B 337 -13.09 -17.58 -43.70
C TYR B 337 -14.12 -18.69 -43.72
N ARG B 338 -15.20 -18.55 -42.94
CA ARG B 338 -16.20 -19.61 -42.88
C ARG B 338 -16.91 -19.84 -44.21
N ALA B 339 -16.98 -18.83 -45.07
CA ALA B 339 -17.67 -18.98 -46.35
C ALA B 339 -16.71 -19.37 -47.47
N LYS B 340 -15.72 -18.53 -47.74
CA LYS B 340 -14.70 -18.83 -48.74
C LYS B 340 -13.46 -19.34 -47.99
N GLY B 341 -13.21 -20.63 -48.09
CA GLY B 341 -12.18 -21.24 -47.26
C GLY B 341 -10.79 -20.71 -47.50
N GLU B 342 -10.22 -21.02 -48.66
CA GLU B 342 -8.84 -20.67 -48.98
C GLU B 342 -8.73 -19.68 -50.12
N GLU B 343 -9.83 -19.03 -50.50
CA GLU B 343 -9.83 -17.98 -51.50
C GLU B 343 -10.02 -16.60 -50.89
N SER B 344 -9.93 -16.50 -49.56
CA SER B 344 -10.21 -15.26 -48.88
C SER B 344 -9.12 -14.22 -49.15
N SER B 345 -9.51 -12.96 -49.08
CA SER B 345 -8.55 -11.87 -49.17
C SER B 345 -7.83 -11.73 -47.84
N LEU B 346 -6.74 -10.97 -47.84
CA LEU B 346 -5.92 -10.80 -46.66
C LEU B 346 -6.48 -9.67 -45.80
N HIS B 347 -6.62 -9.92 -44.51
CA HIS B 347 -7.07 -8.92 -43.55
C HIS B 347 -5.90 -8.51 -42.67
N ILE B 348 -5.77 -7.21 -42.41
CA ILE B 348 -4.65 -6.66 -41.67
C ILE B 348 -5.17 -5.82 -40.51
N ILE B 349 -4.57 -5.96 -39.33
CA ILE B 349 -4.89 -5.12 -38.19
C ILE B 349 -3.58 -4.67 -37.55
N ILE B 350 -3.46 -3.37 -37.27
CA ILE B 350 -2.22 -2.77 -36.75
C ILE B 350 -2.43 -2.39 -35.30
N PHE B 351 -1.65 -2.99 -34.40
CA PHE B 351 -1.59 -2.58 -33.01
C PHE B 351 -0.47 -1.56 -32.85
N ASP B 352 -0.76 -0.44 -32.20
CA ASP B 352 0.21 0.62 -31.99
C ASP B 352 0.52 0.75 -30.51
N GLU B 353 1.79 1.01 -30.20
CA GLU B 353 2.27 1.07 -28.82
C GLU B 353 1.85 -0.19 -28.06
N LEU B 354 2.37 -1.33 -28.53
CA LEU B 354 1.91 -2.62 -28.01
C LEU B 354 2.20 -2.77 -26.52
N ASP B 355 3.23 -2.12 -26.02
CA ASP B 355 3.68 -2.32 -24.64
C ASP B 355 2.85 -1.57 -23.63
N SER B 356 1.83 -0.83 -24.06
CA SER B 356 1.06 0.00 -23.14
C SER B 356 0.10 -0.82 -22.30
N VAL B 357 -0.50 -1.87 -22.86
CA VAL B 357 -1.54 -2.61 -22.17
C VAL B 357 -1.19 -4.09 -22.00
N PHE B 358 -0.36 -4.63 -22.89
CA PHE B 358 -0.07 -6.06 -22.88
C PHE B 358 1.23 -6.34 -22.14
N LYS B 359 1.24 -6.05 -20.85
CA LYS B 359 2.38 -6.31 -20.00
C LYS B 359 2.31 -7.72 -19.42
N GLN B 360 3.39 -8.14 -18.77
CA GLN B 360 3.45 -9.45 -18.15
C GLN B 360 2.29 -9.62 -17.18
N ARG B 361 1.49 -10.67 -17.39
CA ARG B 361 0.36 -10.94 -16.52
C ARG B 361 0.82 -11.56 -15.21
N GLY B 362 0.32 -11.01 -14.10
CA GLY B 362 0.67 -11.47 -12.78
C GLY B 362 1.72 -10.64 -12.07
N SER B 363 2.48 -9.82 -12.81
CA SER B 363 3.52 -8.99 -12.21
C SER B 363 3.09 -7.56 -12.01
N ARG B 364 2.27 -7.01 -12.89
CA ARG B 364 1.84 -5.63 -12.76
C ARG B 364 1.18 -5.40 -11.40
N GLY B 365 1.17 -4.14 -10.98
CA GLY B 365 0.61 -3.82 -9.68
C GLY B 365 -0.85 -4.21 -9.58
N ASP B 366 -1.29 -4.44 -8.35
CA ASP B 366 -2.67 -4.86 -8.10
C ASP B 366 -3.65 -3.86 -8.69
N GLY B 367 -4.89 -4.31 -8.84
CA GLY B 367 -5.95 -3.47 -9.38
C GLY B 367 -7.29 -4.18 -9.38
N THR B 368 -8.04 -4.01 -10.46
CA THR B 368 -9.34 -4.64 -10.62
C THR B 368 -9.26 -5.94 -11.41
N GLY B 369 -8.14 -6.21 -12.06
CA GLY B 369 -7.96 -7.43 -12.82
C GLY B 369 -8.42 -7.29 -14.26
N VAL B 370 -8.07 -6.18 -14.90
CA VAL B 370 -8.47 -5.96 -16.28
C VAL B 370 -7.27 -6.27 -17.18
N GLY B 371 -6.06 -6.06 -16.68
CA GLY B 371 -4.89 -6.38 -17.49
C GLY B 371 -4.82 -7.85 -17.84
N ASP B 372 -5.03 -8.71 -16.85
CA ASP B 372 -5.01 -10.15 -17.09
C ASP B 372 -6.08 -10.55 -18.09
N ASN B 373 -7.29 -10.01 -17.96
CA ASN B 373 -8.36 -10.37 -18.87
C ASN B 373 -8.04 -9.95 -20.30
N VAL B 374 -7.47 -8.76 -20.49
CA VAL B 374 -7.13 -8.32 -21.84
C VAL B 374 -6.08 -9.24 -22.45
N VAL B 375 -5.02 -9.55 -21.69
CA VAL B 375 -3.98 -10.39 -22.24
C VAL B 375 -4.53 -11.78 -22.57
N ASN B 376 -5.34 -12.34 -21.68
CA ASN B 376 -5.89 -13.67 -21.93
C ASN B 376 -6.81 -13.67 -23.14
N GLN B 377 -7.61 -12.62 -23.32
CA GLN B 377 -8.49 -12.56 -24.48
C GLN B 377 -7.69 -12.55 -25.78
N LEU B 378 -6.64 -11.72 -25.84
CA LEU B 378 -5.84 -11.69 -27.07
C LEU B 378 -5.13 -13.03 -27.29
N LEU B 379 -4.61 -13.64 -26.23
CA LEU B 379 -3.95 -14.93 -26.37
C LEU B 379 -4.91 -15.96 -26.94
N ALA B 380 -6.12 -16.03 -26.40
CA ALA B 380 -7.08 -17.03 -26.87
C ALA B 380 -7.58 -16.75 -28.27
N LYS B 381 -7.62 -15.48 -28.69
CA LYS B 381 -8.09 -15.18 -30.03
C LYS B 381 -7.02 -15.36 -31.11
N MET B 382 -5.75 -15.12 -30.79
CA MET B 382 -4.71 -15.24 -31.81
C MET B 382 -4.49 -16.68 -32.24
N ASP B 383 -4.48 -17.62 -31.29
CA ASP B 383 -4.23 -19.04 -31.56
C ASP B 383 -5.10 -19.89 -30.65
N GLY B 384 -6.25 -20.32 -31.14
CA GLY B 384 -7.21 -21.04 -30.31
C GLY B 384 -7.69 -22.34 -30.91
N VAL B 385 -8.88 -22.80 -30.48
CA VAL B 385 -9.41 -24.07 -30.95
C VAL B 385 -10.05 -23.96 -32.33
N ASP B 386 -10.34 -22.76 -32.80
CA ASP B 386 -10.83 -22.52 -34.15
C ASP B 386 -9.74 -21.82 -34.94
N GLN B 387 -9.39 -22.39 -36.10
CA GLN B 387 -8.22 -21.94 -36.83
C GLN B 387 -8.57 -20.84 -37.82
N LEU B 388 -7.64 -19.91 -38.00
CA LEU B 388 -7.73 -18.83 -38.98
C LEU B 388 -6.47 -18.79 -39.83
N ASN B 389 -6.64 -18.46 -41.11
CA ASN B 389 -5.52 -18.44 -42.03
C ASN B 389 -5.61 -17.22 -42.96
N ASN B 390 -6.16 -16.11 -42.45
CA ASN B 390 -6.35 -14.88 -43.21
C ASN B 390 -5.74 -13.66 -42.57
N ILE B 391 -5.35 -13.74 -41.32
CA ILE B 391 -5.07 -12.56 -40.53
C ILE B 391 -3.57 -12.31 -40.51
N LEU B 392 -3.19 -11.03 -40.51
CA LEU B 392 -1.82 -10.62 -40.28
C LEU B 392 -1.88 -9.43 -39.34
N VAL B 393 -1.13 -9.49 -38.24
CA VAL B 393 -1.19 -8.50 -37.19
C VAL B 393 0.22 -7.96 -36.95
N ILE B 394 0.33 -6.64 -36.88
CA ILE B 394 1.60 -5.93 -36.81
C ILE B 394 1.66 -5.17 -35.50
N GLY B 395 2.83 -5.13 -34.88
CA GLY B 395 2.99 -4.48 -33.59
C GLY B 395 4.27 -3.68 -33.53
N MET B 396 4.18 -2.48 -32.96
CA MET B 396 5.31 -1.56 -32.82
C MET B 396 5.48 -1.20 -31.35
N THR B 397 6.74 -1.11 -30.90
CA THR B 397 7.02 -0.78 -29.52
C THR B 397 8.46 -0.29 -29.38
N ASN B 398 8.72 0.40 -28.28
CA ASN B 398 10.06 0.91 -27.97
C ASN B 398 10.77 0.12 -26.88
N ARG B 399 10.02 -0.60 -26.04
N ARG B 399 10.02 -0.60 -26.04
CA ARG B 399 10.58 -1.38 -24.93
CA ARG B 399 10.58 -1.39 -24.94
C ARG B 399 10.08 -2.82 -25.07
C ARG B 399 10.07 -2.82 -25.08
N LYS B 400 10.85 -3.66 -25.77
CA LYS B 400 10.41 -5.04 -26.00
C LYS B 400 10.41 -5.87 -24.73
N ASP B 401 11.11 -5.44 -23.68
CA ASP B 401 11.25 -6.26 -22.48
C ASP B 401 9.93 -6.40 -21.72
N LEU B 402 9.06 -5.40 -21.81
CA LEU B 402 7.85 -5.38 -21.00
C LEU B 402 6.74 -6.26 -21.56
N ILE B 403 6.84 -6.68 -22.83
CA ILE B 403 5.77 -7.47 -23.43
C ILE B 403 5.71 -8.84 -22.75
N ASP B 404 4.53 -9.45 -22.79
CA ASP B 404 4.35 -10.72 -22.11
C ASP B 404 5.18 -11.80 -22.78
N SER B 405 5.43 -12.87 -22.03
CA SER B 405 6.31 -13.92 -22.51
C SER B 405 5.59 -14.87 -23.46
N ALA B 406 4.29 -15.08 -23.27
CA ALA B 406 3.55 -16.05 -24.07
C ALA B 406 3.10 -15.46 -25.40
N LEU B 407 3.18 -14.14 -25.58
CA LEU B 407 2.82 -13.52 -26.85
C LEU B 407 3.92 -13.62 -27.89
N LEU B 408 5.15 -13.92 -27.49
CA LEU B 408 6.29 -13.99 -28.40
C LEU B 408 6.61 -15.42 -28.83
N ARG B 409 5.81 -16.40 -28.43
CA ARG B 409 6.01 -17.77 -28.86
C ARG B 409 5.81 -17.88 -30.37
N PRO B 410 6.51 -18.79 -31.04
CA PRO B 410 6.22 -19.03 -32.46
C PRO B 410 4.76 -19.42 -32.64
N GLY B 411 4.14 -18.90 -33.69
CA GLY B 411 2.74 -19.04 -33.94
C GLY B 411 1.90 -17.86 -33.51
N ARG B 412 2.42 -16.96 -32.66
CA ARG B 412 1.71 -15.76 -32.26
C ARG B 412 2.37 -14.48 -32.76
N PHE B 413 3.63 -14.24 -32.39
CA PHE B 413 4.44 -13.15 -32.92
C PHE B 413 5.75 -13.82 -33.30
N GLU B 414 5.80 -14.39 -34.51
CA GLU B 414 6.90 -15.26 -34.86
C GLU B 414 8.13 -14.50 -35.28
N VAL B 415 7.99 -13.48 -36.13
CA VAL B 415 9.12 -12.76 -36.70
C VAL B 415 9.31 -11.44 -35.97
N GLN B 416 10.48 -11.28 -35.35
CA GLN B 416 10.85 -10.08 -34.60
C GLN B 416 12.03 -9.42 -35.28
N VAL B 417 11.92 -8.10 -35.51
CA VAL B 417 12.92 -7.34 -36.24
C VAL B 417 13.27 -6.09 -35.46
N GLU B 418 14.50 -5.59 -35.65
CA GLU B 418 15.03 -4.45 -34.92
C GLU B 418 15.43 -3.36 -35.91
N ILE B 419 14.96 -2.14 -35.67
CA ILE B 419 15.30 -0.96 -36.47
C ILE B 419 16.19 -0.06 -35.63
N HIS B 420 17.36 0.30 -36.18
CA HIS B 420 18.37 1.05 -35.46
C HIS B 420 18.82 2.28 -36.23
N LEU B 421 19.66 3.09 -35.57
CA LEU B 421 20.13 4.32 -36.19
C LEU B 421 20.93 4.00 -37.45
N PRO B 422 20.86 4.83 -38.49
CA PRO B 422 21.53 4.49 -39.74
C PRO B 422 23.01 4.84 -39.72
N ASP B 423 23.76 4.19 -40.62
CA ASP B 423 25.15 4.50 -40.88
C ASP B 423 25.25 5.46 -42.06
N GLU B 424 26.47 5.71 -42.54
CA GLU B 424 26.67 6.79 -43.50
C GLU B 424 25.88 6.57 -44.80
N LYS B 425 25.92 5.36 -45.34
CA LYS B 425 25.18 5.09 -46.56
C LYS B 425 23.68 5.23 -46.32
N GLY B 426 23.20 4.83 -45.15
CA GLY B 426 21.80 5.03 -44.84
C GLY B 426 21.41 6.50 -44.82
N ARG B 427 22.33 7.34 -44.37
CA ARG B 427 22.02 8.75 -44.28
C ARG B 427 22.03 9.36 -45.63
N LEU B 428 22.90 8.88 -46.49
CA LEU B 428 22.90 9.36 -47.86
C LEU B 428 21.62 8.97 -48.59
N GLN B 429 21.15 7.73 -48.41
CA GLN B 429 19.93 7.31 -49.07
C GLN B 429 18.72 8.08 -48.56
N ILE B 430 18.64 8.32 -47.25
CA ILE B 430 17.52 9.09 -46.72
C ILE B 430 17.52 10.49 -47.30
N PHE B 431 18.69 11.13 -47.36
CA PHE B 431 18.78 12.45 -47.97
C PHE B 431 18.30 12.42 -49.41
N ASP B 432 18.71 11.39 -50.16
CA ASP B 432 18.31 11.30 -51.56
C ASP B 432 16.81 11.18 -51.72
N ILE B 433 16.15 10.36 -50.89
CA ILE B 433 14.71 10.16 -51.06
C ILE B 433 13.87 11.22 -50.39
N GLN B 434 14.46 12.08 -49.55
CA GLN B 434 13.70 13.19 -48.98
C GLN B 434 13.63 14.38 -49.92
N THR B 435 14.77 14.82 -50.45
CA THR B 435 14.81 15.94 -51.38
C THR B 435 14.76 15.41 -52.81
N LYS B 436 13.57 14.98 -53.22
CA LYS B 436 13.34 14.45 -54.56
C LYS B 436 12.40 15.32 -55.36
N LYS B 437 11.23 15.65 -54.82
CA LYS B 437 10.28 16.48 -55.54
C LYS B 437 10.78 17.90 -55.73
N MET B 438 11.77 18.34 -54.96
CA MET B 438 12.41 19.63 -55.15
C MET B 438 13.69 19.55 -55.96
N ARG B 439 14.07 18.35 -56.39
CA ARG B 439 15.21 18.17 -57.27
C ARG B 439 14.81 17.93 -58.71
N GLU B 440 13.57 17.47 -58.94
CA GLU B 440 13.05 17.27 -60.27
C GLU B 440 12.21 18.43 -60.77
N ASN B 441 11.66 19.24 -59.86
CA ASN B 441 10.97 20.46 -60.24
C ASN B 441 11.93 21.61 -60.53
N ASN B 442 13.24 21.35 -60.49
CA ASN B 442 14.25 22.37 -60.77
C ASN B 442 14.21 23.50 -59.75
N MET B 443 14.11 23.11 -58.47
CA MET B 443 14.06 24.06 -57.36
C MET B 443 15.24 23.94 -56.42
N MET B 444 16.22 23.11 -56.75
CA MET B 444 17.41 22.93 -55.94
C MET B 444 18.65 23.43 -56.69
N SER B 445 19.51 24.14 -55.98
CA SER B 445 20.67 24.74 -56.61
C SER B 445 21.63 23.66 -57.08
N ASP B 446 22.71 24.08 -57.72
CA ASP B 446 23.72 23.18 -58.25
C ASP B 446 24.98 23.13 -57.39
N ASP B 447 25.06 23.96 -56.36
CA ASP B 447 26.20 23.98 -55.45
C ASP B 447 25.97 23.15 -54.20
N VAL B 448 24.84 22.46 -54.11
CA VAL B 448 24.54 21.61 -52.96
C VAL B 448 24.99 20.19 -53.28
N ASN B 449 25.76 19.59 -52.37
CA ASN B 449 26.34 18.26 -52.53
C ASN B 449 25.92 17.39 -51.36
N LEU B 450 25.12 16.35 -51.63
CA LEU B 450 24.54 15.58 -50.54
C LEU B 450 25.56 14.67 -49.84
N ALA B 451 26.68 14.35 -50.49
CA ALA B 451 27.68 13.52 -49.82
C ALA B 451 28.28 14.26 -48.62
N GLU B 452 28.60 15.54 -48.80
CA GLU B 452 29.15 16.32 -47.71
C GLU B 452 28.16 16.43 -46.56
N LEU B 453 26.88 16.67 -46.87
CA LEU B 453 25.87 16.76 -45.82
C LEU B 453 25.70 15.44 -45.09
N ALA B 454 25.72 14.33 -45.81
CA ALA B 454 25.67 13.03 -45.14
C ALA B 454 26.89 12.80 -44.27
N ALA B 455 28.03 13.41 -44.62
CA ALA B 455 29.22 13.29 -43.78
C ALA B 455 29.17 14.18 -42.53
N LEU B 456 28.58 15.37 -42.62
CA LEU B 456 28.55 16.26 -41.46
C LEU B 456 27.53 15.82 -40.41
N THR B 457 26.37 15.33 -40.82
CA THR B 457 25.34 14.92 -39.86
C THR B 457 25.68 13.52 -39.36
N LYS B 458 26.07 13.42 -38.09
CA LYS B 458 26.50 12.18 -37.49
C LYS B 458 25.59 11.82 -36.32
N ASN B 459 25.15 10.56 -36.27
CA ASN B 459 24.22 10.08 -35.27
C ASN B 459 22.83 10.70 -35.43
N PHE B 460 22.52 11.19 -36.63
CA PHE B 460 21.21 11.72 -36.94
C PHE B 460 20.24 10.58 -37.19
N SER B 461 18.96 10.83 -36.94
CA SER B 461 17.90 9.89 -37.27
C SER B 461 17.19 10.36 -38.53
N GLY B 462 16.21 9.57 -39.00
CA GLY B 462 15.48 9.98 -40.18
C GLY B 462 14.65 11.23 -39.94
N ALA B 463 13.99 11.30 -38.79
CA ALA B 463 13.16 12.45 -38.47
C ALA B 463 13.98 13.73 -38.43
N GLU B 464 15.21 13.67 -37.90
CA GLU B 464 16.05 14.86 -37.87
C GLU B 464 16.41 15.33 -39.27
N ILE B 465 16.67 14.40 -40.20
CA ILE B 465 16.98 14.81 -41.55
C ILE B 465 15.77 15.48 -42.20
N GLU B 466 14.56 14.93 -41.98
CA GLU B 466 13.37 15.60 -42.50
C GLU B 466 13.24 17.00 -41.93
N GLY B 467 13.47 17.15 -40.62
CA GLY B 467 13.40 18.47 -40.00
C GLY B 467 14.41 19.42 -40.59
N LEU B 468 15.63 18.94 -40.84
CA LEU B 468 16.66 19.76 -41.47
C LEU B 468 16.17 20.27 -42.83
N VAL B 469 15.60 19.38 -43.64
CA VAL B 469 15.15 19.77 -44.97
C VAL B 469 14.10 20.88 -44.88
N LYS B 470 13.07 20.68 -44.06
CA LYS B 470 12.03 21.70 -44.05
C LYS B 470 12.49 22.99 -43.40
N SER B 471 13.47 22.92 -42.48
CA SER B 471 14.02 24.15 -41.92
C SER B 471 14.75 24.97 -42.99
N ALA B 472 15.56 24.32 -43.82
CA ALA B 472 16.23 25.05 -44.90
C ALA B 472 15.22 25.64 -45.88
N SER B 473 14.18 24.86 -46.21
CA SER B 473 13.15 25.39 -47.10
C SER B 473 12.51 26.65 -46.51
N SER B 474 12.24 26.62 -45.20
CA SER B 474 11.64 27.79 -44.56
C SER B 474 12.59 28.98 -44.62
N PHE B 475 13.89 28.76 -44.44
CA PHE B 475 14.84 29.84 -44.60
C PHE B 475 14.67 30.51 -45.95
N ALA B 476 14.67 29.72 -47.02
CA ALA B 476 14.56 30.31 -48.36
C ALA B 476 13.24 31.06 -48.53
N ILE B 477 12.14 30.44 -48.10
CA ILE B 477 10.82 31.06 -48.29
C ILE B 477 10.73 32.38 -47.53
N ASN B 478 11.22 32.40 -46.29
CA ASN B 478 11.19 33.65 -45.53
C ASN B 478 12.09 34.70 -46.18
N LYS B 479 13.21 34.28 -46.75
CA LYS B 479 14.10 35.23 -47.39
C LYS B 479 13.40 35.92 -48.56
N THR B 480 12.69 35.14 -49.40
CA THR B 480 12.12 35.75 -50.61
C THR B 480 11.08 36.80 -50.25
N VAL B 481 10.27 36.55 -49.23
CA VAL B 481 9.24 37.49 -48.80
C VAL B 481 9.86 38.85 -48.54
N THR B 492 7.45 40.22 -54.49
CA THR B 492 6.03 40.04 -54.78
C THR B 492 5.84 38.91 -55.79
N LYS B 493 6.63 38.93 -56.86
CA LYS B 493 6.59 37.88 -57.87
C LYS B 493 7.99 37.32 -58.13
N ASP B 494 8.91 37.51 -57.18
CA ASP B 494 10.21 36.86 -57.24
C ASP B 494 10.13 35.37 -56.98
N ILE B 495 8.97 34.89 -56.52
CA ILE B 495 8.75 33.47 -56.23
C ILE B 495 9.07 32.62 -57.46
N ALA B 496 9.04 33.22 -58.65
CA ALA B 496 9.32 32.46 -59.85
C ALA B 496 10.75 31.91 -59.86
N LYS B 497 11.67 32.56 -59.15
CA LYS B 497 13.08 32.19 -59.20
C LYS B 497 13.51 31.42 -57.95
N LEU B 498 12.59 31.14 -57.03
CA LEU B 498 12.94 30.53 -55.76
C LEU B 498 13.88 29.34 -55.94
N LYS B 499 14.94 29.31 -55.13
CA LYS B 499 15.92 28.24 -55.20
C LYS B 499 16.59 28.10 -53.84
N VAL B 500 16.74 26.86 -53.37
CA VAL B 500 17.42 26.57 -52.12
C VAL B 500 18.89 26.38 -52.41
N THR B 501 19.75 26.95 -51.56
CA THR B 501 21.19 27.01 -51.78
C THR B 501 21.91 26.34 -50.63
N ARG B 502 23.23 26.23 -50.77
CA ARG B 502 24.05 25.58 -49.75
C ARG B 502 24.00 26.35 -48.43
N GLU B 503 23.96 27.68 -48.51
CA GLU B 503 24.00 28.49 -47.30
C GLU B 503 22.79 28.23 -46.42
N ASP B 504 21.62 28.02 -47.02
CA ASP B 504 20.45 27.71 -46.22
C ASP B 504 20.62 26.39 -45.47
N PHE B 505 21.17 25.39 -46.15
CA PHE B 505 21.40 24.10 -45.50
C PHE B 505 22.41 24.23 -44.37
N LEU B 506 23.45 25.02 -44.56
CA LEU B 506 24.46 25.18 -43.51
C LEU B 506 23.91 25.96 -42.32
N ASN B 507 23.06 26.95 -42.56
CA ASN B 507 22.43 27.65 -41.44
C ASN B 507 21.41 26.78 -40.72
N ALA B 508 20.77 25.84 -41.44
CA ALA B 508 19.78 25.00 -40.80
C ALA B 508 20.37 24.08 -39.74
N LEU B 509 21.67 23.83 -39.77
CA LEU B 509 22.30 22.93 -38.80
C LEU B 509 22.36 23.53 -37.40
N ASN B 510 22.10 24.81 -37.23
CA ASN B 510 22.11 25.46 -35.94
C ASN B 510 20.73 25.50 -35.29
N ASP B 511 19.71 24.96 -35.95
CA ASP B 511 18.36 24.91 -35.41
C ASP B 511 18.01 23.55 -34.82
N VAL B 512 18.24 22.48 -35.59
CA VAL B 512 17.95 21.11 -35.16
C VAL B 512 19.22 20.47 -34.62
N THR B 513 19.12 19.86 -33.43
CA THR B 513 20.24 19.20 -32.79
C THR B 513 19.89 17.75 -32.48
N PRO B 514 20.80 16.80 -32.73
CA PRO B 514 20.48 15.40 -32.49
C PRO B 514 20.32 15.10 -31.01
N ALA B 515 19.53 14.06 -30.72
CA ALA B 515 19.36 13.63 -29.33
C ALA B 515 20.54 12.78 -28.87
N PHE B 516 21.00 11.85 -29.70
CA PHE B 516 22.17 11.03 -29.39
C PHE B 516 23.43 11.72 -29.91
N GLY B 517 23.75 12.87 -29.30
CA GLY B 517 24.84 13.70 -29.76
C GLY B 517 25.52 14.44 -28.64
N ILE B 518 26.58 15.17 -29.01
CA ILE B 518 27.38 15.89 -28.01
C ILE B 518 26.52 16.89 -27.27
N SER B 519 26.80 17.06 -25.98
CA SER B 519 26.20 18.13 -25.18
C SER B 519 27.24 19.24 -25.05
N GLU B 520 27.28 20.11 -26.05
CA GLU B 520 28.35 21.09 -26.15
C GLU B 520 28.35 22.07 -24.99
N GLU B 521 27.17 22.56 -24.60
CA GLU B 521 27.12 23.63 -23.60
C GLU B 521 27.64 23.17 -22.25
N ASP B 522 27.24 21.97 -21.81
CA ASP B 522 27.68 21.49 -20.49
C ASP B 522 29.19 21.31 -20.47
N LEU B 523 29.76 20.78 -21.54
CA LEU B 523 31.19 20.53 -21.55
C LEU B 523 31.96 21.84 -21.70
N LYS B 524 31.38 22.84 -22.34
CA LYS B 524 32.07 24.11 -22.52
C LYS B 524 31.85 25.08 -21.36
N THR B 525 31.04 24.71 -20.39
CA THR B 525 30.91 25.50 -19.16
C THR B 525 31.80 25.01 -18.04
N CYS B 526 32.35 23.79 -18.15
CA CYS B 526 33.26 23.26 -17.16
C CYS B 526 34.69 23.71 -17.35
N VAL B 527 35.03 24.21 -18.54
CA VAL B 527 36.39 24.66 -18.84
C VAL B 527 36.37 26.15 -19.13
N GLU B 528 35.45 26.87 -18.48
CA GLU B 528 35.29 28.30 -18.72
C GLU B 528 36.55 29.07 -18.35
N GLY B 529 37.20 28.71 -17.23
CA GLY B 529 38.38 29.43 -16.79
C GLY B 529 39.52 29.37 -17.80
N GLY B 530 39.58 28.32 -18.60
CA GLY B 530 40.60 28.22 -19.62
C GLY B 530 41.73 27.31 -19.20
N MET B 531 42.37 26.69 -20.21
CA MET B 531 43.50 25.80 -19.99
C MET B 531 44.80 26.59 -19.99
N MET B 532 45.68 26.28 -19.04
CA MET B 532 46.99 26.92 -18.94
C MET B 532 48.03 25.85 -18.67
N LEU B 533 49.12 25.88 -19.41
CA LEU B 533 50.17 24.86 -19.29
C LEU B 533 51.29 25.37 -18.38
N TYR B 534 50.97 25.47 -17.09
CA TYR B 534 51.94 25.95 -16.12
C TYR B 534 52.98 24.90 -15.72
N SER B 535 52.80 23.65 -16.12
CA SER B 535 53.69 22.57 -15.69
C SER B 535 53.69 21.46 -16.73
N GLU B 536 54.69 20.58 -16.61
CA GLU B 536 54.78 19.43 -17.51
C GLU B 536 53.78 18.34 -17.17
N ARG B 537 53.39 18.24 -15.89
CA ARG B 537 52.46 17.20 -15.50
C ARG B 537 51.13 17.33 -16.24
N VAL B 538 50.71 18.57 -16.55
CA VAL B 538 49.49 18.77 -17.33
C VAL B 538 49.63 18.09 -18.69
N ASN B 539 50.76 18.31 -19.35
CA ASN B 539 50.97 17.71 -20.67
C ASN B 539 51.00 16.19 -20.56
N SER B 540 51.64 15.65 -19.52
CA SER B 540 51.68 14.21 -19.37
C SER B 540 50.27 13.63 -19.20
N ILE B 541 49.45 14.29 -18.37
CA ILE B 541 48.08 13.83 -18.15
C ILE B 541 47.30 13.83 -19.46
N LEU B 542 47.41 14.93 -20.22
CA LEU B 542 46.67 15.00 -21.48
C LEU B 542 47.13 13.92 -22.45
N LYS B 543 48.43 13.65 -22.50
CA LYS B 543 48.92 12.59 -23.38
C LYS B 543 48.38 11.24 -22.97
N ASN B 544 48.32 10.97 -21.66
CA ASN B 544 47.76 9.71 -21.20
C ASN B 544 46.29 9.57 -21.61
N GLY B 545 45.52 10.64 -21.45
CA GLY B 545 44.13 10.59 -21.88
C GLY B 545 44.01 10.30 -23.37
N ALA B 546 44.85 10.95 -24.19
CA ALA B 546 44.82 10.70 -25.62
C ALA B 546 45.15 9.24 -25.94
N ARG B 547 46.13 8.67 -25.25
CA ARG B 547 46.47 7.27 -25.48
C ARG B 547 45.29 6.37 -25.20
N TYR B 548 44.59 6.61 -24.08
CA TYR B 548 43.45 5.75 -23.76
C TYR B 548 42.33 5.89 -24.78
N VAL B 549 42.07 7.12 -25.23
CA VAL B 549 41.04 7.32 -26.25
C VAL B 549 41.40 6.56 -27.52
N ARG B 550 42.66 6.67 -27.95
CA ARG B 550 43.08 5.96 -29.16
C ARG B 550 42.94 4.46 -29.00
N GLN B 551 43.31 3.93 -27.84
CA GLN B 551 43.15 2.49 -27.61
C GLN B 551 41.68 2.08 -27.74
N VAL B 552 40.78 2.84 -27.11
CA VAL B 552 39.37 2.48 -27.18
C VAL B 552 38.82 2.57 -28.59
N ARG B 553 39.34 3.47 -29.42
CA ARG B 553 38.81 3.59 -30.78
C ARG B 553 39.25 2.43 -31.65
N GLU B 554 40.54 2.29 -31.90
CA GLU B 554 41.08 1.31 -32.85
C GLU B 554 41.65 0.11 -32.11
N SER B 555 40.77 -0.84 -31.78
CA SER B 555 41.18 -2.06 -31.10
C SER B 555 40.17 -3.16 -31.43
N ASP B 556 40.40 -4.34 -30.86
CA ASP B 556 39.56 -5.50 -31.13
C ASP B 556 38.91 -6.09 -29.89
N LYS B 557 39.64 -6.16 -28.77
CA LYS B 557 39.12 -6.76 -27.55
C LYS B 557 38.75 -5.76 -26.48
N SER B 558 39.39 -4.59 -26.45
CA SER B 558 39.09 -3.56 -25.46
C SER B 558 37.79 -2.86 -25.84
N ARG B 559 36.69 -3.27 -25.22
CA ARG B 559 35.38 -2.72 -25.49
C ARG B 559 34.80 -2.00 -24.27
N LEU B 560 35.56 -1.86 -23.19
CA LEU B 560 35.11 -1.11 -22.03
C LEU B 560 36.32 -0.74 -21.20
N VAL B 561 36.59 0.55 -21.07
CA VAL B 561 37.75 1.05 -20.34
C VAL B 561 37.25 2.07 -19.33
N SER B 562 37.67 1.93 -18.08
CA SER B 562 37.36 2.86 -17.01
C SER B 562 38.60 3.63 -16.62
N LEU B 563 38.40 4.66 -15.78
CA LEU B 563 39.51 5.47 -15.31
C LEU B 563 39.08 6.11 -13.99
N LEU B 564 40.05 6.70 -13.31
CA LEU B 564 39.79 7.42 -12.06
C LEU B 564 40.83 8.52 -11.94
N ILE B 565 40.39 9.77 -12.05
CA ILE B 565 41.24 10.93 -11.87
C ILE B 565 41.04 11.42 -10.44
N HIS B 566 42.09 11.36 -9.63
CA HIS B 566 41.98 11.69 -8.22
C HIS B 566 43.08 12.66 -7.81
N GLY B 567 42.77 13.49 -6.81
CA GLY B 567 43.71 14.44 -6.29
C GLY B 567 43.12 15.30 -5.19
N PRO B 568 43.93 16.19 -4.62
CA PRO B 568 43.43 17.07 -3.56
C PRO B 568 42.33 17.99 -4.06
N ALA B 569 41.43 18.35 -3.15
CA ALA B 569 40.30 19.20 -3.52
C ALA B 569 40.78 20.54 -4.06
N GLY B 570 40.11 21.04 -5.09
CA GLY B 570 40.46 22.29 -5.71
C GLY B 570 41.57 22.22 -6.73
N SER B 571 42.08 21.03 -7.04
CA SER B 571 43.21 20.89 -7.95
C SER B 571 42.82 20.99 -9.41
N GLY B 572 41.54 21.00 -9.75
CA GLY B 572 41.12 21.15 -11.12
C GLY B 572 41.00 19.86 -11.92
N LYS B 573 40.19 18.92 -11.45
CA LYS B 573 40.06 17.61 -12.10
C LYS B 573 39.01 17.61 -13.20
N THR B 574 37.83 18.18 -12.95
CA THR B 574 36.75 18.14 -13.93
C THR B 574 37.15 18.86 -15.20
N ALA B 575 37.92 19.95 -15.07
CA ALA B 575 38.37 20.66 -16.25
C ALA B 575 39.25 19.77 -17.12
N LEU B 576 40.18 19.03 -16.51
CA LEU B 576 41.02 18.13 -17.30
C LEU B 576 40.20 17.03 -17.95
N ALA B 577 39.23 16.47 -17.22
CA ALA B 577 38.40 15.44 -17.83
C ALA B 577 37.63 15.98 -19.03
N ALA B 578 37.04 17.17 -18.88
CA ALA B 578 36.29 17.76 -19.99
C ALA B 578 37.20 18.05 -21.17
N GLU B 579 38.43 18.53 -20.92
CA GLU B 579 39.33 18.81 -22.03
C GLU B 579 39.74 17.53 -22.75
N ILE B 580 40.00 16.45 -22.02
CA ILE B 580 40.30 15.18 -22.67
C ILE B 580 39.11 14.69 -23.48
N ALA B 581 37.88 15.00 -23.03
CA ALA B 581 36.70 14.59 -23.78
C ALA B 581 36.49 15.41 -25.04
N LEU B 582 36.72 16.72 -24.98
CA LEU B 582 36.39 17.59 -26.11
C LEU B 582 37.32 17.42 -27.31
N LYS B 583 38.48 16.79 -27.14
CA LYS B 583 39.47 16.65 -28.20
C LYS B 583 39.55 15.21 -28.68
N SER B 584 38.41 14.54 -28.78
CA SER B 584 38.34 13.15 -29.19
C SER B 584 37.53 12.93 -30.46
N GLY B 585 36.42 13.63 -30.63
CA GLY B 585 35.59 13.48 -31.80
C GLY B 585 34.57 12.36 -31.73
N PHE B 586 34.41 11.73 -30.58
CA PHE B 586 33.43 10.67 -30.45
C PHE B 586 32.03 11.24 -30.72
N PRO B 587 31.18 10.51 -31.45
CA PRO B 587 29.84 11.07 -31.75
C PRO B 587 28.99 11.39 -30.54
N PHE B 588 29.09 10.64 -29.46
CA PHE B 588 28.19 10.71 -28.31
C PHE B 588 28.98 11.06 -27.06
N ILE B 589 28.63 12.15 -26.40
CA ILE B 589 29.27 12.53 -25.14
C ILE B 589 28.19 13.04 -24.19
N ARG B 590 28.24 12.58 -22.93
CA ARG B 590 27.27 13.00 -21.94
C ARG B 590 27.94 13.05 -20.57
N LEU B 591 27.30 13.78 -19.66
CA LEU B 591 27.88 14.10 -18.36
C LEU B 591 26.85 13.93 -17.25
N ILE B 592 27.28 13.41 -16.11
CA ILE B 592 26.42 13.22 -14.94
C ILE B 592 27.02 14.02 -13.80
N SER B 593 26.29 15.02 -13.30
CA SER B 593 26.74 15.92 -12.25
C SER B 593 25.74 15.98 -11.11
N PRO B 594 26.18 16.38 -9.91
CA PRO B 594 25.22 16.65 -8.83
C PRO B 594 24.31 17.83 -9.11
N ASN B 595 24.66 18.74 -10.02
CA ASN B 595 23.83 19.90 -10.30
C ASN B 595 22.55 19.54 -11.03
N GLU B 596 22.50 18.38 -11.69
CA GLU B 596 21.30 17.97 -12.41
C GLU B 596 20.39 17.08 -11.58
N LEU B 597 20.94 16.34 -10.63
CA LEU B 597 20.16 15.54 -9.70
C LEU B 597 19.87 16.34 -8.43
N SER B 598 19.30 17.53 -8.59
CA SER B 598 19.11 18.46 -7.49
C SER B 598 17.65 18.46 -7.07
N GLY B 599 17.40 18.21 -5.79
CA GLY B 599 16.04 18.23 -5.28
C GLY B 599 15.22 17.03 -5.66
N MET B 600 15.84 15.99 -6.21
CA MET B 600 15.11 14.80 -6.63
C MET B 600 14.90 13.88 -5.43
N SER B 601 14.28 12.73 -5.67
CA SER B 601 14.17 11.67 -4.69
C SER B 601 15.10 10.53 -5.06
N GLU B 602 15.32 9.60 -4.13
CA GLU B 602 16.28 8.53 -4.36
C GLU B 602 15.87 7.68 -5.55
N SER B 603 14.60 7.29 -5.62
CA SER B 603 14.12 6.48 -6.74
C SER B 603 14.30 7.22 -8.06
N ALA B 604 14.02 8.52 -8.07
CA ALA B 604 14.20 9.31 -9.29
C ALA B 604 15.65 9.33 -9.72
N LYS B 605 16.58 9.44 -8.75
CA LYS B 605 18.00 9.42 -9.10
C LYS B 605 18.38 8.10 -9.74
N ILE B 606 17.92 6.99 -9.15
CA ILE B 606 18.24 5.69 -9.75
C ILE B 606 17.68 5.59 -11.15
N ALA B 607 16.45 6.05 -11.36
CA ALA B 607 15.86 6.00 -12.70
C ALA B 607 16.65 6.84 -13.68
N TYR B 608 17.10 8.02 -13.27
CA TYR B 608 17.87 8.89 -14.15
C TYR B 608 19.18 8.23 -14.58
N ILE B 609 19.91 7.66 -13.62
CA ILE B 609 21.16 6.98 -13.96
C ILE B 609 20.89 5.81 -14.91
N ASP B 610 19.84 5.03 -14.62
CA ASP B 610 19.51 3.90 -15.47
C ASP B 610 19.23 4.34 -16.89
N ASN B 611 18.44 5.40 -17.05
CA ASN B 611 18.10 5.87 -18.40
C ASN B 611 19.33 6.35 -19.14
N THR B 612 20.22 7.08 -18.47
CA THR B 612 21.43 7.53 -19.15
C THR B 612 22.23 6.34 -19.65
N PHE B 613 22.49 5.36 -18.79
CA PHE B 613 23.30 4.23 -19.21
C PHE B 613 22.61 3.44 -20.32
N ARG B 614 21.29 3.29 -20.26
CA ARG B 614 20.59 2.57 -21.33
C ARG B 614 20.72 3.32 -22.65
N ASP B 615 20.58 4.65 -22.63
CA ASP B 615 20.73 5.44 -23.84
C ASP B 615 22.15 5.40 -24.38
N ALA B 616 23.12 5.08 -23.54
CA ALA B 616 24.50 5.00 -24.00
C ALA B 616 24.82 3.73 -24.77
N TYR B 617 23.90 2.77 -24.88
CA TYR B 617 24.15 1.48 -25.50
C TYR B 617 23.46 1.35 -26.86
N LYS B 618 23.26 2.48 -27.57
CA LYS B 618 22.59 2.45 -28.86
C LYS B 618 23.33 3.25 -29.93
N SER B 619 24.60 3.55 -29.70
CA SER B 619 25.41 4.26 -30.69
C SER B 619 26.77 3.59 -30.77
N PRO B 620 27.43 3.66 -31.93
CA PRO B 620 28.71 2.94 -32.09
C PRO B 620 29.77 3.30 -31.05
N LEU B 621 30.12 4.58 -30.94
CA LEU B 621 31.14 5.04 -30.01
C LEU B 621 30.52 6.00 -29.00
N ASN B 622 31.04 5.98 -27.77
CA ASN B 622 30.46 6.76 -26.69
C ASN B 622 31.55 7.17 -25.72
N ILE B 623 31.25 8.21 -24.95
CA ILE B 623 32.04 8.62 -23.79
C ILE B 623 31.05 9.02 -22.70
N LEU B 624 31.49 8.94 -21.45
CA LEU B 624 30.58 9.22 -20.35
C LEU B 624 31.39 9.72 -19.15
N VAL B 625 31.10 10.94 -18.71
CA VAL B 625 31.83 11.55 -17.60
C VAL B 625 30.96 11.55 -16.35
N ILE B 626 31.58 11.26 -15.20
CA ILE B 626 30.91 11.19 -13.91
C ILE B 626 31.69 12.06 -12.92
N ASP B 627 30.98 12.89 -12.18
CA ASP B 627 31.60 13.82 -11.26
C ASP B 627 31.45 13.37 -9.81
N SER B 628 32.44 13.72 -9.00
CA SER B 628 32.42 13.46 -7.57
C SER B 628 32.43 11.98 -7.25
N LEU B 629 31.26 11.34 -7.22
CA LEU B 629 31.05 9.95 -6.85
C LEU B 629 31.11 9.77 -5.35
N GLU B 630 31.47 10.79 -4.58
CA GLU B 630 31.26 10.83 -3.15
C GLU B 630 30.17 11.80 -2.76
N THR B 631 29.63 12.54 -3.73
CA THR B 631 28.47 13.40 -3.55
C THR B 631 27.21 12.83 -4.16
N LEU B 632 27.33 12.10 -5.27
CA LEU B 632 26.18 11.36 -5.76
C LEU B 632 25.71 10.37 -4.71
N VAL B 633 26.65 9.66 -4.08
CA VAL B 633 26.36 8.87 -2.86
C VAL B 633 26.58 9.81 -1.69
N ASP B 634 25.56 10.59 -1.36
CA ASP B 634 25.71 11.66 -0.37
C ASP B 634 26.39 11.14 0.89
N TRP B 635 27.58 11.67 1.17
CA TRP B 635 28.45 11.17 2.24
C TRP B 635 28.72 12.29 3.24
N VAL B 636 28.43 12.02 4.51
CA VAL B 636 28.72 12.94 5.60
C VAL B 636 29.55 12.18 6.64
N PRO B 637 30.69 12.71 7.09
CA PRO B 637 31.66 11.86 7.79
C PRO B 637 31.28 11.45 9.20
N ILE B 638 30.22 11.99 9.79
CA ILE B 638 29.88 11.66 11.17
C ILE B 638 28.79 10.61 11.17
N GLY B 639 29.13 9.42 11.66
CA GLY B 639 28.18 8.34 11.87
C GLY B 639 28.63 7.01 11.30
N PRO B 640 29.15 6.97 10.05
CA PRO B 640 29.02 7.92 8.95
C PRO B 640 27.82 7.58 8.08
N ARG B 641 27.04 8.54 7.61
CA ARG B 641 25.85 8.25 6.82
C ARG B 641 26.17 8.31 5.34
N PHE B 642 25.51 7.45 4.56
CA PHE B 642 25.56 7.53 3.11
C PHE B 642 24.45 6.63 2.56
N SER B 643 24.33 6.61 1.25
CA SER B 643 23.27 5.88 0.55
C SER B 643 23.84 4.62 -0.08
N ASN B 644 23.22 3.48 0.20
CA ASN B 644 23.77 2.21 -0.25
C ASN B 644 23.21 1.81 -1.62
N ASN B 645 21.95 2.15 -1.91
CA ASN B 645 21.34 1.72 -3.16
C ASN B 645 22.04 2.34 -4.37
N ILE B 646 22.28 3.65 -4.34
CA ILE B 646 22.98 4.30 -5.44
C ILE B 646 24.39 3.75 -5.57
N LEU B 647 25.05 3.50 -4.44
CA LEU B 647 26.40 2.95 -4.49
C LEU B 647 26.42 1.61 -5.19
N GLN B 648 25.48 0.73 -4.83
CA GLN B 648 25.47 -0.58 -5.47
C GLN B 648 25.11 -0.49 -6.94
N MET B 649 24.20 0.42 -7.31
CA MET B 649 23.89 0.60 -8.73
C MET B 649 25.13 1.02 -9.51
N LEU B 650 25.85 2.02 -9.02
CA LEU B 650 27.03 2.48 -9.75
C LEU B 650 28.12 1.42 -9.75
N LYS B 651 28.20 0.61 -8.70
CA LYS B 651 29.21 -0.44 -8.64
C LYS B 651 28.91 -1.56 -9.61
N VAL B 652 27.64 -1.85 -9.87
CA VAL B 652 27.29 -2.89 -10.84
C VAL B 652 27.32 -2.37 -12.27
N ALA B 653 27.11 -1.06 -12.47
CA ALA B 653 27.03 -0.51 -13.81
C ALA B 653 28.38 -0.13 -14.41
N LEU B 654 29.46 -0.14 -13.65
CA LEU B 654 30.78 0.19 -14.16
C LEU B 654 31.55 -1.03 -14.64
N LYS B 655 30.95 -2.21 -14.64
CA LYS B 655 31.61 -3.44 -15.06
C LYS B 655 30.73 -4.22 -16.03
N ARG B 656 29.86 -3.54 -16.76
CA ARG B 656 28.93 -4.17 -17.70
C ARG B 656 29.34 -3.81 -19.12
N LYS B 657 29.50 -4.81 -19.95
CA LYS B 657 29.95 -4.58 -21.32
C LYS B 657 28.77 -4.18 -22.21
N PRO B 658 28.99 -3.28 -23.16
CA PRO B 658 27.87 -2.84 -24.01
C PRO B 658 27.44 -3.94 -24.96
N PRO B 659 26.15 -4.00 -25.30
CA PRO B 659 25.66 -5.07 -26.18
C PRO B 659 26.31 -5.04 -27.56
N GLN B 660 26.39 -6.22 -28.17
CA GLN B 660 26.80 -6.41 -29.57
C GLN B 660 28.23 -5.93 -29.77
N ASP B 661 28.48 -4.93 -30.59
CA ASP B 661 29.83 -4.47 -30.92
C ASP B 661 29.93 -2.96 -30.72
N ARG B 662 29.50 -2.49 -29.56
CA ARG B 662 29.62 -1.08 -29.20
C ARG B 662 30.84 -0.88 -28.30
N ARG B 663 31.20 0.38 -28.10
CA ARG B 663 32.37 0.74 -27.31
C ARG B 663 32.02 1.88 -26.37
N LEU B 664 32.74 1.95 -25.25
CA LEU B 664 32.39 2.87 -24.18
C LEU B 664 33.64 3.20 -23.37
N LEU B 665 33.79 4.48 -23.03
CA LEU B 665 34.86 4.96 -22.17
C LEU B 665 34.24 5.81 -21.08
N ILE B 666 34.63 5.57 -19.83
CA ILE B 666 34.05 6.22 -18.67
C ILE B 666 35.16 6.92 -17.91
N MET B 667 34.94 8.17 -17.54
CA MET B 667 35.90 8.91 -16.73
C MET B 667 35.17 9.47 -15.52
N THR B 668 35.61 9.07 -14.33
CA THR B 668 34.98 9.47 -13.08
C THR B 668 36.00 10.14 -12.18
N THR B 669 35.66 11.33 -11.69
CA THR B 669 36.54 12.07 -10.80
C THR B 669 36.14 11.86 -9.35
N THR B 670 37.05 12.20 -8.43
CA THR B 670 36.77 12.05 -7.01
C THR B 670 37.79 12.88 -6.23
N SER B 671 37.50 13.07 -4.93
CA SER B 671 38.39 13.82 -4.05
C SER B 671 38.52 13.17 -2.67
N ALA B 672 38.13 11.91 -2.52
CA ALA B 672 38.13 11.21 -1.24
C ALA B 672 38.70 9.81 -1.42
N TYR B 673 39.88 9.73 -2.04
CA TYR B 673 40.48 8.43 -2.34
C TYR B 673 40.41 7.48 -1.14
N SER B 674 40.68 7.99 0.06
CA SER B 674 40.65 7.11 1.23
C SER B 674 39.26 6.53 1.46
N VAL B 675 38.22 7.34 1.28
CA VAL B 675 36.85 6.85 1.48
C VAL B 675 36.52 5.76 0.49
N LEU B 676 36.91 5.93 -0.78
CA LEU B 676 36.65 4.91 -1.78
C LEU B 676 37.42 3.63 -1.43
N GLN B 677 38.63 3.77 -0.91
CA GLN B 677 39.38 2.60 -0.47
C GLN B 677 38.64 1.86 0.62
N GLN B 678 38.12 2.59 1.60
CA GLN B 678 37.39 1.94 2.71
C GLN B 678 36.13 1.25 2.23
N MET B 679 35.38 1.88 1.32
CA MET B 679 34.17 1.25 0.81
C MET B 679 34.47 -0.01 0.02
N ASP B 680 35.73 -0.22 -0.36
CA ASP B 680 36.13 -1.41 -1.11
C ASP B 680 35.54 -1.42 -2.52
N ILE B 681 35.64 -0.28 -3.20
CA ILE B 681 35.11 -0.10 -4.54
C ILE B 681 36.22 0.19 -5.55
N LEU B 682 37.48 -0.01 -5.16
CA LEU B 682 38.60 0.33 -6.01
C LEU B 682 38.94 -0.75 -7.03
N SER B 683 38.15 -1.81 -7.10
CA SER B 683 38.38 -2.89 -8.06
C SER B 683 37.63 -2.70 -9.36
N CYS B 684 36.92 -1.60 -9.50
CA CYS B 684 36.18 -1.38 -10.70
C CYS B 684 36.95 -0.50 -11.63
N PHE B 685 38.20 -0.24 -11.32
CA PHE B 685 38.93 0.69 -12.14
C PHE B 685 40.07 0.00 -12.82
N ASP B 686 40.56 0.55 -13.91
CA ASP B 686 41.58 -0.16 -14.65
C ASP B 686 42.86 0.60 -14.74
N ASN B 687 42.93 1.73 -14.10
CA ASN B 687 44.17 2.44 -14.06
C ASN B 687 43.88 3.71 -13.36
N GLU B 688 44.87 4.53 -13.13
CA GLU B 688 44.64 5.72 -12.36
C GLU B 688 45.50 6.86 -12.80
N ILE B 689 45.05 8.07 -12.56
CA ILE B 689 45.84 9.23 -12.88
C ILE B 689 45.85 10.05 -11.63
N ALA B 690 46.77 10.98 -11.51
CA ALA B 690 46.86 11.71 -10.27
C ALA B 690 47.11 13.15 -10.51
N VAL B 691 46.34 14.00 -9.85
CA VAL B 691 46.48 15.43 -10.13
C VAL B 691 47.03 16.16 -8.91
N PRO B 692 48.27 16.62 -8.93
CA PRO B 692 48.85 17.28 -7.75
C PRO B 692 48.63 18.79 -7.77
N ASN B 693 49.03 19.43 -6.67
CA ASN B 693 48.90 20.86 -6.49
C ASN B 693 50.10 21.60 -7.08
N MET B 694 50.07 22.94 -6.98
CA MET B 694 51.20 23.79 -7.34
C MET B 694 52.21 23.80 -6.21
N THR B 695 53.51 23.69 -6.55
CA THR B 695 54.54 23.59 -5.53
C THR B 695 55.81 24.38 -5.87
N ASN B 696 55.69 25.44 -6.65
CA ASN B 696 56.84 26.27 -6.98
C ASN B 696 56.38 27.70 -7.27
N LEU B 697 57.35 28.62 -7.22
CA LEU B 697 57.05 30.02 -7.47
C LEU B 697 56.95 30.34 -8.96
N ASP B 698 57.75 29.67 -9.79
CA ASP B 698 57.70 29.94 -11.23
C ASP B 698 56.35 29.56 -11.80
N GLU B 699 55.70 28.54 -11.25
CA GLU B 699 54.36 28.20 -11.67
C GLU B 699 53.39 29.32 -11.35
N LEU B 700 53.52 29.93 -10.16
CA LEU B 700 52.72 31.10 -9.84
C LEU B 700 52.99 32.24 -10.81
N ASN B 701 54.26 32.42 -11.19
CA ASN B 701 54.61 33.46 -12.14
C ASN B 701 53.95 33.21 -13.49
N ASN B 702 53.95 31.96 -13.95
CA ASN B 702 53.29 31.63 -15.21
C ASN B 702 51.79 31.90 -15.14
N VAL B 703 51.16 31.52 -14.03
CA VAL B 703 49.74 31.84 -13.85
C VAL B 703 49.51 33.33 -13.91
N MET B 704 50.41 34.10 -13.28
CA MET B 704 50.25 35.56 -13.25
C MET B 704 50.37 36.15 -14.65
N ILE B 705 51.37 35.72 -15.42
CA ILE B 705 51.54 36.24 -16.77
C ILE B 705 50.33 35.87 -17.63
N GLU B 706 49.78 34.67 -17.42
CA GLU B 706 48.61 34.27 -18.17
C GLU B 706 47.35 35.01 -17.74
N SER B 707 47.29 35.50 -16.51
CA SER B 707 46.10 36.19 -16.02
C SER B 707 46.19 37.70 -16.19
N ASN B 708 47.31 38.24 -16.70
CA ASN B 708 47.46 39.67 -16.89
C ASN B 708 47.29 40.44 -15.58
N PHE B 709 48.19 40.15 -14.63
CA PHE B 709 48.17 40.83 -13.34
C PHE B 709 49.53 41.36 -12.91
N LEU B 710 50.62 40.75 -13.39
CA LEU B 710 51.93 41.05 -12.83
C LEU B 710 52.37 42.46 -13.17
N ASP B 711 52.27 42.84 -14.45
CA ASP B 711 52.81 44.10 -14.93
C ASP B 711 54.31 44.19 -14.67
N ASP B 712 55.00 43.04 -14.75
CA ASP B 712 56.45 42.97 -14.61
C ASP B 712 56.90 43.40 -13.22
N ALA B 713 56.78 44.69 -12.91
CA ALA B 713 57.23 45.18 -11.61
C ALA B 713 56.50 44.46 -10.48
N GLY B 714 55.18 44.32 -10.60
CA GLY B 714 54.43 43.57 -9.60
C GLY B 714 54.90 42.14 -9.49
N ARG B 715 55.18 41.50 -10.63
CA ARG B 715 55.73 40.15 -10.61
C ARG B 715 56.97 40.08 -9.73
N VAL B 716 57.94 40.98 -9.99
CA VAL B 716 59.20 40.94 -9.26
C VAL B 716 58.97 41.18 -7.78
N LYS B 717 58.18 42.20 -7.45
CA LYS B 717 57.99 42.54 -6.04
C LYS B 717 57.30 41.41 -5.29
N VAL B 718 56.23 40.84 -5.86
CA VAL B 718 55.49 39.80 -5.16
C VAL B 718 56.31 38.53 -5.05
N ILE B 719 57.02 38.15 -6.12
CA ILE B 719 57.83 36.94 -6.07
C ILE B 719 58.94 37.10 -5.03
N ASN B 720 59.60 38.26 -5.02
CA ASN B 720 60.67 38.48 -4.04
C ASN B 720 60.13 38.44 -2.62
N GLU B 721 58.97 39.07 -2.38
CA GLU B 721 58.38 39.04 -1.05
C GLU B 721 58.06 37.61 -0.61
N LEU B 722 57.37 36.85 -1.46
CA LEU B 722 56.98 35.49 -1.09
C LEU B 722 58.15 34.52 -1.10
N SER B 723 59.29 34.90 -1.67
CA SER B 723 60.46 34.03 -1.63
C SER B 723 60.91 33.79 -0.19
N ARG B 724 60.91 34.83 0.63
CA ARG B 724 61.31 34.71 2.02
C ARG B 724 60.15 34.80 3.00
N SER B 725 58.95 35.16 2.53
CA SER B 725 57.79 35.24 3.41
C SER B 725 57.03 33.93 3.52
N CYS B 726 57.44 32.89 2.79
CA CYS B 726 56.76 31.60 2.87
C CYS B 726 57.71 30.49 2.46
N PRO B 727 58.09 29.58 3.38
CA PRO B 727 59.00 28.50 2.98
C PRO B 727 58.33 27.43 2.14
N ASN B 728 57.12 27.03 2.51
CA ASN B 728 56.37 25.99 1.81
C ASN B 728 55.15 26.62 1.15
N PHE B 729 54.89 26.24 -0.10
CA PHE B 729 53.83 26.84 -0.88
C PHE B 729 53.10 25.75 -1.64
N ASN B 730 51.81 25.57 -1.34
CA ASN B 730 50.99 24.57 -2.03
C ASN B 730 49.54 25.04 -2.02
N VAL B 731 49.00 25.32 -3.21
CA VAL B 731 47.62 25.77 -3.34
C VAL B 731 47.11 25.32 -4.70
N GLY B 732 45.81 25.09 -4.79
CA GLY B 732 45.20 24.70 -6.05
C GLY B 732 45.01 25.88 -6.98
N ILE B 733 44.71 25.56 -8.24
CA ILE B 733 44.56 26.59 -9.25
C ILE B 733 43.30 27.40 -9.01
N LYS B 734 42.21 26.74 -8.60
CA LYS B 734 40.95 27.44 -8.38
C LYS B 734 41.14 28.56 -7.36
N LYS B 735 41.71 28.23 -6.20
CA LYS B 735 41.88 29.22 -5.16
C LYS B 735 42.83 30.32 -5.58
N THR B 736 43.89 29.96 -6.31
CA THR B 736 44.84 30.98 -6.78
C THR B 736 44.15 31.98 -7.70
N LEU B 737 43.33 31.49 -8.63
CA LEU B 737 42.64 32.40 -9.53
C LEU B 737 41.66 33.28 -8.76
N THR B 738 40.94 32.70 -7.80
CA THR B 738 40.03 33.53 -7.01
C THR B 738 40.79 34.61 -6.25
N ASN B 739 41.94 34.26 -5.67
CA ASN B 739 42.71 35.24 -4.92
C ASN B 739 43.21 36.37 -5.84
N ILE B 740 43.69 36.02 -7.03
CA ILE B 740 44.13 37.06 -7.95
C ILE B 740 42.97 37.98 -8.29
N GLU B 741 41.80 37.40 -8.58
CA GLU B 741 40.66 38.20 -8.97
C GLU B 741 40.22 39.13 -7.85
N THR B 742 40.17 38.64 -6.61
CA THR B 742 39.75 39.52 -5.51
C THR B 742 40.82 40.56 -5.19
N ALA B 743 42.10 40.24 -5.42
CA ALA B 743 43.15 41.21 -5.20
C ALA B 743 43.12 42.33 -6.22
N ARG B 744 42.73 42.03 -7.46
CA ARG B 744 42.71 43.05 -8.51
C ARG B 744 41.93 44.29 -8.07
N HIS B 745 40.80 44.12 -7.41
CA HIS B 745 39.93 45.25 -7.12
C HIS B 745 40.63 46.29 -6.26
N ASP B 746 40.97 45.93 -5.02
CA ASP B 746 41.54 46.87 -4.06
C ASP B 746 43.03 46.63 -3.89
N GLU B 747 43.80 47.71 -3.83
CA GLU B 747 45.24 47.68 -3.64
C GLU B 747 45.89 46.65 -4.56
N ASP B 748 45.79 46.94 -5.86
CA ASP B 748 46.52 46.18 -6.86
C ASP B 748 47.98 45.98 -6.47
N PRO B 749 48.61 46.91 -5.75
CA PRO B 749 49.97 46.65 -5.26
C PRO B 749 50.14 45.28 -4.61
N VAL B 750 51.40 44.86 -4.51
CA VAL B 750 51.73 43.49 -4.16
C VAL B 750 51.13 43.08 -2.81
N ASN B 751 50.93 44.04 -1.90
CA ASN B 751 50.58 43.71 -0.52
C ASN B 751 49.38 42.78 -0.44
N GLU B 752 48.29 43.14 -1.12
CA GLU B 752 47.04 42.38 -0.99
C GLU B 752 47.24 40.94 -1.43
N LEU B 753 47.87 40.74 -2.58
CA LEU B 753 48.11 39.39 -3.06
C LEU B 753 49.01 38.63 -2.10
N VAL B 754 50.02 39.30 -1.53
CA VAL B 754 50.91 38.63 -0.59
C VAL B 754 50.14 38.12 0.61
N GLU B 755 49.30 38.98 1.20
CA GLU B 755 48.53 38.53 2.36
C GLU B 755 47.59 37.40 2.00
N LEU B 756 46.90 37.51 0.86
CA LEU B 756 45.95 36.48 0.47
C LEU B 756 46.65 35.14 0.27
N MET B 757 47.77 35.14 -0.46
CA MET B 757 48.48 33.89 -0.72
C MET B 757 49.04 33.31 0.58
N THR B 758 49.57 34.16 1.45
CA THR B 758 50.14 33.65 2.70
C THR B 758 49.06 33.00 3.56
N GLN B 759 47.89 33.64 3.67
CA GLN B 759 46.84 33.07 4.52
C GLN B 759 46.26 31.81 3.89
N SER B 760 46.11 31.79 2.57
CA SER B 760 45.50 30.64 1.90
C SER B 760 46.38 29.39 2.02
N ALA B 761 47.69 29.54 1.79
CA ALA B 761 48.61 28.42 1.84
C ALA B 761 48.67 27.84 3.24
N LYS C 220 -31.46 -53.25 -31.49
CA LYS C 220 -31.84 -53.88 -30.23
C LYS C 220 -30.70 -54.72 -29.67
N SER C 221 -30.58 -54.75 -28.35
CA SER C 221 -29.55 -55.53 -27.68
C SER C 221 -30.01 -56.98 -27.59
N SER C 222 -29.30 -57.86 -28.28
CA SER C 222 -29.66 -59.28 -28.31
C SER C 222 -29.26 -59.93 -26.98
N ASN C 223 -29.49 -61.24 -26.90
CA ASN C 223 -29.12 -61.97 -25.69
C ASN C 223 -27.62 -61.88 -25.43
N SER C 224 -26.81 -62.06 -26.47
CA SER C 224 -25.37 -61.96 -26.32
C SER C 224 -24.98 -60.55 -25.90
N LEU C 225 -24.11 -60.44 -24.90
CA LEU C 225 -23.68 -59.14 -24.40
C LEU C 225 -22.67 -58.55 -25.37
N ARG C 226 -23.18 -57.78 -26.31
CA ARG C 226 -22.40 -57.13 -27.34
C ARG C 226 -22.29 -55.65 -27.03
N PRO C 227 -21.31 -54.96 -27.59
CA PRO C 227 -21.04 -53.59 -27.16
C PRO C 227 -22.14 -52.63 -27.58
N ARG C 228 -22.16 -51.47 -26.92
CA ARG C 228 -23.22 -50.49 -27.13
C ARG C 228 -23.42 -50.23 -28.62
N SER C 229 -24.66 -49.86 -28.97
CA SER C 229 -24.97 -49.57 -30.36
C SER C 229 -24.23 -48.33 -30.85
N ASN C 230 -24.48 -47.19 -30.22
CA ASN C 230 -23.83 -45.93 -30.58
C ASN C 230 -22.70 -45.66 -29.60
N ALA C 231 -21.60 -46.38 -29.79
CA ALA C 231 -20.43 -46.22 -28.92
C ALA C 231 -19.82 -44.84 -29.12
N VAL C 232 -18.90 -44.50 -28.23
CA VAL C 232 -18.25 -43.20 -28.23
C VAL C 232 -16.91 -43.27 -28.95
N ILE C 233 -16.10 -44.29 -28.64
CA ILE C 233 -14.75 -44.37 -29.18
C ILE C 233 -14.65 -45.35 -30.35
N ARG C 234 -15.61 -46.28 -30.50
CA ARG C 234 -15.61 -47.28 -31.55
C ARG C 234 -14.43 -48.22 -31.38
N PRO C 235 -14.38 -49.34 -32.11
CA PRO C 235 -13.28 -50.29 -31.93
C PRO C 235 -12.09 -50.08 -32.86
N ASP C 236 -12.23 -49.24 -33.88
CA ASP C 236 -11.15 -48.99 -34.85
C ASP C 236 -10.39 -47.73 -34.45
N PHE C 237 -9.72 -47.79 -33.30
CA PHE C 237 -9.01 -46.63 -32.79
C PHE C 237 -7.65 -47.06 -32.25
N LYS C 238 -6.64 -46.24 -32.52
CA LYS C 238 -5.30 -46.47 -32.02
C LYS C 238 -4.59 -45.13 -31.85
N PHE C 239 -3.71 -45.04 -30.86
CA PHE C 239 -3.08 -43.76 -30.54
C PHE C 239 -2.13 -43.26 -31.63
N GLU C 240 -1.99 -43.97 -32.74
CA GLU C 240 -1.19 -43.50 -33.86
C GLU C 240 -2.02 -42.72 -34.88
N ASP C 241 -3.32 -42.58 -34.63
CA ASP C 241 -4.20 -41.87 -35.55
C ASP C 241 -4.46 -40.44 -35.11
N LEU C 242 -4.30 -40.15 -33.82
CA LEU C 242 -4.58 -38.82 -33.31
C LEU C 242 -3.69 -37.78 -33.98
N GLY C 243 -2.39 -38.04 -34.05
CA GLY C 243 -1.44 -37.08 -34.56
C GLY C 243 -0.66 -36.31 -33.52
N VAL C 244 -0.83 -36.64 -32.24
CA VAL C 244 -0.05 -36.02 -31.16
C VAL C 244 1.09 -36.95 -30.80
N GLY C 245 2.32 -36.48 -31.00
CA GLY C 245 3.51 -37.25 -30.69
C GLY C 245 4.15 -36.82 -29.40
N GLY C 246 5.01 -37.68 -28.87
CA GLY C 246 5.64 -37.41 -27.60
C GLY C 246 4.88 -38.06 -26.46
N LEU C 247 3.95 -37.32 -25.87
CA LEU C 247 3.12 -37.83 -24.79
C LEU C 247 2.51 -39.16 -25.18
N ASP C 248 2.82 -40.20 -24.43
CA ASP C 248 2.27 -41.52 -24.69
C ASP C 248 1.68 -42.17 -23.45
N LYS C 249 2.30 -41.99 -22.28
CA LYS C 249 1.73 -42.50 -21.04
C LYS C 249 0.54 -41.67 -20.60
N GLU C 250 0.63 -40.34 -20.77
CA GLU C 250 -0.48 -39.48 -20.41
C GLU C 250 -1.76 -39.91 -21.12
N PHE C 251 -1.65 -40.30 -22.39
CA PHE C 251 -2.83 -40.70 -23.14
C PHE C 251 -3.44 -41.98 -22.59
N THR C 252 -2.60 -42.93 -22.19
CA THR C 252 -3.11 -44.15 -21.56
C THR C 252 -3.90 -43.80 -20.31
N LYS C 253 -3.33 -42.94 -19.47
CA LYS C 253 -4.03 -42.54 -18.25
C LYS C 253 -5.37 -41.87 -18.57
N ILE C 254 -5.35 -40.90 -19.49
CA ILE C 254 -6.57 -40.15 -19.81
C ILE C 254 -7.63 -41.07 -20.37
N PHE C 255 -7.26 -41.94 -21.29
CA PHE C 255 -8.24 -42.79 -21.96
C PHE C 255 -8.65 -43.98 -21.12
N ARG C 256 -7.96 -44.28 -20.02
CA ARG C 256 -8.47 -45.28 -19.10
C ARG C 256 -9.40 -44.68 -18.06
N ARG C 257 -9.02 -43.53 -17.48
CA ARG C 257 -9.80 -43.01 -16.35
C ARG C 257 -11.16 -42.47 -16.81
N ALA C 258 -11.22 -41.82 -17.98
CA ALA C 258 -12.41 -41.10 -18.40
C ALA C 258 -13.28 -41.87 -19.39
N PHE C 259 -12.71 -42.32 -20.50
CA PHE C 259 -13.47 -42.95 -21.58
C PHE C 259 -13.44 -44.46 -21.52
N ALA C 260 -13.38 -45.05 -20.33
CA ALA C 260 -13.42 -46.50 -20.18
C ALA C 260 -14.73 -47.00 -19.62
N SER C 261 -15.46 -46.18 -18.87
CA SER C 261 -16.74 -46.56 -18.31
C SER C 261 -17.90 -46.27 -19.24
N ARG C 262 -17.63 -45.75 -20.43
CA ARG C 262 -18.67 -45.47 -21.42
C ARG C 262 -18.66 -46.49 -22.56
N ILE C 263 -17.83 -47.53 -22.47
CA ILE C 263 -17.75 -48.54 -23.51
C ILE C 263 -18.35 -49.87 -23.07
N PHE C 264 -18.23 -50.23 -21.79
CA PHE C 264 -18.80 -51.49 -21.33
C PHE C 264 -20.31 -51.46 -21.47
N PRO C 265 -20.94 -52.62 -21.61
CA PRO C 265 -22.39 -52.63 -21.78
C PRO C 265 -23.05 -51.99 -20.57
N PRO C 266 -24.16 -51.30 -20.77
CA PRO C 266 -24.76 -50.55 -19.64
C PRO C 266 -25.18 -51.42 -18.48
N SER C 267 -25.49 -52.70 -18.70
CA SER C 267 -25.99 -53.54 -17.63
C SER C 267 -24.96 -53.71 -16.51
N VAL C 268 -23.74 -54.13 -16.87
CA VAL C 268 -22.73 -54.38 -15.85
C VAL C 268 -22.33 -53.08 -15.16
N ILE C 269 -22.18 -52.00 -15.93
CA ILE C 269 -21.85 -50.71 -15.33
C ILE C 269 -22.96 -50.26 -14.41
N GLU C 270 -24.19 -50.71 -14.63
CA GLU C 270 -25.27 -50.40 -13.71
C GLU C 270 -25.27 -51.32 -12.49
N LYS C 271 -24.71 -52.52 -12.60
CA LYS C 271 -24.64 -53.42 -11.45
C LYS C 271 -23.50 -53.08 -10.50
N LEU C 272 -22.57 -52.22 -10.89
CA LEU C 272 -21.48 -51.81 -10.01
C LEU C 272 -21.79 -50.54 -9.21
N GLY C 273 -22.81 -49.78 -9.63
CA GLY C 273 -23.20 -48.58 -8.92
C GLY C 273 -22.16 -47.48 -8.91
N ILE C 274 -21.57 -47.17 -10.06
CA ILE C 274 -20.58 -46.12 -10.20
C ILE C 274 -21.02 -45.17 -11.31
N SER C 275 -20.75 -43.88 -11.14
CA SER C 275 -21.02 -42.87 -12.14
C SER C 275 -19.74 -42.44 -12.83
N HIS C 276 -19.90 -41.84 -14.00
CA HIS C 276 -18.76 -41.48 -14.85
C HIS C 276 -18.13 -40.17 -14.38
N VAL C 277 -16.86 -39.99 -14.73
CA VAL C 277 -16.11 -38.80 -14.35
C VAL C 277 -16.49 -37.66 -15.28
N LYS C 278 -16.65 -36.46 -14.71
CA LYS C 278 -17.18 -35.30 -15.44
C LYS C 278 -16.26 -34.10 -15.30
N GLY C 279 -14.96 -34.29 -15.50
CA GLY C 279 -14.04 -33.19 -15.49
C GLY C 279 -12.66 -33.60 -15.94
N LEU C 280 -11.91 -32.70 -16.57
CA LEU C 280 -10.55 -33.02 -16.99
C LEU C 280 -9.74 -31.74 -17.03
N LEU C 281 -8.52 -31.77 -16.49
CA LEU C 281 -7.69 -30.57 -16.43
C LEU C 281 -6.31 -30.88 -16.99
N LEU C 282 -5.82 -29.99 -17.85
CA LEU C 282 -4.52 -30.11 -18.47
C LEU C 282 -3.73 -28.85 -18.15
N TYR C 283 -2.53 -29.01 -17.59
CA TYR C 283 -1.73 -27.83 -17.27
C TYR C 283 -0.27 -28.02 -17.64
N GLY C 284 0.40 -26.91 -17.89
CA GLY C 284 1.80 -26.97 -18.25
C GLY C 284 2.42 -25.66 -18.74
N PRO C 285 3.65 -25.73 -19.22
CA PRO C 285 4.32 -24.52 -19.73
C PRO C 285 3.71 -24.05 -21.02
N PRO C 286 4.22 -22.95 -21.59
CA PRO C 286 3.67 -22.43 -22.85
C PRO C 286 4.24 -23.10 -24.09
N GLY C 287 3.36 -23.52 -24.99
CA GLY C 287 3.74 -24.11 -26.25
C GLY C 287 4.06 -25.58 -26.22
N THR C 288 3.18 -26.40 -25.64
CA THR C 288 3.47 -27.79 -25.39
C THR C 288 2.49 -28.78 -26.02
N GLY C 289 1.22 -28.42 -26.21
CA GLY C 289 0.29 -29.33 -26.83
C GLY C 289 -1.07 -29.47 -26.17
N LYS C 290 -1.41 -28.59 -25.21
CA LYS C 290 -2.68 -28.73 -24.50
C LYS C 290 -3.87 -28.52 -25.44
N THR C 291 -3.88 -27.38 -26.15
CA THR C 291 -5.01 -27.08 -27.01
C THR C 291 -5.13 -28.06 -28.16
N LEU C 292 -4.01 -28.60 -28.64
CA LEU C 292 -4.06 -29.63 -29.66
C LEU C 292 -4.81 -30.86 -29.15
N ILE C 293 -4.52 -31.28 -27.92
CA ILE C 293 -5.21 -32.43 -27.35
C ILE C 293 -6.70 -32.13 -27.22
N ALA C 294 -7.03 -30.92 -26.73
CA ALA C 294 -8.44 -30.57 -26.56
C ALA C 294 -9.16 -30.61 -27.90
N ARG C 295 -8.54 -30.05 -28.93
CA ARG C 295 -9.16 -30.03 -30.26
C ARG C 295 -9.36 -31.44 -30.79
N LYS C 296 -8.34 -32.29 -30.68
CA LYS C 296 -8.45 -33.63 -31.23
C LYS C 296 -9.51 -34.44 -30.50
N ILE C 297 -9.58 -34.30 -29.17
CA ILE C 297 -10.60 -35.02 -28.39
C ILE C 297 -11.99 -34.52 -28.76
N GLY C 298 -12.14 -33.21 -28.98
CA GLY C 298 -13.44 -32.67 -29.29
C GLY C 298 -14.01 -33.14 -30.63
N THR C 299 -13.18 -33.22 -31.66
CA THR C 299 -13.65 -33.46 -33.02
C THR C 299 -13.16 -34.80 -33.57
N MET C 300 -13.00 -35.81 -32.73
CA MET C 300 -12.69 -37.15 -33.24
C MET C 300 -13.45 -38.21 -32.44
N LEU C 301 -14.62 -37.86 -31.93
CA LEU C 301 -15.48 -38.75 -31.17
C LEU C 301 -16.85 -38.77 -31.83
N ASN C 302 -17.80 -39.41 -31.16
CA ASN C 302 -19.19 -39.46 -31.61
C ASN C 302 -20.03 -38.79 -30.53
N ALA C 303 -20.18 -37.48 -30.64
CA ALA C 303 -20.87 -36.70 -29.62
C ALA C 303 -21.34 -35.40 -30.24
N LYS C 304 -22.06 -34.60 -29.46
CA LYS C 304 -22.54 -33.32 -29.93
C LYS C 304 -21.37 -32.33 -30.05
N GLU C 305 -21.58 -31.28 -30.83
CA GLU C 305 -20.52 -30.33 -31.09
C GLU C 305 -20.11 -29.62 -29.81
N PRO C 306 -18.82 -29.37 -29.60
CA PRO C 306 -18.37 -28.69 -28.40
C PRO C 306 -18.87 -27.25 -28.33
N LYS C 307 -19.11 -26.78 -27.11
CA LYS C 307 -19.50 -25.39 -26.88
C LYS C 307 -18.28 -24.62 -26.39
N ILE C 308 -17.47 -24.19 -27.35
CA ILE C 308 -16.21 -23.54 -27.02
C ILE C 308 -16.48 -22.20 -26.36
N VAL C 309 -15.67 -21.88 -25.35
CA VAL C 309 -15.70 -20.58 -24.70
C VAL C 309 -14.26 -20.14 -24.50
N ASN C 310 -13.95 -18.92 -24.91
CA ASN C 310 -12.62 -18.36 -24.74
C ASN C 310 -12.47 -17.93 -23.29
N GLY C 311 -11.40 -17.23 -22.94
CA GLY C 311 -11.09 -17.06 -21.55
C GLY C 311 -12.06 -16.19 -20.79
N PRO C 312 -12.02 -14.88 -20.99
CA PRO C 312 -13.04 -13.99 -20.42
C PRO C 312 -14.15 -13.67 -21.39
N GLU C 313 -14.78 -14.68 -21.97
CA GLU C 313 -15.90 -14.48 -22.90
C GLU C 313 -17.24 -14.55 -22.22
N ILE C 314 -17.25 -14.65 -20.90
CA ILE C 314 -18.48 -14.82 -20.14
C ILE C 314 -19.00 -13.49 -19.62
N LEU C 315 -18.11 -12.60 -19.20
CA LEU C 315 -18.51 -11.38 -18.50
C LEU C 315 -19.41 -10.51 -19.38
N SER C 316 -20.39 -9.88 -18.75
CA SER C 316 -21.29 -8.94 -19.40
C SER C 316 -21.43 -7.70 -18.53
N LYS C 317 -22.11 -6.70 -19.08
CA LYS C 317 -22.17 -5.38 -18.48
C LYS C 317 -23.27 -5.24 -17.43
N TYR C 318 -24.41 -5.89 -17.63
CA TYR C 318 -25.57 -5.70 -16.76
C TYR C 318 -25.41 -6.49 -15.47
N VAL C 319 -26.33 -6.26 -14.53
CA VAL C 319 -26.12 -6.69 -13.15
C VAL C 319 -26.13 -8.21 -13.04
N GLY C 320 -26.96 -8.89 -13.82
CA GLY C 320 -27.14 -10.32 -13.65
C GLY C 320 -27.03 -11.12 -14.93
N SER C 321 -26.11 -10.72 -15.82
CA SER C 321 -25.95 -11.39 -17.10
C SER C 321 -24.75 -12.32 -17.17
N SER C 322 -23.74 -12.14 -16.32
CA SER C 322 -22.59 -13.05 -16.33
C SER C 322 -23.01 -14.44 -15.88
N GLU C 323 -23.68 -14.53 -14.74
CA GLU C 323 -24.13 -15.81 -14.23
C GLU C 323 -25.09 -16.49 -15.20
N GLU C 324 -25.97 -15.72 -15.84
CA GLU C 324 -26.85 -16.32 -16.85
C GLU C 324 -26.05 -16.92 -18.00
N ASN C 325 -24.96 -16.25 -18.39
CA ASN C 325 -24.12 -16.80 -19.45
C ASN C 325 -23.47 -18.11 -19.01
N ILE C 326 -23.10 -18.21 -17.72
CA ILE C 326 -22.57 -19.50 -17.25
C ILE C 326 -23.67 -20.55 -17.11
N ARG C 327 -24.91 -20.14 -16.92
CA ARG C 327 -26.00 -21.11 -16.78
C ARG C 327 -26.45 -21.66 -18.12
N ASN C 328 -26.37 -20.86 -19.17
CA ASN C 328 -26.92 -21.26 -20.46
C ASN C 328 -26.12 -22.37 -21.13
N LEU C 329 -24.93 -22.71 -20.63
CA LEU C 329 -24.12 -23.74 -21.26
C LEU C 329 -24.65 -25.16 -21.03
N PHE C 330 -25.37 -25.38 -19.93
CA PHE C 330 -25.75 -26.74 -19.52
C PHE C 330 -27.18 -27.11 -19.91
N LYS C 331 -27.93 -26.22 -20.56
CA LYS C 331 -29.38 -26.42 -20.65
C LYS C 331 -29.75 -27.52 -21.64
N ASP C 332 -29.06 -27.61 -22.77
CA ASP C 332 -29.40 -28.68 -23.72
C ASP C 332 -29.13 -30.04 -23.10
N ALA C 333 -28.01 -30.16 -22.39
CA ALA C 333 -27.70 -31.41 -21.71
C ALA C 333 -28.76 -31.75 -20.67
N GLU C 334 -29.19 -30.75 -19.89
CA GLU C 334 -30.25 -31.01 -18.92
C GLU C 334 -31.52 -31.51 -19.61
N ALA C 335 -31.92 -30.85 -20.69
CA ALA C 335 -33.15 -31.21 -21.38
C ALA C 335 -33.06 -32.65 -21.89
N GLU C 336 -31.96 -33.01 -22.53
CA GLU C 336 -31.89 -34.34 -23.12
C GLU C 336 -31.76 -35.42 -22.05
N TYR C 337 -31.09 -35.13 -20.94
CA TYR C 337 -31.04 -36.11 -19.86
C TYR C 337 -32.42 -36.33 -19.26
N ARG C 338 -33.18 -35.25 -19.07
CA ARG C 338 -34.53 -35.39 -18.54
C ARG C 338 -35.43 -36.17 -19.50
N ALA C 339 -35.30 -35.92 -20.80
CA ALA C 339 -36.23 -36.52 -21.76
C ALA C 339 -35.95 -38.00 -21.97
N LYS C 340 -34.69 -38.41 -22.02
CA LYS C 340 -34.35 -39.77 -22.43
C LYS C 340 -33.81 -40.62 -21.28
N GLY C 341 -32.75 -40.19 -20.61
CA GLY C 341 -32.21 -40.97 -19.50
C GLY C 341 -30.76 -41.34 -19.72
N GLU C 342 -30.48 -42.64 -19.74
CA GLU C 342 -29.12 -43.15 -19.87
C GLU C 342 -28.67 -43.30 -21.31
N GLU C 343 -29.54 -43.05 -22.29
CA GLU C 343 -29.18 -43.17 -23.70
C GLU C 343 -28.83 -41.84 -24.33
N SER C 344 -28.77 -40.76 -23.55
CA SER C 344 -28.43 -39.46 -24.11
C SER C 344 -27.00 -39.44 -24.62
N SER C 345 -26.80 -38.79 -25.77
CA SER C 345 -25.47 -38.67 -26.34
C SER C 345 -24.60 -37.77 -25.46
N LEU C 346 -23.30 -38.03 -25.48
CA LEU C 346 -22.39 -37.27 -24.66
C LEU C 346 -22.31 -35.81 -25.13
N HIS C 347 -22.20 -34.89 -24.19
CA HIS C 347 -22.04 -33.47 -24.48
C HIS C 347 -20.69 -33.02 -23.93
N ILE C 348 -20.08 -32.06 -24.63
CA ILE C 348 -18.75 -31.56 -24.30
C ILE C 348 -18.78 -30.05 -24.30
N ILE C 349 -18.17 -29.43 -23.29
CA ILE C 349 -17.96 -27.98 -23.29
C ILE C 349 -16.56 -27.72 -22.75
N ILE C 350 -15.77 -26.88 -23.42
CA ILE C 350 -14.36 -26.71 -23.09
C ILE C 350 -14.07 -25.27 -22.69
N PHE C 351 -13.50 -25.09 -21.50
CA PHE C 351 -13.11 -23.79 -20.97
C PHE C 351 -11.66 -23.52 -21.31
N ASP C 352 -11.38 -22.41 -21.97
CA ASP C 352 -10.03 -22.03 -22.35
C ASP C 352 -9.50 -20.95 -21.41
N GLU C 353 -8.22 -21.05 -21.05
CA GLU C 353 -7.60 -20.12 -20.11
C GLU C 353 -8.41 -20.06 -18.82
N LEU C 354 -8.46 -21.20 -18.12
CA LEU C 354 -9.34 -21.32 -16.97
C LEU C 354 -8.95 -20.36 -15.85
N ASP C 355 -7.67 -20.01 -15.74
CA ASP C 355 -7.18 -19.24 -14.62
C ASP C 355 -7.43 -17.75 -14.75
N SER C 356 -8.34 -17.32 -15.63
CA SER C 356 -8.57 -15.91 -15.86
C SER C 356 -9.63 -15.34 -14.94
N VAL C 357 -10.77 -16.01 -14.82
CA VAL C 357 -11.88 -15.54 -14.02
C VAL C 357 -12.07 -16.35 -12.75
N PHE C 358 -11.81 -17.65 -12.78
CA PHE C 358 -12.06 -18.54 -11.65
C PHE C 358 -10.82 -18.56 -10.77
N LYS C 359 -10.69 -17.55 -9.92
CA LYS C 359 -9.60 -17.45 -8.98
C LYS C 359 -10.08 -17.71 -7.56
N GLN C 360 -9.13 -17.85 -6.65
CA GLN C 360 -9.46 -18.16 -5.27
C GLN C 360 -10.40 -17.12 -4.68
N ARG C 361 -11.42 -17.59 -3.97
CA ARG C 361 -12.40 -16.69 -3.37
C ARG C 361 -11.78 -16.00 -2.16
N GLY C 362 -12.14 -14.73 -1.97
CA GLY C 362 -11.67 -13.99 -0.83
C GLY C 362 -10.26 -13.46 -0.95
N SER C 363 -9.69 -13.44 -2.15
CA SER C 363 -8.34 -12.93 -2.37
C SER C 363 -8.39 -11.49 -2.88
N ARG C 364 -7.23 -10.86 -2.88
CA ARG C 364 -7.12 -9.49 -3.38
C ARG C 364 -7.36 -9.46 -4.87
N GLY C 365 -8.02 -8.40 -5.33
CA GLY C 365 -8.43 -8.27 -6.71
C GLY C 365 -9.93 -8.44 -6.87
N ASP C 366 -10.39 -8.21 -8.10
CA ASP C 366 -11.81 -8.26 -8.43
C ASP C 366 -12.61 -7.44 -7.43
N GLY C 367 -12.31 -6.14 -7.38
CA GLY C 367 -13.00 -5.26 -6.45
C GLY C 367 -14.51 -5.28 -6.63
N THR C 368 -14.96 -5.30 -7.89
CA THR C 368 -16.37 -5.52 -8.16
C THR C 368 -16.78 -6.93 -7.75
N GLY C 369 -18.00 -7.07 -7.26
CA GLY C 369 -18.45 -8.37 -6.79
C GLY C 369 -18.76 -9.35 -7.91
N VAL C 370 -17.77 -9.62 -8.76
CA VAL C 370 -17.91 -10.57 -9.84
C VAL C 370 -17.00 -11.78 -9.67
N GLY C 371 -15.88 -11.65 -8.97
CA GLY C 371 -14.97 -12.77 -8.80
C GLY C 371 -15.56 -13.92 -8.02
N ASP C 372 -16.61 -13.68 -7.24
CA ASP C 372 -17.21 -14.69 -6.39
C ASP C 372 -18.50 -15.24 -6.96
N ASN C 373 -19.34 -14.41 -7.57
CA ASN C 373 -20.62 -14.91 -8.08
C ASN C 373 -20.40 -15.94 -9.18
N VAL C 374 -19.44 -15.69 -10.08
CA VAL C 374 -19.17 -16.61 -11.17
C VAL C 374 -18.72 -17.97 -10.63
N VAL C 375 -17.77 -17.96 -9.68
CA VAL C 375 -17.27 -19.22 -9.13
C VAL C 375 -18.38 -19.96 -8.41
N ASN C 376 -19.20 -19.24 -7.65
CA ASN C 376 -20.30 -19.88 -6.95
C ASN C 376 -21.29 -20.52 -7.92
N GLN C 377 -21.61 -19.83 -9.02
CA GLN C 377 -22.52 -20.40 -10.00
C GLN C 377 -21.95 -21.67 -10.60
N LEU C 378 -20.67 -21.64 -10.99
CA LEU C 378 -20.08 -22.84 -11.60
C LEU C 378 -20.04 -24.00 -10.61
N LEU C 379 -19.69 -23.72 -9.36
CA LEU C 379 -19.67 -24.79 -8.35
C LEU C 379 -21.05 -25.37 -8.16
N ALA C 380 -22.09 -24.52 -8.10
CA ALA C 380 -23.43 -25.02 -7.86
C ALA C 380 -23.97 -25.78 -9.06
N LYS C 381 -23.49 -25.47 -10.26
CA LYS C 381 -24.01 -26.11 -11.45
C LYS C 381 -23.25 -27.37 -11.85
N MET C 382 -22.06 -27.62 -11.32
CA MET C 382 -21.33 -28.82 -11.70
C MET C 382 -21.58 -30.00 -10.77
N ASP C 383 -21.93 -29.75 -9.50
CA ASP C 383 -22.28 -30.81 -8.55
C ASP C 383 -23.28 -30.22 -7.55
N GLY C 384 -24.57 -30.45 -7.78
CA GLY C 384 -25.59 -29.80 -6.98
C GLY C 384 -26.70 -30.72 -6.51
N VAL C 385 -27.86 -30.14 -6.20
CA VAL C 385 -29.00 -30.92 -5.71
C VAL C 385 -29.71 -31.69 -6.81
N ASP C 386 -29.51 -31.33 -8.07
CA ASP C 386 -30.06 -32.06 -9.20
C ASP C 386 -28.92 -32.67 -9.99
N GLN C 387 -28.98 -33.98 -10.18
CA GLN C 387 -27.87 -34.72 -10.74
C GLN C 387 -27.90 -34.68 -12.26
N LEU C 388 -26.74 -34.99 -12.85
CA LEU C 388 -26.55 -34.97 -14.29
C LEU C 388 -25.26 -35.71 -14.61
N ASN C 389 -25.31 -36.73 -15.45
CA ASN C 389 -24.13 -37.53 -15.73
C ASN C 389 -24.00 -37.85 -17.21
N ASN C 390 -24.22 -36.85 -18.07
CA ASN C 390 -23.96 -37.00 -19.49
C ASN C 390 -23.22 -35.78 -20.03
N ILE C 391 -22.25 -35.27 -19.28
CA ILE C 391 -21.41 -34.16 -19.72
C ILE C 391 -19.96 -34.49 -19.46
N LEU C 392 -19.08 -33.77 -20.13
CA LEU C 392 -17.64 -33.86 -19.91
C LEU C 392 -17.08 -32.47 -20.16
N VAL C 393 -16.54 -31.84 -19.13
CA VAL C 393 -16.00 -30.48 -19.20
C VAL C 393 -14.50 -30.54 -19.06
N ILE C 394 -13.79 -29.85 -19.95
CA ILE C 394 -12.34 -29.93 -20.07
C ILE C 394 -11.74 -28.53 -20.01
N GLY C 395 -10.71 -28.37 -19.20
CA GLY C 395 -10.08 -27.07 -19.01
C GLY C 395 -8.57 -27.13 -19.13
N MET C 396 -7.98 -26.00 -19.54
CA MET C 396 -6.56 -25.92 -19.86
C MET C 396 -5.93 -24.68 -19.22
N THR C 397 -4.71 -24.82 -18.70
CA THR C 397 -4.07 -23.67 -18.06
C THR C 397 -2.55 -23.79 -17.95
N ASN C 398 -1.91 -22.65 -17.68
CA ASN C 398 -0.47 -22.59 -17.43
C ASN C 398 -0.14 -22.48 -15.95
N ARG C 399 -1.13 -22.18 -15.09
CA ARG C 399 -0.88 -21.95 -13.67
C ARG C 399 -2.06 -22.55 -12.91
N LYS C 400 -1.85 -23.71 -12.29
CA LYS C 400 -2.90 -24.36 -11.51
C LYS C 400 -2.86 -23.96 -10.04
N ASP C 401 -1.98 -23.04 -9.65
CA ASP C 401 -1.91 -22.61 -8.27
C ASP C 401 -2.91 -21.52 -7.95
N LEU C 402 -3.64 -21.01 -8.94
CA LEU C 402 -4.62 -19.95 -8.75
C LEU C 402 -6.06 -20.41 -8.87
N ILE C 403 -6.31 -21.58 -9.46
CA ILE C 403 -7.69 -22.05 -9.56
C ILE C 403 -8.21 -22.29 -8.15
N ASP C 404 -9.51 -22.11 -7.99
CA ASP C 404 -10.12 -22.26 -6.67
C ASP C 404 -9.82 -23.65 -6.11
N SER C 405 -9.97 -23.78 -4.80
CA SER C 405 -9.68 -25.04 -4.13
C SER C 405 -10.87 -25.99 -4.06
N ALA C 406 -12.09 -25.48 -4.22
CA ALA C 406 -13.27 -26.34 -4.24
C ALA C 406 -13.60 -26.84 -5.62
N LEU C 407 -12.86 -26.42 -6.63
CA LEU C 407 -13.04 -26.88 -8.01
C LEU C 407 -12.16 -28.07 -8.36
N LEU C 408 -11.31 -28.52 -7.44
CA LEU C 408 -10.34 -29.58 -7.74
C LEU C 408 -10.51 -30.77 -6.80
N ARG C 409 -11.74 -31.11 -6.47
CA ARG C 409 -12.06 -32.26 -5.64
C ARG C 409 -12.77 -33.30 -6.50
N PRO C 410 -12.69 -34.59 -6.15
CA PRO C 410 -13.46 -35.59 -6.89
C PRO C 410 -14.93 -35.22 -7.01
N GLY C 411 -15.44 -35.29 -8.24
CA GLY C 411 -16.74 -34.77 -8.60
C GLY C 411 -16.67 -33.49 -9.42
N ARG C 412 -15.54 -32.78 -9.36
CA ARG C 412 -15.28 -31.60 -10.17
C ARG C 412 -13.81 -31.61 -10.55
N PHE C 413 -13.52 -31.82 -11.82
CA PHE C 413 -12.13 -31.85 -12.29
C PHE C 413 -11.31 -32.89 -11.52
N GLU C 414 -11.71 -34.16 -11.68
CA GLU C 414 -11.01 -35.23 -10.99
C GLU C 414 -9.61 -35.43 -11.56
N VAL C 415 -9.53 -35.77 -12.85
CA VAL C 415 -8.25 -36.13 -13.47
C VAL C 415 -7.51 -34.86 -13.85
N GLN C 416 -6.30 -34.71 -13.31
CA GLN C 416 -5.42 -33.58 -13.60
C GLN C 416 -4.13 -34.12 -14.17
N VAL C 417 -3.68 -33.56 -15.28
CA VAL C 417 -2.52 -34.06 -16.00
C VAL C 417 -1.59 -32.90 -16.31
N GLU C 418 -0.29 -33.10 -16.09
CA GLU C 418 0.73 -32.13 -16.44
C GLU C 418 1.43 -32.56 -17.72
N ILE C 419 1.59 -31.61 -18.65
CA ILE C 419 2.23 -31.88 -19.93
C ILE C 419 3.55 -31.12 -19.97
N HIS C 420 4.66 -31.85 -20.08
CA HIS C 420 6.00 -31.31 -19.96
C HIS C 420 6.69 -31.23 -21.32
N LEU C 421 7.91 -30.69 -21.30
CA LEU C 421 8.72 -30.58 -22.50
C LEU C 421 9.08 -31.97 -23.01
N PRO C 422 9.34 -32.12 -24.30
CA PRO C 422 9.54 -33.47 -24.85
C PRO C 422 10.94 -34.01 -24.58
N ASP C 423 11.03 -35.33 -24.57
CA ASP C 423 12.30 -36.03 -24.47
C ASP C 423 12.93 -36.16 -25.86
N GLU C 424 14.18 -36.62 -25.90
CA GLU C 424 14.87 -36.73 -27.18
C GLU C 424 14.11 -37.64 -28.13
N LYS C 425 13.74 -38.84 -27.66
CA LYS C 425 12.88 -39.69 -28.48
C LYS C 425 11.55 -39.00 -28.76
N GLY C 426 11.06 -38.20 -27.81
CA GLY C 426 9.88 -37.40 -28.08
C GLY C 426 10.11 -36.40 -29.21
N ARG C 427 11.28 -35.78 -29.24
CA ARG C 427 11.59 -34.87 -30.34
C ARG C 427 11.61 -35.60 -31.67
N LEU C 428 12.15 -36.82 -31.68
CA LEU C 428 12.13 -37.59 -32.92
C LEU C 428 10.70 -37.87 -33.36
N GLN C 429 9.82 -38.25 -32.42
CA GLN C 429 8.44 -38.51 -32.80
C GLN C 429 7.75 -37.25 -33.35
N ILE C 430 7.98 -36.10 -32.71
CA ILE C 430 7.37 -34.87 -33.21
C ILE C 430 7.87 -34.54 -34.60
N PHE C 431 9.18 -34.69 -34.82
CA PHE C 431 9.74 -34.42 -36.15
C PHE C 431 9.12 -35.33 -37.20
N ASP C 432 8.96 -36.62 -36.88
CA ASP C 432 8.33 -37.51 -37.84
C ASP C 432 6.87 -37.16 -38.07
N ILE C 433 6.19 -36.62 -37.07
CA ILE C 433 4.79 -36.23 -37.25
C ILE C 433 4.67 -35.02 -38.18
N GLN C 434 5.55 -34.03 -38.01
CA GLN C 434 5.40 -32.79 -38.78
C GLN C 434 5.70 -32.99 -40.26
N THR C 435 6.79 -33.67 -40.59
CA THR C 435 7.22 -33.85 -41.98
C THR C 435 6.70 -35.17 -42.52
N LYS C 436 5.38 -35.27 -42.66
CA LYS C 436 4.74 -36.46 -43.19
C LYS C 436 4.20 -36.25 -44.60
N LYS C 437 3.43 -35.18 -44.83
CA LYS C 437 2.97 -34.90 -46.18
C LYS C 437 4.12 -34.46 -47.08
N MET C 438 5.15 -33.85 -46.50
CA MET C 438 6.33 -33.46 -47.27
C MET C 438 7.03 -34.68 -47.85
N ARG C 439 7.15 -35.75 -47.06
CA ARG C 439 7.92 -36.92 -47.51
C ARG C 439 7.17 -37.77 -48.52
N GLU C 440 5.85 -37.89 -48.39
CA GLU C 440 5.11 -38.80 -49.24
C GLU C 440 4.74 -38.19 -50.59
N ASN C 441 4.93 -36.89 -50.78
CA ASN C 441 4.77 -36.26 -52.08
C ASN C 441 6.10 -36.06 -52.80
N ASN C 442 7.18 -36.64 -52.28
CA ASN C 442 8.50 -36.50 -52.88
C ASN C 442 8.89 -35.03 -52.96
N MET C 443 9.02 -34.40 -51.80
CA MET C 443 9.43 -33.01 -51.72
C MET C 443 10.51 -32.78 -50.66
N MET C 444 11.17 -33.84 -50.21
CA MET C 444 12.27 -33.72 -49.26
C MET C 444 13.46 -34.51 -49.80
N SER C 445 14.64 -33.93 -49.70
CA SER C 445 15.83 -34.55 -50.25
C SER C 445 16.15 -35.83 -49.49
N ASP C 446 17.18 -36.54 -49.96
CA ASP C 446 17.56 -37.83 -49.40
C ASP C 446 18.79 -37.75 -48.50
N ASP C 447 19.29 -36.55 -48.22
CA ASP C 447 20.39 -36.36 -47.29
C ASP C 447 19.93 -35.73 -45.97
N VAL C 448 18.64 -35.85 -45.64
CA VAL C 448 18.10 -35.31 -44.40
C VAL C 448 17.88 -36.48 -43.45
N ASN C 449 18.59 -36.46 -42.32
CA ASN C 449 18.54 -37.51 -41.31
C ASN C 449 17.88 -36.95 -40.06
N LEU C 450 16.67 -37.41 -39.76
CA LEU C 450 15.89 -36.82 -38.68
C LEU C 450 16.53 -37.03 -37.31
N ALA C 451 17.28 -38.12 -37.13
CA ALA C 451 17.94 -38.35 -35.86
C ALA C 451 18.95 -37.25 -35.55
N GLU C 452 19.70 -36.82 -36.57
CA GLU C 452 20.65 -35.73 -36.36
C GLU C 452 19.93 -34.45 -35.95
N LEU C 453 18.80 -34.15 -36.58
CA LEU C 453 18.04 -32.95 -36.24
C LEU C 453 17.49 -33.02 -34.82
N ALA C 454 17.03 -34.20 -34.40
CA ALA C 454 16.60 -34.35 -33.01
C ALA C 454 17.77 -34.12 -32.06
N ALA C 455 18.97 -34.57 -32.46
CA ALA C 455 20.14 -34.35 -31.61
C ALA C 455 20.50 -32.88 -31.49
N LEU C 456 20.42 -32.13 -32.60
CA LEU C 456 20.88 -30.74 -32.59
C LEU C 456 19.97 -29.83 -31.77
N THR C 457 18.69 -30.15 -31.67
CA THR C 457 17.72 -29.30 -30.99
C THR C 457 17.65 -29.70 -29.52
N LYS C 458 18.13 -28.83 -28.63
CA LYS C 458 18.21 -29.15 -27.20
C LYS C 458 17.01 -28.63 -26.41
N ASN C 459 16.83 -27.32 -26.34
CA ASN C 459 15.73 -26.72 -25.58
C ASN C 459 14.59 -26.30 -26.50
N PHE C 460 13.99 -27.28 -27.18
CA PHE C 460 12.93 -27.03 -28.14
C PHE C 460 11.64 -27.67 -27.66
N SER C 461 10.57 -26.88 -27.64
CA SER C 461 9.24 -27.37 -27.33
C SER C 461 8.51 -27.73 -28.60
N GLY C 462 7.36 -28.38 -28.46
CA GLY C 462 6.65 -28.87 -29.62
C GLY C 462 6.29 -27.78 -30.62
N ALA C 463 6.15 -26.54 -30.14
CA ALA C 463 5.70 -25.43 -30.97
C ALA C 463 6.84 -24.70 -31.64
N GLU C 464 8.08 -25.14 -31.46
CA GLU C 464 9.22 -24.56 -32.15
C GLU C 464 9.77 -25.44 -33.25
N ILE C 465 9.54 -26.75 -33.18
CA ILE C 465 9.88 -27.63 -34.30
C ILE C 465 9.05 -27.25 -35.52
N GLU C 466 7.79 -26.89 -35.30
CA GLU C 466 6.94 -26.43 -36.40
C GLU C 466 7.53 -25.17 -37.04
N GLY C 467 7.96 -24.23 -36.21
CA GLY C 467 8.60 -23.03 -36.73
C GLY C 467 9.86 -23.34 -37.51
N LEU C 468 10.67 -24.28 -37.01
CA LEU C 468 11.87 -24.70 -37.72
C LEU C 468 11.53 -25.25 -39.10
N VAL C 469 10.55 -26.15 -39.16
CA VAL C 469 10.20 -26.76 -40.44
C VAL C 469 9.73 -25.70 -41.43
N LYS C 470 8.89 -24.78 -40.95
CA LYS C 470 8.32 -23.79 -41.88
C LYS C 470 9.37 -22.78 -42.32
N SER C 471 10.35 -22.47 -41.47
CA SER C 471 11.45 -21.61 -41.91
C SER C 471 12.31 -22.30 -42.95
N ALA C 472 12.56 -23.61 -42.80
CA ALA C 472 13.30 -24.34 -43.81
C ALA C 472 12.55 -24.33 -45.14
N SER C 473 11.23 -24.52 -45.10
CA SER C 473 10.45 -24.45 -46.33
C SER C 473 10.56 -23.08 -46.98
N SER C 474 10.51 -22.01 -46.19
CA SER C 474 10.67 -20.67 -46.76
C SER C 474 12.02 -20.51 -47.44
N PHE C 475 13.09 -21.00 -46.81
CA PHE C 475 14.40 -20.92 -47.44
C PHE C 475 14.41 -21.63 -48.78
N ALA C 476 13.82 -22.83 -48.84
CA ALA C 476 13.79 -23.57 -50.09
C ALA C 476 12.92 -22.89 -51.15
N ILE C 477 11.83 -22.25 -50.75
CA ILE C 477 10.95 -21.58 -51.71
C ILE C 477 11.63 -20.34 -52.29
N ASN C 478 12.28 -19.56 -51.43
CA ASN C 478 12.71 -18.22 -51.81
C ASN C 478 13.71 -18.22 -52.95
N LYS C 479 14.41 -19.33 -53.18
CA LYS C 479 15.42 -19.36 -54.23
C LYS C 479 14.79 -19.14 -55.60
N THR C 480 13.64 -19.75 -55.84
CA THR C 480 13.00 -19.68 -57.15
C THR C 480 12.39 -18.31 -57.42
N VAL C 481 11.38 -17.93 -56.63
CA VAL C 481 10.72 -16.65 -56.76
C VAL C 481 11.36 -15.70 -55.75
N ASN C 482 12.41 -15.02 -56.18
CA ASN C 482 13.14 -14.12 -55.29
C ASN C 482 12.30 -12.87 -55.05
N ILE C 483 11.57 -12.85 -53.94
CA ILE C 483 10.71 -11.71 -53.64
C ILE C 483 11.54 -10.44 -53.64
N GLY C 484 10.97 -9.36 -54.17
CA GLY C 484 11.72 -8.15 -54.39
C GLY C 484 12.62 -8.30 -55.59
N LYS C 485 13.43 -7.28 -55.83
CA LYS C 485 14.34 -7.30 -56.97
C LYS C 485 13.54 -7.50 -58.25
N GLY C 486 14.20 -8.00 -59.30
CA GLY C 486 13.53 -8.27 -60.56
C GLY C 486 13.23 -9.74 -60.78
N ALA C 487 13.73 -10.60 -59.89
CA ALA C 487 13.54 -12.05 -60.02
C ALA C 487 12.32 -12.52 -59.24
N THR C 488 11.17 -11.91 -59.51
CA THR C 488 9.90 -12.33 -58.95
C THR C 488 9.02 -13.06 -59.96
N LYS C 489 9.63 -13.58 -61.02
CA LYS C 489 8.90 -14.23 -62.10
C LYS C 489 8.94 -15.74 -61.89
N LEU C 490 7.77 -16.36 -61.87
CA LEU C 490 7.65 -17.77 -61.56
C LEU C 490 7.83 -18.58 -62.83
N ASN C 491 8.81 -19.49 -62.82
CA ASN C 491 9.14 -20.31 -63.97
C ASN C 491 8.57 -21.71 -63.79
N THR C 492 7.80 -22.17 -64.77
CA THR C 492 7.07 -23.43 -64.60
C THR C 492 8.02 -24.59 -64.34
N LYS C 493 9.21 -24.58 -64.93
CA LYS C 493 10.11 -25.73 -64.84
C LYS C 493 10.56 -25.95 -63.40
N ASP C 494 11.09 -24.91 -62.75
CA ASP C 494 11.80 -25.11 -61.49
C ASP C 494 10.88 -25.16 -60.27
N ILE C 495 9.57 -24.97 -60.43
CA ILE C 495 8.64 -25.19 -59.32
C ILE C 495 8.02 -26.57 -59.39
N ALA C 496 8.36 -27.36 -60.41
CA ALA C 496 7.95 -28.75 -60.53
C ALA C 496 9.07 -29.70 -60.12
N LYS C 497 10.15 -29.17 -59.57
CA LYS C 497 11.28 -29.97 -59.11
C LYS C 497 11.77 -29.47 -57.75
N LEU C 498 10.86 -28.92 -56.94
CA LEU C 498 11.22 -28.39 -55.64
C LEU C 498 11.69 -29.50 -54.72
N LYS C 499 12.64 -29.17 -53.84
CA LYS C 499 13.15 -30.13 -52.88
C LYS C 499 13.83 -29.39 -51.75
N VAL C 500 13.43 -29.70 -50.52
CA VAL C 500 14.02 -29.10 -49.33
C VAL C 500 15.23 -29.95 -48.93
N THR C 501 16.38 -29.32 -48.77
CA THR C 501 17.64 -30.00 -48.52
C THR C 501 18.16 -29.69 -47.12
N ARG C 502 19.26 -30.36 -46.76
CA ARG C 502 19.81 -30.23 -45.42
C ARG C 502 20.29 -28.82 -45.13
N GLU C 503 20.93 -28.16 -46.10
CA GLU C 503 21.44 -26.81 -45.86
C GLU C 503 20.33 -25.87 -45.44
N ASP C 504 19.11 -26.07 -45.95
CA ASP C 504 18.00 -25.23 -45.53
C ASP C 504 17.72 -25.39 -44.05
N PHE C 505 17.72 -26.64 -43.56
CA PHE C 505 17.48 -26.86 -42.14
C PHE C 505 18.59 -26.26 -41.29
N LEU C 506 19.84 -26.43 -41.72
CA LEU C 506 20.95 -25.88 -40.93
C LEU C 506 20.90 -24.35 -40.90
N ASN C 507 20.53 -23.72 -42.02
CA ASN C 507 20.37 -22.27 -42.02
C ASN C 507 19.20 -21.85 -41.13
N ALA C 508 18.09 -22.58 -41.19
CA ALA C 508 16.94 -22.25 -40.35
C ALA C 508 17.27 -22.34 -38.87
N LEU C 509 18.17 -23.23 -38.49
CA LEU C 509 18.57 -23.32 -37.07
C LEU C 509 19.01 -21.97 -36.51
N ASN C 510 19.34 -21.00 -37.36
CA ASN C 510 19.78 -19.69 -36.90
C ASN C 510 18.64 -18.71 -36.72
N ASP C 511 17.41 -19.08 -37.04
CA ASP C 511 16.26 -18.18 -36.93
C ASP C 511 15.43 -18.45 -35.68
N VAL C 512 15.08 -19.70 -35.42
CA VAL C 512 14.29 -20.07 -34.26
C VAL C 512 15.23 -20.22 -33.05
N THR C 513 15.16 -19.27 -32.13
CA THR C 513 16.00 -19.31 -30.94
C THR C 513 15.17 -19.80 -29.75
N PRO C 514 15.48 -20.94 -29.14
CA PRO C 514 14.66 -21.43 -28.04
C PRO C 514 14.64 -20.47 -26.88
N ALA C 515 13.50 -20.40 -26.20
CA ALA C 515 13.33 -19.49 -25.07
C ALA C 515 13.76 -20.09 -23.75
N PHE C 516 13.97 -21.40 -23.69
CA PHE C 516 14.40 -22.08 -22.49
C PHE C 516 15.92 -22.24 -22.43
N GLY C 517 16.66 -21.62 -23.34
CA GLY C 517 18.09 -21.81 -23.39
C GLY C 517 18.86 -20.52 -23.57
N ILE C 518 18.33 -19.42 -23.02
CA ILE C 518 19.01 -18.13 -23.14
C ILE C 518 20.31 -18.14 -22.33
N SER C 519 20.30 -18.75 -21.14
CA SER C 519 21.48 -18.72 -20.29
C SER C 519 22.70 -19.33 -20.99
N GLU C 520 22.49 -20.26 -21.91
CA GLU C 520 23.62 -20.86 -22.59
C GLU C 520 24.43 -19.83 -23.37
N GLU C 521 23.78 -18.75 -23.80
CA GLU C 521 24.53 -17.71 -24.50
C GLU C 521 25.35 -16.89 -23.52
N ASP C 522 24.85 -16.68 -22.29
CA ASP C 522 25.65 -15.95 -21.33
C ASP C 522 26.83 -16.80 -20.86
N LEU C 523 26.63 -18.11 -20.72
CA LEU C 523 27.75 -18.98 -20.40
C LEU C 523 28.74 -19.05 -21.54
N LYS C 524 28.33 -18.73 -22.77
CA LYS C 524 29.29 -18.58 -23.85
C LYS C 524 30.03 -17.24 -23.75
N THR C 525 29.33 -16.18 -23.37
CA THR C 525 29.96 -14.87 -23.21
C THR C 525 31.00 -14.88 -22.10
N CYS C 526 30.74 -15.62 -21.03
CA CYS C 526 31.64 -15.60 -19.87
C CYS C 526 33.05 -16.00 -20.23
N VAL C 527 33.23 -16.83 -21.27
CA VAL C 527 34.52 -17.44 -21.57
C VAL C 527 35.04 -16.85 -22.87
N GLU C 528 34.67 -15.58 -23.13
CA GLU C 528 35.09 -14.92 -24.35
C GLU C 528 36.60 -14.72 -24.40
N GLY C 529 37.27 -14.76 -23.25
CA GLY C 529 38.72 -14.58 -23.21
C GLY C 529 39.52 -15.83 -23.47
N GLY C 530 38.87 -16.99 -23.54
CA GLY C 530 39.55 -18.24 -23.84
C GLY C 530 40.27 -18.82 -22.64
N MET C 531 40.33 -20.14 -22.57
CA MET C 531 40.97 -20.86 -21.46
C MET C 531 42.40 -21.20 -21.87
N MET C 532 43.32 -20.28 -21.61
CA MET C 532 44.74 -20.54 -21.85
C MET C 532 45.26 -21.44 -20.75
N LEU C 533 45.65 -22.67 -21.10
CA LEU C 533 46.06 -23.66 -20.11
C LEU C 533 47.50 -23.41 -19.65
N TYR C 534 47.74 -22.21 -19.14
CA TYR C 534 49.01 -21.94 -18.48
C TYR C 534 49.07 -22.71 -17.18
N SER C 535 50.28 -22.92 -16.68
CA SER C 535 50.45 -23.58 -15.39
C SER C 535 49.85 -24.98 -15.42
N GLU C 536 49.97 -25.70 -14.29
CA GLU C 536 49.46 -27.05 -14.18
C GLU C 536 48.26 -27.16 -13.25
N ARG C 537 47.98 -26.13 -12.43
CA ARG C 537 46.87 -26.22 -11.49
C ARG C 537 45.52 -26.19 -12.21
N VAL C 538 45.47 -25.57 -13.39
CA VAL C 538 44.20 -25.46 -14.12
C VAL C 538 43.66 -26.85 -14.44
N ASN C 539 44.54 -27.73 -14.95
CA ASN C 539 44.07 -29.05 -15.36
C ASN C 539 43.51 -29.80 -14.16
N SER C 540 44.14 -29.64 -12.99
CA SER C 540 43.64 -30.29 -11.80
C SER C 540 42.26 -29.79 -11.42
N ILE C 541 42.05 -28.47 -11.50
CA ILE C 541 40.73 -27.92 -11.17
C ILE C 541 39.67 -28.47 -12.13
N LEU C 542 39.96 -28.46 -13.42
CA LEU C 542 38.99 -28.95 -14.39
C LEU C 542 38.68 -30.43 -14.17
N LYS C 543 39.71 -31.22 -13.85
CA LYS C 543 39.49 -32.64 -13.60
C LYS C 543 38.59 -32.84 -12.38
N ASN C 544 38.80 -32.05 -11.34
CA ASN C 544 37.95 -32.18 -10.15
C ASN C 544 36.49 -31.84 -10.49
N GLY C 545 36.28 -30.77 -11.26
CA GLY C 545 34.93 -30.45 -11.68
C GLY C 545 34.28 -31.57 -12.46
N ALA C 546 35.02 -32.16 -13.39
CA ALA C 546 34.48 -33.27 -14.18
C ALA C 546 34.12 -34.44 -13.27
N ARG C 547 34.95 -34.73 -12.28
CA ARG C 547 34.65 -35.83 -11.37
C ARG C 547 33.35 -35.58 -10.63
N TYR C 548 33.13 -34.36 -10.15
CA TYR C 548 31.89 -34.08 -9.43
C TYR C 548 30.67 -34.21 -10.35
N VAL C 549 30.80 -33.73 -11.60
CA VAL C 549 29.68 -33.88 -12.54
C VAL C 549 29.36 -35.35 -12.77
N ARG C 550 30.39 -36.17 -12.97
CA ARG C 550 30.15 -37.60 -13.18
C ARG C 550 29.48 -38.22 -11.96
N GLN C 551 29.94 -37.88 -10.76
CA GLN C 551 29.36 -38.47 -9.57
C GLN C 551 27.87 -38.12 -9.46
N VAL C 552 27.51 -36.86 -9.72
CA VAL C 552 26.10 -36.51 -9.66
C VAL C 552 25.32 -37.25 -10.74
N ARG C 553 25.92 -37.45 -11.91
CA ARG C 553 25.22 -38.15 -12.99
C ARG C 553 24.90 -39.59 -12.61
N GLU C 554 25.86 -40.30 -12.01
CA GLU C 554 25.70 -41.74 -11.83
C GLU C 554 24.98 -42.11 -10.54
N SER C 555 25.39 -41.53 -9.41
CA SER C 555 24.85 -41.95 -8.13
C SER C 555 23.34 -41.75 -8.08
N ASP C 556 22.65 -42.67 -7.40
CA ASP C 556 21.20 -42.63 -7.30
C ASP C 556 20.70 -42.12 -5.94
N LYS C 557 21.60 -41.92 -4.98
CA LYS C 557 21.23 -41.42 -3.66
C LYS C 557 21.63 -39.97 -3.43
N SER C 558 22.75 -39.54 -3.99
CA SER C 558 23.19 -38.15 -3.87
C SER C 558 22.32 -37.29 -4.77
N ARG C 559 21.26 -36.72 -4.22
CA ARG C 559 20.32 -35.91 -4.99
C ARG C 559 20.59 -34.43 -4.87
N LEU C 560 21.65 -34.02 -4.17
CA LEU C 560 22.00 -32.60 -4.08
C LEU C 560 23.48 -32.48 -3.79
N VAL C 561 24.22 -31.84 -4.67
CA VAL C 561 25.64 -31.58 -4.51
C VAL C 561 25.89 -30.10 -4.75
N SER C 562 26.54 -29.44 -3.79
CA SER C 562 26.83 -28.02 -3.89
C SER C 562 28.33 -27.79 -3.68
N LEU C 563 28.88 -26.83 -4.42
CA LEU C 563 30.30 -26.53 -4.39
C LEU C 563 30.50 -25.04 -4.13
N LEU C 564 31.69 -24.72 -3.64
CA LEU C 564 32.12 -23.35 -3.44
C LEU C 564 33.46 -23.17 -4.12
N ILE C 565 33.61 -22.06 -4.85
CA ILE C 565 34.81 -21.77 -5.63
C ILE C 565 35.30 -20.41 -5.18
N HIS C 566 36.26 -20.41 -4.26
CA HIS C 566 36.72 -19.19 -3.62
C HIS C 566 38.20 -18.92 -3.93
N GLY C 567 38.57 -17.64 -3.93
CA GLY C 567 39.93 -17.24 -4.15
C GLY C 567 40.10 -15.73 -4.14
N PRO C 568 41.34 -15.26 -4.35
CA PRO C 568 41.58 -13.82 -4.40
C PRO C 568 40.88 -13.17 -5.58
N ALA C 569 40.60 -11.88 -5.45
CA ALA C 569 39.90 -11.15 -6.50
C ALA C 569 40.72 -11.10 -7.78
N GLY C 570 40.04 -11.26 -8.91
CA GLY C 570 40.71 -11.21 -10.20
C GLY C 570 41.40 -12.49 -10.60
N SER C 571 41.14 -13.60 -9.93
CA SER C 571 41.85 -14.84 -10.18
C SER C 571 41.24 -15.68 -11.29
N GLY C 572 40.02 -15.36 -11.73
CA GLY C 572 39.38 -16.10 -12.81
C GLY C 572 38.50 -17.26 -12.37
N LYS C 573 37.51 -17.02 -11.51
CA LYS C 573 36.66 -18.08 -11.01
C LYS C 573 35.45 -18.33 -11.91
N THR C 574 34.78 -17.26 -12.34
CA THR C 574 33.57 -17.44 -13.14
C THR C 574 33.89 -18.17 -14.44
N ALA C 575 35.03 -17.86 -15.05
CA ALA C 575 35.40 -18.55 -16.28
C ALA C 575 35.53 -20.05 -16.06
N LEU C 576 36.20 -20.46 -14.98
CA LEU C 576 36.34 -21.89 -14.72
C LEU C 576 34.99 -22.54 -14.46
N ALA C 577 34.12 -21.88 -13.67
CA ALA C 577 32.81 -22.44 -13.41
C ALA C 577 32.02 -22.61 -14.71
N ALA C 578 32.05 -21.59 -15.57
CA ALA C 578 31.34 -21.66 -16.83
C ALA C 578 31.90 -22.76 -17.72
N GLU C 579 33.22 -22.92 -17.76
CA GLU C 579 33.82 -23.97 -18.57
C GLU C 579 33.36 -25.34 -18.11
N ILE C 580 33.39 -25.59 -16.79
CA ILE C 580 32.94 -26.88 -16.29
C ILE C 580 31.48 -27.12 -16.65
N ALA C 581 30.63 -26.11 -16.43
CA ALA C 581 29.20 -26.29 -16.70
C ALA C 581 28.96 -26.59 -18.17
N LEU C 582 29.63 -25.86 -19.07
CA LEU C 582 29.43 -26.09 -20.49
C LEU C 582 29.87 -27.49 -20.89
N LYS C 583 31.10 -27.87 -20.53
CA LYS C 583 31.58 -29.18 -20.93
C LYS C 583 30.83 -30.33 -20.27
N SER C 584 30.04 -30.07 -19.22
CA SER C 584 29.29 -31.15 -18.59
C SER C 584 28.35 -31.84 -19.58
N GLY C 585 27.58 -31.06 -20.34
CA GLY C 585 26.65 -31.63 -21.28
C GLY C 585 25.35 -32.09 -20.65
N PHE C 586 24.69 -31.18 -19.89
CA PHE C 586 23.43 -31.48 -19.23
C PHE C 586 22.27 -30.84 -19.99
N PRO C 587 21.06 -31.39 -19.90
CA PRO C 587 19.95 -30.77 -20.62
C PRO C 587 19.60 -29.37 -20.15
N PHE C 588 19.78 -29.08 -18.87
CA PHE C 588 19.23 -27.89 -18.22
C PHE C 588 20.33 -27.15 -17.48
N ILE C 589 20.63 -25.93 -17.92
CA ILE C 589 21.69 -25.12 -17.32
C ILE C 589 21.21 -23.69 -17.17
N ARG C 590 21.41 -23.10 -16.00
CA ARG C 590 21.05 -21.69 -15.81
C ARG C 590 22.10 -20.96 -14.98
N LEU C 591 22.04 -19.62 -15.04
CA LEU C 591 22.99 -18.76 -14.36
C LEU C 591 22.29 -17.55 -13.74
N ILE C 592 22.64 -17.25 -12.48
CA ILE C 592 22.12 -16.09 -11.76
C ILE C 592 23.29 -15.15 -11.51
N SER C 593 23.16 -13.90 -11.91
CA SER C 593 24.26 -12.94 -11.87
C SER C 593 23.73 -11.59 -11.41
N PRO C 594 24.61 -10.72 -10.89
CA PRO C 594 24.16 -9.38 -10.50
C PRO C 594 23.60 -8.58 -11.67
N ASN C 595 24.10 -8.80 -12.89
CA ASN C 595 23.67 -7.98 -14.00
C ASN C 595 22.18 -8.11 -14.23
N GLU C 596 21.66 -9.32 -14.10
CA GLU C 596 20.26 -9.54 -14.42
C GLU C 596 19.35 -8.86 -13.42
N LEU C 597 19.83 -8.58 -12.22
CA LEU C 597 19.00 -8.04 -11.14
C LEU C 597 19.15 -6.53 -10.95
N SER C 598 19.82 -5.84 -11.86
CA SER C 598 20.08 -4.43 -11.65
C SER C 598 18.79 -3.61 -11.75
N GLY C 599 18.62 -2.67 -10.82
CA GLY C 599 17.53 -1.71 -10.86
C GLY C 599 16.23 -2.17 -10.22
N MET C 600 16.06 -3.45 -9.94
CA MET C 600 14.81 -3.94 -9.38
C MET C 600 14.74 -3.67 -7.88
N SER C 601 13.58 -3.94 -7.29
CA SER C 601 13.37 -3.78 -5.85
C SER C 601 13.50 -5.12 -5.15
N GLU C 602 13.55 -5.07 -3.82
CA GLU C 602 13.84 -6.26 -3.03
C GLU C 602 12.83 -7.37 -3.31
N SER C 603 11.54 -7.03 -3.28
CA SER C 603 10.51 -8.04 -3.52
C SER C 603 10.67 -8.65 -4.91
N ALA C 604 10.97 -7.81 -5.90
CA ALA C 604 11.16 -8.32 -7.26
C ALA C 604 12.34 -9.27 -7.32
N LYS C 605 13.44 -8.95 -6.64
CA LYS C 605 14.62 -9.82 -6.65
C LYS C 605 14.29 -11.16 -6.01
N ILE C 606 13.62 -11.15 -4.87
CA ILE C 606 13.26 -12.41 -4.23
C ILE C 606 12.35 -13.23 -5.13
N ALA C 607 11.39 -12.57 -5.79
CA ALA C 607 10.50 -13.28 -6.69
C ALA C 607 11.27 -13.93 -7.82
N TYR C 608 12.22 -13.20 -8.40
CA TYR C 608 13.03 -13.75 -9.49
C TYR C 608 13.82 -14.96 -9.03
N ILE C 609 14.46 -14.87 -7.86
CA ILE C 609 15.25 -15.99 -7.36
C ILE C 609 14.36 -17.20 -7.14
N ASP C 610 13.20 -17.00 -6.54
CA ASP C 610 12.31 -18.11 -6.25
C ASP C 610 11.83 -18.76 -7.54
N ASN C 611 11.45 -17.95 -8.53
CA ASN C 611 11.00 -18.49 -9.80
C ASN C 611 12.10 -19.31 -10.47
N THR C 612 13.32 -18.78 -10.51
CA THR C 612 14.42 -19.51 -11.16
C THR C 612 14.68 -20.83 -10.44
N PHE C 613 14.67 -20.83 -9.11
CA PHE C 613 14.92 -22.07 -8.39
C PHE C 613 13.77 -23.06 -8.57
N ARG C 614 12.56 -22.58 -8.80
CA ARG C 614 11.45 -23.50 -9.04
C ARG C 614 11.49 -24.12 -10.43
N ASP C 615 11.93 -23.36 -11.44
CA ASP C 615 12.02 -23.93 -12.78
C ASP C 615 12.99 -25.11 -12.86
N ALA C 616 13.89 -25.26 -11.90
CA ALA C 616 14.93 -26.28 -11.99
C ALA C 616 14.53 -27.61 -11.37
N TYR C 617 13.33 -27.70 -10.79
CA TYR C 617 12.88 -28.92 -10.13
C TYR C 617 12.20 -29.90 -11.06
N LYS C 618 12.13 -29.61 -12.36
CA LYS C 618 11.67 -30.57 -13.34
C LYS C 618 12.88 -31.25 -13.98
N SER C 619 12.63 -32.22 -14.85
CA SER C 619 13.70 -32.92 -15.54
C SER C 619 14.56 -33.70 -14.56
N PRO C 620 15.32 -34.71 -15.01
CA PRO C 620 16.11 -35.53 -14.08
C PRO C 620 17.57 -35.10 -13.92
N LEU C 621 17.99 -33.98 -14.51
CA LEU C 621 19.38 -33.53 -14.42
C LEU C 621 19.39 -32.01 -14.56
N ASN C 622 20.10 -31.32 -13.66
CA ASN C 622 20.05 -29.86 -13.63
C ASN C 622 21.39 -29.29 -13.20
N ILE C 623 21.65 -28.04 -13.61
CA ILE C 623 22.84 -27.31 -13.19
C ILE C 623 22.50 -25.83 -13.05
N LEU C 624 23.00 -25.23 -11.97
CA LEU C 624 22.78 -23.83 -11.66
C LEU C 624 24.10 -23.20 -11.24
N VAL C 625 24.37 -22.01 -11.75
CA VAL C 625 25.59 -21.29 -11.44
C VAL C 625 25.20 -19.98 -10.78
N ILE C 626 25.55 -19.82 -9.51
CA ILE C 626 25.29 -18.60 -8.75
C ILE C 626 26.61 -17.84 -8.67
N ASP C 627 26.59 -16.59 -9.15
CA ASP C 627 27.81 -15.83 -9.38
C ASP C 627 27.95 -14.71 -8.36
N SER C 628 29.12 -14.61 -7.75
CA SER C 628 29.48 -13.49 -6.88
C SER C 628 28.46 -13.33 -5.74
N LEU C 629 28.47 -14.33 -4.84
CA LEU C 629 27.45 -14.38 -3.79
C LEU C 629 27.46 -13.13 -2.94
N GLU C 630 28.64 -12.60 -2.61
CA GLU C 630 28.69 -11.52 -1.62
C GLU C 630 28.07 -10.23 -2.12
N THR C 631 28.01 -10.02 -3.43
CA THR C 631 27.43 -8.81 -3.99
C THR C 631 25.95 -8.96 -4.33
N LEU C 632 25.37 -10.15 -4.17
CA LEU C 632 23.94 -10.31 -4.35
C LEU C 632 23.16 -9.85 -3.13
N VAL C 633 23.83 -9.67 -1.99
CA VAL C 633 23.20 -9.29 -0.74
C VAL C 633 23.58 -7.88 -0.31
N ASP C 634 24.19 -7.11 -1.20
CA ASP C 634 24.53 -5.71 -0.95
C ASP C 634 25.45 -5.54 0.26
N TRP C 635 26.65 -6.10 0.15
CA TRP C 635 27.60 -6.03 1.25
C TRP C 635 28.49 -4.81 1.11
N VAL C 636 28.74 -4.12 2.23
CA VAL C 636 29.68 -3.01 2.29
C VAL C 636 30.24 -2.97 3.71
N PRO C 637 31.56 -2.92 3.90
CA PRO C 637 32.14 -3.20 5.21
C PRO C 637 32.14 -2.03 6.18
N ILE C 638 31.66 -0.86 5.79
CA ILE C 638 31.68 0.29 6.70
C ILE C 638 30.70 0.10 7.84
N GLY C 639 29.51 -0.41 7.56
CA GLY C 639 28.50 -0.54 8.58
C GLY C 639 28.81 -1.61 9.62
N PRO C 640 28.79 -2.88 9.21
CA PRO C 640 28.52 -3.41 7.87
C PRO C 640 27.05 -3.34 7.51
N ARG C 641 26.73 -3.19 6.24
CA ARG C 641 25.36 -3.18 5.76
C ARG C 641 25.16 -4.35 4.82
N PHE C 642 23.95 -4.92 4.83
CA PHE C 642 23.59 -5.95 3.86
C PHE C 642 22.10 -6.22 4.01
N SER C 643 21.58 -7.07 3.14
CA SER C 643 20.16 -7.40 3.12
C SER C 643 19.96 -8.75 3.78
N ASN C 644 19.16 -8.77 4.85
CA ASN C 644 18.94 -10.03 5.56
C ASN C 644 17.95 -10.91 4.81
N ASN C 645 16.97 -10.32 4.14
CA ASN C 645 15.95 -11.11 3.47
C ASN C 645 16.54 -11.99 2.37
N ILE C 646 17.31 -11.39 1.47
CA ILE C 646 17.90 -12.15 0.37
C ILE C 646 18.85 -13.21 0.91
N LEU C 647 19.65 -12.85 1.92
CA LEU C 647 20.57 -13.82 2.49
C LEU C 647 19.83 -15.02 3.04
N GLN C 648 18.73 -14.78 3.77
CA GLN C 648 17.99 -15.90 4.33
C GLN C 648 17.34 -16.74 3.23
N MET C 649 16.82 -16.08 2.20
CA MET C 649 16.22 -16.83 1.09
C MET C 649 17.23 -17.75 0.43
N LEU C 650 18.44 -17.24 0.15
CA LEU C 650 19.46 -18.09 -0.45
C LEU C 650 19.87 -19.21 0.51
N LYS C 651 20.01 -18.89 1.80
CA LYS C 651 20.42 -19.90 2.76
C LYS C 651 19.41 -21.04 2.85
N VAL C 652 18.12 -20.73 2.71
CA VAL C 652 17.12 -21.79 2.72
C VAL C 652 16.97 -22.47 1.36
N ALA C 653 17.39 -21.81 0.28
CA ALA C 653 17.23 -22.41 -1.04
C ALA C 653 18.35 -23.39 -1.35
N LEU C 654 19.53 -23.21 -0.75
CA LEU C 654 20.67 -24.07 -1.08
C LEU C 654 20.72 -25.34 -0.23
N LYS C 655 19.62 -25.71 0.42
CA LYS C 655 19.58 -26.96 1.18
C LYS C 655 18.28 -27.73 0.98
N ARG C 656 17.41 -27.30 0.08
CA ARG C 656 16.14 -27.97 -0.16
C ARG C 656 16.31 -29.01 -1.26
N LYS C 657 16.12 -30.27 -0.90
CA LYS C 657 16.24 -31.34 -1.88
C LYS C 657 15.13 -31.24 -2.93
N PRO C 658 15.44 -31.49 -4.19
CA PRO C 658 14.42 -31.40 -5.24
C PRO C 658 13.38 -32.50 -5.05
N PRO C 659 12.32 -32.51 -5.86
CA PRO C 659 11.30 -33.56 -5.73
C PRO C 659 11.91 -34.94 -5.93
N GLN C 660 11.10 -35.95 -5.66
CA GLN C 660 11.58 -37.33 -5.71
C GLN C 660 12.01 -37.68 -7.14
N ASP C 661 13.14 -38.38 -7.24
CA ASP C 661 13.74 -38.73 -8.54
C ASP C 661 14.16 -37.49 -9.33
N ARG C 662 15.06 -36.71 -8.73
CA ARG C 662 15.69 -35.60 -9.43
C ARG C 662 17.03 -35.31 -8.77
N ARG C 663 17.87 -34.57 -9.48
CA ARG C 663 19.21 -34.23 -9.01
C ARG C 663 19.55 -32.80 -9.39
N LEU C 664 20.44 -32.19 -8.62
CA LEU C 664 20.91 -30.84 -8.84
C LEU C 664 22.39 -30.75 -8.52
N LEU C 665 23.06 -29.79 -9.15
CA LEU C 665 24.45 -29.48 -8.88
C LEU C 665 24.61 -27.98 -8.88
N ILE C 666 24.83 -27.39 -7.70
CA ILE C 666 24.89 -25.95 -7.54
C ILE C 666 26.36 -25.57 -7.32
N MET C 667 26.90 -24.74 -8.20
CA MET C 667 28.26 -24.24 -8.08
C MET C 667 28.20 -22.75 -7.82
N THR C 668 28.77 -22.30 -6.69
CA THR C 668 28.69 -20.89 -6.33
C THR C 668 30.10 -20.37 -6.10
N THR C 669 30.41 -19.23 -6.70
CA THR C 669 31.71 -18.60 -6.58
C THR C 669 31.66 -17.48 -5.55
N THR C 670 32.84 -17.11 -5.06
CA THR C 670 32.91 -16.02 -4.10
C THR C 670 34.34 -15.50 -4.05
N SER C 671 34.49 -14.30 -3.48
CA SER C 671 35.80 -13.70 -3.35
C SER C 671 36.06 -13.09 -1.98
N ALA C 672 35.21 -13.37 -1.00
CA ALA C 672 35.31 -12.81 0.34
C ALA C 672 35.11 -13.90 1.40
N TYR C 673 35.79 -15.02 1.21
CA TYR C 673 35.61 -16.20 2.05
C TYR C 673 35.40 -15.87 3.53
N SER C 674 36.20 -14.95 4.07
CA SER C 674 36.11 -14.63 5.49
C SER C 674 34.74 -14.09 5.86
N VAL C 675 34.18 -13.22 5.01
CA VAL C 675 32.87 -12.66 5.30
C VAL C 675 31.82 -13.76 5.39
N LEU C 676 31.84 -14.69 4.42
CA LEU C 676 30.93 -15.83 4.49
C LEU C 676 31.16 -16.64 5.75
N GLN C 677 32.40 -16.73 6.21
CA GLN C 677 32.65 -17.43 7.47
C GLN C 677 31.97 -16.74 8.64
N GLN C 678 32.05 -15.41 8.70
CA GLN C 678 31.47 -14.67 9.82
C GLN C 678 29.95 -14.80 9.86
N MET C 679 29.29 -14.76 8.70
CA MET C 679 27.84 -14.84 8.66
C MET C 679 27.32 -16.19 9.16
N ASP C 680 28.19 -17.19 9.31
CA ASP C 680 27.79 -18.52 9.74
C ASP C 680 27.00 -19.25 8.65
N ILE C 681 27.34 -19.00 7.39
CA ILE C 681 26.69 -19.61 6.25
C ILE C 681 27.56 -20.68 5.59
N LEU C 682 28.67 -21.06 6.22
CA LEU C 682 29.60 -21.98 5.60
C LEU C 682 29.19 -23.44 5.78
N SER C 683 27.97 -23.69 6.24
CA SER C 683 27.44 -25.04 6.38
C SER C 683 26.57 -25.45 5.21
N CYS C 684 26.12 -24.50 4.39
CA CYS C 684 25.29 -24.83 3.24
C CYS C 684 26.09 -25.58 2.19
N PHE C 685 27.38 -25.31 2.07
CA PHE C 685 28.20 -25.89 1.04
C PHE C 685 28.79 -27.22 1.48
N ASP C 686 29.30 -27.96 0.51
CA ASP C 686 29.77 -29.33 0.71
C ASP C 686 31.26 -29.49 0.45
N ASN C 687 31.82 -28.78 -0.53
CA ASN C 687 33.24 -28.89 -0.83
C ASN C 687 33.75 -27.59 -1.43
N GLU C 688 35.00 -27.27 -1.12
CA GLU C 688 35.63 -26.03 -1.55
C GLU C 688 36.65 -26.30 -2.66
N ILE C 689 36.85 -25.28 -3.48
CA ILE C 689 37.84 -25.30 -4.55
C ILE C 689 38.56 -23.96 -4.55
N ALA C 690 39.86 -23.99 -4.29
CA ALA C 690 40.67 -22.78 -4.21
C ALA C 690 41.32 -22.51 -5.56
N VAL C 691 41.46 -21.24 -5.89
CA VAL C 691 42.01 -20.83 -7.18
C VAL C 691 43.16 -19.85 -6.97
N PRO C 692 44.36 -20.30 -6.61
CA PRO C 692 45.46 -19.37 -6.40
C PRO C 692 45.87 -18.71 -7.71
N ASN C 693 46.41 -17.51 -7.59
CA ASN C 693 46.87 -16.73 -8.73
C ASN C 693 48.35 -16.96 -9.01
N MET C 694 48.76 -16.63 -10.23
CA MET C 694 50.09 -16.98 -10.70
C MET C 694 51.17 -16.33 -9.83
N THR C 695 52.26 -17.07 -9.60
CA THR C 695 53.38 -16.60 -8.78
C THR C 695 54.72 -16.63 -9.50
N ASN C 696 54.98 -17.67 -10.29
CA ASN C 696 56.29 -17.84 -10.93
C ASN C 696 56.39 -16.89 -12.12
N LEU C 697 57.47 -17.02 -12.88
CA LEU C 697 57.71 -16.16 -14.03
C LEU C 697 57.60 -16.89 -15.37
N ASP C 698 57.53 -18.22 -15.37
CA ASP C 698 57.30 -18.94 -16.61
C ASP C 698 55.85 -18.86 -17.05
N GLU C 699 54.92 -18.73 -16.10
CA GLU C 699 53.52 -18.59 -16.46
C GLU C 699 53.30 -17.33 -17.28
N LEU C 700 53.98 -16.25 -16.92
CA LEU C 700 53.92 -15.03 -17.72
C LEU C 700 54.41 -15.30 -19.13
N ASN C 701 55.48 -16.09 -19.28
CA ASN C 701 55.98 -16.42 -20.61
C ASN C 701 54.96 -17.20 -21.40
N ASN C 702 54.27 -18.16 -20.77
CA ASN C 702 53.25 -18.91 -21.48
C ASN C 702 52.11 -18.01 -21.92
N VAL C 703 51.68 -17.10 -21.05
CA VAL C 703 50.59 -16.19 -21.40
C VAL C 703 50.99 -15.31 -22.58
N MET C 704 52.21 -14.77 -22.53
CA MET C 704 52.69 -13.93 -23.63
C MET C 704 52.81 -14.71 -24.93
N ILE C 705 53.25 -15.98 -24.86
CA ILE C 705 53.33 -16.81 -26.06
C ILE C 705 51.95 -17.01 -26.65
N GLU C 706 50.95 -17.29 -25.81
CA GLU C 706 49.61 -17.54 -26.31
C GLU C 706 48.85 -16.26 -26.62
N SER C 707 49.40 -15.08 -26.31
CA SER C 707 48.76 -13.81 -26.66
C SER C 707 49.39 -13.13 -27.86
N ASN C 708 50.59 -13.55 -28.30
CA ASN C 708 51.28 -12.96 -29.43
C ASN C 708 51.62 -11.49 -29.18
N PHE C 709 52.33 -11.25 -28.08
CA PHE C 709 52.69 -9.88 -27.72
C PHE C 709 53.81 -9.36 -28.62
N LEU C 710 54.97 -10.02 -28.58
CA LEU C 710 56.10 -9.65 -29.42
C LEU C 710 56.63 -10.87 -30.17
N ASP C 711 57.77 -10.75 -30.83
CA ASP C 711 58.47 -11.91 -31.34
C ASP C 711 59.17 -12.62 -30.18
N ASP C 712 59.76 -13.78 -30.48
CA ASP C 712 60.45 -14.54 -29.44
C ASP C 712 61.49 -13.67 -28.75
N ALA C 713 62.23 -12.86 -29.53
CA ALA C 713 63.23 -12.00 -28.94
C ALA C 713 62.61 -11.03 -27.94
N GLY C 714 61.45 -10.48 -28.27
CA GLY C 714 60.79 -9.54 -27.36
C GLY C 714 60.41 -10.18 -26.04
N ARG C 715 59.82 -11.38 -26.09
CA ARG C 715 59.54 -12.10 -24.87
C ARG C 715 60.82 -12.32 -24.07
N VAL C 716 61.90 -12.65 -24.77
CA VAL C 716 63.17 -12.89 -24.08
C VAL C 716 63.60 -11.64 -23.32
N LYS C 717 63.57 -10.48 -23.97
CA LYS C 717 64.07 -9.28 -23.31
C LYS C 717 63.16 -8.89 -22.15
N VAL C 718 61.84 -8.99 -22.33
CA VAL C 718 60.94 -8.60 -21.25
C VAL C 718 61.15 -9.49 -20.03
N ILE C 719 61.27 -10.80 -20.24
CA ILE C 719 61.46 -11.68 -19.09
C ILE C 719 62.82 -11.45 -18.44
N ASN C 720 63.85 -11.21 -19.25
CA ASN C 720 65.17 -10.95 -18.70
C ASN C 720 65.15 -9.71 -17.82
N GLU C 721 64.53 -8.63 -18.30
CA GLU C 721 64.51 -7.42 -17.50
C GLU C 721 63.64 -7.61 -16.26
N LEU C 722 62.49 -8.27 -16.40
CA LEU C 722 61.59 -8.44 -15.27
C LEU C 722 62.25 -9.24 -14.16
N SER C 723 63.21 -10.10 -14.51
CA SER C 723 63.87 -10.89 -13.48
C SER C 723 64.59 -10.02 -12.47
N ARG C 724 65.05 -8.84 -12.90
CA ARG C 724 65.87 -7.98 -12.07
C ARG C 724 65.07 -7.10 -11.11
N SER C 725 63.80 -6.82 -11.40
CA SER C 725 63.02 -5.85 -10.66
C SER C 725 61.65 -6.40 -10.27
N CYS C 726 61.58 -7.68 -9.90
CA CYS C 726 60.29 -8.23 -9.50
C CYS C 726 60.46 -9.47 -8.62
N PRO C 727 60.48 -9.32 -7.30
CA PRO C 727 60.50 -10.48 -6.42
C PRO C 727 59.09 -10.89 -6.02
N ASN C 728 58.94 -12.18 -5.75
CA ASN C 728 57.66 -12.79 -5.37
C ASN C 728 56.52 -12.20 -6.22
N PHE C 729 56.70 -12.30 -7.53
CA PHE C 729 55.72 -11.80 -8.48
C PHE C 729 54.36 -12.45 -8.22
N ASN C 730 53.32 -11.60 -8.12
CA ASN C 730 51.99 -12.08 -7.75
C ASN C 730 50.96 -11.06 -8.25
N VAL C 731 50.27 -11.38 -9.35
CA VAL C 731 49.39 -10.42 -9.99
C VAL C 731 47.96 -10.94 -10.20
N GLY C 732 47.80 -12.06 -10.87
CA GLY C 732 46.48 -12.53 -11.29
C GLY C 732 46.31 -12.34 -12.79
N ILE C 733 45.63 -13.29 -13.44
CA ILE C 733 45.60 -13.33 -14.90
C ILE C 733 44.76 -12.20 -15.48
N LYS C 734 43.62 -11.90 -14.86
CA LYS C 734 42.72 -10.91 -15.44
C LYS C 734 43.42 -9.57 -15.61
N LYS C 735 44.30 -9.23 -14.68
CA LYS C 735 45.07 -7.99 -14.80
C LYS C 735 46.19 -8.12 -15.83
N THR C 736 46.83 -9.29 -15.90
CA THR C 736 47.92 -9.47 -16.84
C THR C 736 47.47 -9.28 -18.28
N LEU C 737 46.31 -9.85 -18.62
CA LEU C 737 45.83 -9.73 -19.99
C LEU C 737 45.55 -8.27 -20.34
N THR C 738 44.94 -7.53 -19.41
CA THR C 738 44.67 -6.11 -19.67
C THR C 738 45.97 -5.33 -19.84
N ASN C 739 46.98 -5.63 -19.01
CA ASN C 739 48.24 -4.91 -19.14
C ASN C 739 48.90 -5.20 -20.49
N ILE C 740 48.87 -6.45 -20.94
CA ILE C 740 49.42 -6.75 -22.26
C ILE C 740 48.66 -6.01 -23.35
N GLU C 741 47.32 -6.01 -23.24
CA GLU C 741 46.51 -5.36 -24.26
C GLU C 741 46.83 -3.88 -24.35
N THR C 742 46.95 -3.21 -23.21
CA THR C 742 47.19 -1.77 -23.28
C THR C 742 48.63 -1.48 -23.64
N ALA C 743 49.57 -2.37 -23.28
CA ALA C 743 50.96 -2.14 -23.59
C ALA C 743 51.28 -2.40 -25.05
N ARG C 744 50.35 -2.98 -25.80
CA ARG C 744 50.64 -3.26 -27.21
C ARG C 744 50.72 -2.00 -28.05
N HIS C 745 50.21 -0.87 -27.56
CA HIS C 745 50.15 0.38 -28.33
C HIS C 745 51.26 1.37 -27.95
N ASP C 746 51.50 1.58 -26.66
CA ASP C 746 52.38 2.67 -26.24
C ASP C 746 53.83 2.37 -26.59
N GLU C 747 54.40 1.32 -25.99
CA GLU C 747 55.79 0.94 -26.26
C GLU C 747 55.88 -0.57 -26.08
N ASP C 748 55.75 -1.29 -27.19
CA ASP C 748 55.87 -2.74 -27.14
C ASP C 748 57.22 -3.20 -26.60
N PRO C 749 58.31 -2.44 -26.70
CA PRO C 749 59.53 -2.82 -25.98
C PRO C 749 59.27 -3.00 -24.49
N VAL C 750 60.31 -3.46 -23.80
CA VAL C 750 60.15 -3.92 -22.42
C VAL C 750 59.56 -2.82 -21.54
N ASN C 751 59.94 -1.56 -21.79
CA ASN C 751 59.72 -0.51 -20.80
C ASN C 751 58.28 -0.47 -20.32
N GLU C 752 57.32 -0.43 -21.24
CA GLU C 752 55.94 -0.22 -20.85
C GLU C 752 55.41 -1.40 -20.04
N LEU C 753 55.64 -2.62 -20.53
CA LEU C 753 55.13 -3.79 -19.83
C LEU C 753 55.76 -3.92 -18.44
N VAL C 754 57.07 -3.68 -18.34
CA VAL C 754 57.75 -3.76 -17.05
C VAL C 754 57.17 -2.73 -16.09
N GLU C 755 56.99 -1.49 -16.56
CA GLU C 755 56.46 -0.44 -15.70
C GLU C 755 55.06 -0.80 -15.21
N LEU C 756 54.20 -1.26 -16.12
CA LEU C 756 52.84 -1.58 -15.73
C LEU C 756 52.79 -2.74 -14.75
N MET C 757 53.58 -3.79 -15.00
CA MET C 757 53.53 -4.95 -14.13
C MET C 757 54.16 -4.68 -12.78
N THR C 758 55.12 -3.74 -12.72
CA THR C 758 55.67 -3.35 -11.42
C THR C 758 54.66 -2.52 -10.64
N GLN C 759 54.01 -1.57 -11.31
CA GLN C 759 53.07 -0.70 -10.62
C GLN C 759 51.78 -1.42 -10.25
N SER C 760 51.45 -2.52 -10.91
CA SER C 760 50.21 -3.25 -10.64
C SER C 760 50.39 -4.35 -9.61
N ALA C 761 51.55 -4.99 -9.57
CA ALA C 761 51.79 -6.07 -8.63
C ALA C 761 51.70 -5.57 -7.19
N SER D 221 -61.22 -34.54 16.34
CA SER D 221 -60.39 -35.73 16.53
C SER D 221 -60.59 -36.33 17.92
N SER D 222 -61.87 -36.50 18.28
CA SER D 222 -62.29 -37.06 19.57
C SER D 222 -61.26 -36.82 20.68
N ASN D 223 -61.00 -37.83 21.50
CA ASN D 223 -59.96 -37.78 22.54
C ASN D 223 -58.76 -38.65 22.17
N SER D 224 -58.47 -38.73 20.87
CA SER D 224 -57.36 -39.54 20.39
C SER D 224 -56.05 -38.79 20.57
N LEU D 225 -55.05 -39.47 21.14
CA LEU D 225 -53.72 -38.90 21.29
C LEU D 225 -52.78 -39.62 20.33
N ARG D 226 -53.22 -39.77 19.08
CA ARG D 226 -52.46 -40.44 18.03
C ARG D 226 -51.78 -39.39 17.16
N PRO D 227 -50.80 -39.80 16.34
CA PRO D 227 -50.19 -38.83 15.41
C PRO D 227 -51.21 -38.28 14.42
N ARG D 228 -50.76 -37.27 13.69
CA ARG D 228 -51.60 -36.58 12.72
C ARG D 228 -51.77 -37.40 11.45
N SER D 229 -52.76 -37.00 10.63
CA SER D 229 -53.05 -37.72 9.39
C SER D 229 -51.87 -37.72 8.43
N ASN D 230 -51.02 -36.68 8.50
CA ASN D 230 -49.93 -36.48 7.56
C ASN D 230 -48.59 -36.31 8.26
N ALA D 231 -48.47 -36.80 9.49
CA ALA D 231 -47.29 -36.52 10.32
C ALA D 231 -46.01 -36.74 9.52
N VAL D 232 -45.25 -35.66 9.36
CA VAL D 232 -44.31 -35.54 8.25
C VAL D 232 -43.30 -36.67 8.26
N ILE D 233 -42.69 -36.96 9.41
CA ILE D 233 -41.52 -37.81 9.47
C ILE D 233 -41.86 -39.30 9.43
N ARG D 234 -43.07 -39.63 9.00
CA ARG D 234 -43.45 -41.02 8.76
C ARG D 234 -43.46 -41.79 10.09
N PRO D 235 -44.23 -42.87 10.19
CA PRO D 235 -44.29 -43.63 11.45
C PRO D 235 -43.01 -44.38 11.79
N ASP D 236 -42.50 -45.16 10.83
CA ASP D 236 -41.32 -45.99 11.02
C ASP D 236 -40.18 -45.47 10.14
N PHE D 237 -39.13 -44.95 10.78
CA PHE D 237 -38.02 -44.35 10.07
C PHE D 237 -36.75 -44.49 10.90
N LYS D 238 -35.65 -44.88 10.26
CA LYS D 238 -34.39 -45.14 10.93
C LYS D 238 -33.27 -44.40 10.21
N PHE D 239 -32.27 -43.96 10.97
CA PHE D 239 -31.12 -43.31 10.36
C PHE D 239 -30.34 -44.26 9.45
N GLU D 240 -30.57 -45.57 9.58
CA GLU D 240 -29.84 -46.52 8.74
C GLU D 240 -30.29 -46.45 7.29
N ASP D 241 -31.56 -46.12 7.03
CA ASP D 241 -32.04 -46.08 5.66
C ASP D 241 -31.84 -44.74 4.97
N LEU D 242 -31.36 -43.71 5.68
CA LEU D 242 -31.08 -42.45 5.00
C LEU D 242 -30.00 -42.63 3.94
N GLY D 243 -28.95 -43.37 4.25
CA GLY D 243 -27.86 -43.58 3.33
C GLY D 243 -26.68 -42.65 3.54
N VAL D 244 -26.49 -42.13 4.73
CA VAL D 244 -25.35 -41.25 5.04
C VAL D 244 -24.54 -41.92 6.14
N GLY D 245 -23.27 -42.17 5.85
CA GLY D 245 -22.37 -42.76 6.82
C GLY D 245 -21.65 -41.73 7.65
N GLY D 246 -21.27 -42.13 8.86
CA GLY D 246 -20.71 -41.18 9.78
C GLY D 246 -21.82 -40.25 10.22
N LEU D 247 -21.43 -39.23 10.98
CA LEU D 247 -22.38 -38.22 11.42
C LEU D 247 -23.59 -38.87 12.08
N ASP D 248 -23.34 -39.59 13.15
CA ASP D 248 -24.41 -40.25 13.88
C ASP D 248 -24.84 -39.46 15.11
N LYS D 249 -24.16 -38.35 15.40
CA LYS D 249 -24.53 -37.44 16.48
C LYS D 249 -25.19 -36.18 15.95
N GLU D 250 -24.72 -35.65 14.82
CA GLU D 250 -25.35 -34.48 14.22
C GLU D 250 -26.81 -34.77 13.88
N PHE D 251 -27.10 -35.98 13.42
CA PHE D 251 -28.48 -36.32 13.06
C PHE D 251 -29.40 -36.28 14.27
N THR D 252 -28.96 -36.81 15.41
CA THR D 252 -29.76 -36.67 16.62
C THR D 252 -30.10 -35.20 16.85
N LYS D 253 -29.07 -34.37 17.06
CA LYS D 253 -29.29 -32.96 17.36
C LYS D 253 -30.27 -32.33 16.37
N ILE D 254 -30.08 -32.58 15.07
CA ILE D 254 -30.92 -31.96 14.05
C ILE D 254 -32.37 -32.37 14.25
N PHE D 255 -32.62 -33.66 14.37
CA PHE D 255 -34.00 -34.13 14.43
C PHE D 255 -34.66 -33.75 15.75
N ARG D 256 -33.90 -33.73 16.85
CA ARG D 256 -34.44 -33.31 18.12
C ARG D 256 -34.87 -31.85 18.09
N ARG D 257 -34.01 -30.98 17.57
CA ARG D 257 -34.31 -29.55 17.66
C ARG D 257 -35.32 -29.10 16.60
N ALA D 258 -35.33 -29.71 15.42
CA ALA D 258 -36.14 -29.21 14.31
C ALA D 258 -37.47 -29.95 14.17
N PHE D 259 -37.43 -31.27 14.00
CA PHE D 259 -38.62 -32.05 13.68
C PHE D 259 -39.24 -32.74 14.87
N ALA D 260 -38.78 -32.44 16.09
CA ALA D 260 -39.34 -33.12 17.26
C ALA D 260 -40.72 -32.58 17.65
N SER D 261 -41.07 -31.38 17.20
CA SER D 261 -42.28 -30.69 17.62
C SER D 261 -43.40 -30.75 16.59
N ARG D 262 -43.18 -31.39 15.44
CA ARG D 262 -44.20 -31.50 14.41
C ARG D 262 -44.85 -32.87 14.36
N ILE D 263 -44.46 -33.81 15.23
CA ILE D 263 -45.02 -35.14 15.25
C ILE D 263 -45.74 -35.38 16.57
N PHE D 264 -46.34 -34.33 17.11
CA PHE D 264 -46.90 -34.32 18.44
C PHE D 264 -48.33 -33.80 18.35
N PRO D 265 -49.24 -34.27 19.19
CA PRO D 265 -50.64 -33.83 19.10
C PRO D 265 -50.73 -32.32 19.15
N PRO D 266 -51.47 -31.70 18.22
CA PRO D 266 -51.47 -30.23 18.16
C PRO D 266 -51.97 -29.57 19.43
N SER D 267 -52.88 -30.21 20.17
CA SER D 267 -53.39 -29.60 21.39
C SER D 267 -52.30 -29.37 22.41
N VAL D 268 -51.41 -30.35 22.59
CA VAL D 268 -50.36 -30.22 23.59
C VAL D 268 -49.38 -29.11 23.21
N ILE D 269 -48.95 -29.09 21.95
CA ILE D 269 -48.00 -28.07 21.51
C ILE D 269 -48.64 -26.69 21.59
N GLU D 270 -49.94 -26.59 21.31
CA GLU D 270 -50.63 -25.32 21.51
C GLU D 270 -50.66 -24.92 22.97
N LYS D 271 -50.87 -25.89 23.88
CA LYS D 271 -50.85 -25.57 25.30
C LYS D 271 -49.48 -25.04 25.74
N LEU D 272 -48.40 -25.66 25.26
CA LEU D 272 -47.08 -25.21 25.68
C LEU D 272 -46.79 -23.80 25.20
N GLY D 273 -47.50 -23.32 24.18
CA GLY D 273 -47.35 -21.96 23.72
C GLY D 273 -45.98 -21.64 23.16
N ILE D 274 -45.47 -22.54 22.30
CA ILE D 274 -44.22 -22.30 21.59
C ILE D 274 -44.47 -22.35 20.09
N SER D 275 -43.43 -22.07 19.30
CA SER D 275 -43.52 -22.08 17.85
C SER D 275 -42.38 -22.90 17.26
N HIS D 276 -42.66 -23.52 16.11
CA HIS D 276 -41.70 -24.40 15.47
C HIS D 276 -40.53 -23.60 14.88
N VAL D 277 -39.33 -24.16 14.97
CA VAL D 277 -38.17 -23.50 14.39
C VAL D 277 -38.28 -23.48 12.87
N LYS D 278 -37.68 -22.47 12.23
CA LYS D 278 -37.78 -22.28 10.80
C LYS D 278 -36.42 -21.97 10.14
N GLY D 279 -35.33 -22.50 10.69
CA GLY D 279 -34.03 -22.29 10.08
C GLY D 279 -33.14 -23.48 10.31
N LEU D 280 -32.11 -23.59 9.47
CA LEU D 280 -31.15 -24.69 9.59
C LEU D 280 -29.94 -24.36 8.72
N LEU D 281 -28.74 -24.43 9.28
CA LEU D 281 -27.52 -24.10 8.56
C LEU D 281 -26.51 -25.24 8.71
N LEU D 282 -25.85 -25.60 7.61
CA LEU D 282 -24.85 -26.68 7.63
C LEU D 282 -23.58 -26.15 6.99
N TYR D 283 -22.49 -26.15 7.76
CA TYR D 283 -21.23 -25.58 7.26
C TYR D 283 -20.05 -26.48 7.59
N GLY D 284 -19.01 -26.38 6.75
CA GLY D 284 -17.81 -27.18 6.92
C GLY D 284 -16.90 -27.13 5.70
N PRO D 285 -15.82 -27.90 5.73
CA PRO D 285 -14.87 -27.86 4.61
C PRO D 285 -15.42 -28.61 3.40
N PRO D 286 -14.78 -28.47 2.24
CA PRO D 286 -15.34 -29.10 1.03
C PRO D 286 -15.32 -30.62 1.09
N GLY D 287 -16.41 -31.21 0.60
CA GLY D 287 -16.48 -32.64 0.39
C GLY D 287 -16.92 -33.49 1.56
N THR D 288 -17.46 -32.89 2.61
CA THR D 288 -17.79 -33.63 3.83
C THR D 288 -19.21 -34.18 3.84
N GLY D 289 -20.06 -33.81 2.89
CA GLY D 289 -21.41 -34.36 2.82
C GLY D 289 -22.49 -33.46 3.37
N LYS D 290 -22.44 -32.18 3.04
CA LYS D 290 -23.42 -31.20 3.53
C LYS D 290 -24.50 -30.88 2.51
N THR D 291 -24.43 -31.47 1.31
CA THR D 291 -25.50 -31.39 0.32
C THR D 291 -26.26 -32.69 0.16
N LEU D 292 -25.64 -33.82 0.48
CA LEU D 292 -26.36 -35.08 0.51
C LEU D 292 -27.47 -35.01 1.55
N ILE D 293 -27.17 -34.42 2.70
CA ILE D 293 -28.15 -34.32 3.78
C ILE D 293 -29.35 -33.50 3.32
N ALA D 294 -29.10 -32.37 2.65
CA ALA D 294 -30.21 -31.52 2.21
C ALA D 294 -31.08 -32.25 1.21
N ARG D 295 -30.48 -32.95 0.25
CA ARG D 295 -31.25 -33.69 -0.74
C ARG D 295 -32.12 -34.75 -0.05
N LYS D 296 -31.52 -35.53 0.85
CA LYS D 296 -32.28 -36.61 1.48
C LYS D 296 -33.38 -36.07 2.39
N ILE D 297 -33.12 -35.00 3.12
CA ILE D 297 -34.17 -34.38 3.93
C ILE D 297 -35.31 -33.91 3.06
N GLY D 298 -34.99 -33.30 1.91
CA GLY D 298 -36.04 -32.83 1.03
C GLY D 298 -36.87 -33.94 0.43
N THR D 299 -36.24 -35.06 0.11
CA THR D 299 -36.93 -36.12 -0.63
C THR D 299 -37.66 -37.13 0.25
N MET D 300 -37.25 -37.33 1.50
CA MET D 300 -37.72 -38.44 2.31
C MET D 300 -38.72 -38.04 3.38
N LEU D 301 -39.30 -36.83 3.31
CA LEU D 301 -40.06 -36.31 4.43
C LEU D 301 -41.54 -36.08 4.15
N ASN D 302 -42.09 -36.64 3.08
CA ASN D 302 -43.53 -36.57 2.83
C ASN D 302 -44.05 -35.13 2.94
N ALA D 303 -43.30 -34.20 2.37
CA ALA D 303 -43.70 -32.81 2.30
C ALA D 303 -43.89 -32.41 0.84
N LYS D 304 -44.23 -31.15 0.61
CA LYS D 304 -44.35 -30.66 -0.75
C LYS D 304 -42.97 -30.69 -1.42
N GLU D 305 -42.97 -30.52 -2.74
CA GLU D 305 -41.72 -30.59 -3.45
C GLU D 305 -40.80 -29.46 -2.98
N PRO D 306 -39.52 -29.73 -2.78
CA PRO D 306 -38.61 -28.66 -2.35
C PRO D 306 -38.45 -27.61 -3.43
N LYS D 307 -38.12 -26.39 -3.01
CA LYS D 307 -37.94 -25.28 -3.93
C LYS D 307 -36.46 -24.92 -3.96
N ILE D 308 -35.71 -25.62 -4.81
CA ILE D 308 -34.26 -25.46 -4.87
C ILE D 308 -33.91 -24.16 -5.55
N VAL D 309 -32.98 -23.41 -4.95
CA VAL D 309 -32.47 -22.19 -5.58
C VAL D 309 -30.95 -22.24 -5.53
N ASN D 310 -30.32 -22.19 -6.70
CA ASN D 310 -28.86 -22.13 -6.78
C ASN D 310 -28.39 -20.76 -6.30
N GLY D 311 -27.08 -20.64 -6.07
CA GLY D 311 -26.59 -19.53 -5.29
C GLY D 311 -27.01 -18.17 -5.79
N PRO D 312 -26.41 -17.69 -6.89
CA PRO D 312 -26.81 -16.40 -7.48
C PRO D 312 -27.84 -16.51 -8.60
N GLU D 313 -28.95 -17.19 -8.34
CA GLU D 313 -30.02 -17.30 -9.34
C GLU D 313 -31.11 -16.28 -9.14
N ILE D 314 -30.95 -15.36 -8.19
CA ILE D 314 -31.98 -14.38 -7.89
C ILE D 314 -31.79 -13.10 -8.69
N LEU D 315 -30.55 -12.65 -8.86
CA LEU D 315 -30.28 -11.36 -9.47
C LEU D 315 -30.95 -11.25 -10.82
N SER D 316 -31.32 -10.02 -11.19
CA SER D 316 -31.94 -9.76 -12.48
C SER D 316 -31.65 -8.31 -12.88
N LYS D 317 -31.83 -8.05 -14.17
CA LYS D 317 -31.40 -6.76 -14.74
C LYS D 317 -32.28 -5.61 -14.27
N TYR D 318 -33.58 -5.68 -14.58
CA TYR D 318 -34.47 -4.54 -14.38
C TYR D 318 -34.53 -4.14 -12.92
N VAL D 319 -34.58 -2.84 -12.66
CA VAL D 319 -34.60 -2.36 -11.29
C VAL D 319 -35.86 -2.87 -10.60
N GLY D 320 -35.70 -3.36 -9.37
CA GLY D 320 -36.83 -3.82 -8.60
C GLY D 320 -37.31 -5.21 -8.92
N SER D 321 -36.57 -5.99 -9.71
CA SER D 321 -36.92 -7.37 -10.01
C SER D 321 -36.07 -8.37 -9.26
N SER D 322 -34.88 -7.98 -8.79
CA SER D 322 -34.11 -8.88 -7.94
C SER D 322 -34.82 -9.12 -6.62
N GLU D 323 -35.42 -8.07 -6.05
CA GLU D 323 -36.12 -8.20 -4.78
C GLU D 323 -37.41 -9.01 -4.95
N GLU D 324 -38.09 -8.84 -6.08
CA GLU D 324 -39.33 -9.56 -6.30
C GLU D 324 -39.10 -11.06 -6.42
N ASN D 325 -37.98 -11.47 -7.00
CA ASN D 325 -37.72 -12.90 -7.16
C ASN D 325 -37.52 -13.60 -5.83
N ILE D 326 -37.21 -12.87 -4.75
CA ILE D 326 -36.99 -13.46 -3.44
C ILE D 326 -38.22 -13.40 -2.55
N ARG D 327 -39.30 -12.79 -3.02
CA ARG D 327 -40.56 -12.80 -2.29
C ARG D 327 -41.65 -13.54 -3.05
N ASN D 328 -41.32 -14.10 -4.21
CA ASN D 328 -42.21 -15.01 -4.93
C ASN D 328 -41.98 -16.46 -4.53
N LEU D 329 -41.07 -16.71 -3.60
CA LEU D 329 -40.84 -18.06 -3.08
C LEU D 329 -41.75 -18.38 -1.92
N PHE D 330 -42.20 -17.38 -1.17
CA PHE D 330 -43.03 -17.59 0.00
C PHE D 330 -44.52 -17.46 -0.30
N LYS D 331 -44.91 -17.19 -1.55
CA LYS D 331 -46.30 -16.85 -1.81
C LYS D 331 -47.23 -18.04 -1.53
N ASP D 332 -46.83 -19.25 -1.92
CA ASP D 332 -47.71 -20.40 -1.73
C ASP D 332 -47.85 -20.74 -0.25
N ALA D 333 -46.79 -20.61 0.53
CA ALA D 333 -46.88 -20.86 1.96
C ALA D 333 -47.91 -19.96 2.60
N GLU D 334 -47.85 -18.66 2.30
CA GLU D 334 -48.85 -17.72 2.81
C GLU D 334 -50.23 -18.01 2.27
N ALA D 335 -50.31 -18.45 1.00
CA ALA D 335 -51.62 -18.76 0.43
C ALA D 335 -52.30 -19.90 1.17
N GLU D 336 -51.54 -20.94 1.52
CA GLU D 336 -52.13 -22.07 2.23
C GLU D 336 -52.37 -21.76 3.71
N TYR D 337 -51.46 -21.01 4.34
CA TYR D 337 -51.60 -20.73 5.77
C TYR D 337 -52.84 -19.89 6.08
N ARG D 338 -53.32 -19.12 5.10
CA ARG D 338 -54.51 -18.30 5.35
C ARG D 338 -55.78 -19.11 5.36
N ALA D 339 -55.82 -20.22 4.61
CA ALA D 339 -57.04 -20.99 4.43
C ALA D 339 -57.16 -22.11 5.45
N LYS D 340 -56.16 -23.00 5.51
CA LYS D 340 -56.26 -24.21 6.31
C LYS D 340 -55.60 -24.08 7.67
N GLY D 341 -55.23 -22.86 8.08
CA GLY D 341 -54.74 -22.65 9.43
C GLY D 341 -53.55 -23.54 9.77
N GLU D 342 -53.67 -24.26 10.88
CA GLU D 342 -52.59 -25.08 11.42
C GLU D 342 -52.66 -26.53 10.94
N GLU D 343 -53.26 -26.78 9.79
CA GLU D 343 -53.32 -28.13 9.22
C GLU D 343 -52.59 -28.21 7.89
N SER D 344 -51.80 -27.19 7.55
CA SER D 344 -51.08 -27.18 6.29
C SER D 344 -49.88 -28.13 6.34
N SER D 345 -49.44 -28.55 5.16
CA SER D 345 -48.29 -29.42 5.03
C SER D 345 -47.01 -28.61 4.92
N LEU D 346 -45.92 -29.19 5.39
CA LEU D 346 -44.64 -28.50 5.42
C LEU D 346 -44.19 -28.09 4.02
N HIS D 347 -43.77 -26.83 3.88
CA HIS D 347 -43.13 -26.30 2.68
C HIS D 347 -41.65 -26.06 2.98
N ILE D 348 -40.77 -26.56 2.10
CA ILE D 348 -39.33 -26.49 2.33
C ILE D 348 -38.64 -25.88 1.11
N ILE D 349 -37.73 -24.93 1.36
CA ILE D 349 -36.94 -24.31 0.29
C ILE D 349 -35.48 -24.27 0.70
N ILE D 350 -34.61 -24.71 -0.22
CA ILE D 350 -33.20 -24.90 0.11
C ILE D 350 -32.38 -23.93 -0.72
N PHE D 351 -31.60 -23.10 -0.02
CA PHE D 351 -30.68 -22.15 -0.63
C PHE D 351 -29.33 -22.83 -0.77
N ASP D 352 -28.77 -22.81 -1.98
CA ASP D 352 -27.46 -23.39 -2.21
C ASP D 352 -26.41 -22.29 -2.29
N GLU D 353 -25.26 -22.52 -1.68
CA GLU D 353 -24.17 -21.55 -1.67
C GLU D 353 -24.65 -20.19 -1.15
N LEU D 354 -25.05 -20.20 0.13
CA LEU D 354 -25.73 -19.04 0.71
C LEU D 354 -24.84 -17.81 0.68
N ASP D 355 -23.57 -17.95 1.01
CA ASP D 355 -22.72 -16.79 1.28
C ASP D 355 -22.38 -15.98 0.05
N SER D 356 -22.91 -16.32 -1.14
CA SER D 356 -22.55 -15.57 -2.33
C SER D 356 -23.25 -14.21 -2.37
N VAL D 357 -24.53 -14.18 -2.02
CA VAL D 357 -25.34 -12.96 -2.13
C VAL D 357 -25.51 -12.27 -0.79
N PHE D 358 -25.84 -13.03 0.26
CA PHE D 358 -26.20 -12.46 1.56
C PHE D 358 -24.95 -12.14 2.39
N LYS D 359 -24.11 -11.27 1.85
CA LYS D 359 -22.95 -10.81 2.58
C LYS D 359 -23.33 -9.70 3.56
N GLN D 360 -22.38 -9.35 4.44
CA GLN D 360 -22.58 -8.26 5.39
C GLN D 360 -22.86 -6.96 4.65
N ARG D 361 -24.08 -6.44 4.80
CA ARG D 361 -24.45 -5.18 4.17
C ARG D 361 -23.69 -4.02 4.79
N GLY D 362 -23.22 -3.10 3.94
CA GLY D 362 -22.47 -1.96 4.42
C GLY D 362 -21.17 -1.74 3.68
N SER D 363 -20.70 -2.75 2.95
CA SER D 363 -19.48 -2.62 2.16
C SER D 363 -19.80 -1.92 0.84
N ARG D 364 -18.84 -1.94 -0.09
CA ARG D 364 -19.01 -1.38 -1.42
C ARG D 364 -18.65 -2.48 -2.42
N GLY D 365 -19.65 -3.30 -2.76
CA GLY D 365 -19.41 -4.47 -3.57
C GLY D 365 -19.54 -4.26 -5.07
N ASP D 366 -20.68 -3.75 -5.51
CA ASP D 366 -20.98 -3.68 -6.94
C ASP D 366 -20.99 -2.25 -7.49
N GLY D 367 -21.47 -1.29 -6.71
CA GLY D 367 -21.68 0.06 -7.19
C GLY D 367 -23.08 0.34 -7.65
N THR D 368 -24.02 -0.57 -7.42
CA THR D 368 -25.43 -0.39 -7.72
C THR D 368 -26.30 -0.47 -6.48
N GLY D 369 -26.04 -1.43 -5.61
CA GLY D 369 -26.76 -1.56 -4.36
C GLY D 369 -27.89 -2.57 -4.42
N VAL D 370 -27.63 -3.73 -5.01
CA VAL D 370 -28.64 -4.78 -5.08
C VAL D 370 -28.52 -5.73 -3.91
N GLY D 371 -27.30 -6.08 -3.50
CA GLY D 371 -27.14 -7.04 -2.42
C GLY D 371 -27.83 -6.60 -1.14
N ASP D 372 -27.74 -5.32 -0.80
CA ASP D 372 -28.37 -4.82 0.41
C ASP D 372 -29.89 -4.98 0.34
N ASN D 373 -30.49 -4.69 -0.82
CA ASN D 373 -31.93 -4.83 -0.93
C ASN D 373 -32.37 -6.29 -0.80
N VAL D 374 -31.62 -7.21 -1.42
CA VAL D 374 -31.97 -8.63 -1.28
C VAL D 374 -31.87 -9.06 0.17
N VAL D 375 -30.80 -8.65 0.87
CA VAL D 375 -30.65 -9.02 2.26
C VAL D 375 -31.81 -8.46 3.08
N ASN D 376 -32.20 -7.21 2.83
CA ASN D 376 -33.29 -6.60 3.58
C ASN D 376 -34.60 -7.33 3.33
N GLN D 377 -34.86 -7.71 2.07
CA GLN D 377 -36.10 -8.43 1.79
C GLN D 377 -36.14 -9.76 2.52
N LEU D 378 -35.03 -10.50 2.51
CA LEU D 378 -35.03 -11.78 3.24
C LEU D 378 -35.21 -11.56 4.74
N LEU D 379 -34.55 -10.54 5.28
CA LEU D 379 -34.73 -10.23 6.70
C LEU D 379 -36.19 -9.97 7.03
N ALA D 380 -36.86 -9.18 6.20
CA ALA D 380 -38.24 -8.80 6.48
C ALA D 380 -39.23 -9.92 6.21
N LYS D 381 -38.86 -10.91 5.40
CA LYS D 381 -39.78 -12.00 5.09
C LYS D 381 -39.63 -13.21 6.00
N MET D 382 -38.44 -13.42 6.57
CA MET D 382 -38.27 -14.58 7.44
C MET D 382 -38.99 -14.41 8.77
N ASP D 383 -38.92 -13.22 9.37
CA ASP D 383 -39.60 -12.94 10.63
C ASP D 383 -40.72 -11.92 10.44
N GLY D 384 -40.41 -10.74 9.93
CA GLY D 384 -41.42 -9.79 9.50
C GLY D 384 -42.48 -9.45 10.52
N VAL D 385 -43.59 -8.90 10.03
CA VAL D 385 -44.72 -8.49 10.85
C VAL D 385 -45.91 -9.42 10.66
N ASP D 386 -45.78 -10.43 9.81
CA ASP D 386 -46.83 -11.41 9.57
C ASP D 386 -46.27 -12.80 9.85
N GLN D 387 -47.08 -13.64 10.48
CA GLN D 387 -46.64 -14.96 10.91
C GLN D 387 -46.93 -15.99 9.84
N LEU D 388 -45.98 -16.91 9.64
CA LEU D 388 -46.14 -17.99 8.66
C LEU D 388 -46.21 -19.35 9.32
N ASN D 389 -45.19 -19.74 10.10
CA ASN D 389 -45.26 -20.87 11.02
C ASN D 389 -45.50 -22.21 10.31
N ASN D 390 -45.34 -22.29 8.99
CA ASN D 390 -45.43 -23.59 8.32
C ASN D 390 -44.39 -23.71 7.21
N ILE D 391 -43.22 -23.10 7.39
CA ILE D 391 -42.19 -23.04 6.36
C ILE D 391 -40.85 -23.45 6.97
N LEU D 392 -39.95 -23.93 6.11
CA LEU D 392 -38.61 -24.33 6.53
C LEU D 392 -37.64 -24.02 5.41
N VAL D 393 -36.47 -23.48 5.76
CA VAL D 393 -35.45 -23.13 4.78
C VAL D 393 -34.14 -23.75 5.24
N ILE D 394 -33.42 -24.37 4.31
CA ILE D 394 -32.13 -24.98 4.62
C ILE D 394 -31.01 -24.22 3.92
N GLY D 395 -29.90 -24.00 4.63
CA GLY D 395 -28.77 -23.32 4.03
C GLY D 395 -27.49 -24.14 4.05
N MET D 396 -26.57 -23.81 3.15
CA MET D 396 -25.30 -24.50 3.01
C MET D 396 -24.21 -23.52 2.63
N THR D 397 -23.00 -23.74 3.13
CA THR D 397 -21.91 -22.81 2.87
C THR D 397 -20.59 -23.43 3.33
N ASN D 398 -19.49 -22.81 2.88
CA ASN D 398 -18.15 -23.17 3.32
C ASN D 398 -17.48 -22.11 4.17
N ARG D 399 -18.01 -20.89 4.17
CA ARG D 399 -17.46 -19.78 4.94
C ARG D 399 -18.62 -19.14 5.71
N LYS D 400 -18.64 -19.34 7.02
CA LYS D 400 -19.73 -18.89 7.86
C LYS D 400 -19.45 -17.55 8.54
N ASP D 401 -18.31 -16.92 8.26
CA ASP D 401 -17.97 -15.63 8.85
C ASP D 401 -18.38 -14.46 7.99
N LEU D 402 -18.89 -14.70 6.78
CA LEU D 402 -19.33 -13.64 5.89
C LEU D 402 -20.84 -13.43 5.88
N ILE D 403 -21.61 -14.37 6.43
CA ILE D 403 -23.06 -14.21 6.45
C ILE D 403 -23.40 -13.01 7.33
N ASP D 404 -24.40 -12.23 6.90
CA ASP D 404 -24.79 -11.06 7.66
C ASP D 404 -25.23 -11.47 9.05
N SER D 405 -24.88 -10.66 10.05
CA SER D 405 -25.14 -11.04 11.44
C SER D 405 -26.63 -11.18 11.72
N ALA D 406 -27.44 -10.27 11.22
CA ALA D 406 -28.86 -10.28 11.56
C ALA D 406 -29.55 -11.57 11.17
N LEU D 407 -28.99 -12.31 10.20
CA LEU D 407 -29.59 -13.57 9.79
C LEU D 407 -29.45 -14.66 10.85
N LEU D 408 -28.39 -14.63 11.65
CA LEU D 408 -28.08 -15.73 12.55
C LEU D 408 -28.75 -15.61 13.91
N ARG D 409 -29.56 -14.59 14.13
CA ARG D 409 -30.28 -14.44 15.39
C ARG D 409 -31.34 -15.54 15.52
N PRO D 410 -31.60 -16.03 16.74
CA PRO D 410 -32.68 -17.00 16.90
C PRO D 410 -34.00 -16.43 16.40
N GLY D 411 -34.77 -17.29 15.73
CA GLY D 411 -35.90 -16.88 14.94
C GLY D 411 -35.61 -16.92 13.45
N ARG D 412 -34.33 -16.89 13.09
CA ARG D 412 -33.86 -17.04 11.71
C ARG D 412 -32.57 -17.83 11.77
N PHE D 413 -32.54 -18.99 11.14
CA PHE D 413 -31.35 -19.85 11.14
C PHE D 413 -30.87 -20.11 12.57
N GLU D 414 -31.75 -20.76 13.35
CA GLU D 414 -31.41 -21.05 14.74
C GLU D 414 -30.34 -22.11 14.85
N VAL D 415 -30.64 -23.32 14.36
CA VAL D 415 -29.76 -24.46 14.53
C VAL D 415 -28.64 -24.35 13.51
N GLN D 416 -27.39 -24.36 13.99
CA GLN D 416 -26.22 -24.32 13.13
C GLN D 416 -25.36 -25.54 13.44
N VAL D 417 -25.02 -26.29 12.40
CA VAL D 417 -24.29 -27.54 12.56
C VAL D 417 -23.04 -27.51 11.71
N GLU D 418 -21.95 -28.05 12.25
CA GLU D 418 -20.69 -28.18 11.55
C GLU D 418 -20.47 -29.62 11.14
N ILE D 419 -20.17 -29.83 9.87
CA ILE D 419 -19.92 -31.16 9.31
C ILE D 419 -18.42 -31.26 9.04
N HIS D 420 -17.73 -32.12 9.77
CA HIS D 420 -16.27 -32.23 9.65
C HIS D 420 -15.87 -33.63 9.18
N LEU D 421 -14.57 -33.80 8.95
CA LEU D 421 -14.05 -35.03 8.38
C LEU D 421 -14.34 -36.21 9.31
N PRO D 422 -14.44 -37.42 8.77
CA PRO D 422 -14.86 -38.57 9.59
C PRO D 422 -13.71 -39.15 10.39
N ASP D 423 -14.06 -40.08 11.28
CA ASP D 423 -13.11 -40.85 12.05
C ASP D 423 -12.99 -42.25 11.46
N GLU D 424 -12.20 -43.10 12.12
CA GLU D 424 -11.98 -44.44 11.56
C GLU D 424 -13.27 -45.23 11.45
N LYS D 425 -14.13 -45.16 12.48
CA LYS D 425 -15.43 -45.82 12.38
C LYS D 425 -16.28 -45.16 11.30
N GLY D 426 -16.21 -43.84 11.17
CA GLY D 426 -16.90 -43.18 10.09
C GLY D 426 -16.41 -43.64 8.73
N ARG D 427 -15.10 -43.79 8.59
CA ARG D 427 -14.54 -44.27 7.32
C ARG D 427 -15.04 -45.68 7.03
N LEU D 428 -15.10 -46.54 8.04
CA LEU D 428 -15.61 -47.88 7.82
C LEU D 428 -17.07 -47.85 7.37
N GLN D 429 -17.89 -47.00 8.00
CA GLN D 429 -19.29 -46.92 7.60
C GLN D 429 -19.42 -46.44 6.16
N ILE D 430 -18.63 -45.43 5.77
CA ILE D 430 -18.71 -44.92 4.40
C ILE D 430 -18.29 -46.00 3.41
N PHE D 431 -17.22 -46.73 3.73
CA PHE D 431 -16.77 -47.79 2.82
C PHE D 431 -17.84 -48.86 2.68
N ASP D 432 -18.52 -49.20 3.77
CA ASP D 432 -19.60 -50.18 3.66
C ASP D 432 -20.74 -49.66 2.79
N ILE D 433 -21.11 -48.39 2.93
CA ILE D 433 -22.22 -47.84 2.16
C ILE D 433 -21.89 -47.81 0.67
N GLN D 434 -20.68 -47.35 0.31
CA GLN D 434 -20.36 -47.16 -1.10
C GLN D 434 -20.35 -48.49 -1.85
N THR D 435 -19.69 -49.50 -1.30
CA THR D 435 -19.55 -50.81 -1.95
C THR D 435 -20.64 -51.76 -1.49
N LYS D 436 -21.90 -51.41 -1.76
CA LYS D 436 -23.02 -52.26 -1.37
C LYS D 436 -23.53 -53.08 -2.55
N LYS D 437 -23.94 -52.42 -3.63
CA LYS D 437 -24.40 -53.16 -4.79
C LYS D 437 -23.31 -54.05 -5.36
N MET D 438 -22.07 -53.55 -5.37
CA MET D 438 -20.95 -54.35 -5.83
C MET D 438 -20.90 -55.69 -5.11
N ARG D 439 -21.05 -55.67 -3.79
CA ARG D 439 -21.00 -56.91 -3.01
C ARG D 439 -22.22 -57.80 -3.25
N GLU D 440 -23.41 -57.22 -3.19
CA GLU D 440 -24.63 -58.03 -3.22
C GLU D 440 -24.91 -58.61 -4.60
N ASN D 441 -24.20 -58.18 -5.63
CA ASN D 441 -24.29 -58.78 -6.96
C ASN D 441 -23.09 -59.69 -7.23
N ASN D 442 -22.38 -60.11 -6.18
CA ASN D 442 -21.27 -61.04 -6.31
C ASN D 442 -20.24 -60.51 -7.31
N MET D 443 -19.93 -59.23 -7.19
CA MET D 443 -19.00 -58.55 -8.09
C MET D 443 -17.74 -58.09 -7.37
N MET D 444 -17.52 -58.55 -6.15
CA MET D 444 -16.35 -58.18 -5.36
C MET D 444 -15.66 -59.44 -4.88
N SER D 445 -14.35 -59.49 -5.02
CA SER D 445 -13.61 -60.68 -4.64
C SER D 445 -13.77 -60.96 -3.15
N ASP D 446 -13.32 -62.14 -2.74
CA ASP D 446 -13.37 -62.55 -1.35
C ASP D 446 -12.08 -62.24 -0.61
N ASP D 447 -11.18 -61.51 -1.26
CA ASP D 447 -9.88 -61.19 -0.69
C ASP D 447 -9.91 -59.82 0.00
N VAL D 448 -10.65 -58.86 -0.55
CA VAL D 448 -10.64 -57.51 -0.01
C VAL D 448 -11.16 -57.54 1.42
N ASN D 449 -10.46 -56.84 2.32
CA ASN D 449 -10.85 -56.71 3.72
C ASN D 449 -11.07 -55.23 4.01
N LEU D 450 -12.33 -54.84 4.23
CA LEU D 450 -12.67 -53.42 4.32
C LEU D 450 -12.02 -52.75 5.53
N ALA D 451 -11.77 -53.50 6.61
CA ALA D 451 -11.12 -52.90 7.78
C ALA D 451 -9.72 -52.42 7.44
N GLU D 452 -8.96 -53.22 6.68
CA GLU D 452 -7.62 -52.80 6.29
C GLU D 452 -7.66 -51.54 5.45
N LEU D 453 -8.60 -51.47 4.50
CA LEU D 453 -8.72 -50.27 3.67
C LEU D 453 -9.08 -49.05 4.50
N ALA D 454 -10.03 -49.19 5.43
CA ALA D 454 -10.37 -48.09 6.31
C ALA D 454 -9.17 -47.65 7.15
N ALA D 455 -8.28 -48.58 7.47
CA ALA D 455 -7.07 -48.21 8.20
C ALA D 455 -6.03 -47.52 7.34
N LEU D 456 -5.93 -47.88 6.06
CA LEU D 456 -4.90 -47.31 5.19
C LEU D 456 -5.21 -45.88 4.77
N THR D 457 -6.48 -45.57 4.50
CA THR D 457 -6.88 -44.23 4.08
C THR D 457 -7.02 -43.33 5.31
N LYS D 458 -5.95 -42.60 5.62
CA LYS D 458 -5.90 -41.92 6.91
C LYS D 458 -6.71 -40.63 6.93
N ASN D 459 -6.46 -39.71 6.01
CA ASN D 459 -7.13 -38.41 6.04
C ASN D 459 -8.16 -38.27 4.92
N PHE D 460 -8.54 -39.35 4.28
CA PHE D 460 -9.55 -39.27 3.23
C PHE D 460 -10.83 -38.68 3.79
N SER D 461 -11.39 -37.71 3.07
CA SER D 461 -12.69 -37.16 3.40
C SER D 461 -13.78 -38.08 2.88
N GLY D 462 -15.03 -37.62 2.93
CA GLY D 462 -16.13 -38.44 2.46
C GLY D 462 -16.24 -38.56 0.97
N ALA D 463 -15.74 -37.58 0.22
CA ALA D 463 -15.89 -37.55 -1.23
C ALA D 463 -14.73 -38.19 -1.98
N GLU D 464 -13.72 -38.69 -1.26
CA GLU D 464 -12.59 -39.33 -1.90
C GLU D 464 -12.65 -40.85 -1.83
N ILE D 465 -13.46 -41.41 -0.93
CA ILE D 465 -13.67 -42.86 -0.96
C ILE D 465 -14.45 -43.24 -2.20
N GLU D 466 -15.39 -42.40 -2.63
CA GLU D 466 -16.07 -42.61 -3.90
C GLU D 466 -15.07 -42.60 -5.05
N GLY D 467 -14.13 -41.65 -5.02
CA GLY D 467 -13.09 -41.63 -6.04
C GLY D 467 -12.24 -42.89 -6.02
N LEU D 468 -11.94 -43.39 -4.82
CA LEU D 468 -11.18 -44.63 -4.72
C LEU D 468 -11.92 -45.78 -5.37
N VAL D 469 -13.23 -45.91 -5.10
CA VAL D 469 -13.99 -47.01 -5.69
C VAL D 469 -14.03 -46.88 -7.21
N LYS D 470 -14.23 -45.65 -7.71
CA LYS D 470 -14.27 -45.46 -9.16
C LYS D 470 -12.94 -45.85 -9.81
N SER D 471 -11.83 -45.45 -9.20
CA SER D 471 -10.53 -45.78 -9.77
C SER D 471 -10.28 -47.29 -9.76
N ALA D 472 -10.65 -47.96 -8.66
CA ALA D 472 -10.49 -49.42 -8.60
C ALA D 472 -11.32 -50.11 -9.68
N SER D 473 -12.56 -49.67 -9.87
CA SER D 473 -13.39 -50.27 -10.91
C SER D 473 -12.78 -50.05 -12.29
N SER D 474 -12.24 -48.86 -12.53
CA SER D 474 -11.61 -48.60 -13.82
C SER D 474 -10.41 -49.52 -14.04
N PHE D 475 -9.60 -49.73 -13.00
CA PHE D 475 -8.47 -50.65 -13.12
C PHE D 475 -8.95 -52.05 -13.47
N ALA D 476 -10.01 -52.52 -12.81
CA ALA D 476 -10.50 -53.86 -13.09
C ALA D 476 -11.11 -53.98 -14.48
N ILE D 477 -11.68 -52.90 -15.00
CA ILE D 477 -12.31 -52.94 -16.31
C ILE D 477 -11.26 -52.90 -17.41
N ASN D 478 -10.18 -52.15 -17.20
CA ASN D 478 -9.20 -51.94 -18.26
C ASN D 478 -8.45 -53.22 -18.64
N LYS D 479 -8.55 -54.30 -17.86
CA LYS D 479 -7.87 -55.53 -18.19
C LYS D 479 -8.56 -56.31 -19.30
N THR D 480 -9.75 -55.89 -19.73
CA THR D 480 -10.50 -56.60 -20.75
C THR D 480 -10.62 -55.80 -22.05
N VAL D 481 -11.13 -54.58 -21.98
CA VAL D 481 -11.37 -53.80 -23.20
C VAL D 481 -10.05 -53.43 -23.88
N ASN D 482 -9.03 -53.09 -23.09
CA ASN D 482 -7.72 -52.73 -23.62
C ASN D 482 -7.85 -51.52 -24.56
N ILE D 483 -8.34 -50.43 -23.99
CA ILE D 483 -8.63 -49.22 -24.76
C ILE D 483 -7.34 -48.65 -25.33
N GLY D 484 -7.23 -48.63 -26.66
CA GLY D 484 -6.12 -48.01 -27.35
C GLY D 484 -5.22 -48.98 -28.07
N LYS D 485 -4.91 -50.11 -27.44
CA LYS D 485 -4.07 -51.10 -28.08
C LYS D 485 -4.83 -51.87 -29.15
N GLY D 486 -6.07 -52.27 -28.85
CA GLY D 486 -6.89 -53.01 -29.78
C GLY D 486 -8.23 -53.39 -29.19
N ALA D 487 -9.30 -53.19 -29.96
CA ALA D 487 -10.65 -53.48 -29.52
C ALA D 487 -11.01 -54.93 -29.87
N THR D 488 -12.29 -55.27 -29.73
CA THR D 488 -12.88 -56.56 -30.06
C THR D 488 -12.52 -57.61 -29.02
N LYS D 489 -11.68 -57.29 -28.03
CA LYS D 489 -11.41 -58.22 -26.95
C LYS D 489 -12.57 -58.33 -25.97
N LEU D 490 -13.52 -57.40 -26.04
CA LEU D 490 -14.73 -57.47 -25.22
C LEU D 490 -15.57 -58.64 -25.68
N ASN D 491 -15.64 -59.70 -24.88
CA ASN D 491 -16.41 -60.88 -25.22
C ASN D 491 -17.03 -61.45 -23.96
N THR D 492 -18.07 -62.26 -24.16
CA THR D 492 -18.89 -62.71 -23.03
C THR D 492 -18.03 -63.40 -21.96
N LYS D 493 -17.05 -64.20 -22.38
CA LYS D 493 -16.23 -64.92 -21.40
C LYS D 493 -15.50 -63.94 -20.50
N ASP D 494 -14.92 -62.89 -21.07
CA ASP D 494 -14.12 -61.97 -20.27
C ASP D 494 -14.97 -61.15 -19.32
N ILE D 495 -16.18 -60.75 -19.74
CA ILE D 495 -17.03 -59.88 -18.92
C ILE D 495 -18.02 -60.64 -18.06
N ALA D 496 -18.04 -61.97 -18.12
CA ALA D 496 -18.96 -62.76 -17.32
C ALA D 496 -18.37 -63.19 -15.98
N LYS D 497 -17.13 -62.78 -15.69
CA LYS D 497 -16.48 -63.12 -14.42
C LYS D 497 -15.73 -61.93 -13.85
N LEU D 498 -16.20 -60.71 -14.14
CA LEU D 498 -15.56 -59.53 -13.61
C LEU D 498 -15.57 -59.56 -12.08
N LYS D 499 -14.44 -59.20 -11.48
CA LYS D 499 -14.32 -59.25 -10.02
C LYS D 499 -13.21 -58.29 -9.60
N VAL D 500 -13.55 -57.31 -8.77
CA VAL D 500 -12.55 -56.37 -8.26
C VAL D 500 -11.78 -57.05 -7.14
N THR D 501 -10.47 -57.19 -7.32
CA THR D 501 -9.62 -57.86 -6.34
C THR D 501 -9.02 -56.83 -5.38
N ARG D 502 -8.05 -57.27 -4.57
CA ARG D 502 -7.37 -56.37 -3.64
C ARG D 502 -6.26 -55.58 -4.31
N GLU D 503 -5.56 -56.18 -5.28
CA GLU D 503 -4.49 -55.45 -5.96
C GLU D 503 -5.01 -54.18 -6.62
N ASP D 504 -6.26 -54.19 -7.08
CA ASP D 504 -6.81 -53.00 -7.72
C ASP D 504 -6.88 -51.83 -6.75
N PHE D 505 -7.30 -52.08 -5.51
CA PHE D 505 -7.39 -50.99 -4.54
C PHE D 505 -6.00 -50.44 -4.22
N LEU D 506 -5.01 -51.32 -4.06
CA LEU D 506 -3.66 -50.85 -3.77
C LEU D 506 -3.10 -50.03 -4.93
N ASN D 507 -3.36 -50.46 -6.17
CA ASN D 507 -2.94 -49.66 -7.31
C ASN D 507 -3.66 -48.31 -7.35
N ALA D 508 -4.96 -48.31 -7.03
CA ALA D 508 -5.72 -47.07 -7.05
C ALA D 508 -5.25 -46.10 -5.98
N LEU D 509 -4.74 -46.60 -4.86
CA LEU D 509 -4.21 -45.69 -3.85
C LEU D 509 -3.09 -44.80 -4.37
N ASN D 510 -2.57 -45.06 -5.56
CA ASN D 510 -1.57 -44.20 -6.20
C ASN D 510 -2.17 -43.14 -7.10
N ASP D 511 -3.48 -43.16 -7.33
CA ASP D 511 -4.15 -42.18 -8.18
C ASP D 511 -4.85 -41.09 -7.38
N VAL D 512 -5.64 -41.47 -6.38
CA VAL D 512 -6.31 -40.52 -5.50
C VAL D 512 -5.38 -40.21 -4.33
N THR D 513 -5.22 -38.93 -4.02
CA THR D 513 -4.36 -38.50 -2.92
C THR D 513 -5.12 -37.51 -2.06
N PRO D 514 -4.99 -37.58 -0.73
CA PRO D 514 -5.70 -36.65 0.13
C PRO D 514 -5.37 -35.20 -0.22
N ALA D 515 -6.19 -34.29 0.32
CA ALA D 515 -5.94 -32.87 0.22
C ALA D 515 -5.62 -32.23 1.56
N PHE D 516 -6.07 -32.81 2.67
CA PHE D 516 -5.69 -32.33 3.99
C PHE D 516 -4.47 -33.02 4.54
N GLY D 517 -4.25 -34.29 4.18
CA GLY D 517 -3.09 -35.02 4.62
C GLY D 517 -1.89 -34.78 3.71
N ILE D 518 -1.44 -33.53 3.63
CA ILE D 518 -0.31 -33.14 2.79
C ILE D 518 0.93 -32.84 3.61
N SER D 519 0.83 -32.93 4.94
CA SER D 519 1.97 -32.66 5.82
C SER D 519 2.51 -33.91 6.51
N GLU D 520 1.76 -35.02 6.51
CA GLU D 520 2.32 -36.26 7.03
C GLU D 520 3.31 -36.86 6.03
N GLU D 521 3.13 -36.59 4.74
CA GLU D 521 4.11 -37.05 3.76
C GLU D 521 5.46 -36.40 3.98
N ASP D 522 5.49 -35.10 4.30
CA ASP D 522 6.75 -34.44 4.58
C ASP D 522 7.44 -35.05 5.80
N LEU D 523 6.68 -35.30 6.86
CA LEU D 523 7.25 -35.99 8.01
C LEU D 523 7.80 -37.34 7.62
N LYS D 524 7.10 -38.05 6.73
CA LYS D 524 7.58 -39.35 6.27
C LYS D 524 8.85 -39.22 5.44
N THR D 525 9.05 -38.09 4.77
CA THR D 525 10.24 -37.87 3.95
C THR D 525 11.44 -37.39 4.77
N CYS D 526 11.24 -36.95 6.01
CA CYS D 526 12.36 -36.51 6.83
C CYS D 526 13.18 -37.66 7.40
N VAL D 527 12.61 -38.85 7.47
CA VAL D 527 13.32 -40.02 7.99
C VAL D 527 13.63 -40.98 6.85
N GLU D 528 13.77 -40.44 5.64
CA GLU D 528 14.04 -41.28 4.47
C GLU D 528 15.38 -42.00 4.62
N GLY D 529 16.38 -41.35 5.22
CA GLY D 529 17.67 -41.98 5.38
C GLY D 529 17.64 -43.24 6.24
N GLY D 530 16.61 -43.42 7.04
CA GLY D 530 16.45 -44.61 7.85
C GLY D 530 17.05 -44.46 9.23
N MET D 531 16.46 -45.19 10.18
CA MET D 531 16.93 -45.18 11.57
C MET D 531 17.81 -46.39 11.83
N MET D 532 18.98 -46.15 12.40
CA MET D 532 19.92 -47.19 12.79
C MET D 532 20.25 -46.99 14.26
N LEU D 533 20.17 -48.06 15.04
CA LEU D 533 20.42 -48.00 16.48
C LEU D 533 21.89 -48.33 16.72
N TYR D 534 22.74 -47.34 16.48
CA TYR D 534 24.18 -47.55 16.63
C TYR D 534 24.61 -47.59 18.09
N SER D 535 23.70 -47.30 19.02
CA SER D 535 24.03 -47.31 20.44
C SER D 535 22.73 -47.49 21.22
N GLU D 536 22.79 -47.26 22.53
CA GLU D 536 21.63 -47.46 23.39
C GLU D 536 20.99 -46.16 23.82
N ARG D 537 21.74 -45.06 23.85
CA ARG D 537 21.15 -43.77 24.18
C ARG D 537 19.98 -43.45 23.26
N VAL D 538 20.05 -43.89 22.00
CA VAL D 538 18.96 -43.67 21.06
C VAL D 538 17.70 -44.36 21.56
N ASN D 539 17.83 -45.61 22.00
CA ASN D 539 16.68 -46.31 22.55
C ASN D 539 16.12 -45.57 23.75
N SER D 540 16.99 -45.06 24.62
CA SER D 540 16.53 -44.37 25.80
C SER D 540 15.72 -43.13 25.43
N ILE D 541 16.21 -42.34 24.48
CA ILE D 541 15.49 -41.11 24.14
C ILE D 541 14.16 -41.45 23.48
N LEU D 542 14.13 -42.46 22.61
CA LEU D 542 12.87 -42.87 22.01
C LEU D 542 11.87 -43.33 23.06
N LYS D 543 12.34 -44.10 24.05
CA LYS D 543 11.46 -44.55 25.11
C LYS D 543 10.93 -43.37 25.92
N ASN D 544 11.77 -42.37 26.17
CA ASN D 544 11.31 -41.18 26.88
C ASN D 544 10.22 -40.46 26.10
N GLY D 545 10.42 -40.29 24.79
CA GLY D 545 9.40 -39.66 23.97
C GLY D 545 8.09 -40.43 23.99
N ALA D 546 8.18 -41.76 23.89
CA ALA D 546 6.97 -42.58 23.94
C ALA D 546 6.27 -42.42 25.29
N ARG D 547 7.06 -42.35 26.37
CA ARG D 547 6.47 -42.13 27.69
C ARG D 547 5.70 -40.82 27.74
N TYR D 548 6.26 -39.76 27.16
CA TYR D 548 5.57 -38.48 27.18
C TYR D 548 4.28 -38.53 26.35
N VAL D 549 4.33 -39.22 25.21
CA VAL D 549 3.12 -39.40 24.40
C VAL D 549 2.05 -40.11 25.22
N ARG D 550 2.43 -41.17 25.92
CA ARG D 550 1.48 -41.90 26.75
C ARG D 550 0.88 -41.00 27.82
N GLN D 551 1.72 -40.20 28.48
CA GLN D 551 1.23 -39.31 29.52
C GLN D 551 0.18 -38.35 28.97
N VAL D 552 0.49 -37.73 27.84
CA VAL D 552 -0.48 -36.77 27.28
C VAL D 552 -1.76 -37.48 26.85
N ARG D 553 -1.66 -38.74 26.44
CA ARG D 553 -2.86 -39.46 26.03
C ARG D 553 -3.74 -39.81 27.21
N GLU D 554 -3.15 -40.23 28.33
CA GLU D 554 -3.94 -40.78 29.42
C GLU D 554 -4.39 -39.75 30.45
N SER D 555 -3.77 -38.58 30.49
CA SER D 555 -4.08 -37.61 31.52
C SER D 555 -5.34 -36.81 31.15
N ASP D 556 -5.80 -36.02 32.11
CA ASP D 556 -7.02 -35.22 31.95
C ASP D 556 -6.80 -33.74 32.21
N LYS D 557 -5.99 -33.39 33.20
CA LYS D 557 -5.73 -31.99 33.52
C LYS D 557 -4.49 -31.43 32.84
N SER D 558 -3.60 -32.30 32.35
CA SER D 558 -2.41 -31.86 31.63
C SER D 558 -2.74 -31.79 30.15
N ARG D 559 -3.26 -30.64 29.73
CA ARG D 559 -3.70 -30.43 28.36
C ARG D 559 -2.64 -29.78 27.48
N LEU D 560 -1.42 -29.59 28.00
CA LEU D 560 -0.37 -28.96 27.21
C LEU D 560 0.97 -29.38 27.78
N VAL D 561 1.78 -30.06 26.97
CA VAL D 561 3.13 -30.46 27.33
C VAL D 561 4.06 -30.04 26.20
N SER D 562 5.14 -29.37 26.55
CA SER D 562 6.09 -28.85 25.58
C SER D 562 7.48 -29.38 25.88
N LEU D 563 8.22 -29.74 24.84
CA LEU D 563 9.55 -30.31 24.97
C LEU D 563 10.54 -29.51 24.14
N LEU D 564 11.81 -29.61 24.50
CA LEU D 564 12.91 -29.06 23.72
C LEU D 564 13.90 -30.17 23.42
N ILE D 565 14.42 -30.19 22.20
CA ILE D 565 15.42 -31.15 21.77
C ILE D 565 16.62 -30.38 21.23
N HIS D 566 17.76 -30.50 21.89
CA HIS D 566 18.92 -29.67 21.58
C HIS D 566 20.18 -30.51 21.47
N GLY D 567 21.15 -30.00 20.71
CA GLY D 567 22.42 -30.66 20.56
C GLY D 567 23.27 -30.06 19.45
N PRO D 568 24.48 -30.57 19.27
CA PRO D 568 25.36 -30.04 18.22
C PRO D 568 24.74 -30.23 16.84
N ALA D 569 25.09 -29.32 15.93
CA ALA D 569 24.53 -29.38 14.58
C ALA D 569 24.95 -30.66 13.89
N GLY D 570 24.04 -31.21 13.09
CA GLY D 570 24.33 -32.41 12.35
C GLY D 570 24.12 -33.70 13.10
N SER D 571 23.56 -33.66 14.31
CA SER D 571 23.38 -34.85 15.11
C SER D 571 22.07 -35.58 14.82
N GLY D 572 21.24 -35.07 13.92
CA GLY D 572 20.00 -35.74 13.55
C GLY D 572 18.87 -35.57 14.55
N LYS D 573 18.39 -34.34 14.72
CA LYS D 573 17.30 -34.06 15.66
C LYS D 573 15.93 -34.15 15.00
N THR D 574 15.78 -33.57 13.80
CA THR D 574 14.48 -33.58 13.14
C THR D 574 14.03 -34.99 12.82
N ALA D 575 14.94 -35.84 12.36
CA ALA D 575 14.56 -37.22 12.08
C ALA D 575 14.08 -37.92 13.34
N LEU D 576 14.77 -37.73 14.45
CA LEU D 576 14.35 -38.37 15.70
C LEU D 576 12.99 -37.87 16.15
N ALA D 577 12.74 -36.57 16.05
CA ALA D 577 11.43 -36.04 16.40
C ALA D 577 10.35 -36.59 15.49
N ALA D 578 10.62 -36.64 14.18
CA ALA D 578 9.61 -37.15 13.25
C ALA D 578 9.31 -38.61 13.55
N GLU D 579 10.35 -39.37 13.93
CA GLU D 579 10.13 -40.78 14.26
C GLU D 579 9.24 -40.93 15.48
N ILE D 580 9.44 -40.10 16.50
CA ILE D 580 8.54 -40.15 17.65
C ILE D 580 7.12 -39.76 17.24
N ALA D 581 6.99 -38.74 16.40
CA ALA D 581 5.67 -38.27 16.00
C ALA D 581 4.89 -39.32 15.22
N LEU D 582 5.56 -40.02 14.31
CA LEU D 582 4.87 -40.94 13.40
C LEU D 582 4.39 -42.20 14.12
N LYS D 583 5.06 -42.62 15.17
CA LYS D 583 4.67 -43.82 15.89
C LYS D 583 3.56 -43.58 16.91
N SER D 584 3.11 -42.33 17.06
CA SER D 584 2.09 -42.02 18.06
C SER D 584 0.73 -42.55 17.64
N GLY D 585 0.35 -42.36 16.38
CA GLY D 585 -0.97 -42.74 15.94
C GLY D 585 -2.08 -41.75 16.23
N PHE D 586 -1.74 -40.52 16.59
CA PHE D 586 -2.76 -39.53 16.90
C PHE D 586 -3.53 -39.16 15.64
N PRO D 587 -4.78 -38.71 15.77
CA PRO D 587 -5.55 -38.31 14.57
C PRO D 587 -4.93 -37.16 13.80
N PHE D 588 -4.27 -36.21 14.46
CA PHE D 588 -3.83 -34.96 13.86
C PHE D 588 -2.35 -34.78 14.11
N ILE D 589 -1.57 -34.59 13.05
CA ILE D 589 -0.14 -34.36 13.13
C ILE D 589 0.22 -33.26 12.15
N ARG D 590 1.03 -32.30 12.60
CA ARG D 590 1.41 -31.21 11.69
C ARG D 590 2.82 -30.72 11.98
N LEU D 591 3.44 -30.15 10.95
CA LEU D 591 4.84 -29.71 10.99
C LEU D 591 4.97 -28.32 10.39
N ILE D 592 5.73 -27.46 11.07
CA ILE D 592 6.11 -26.15 10.58
C ILE D 592 7.63 -26.12 10.45
N SER D 593 8.11 -25.75 9.27
CA SER D 593 9.53 -25.77 8.94
C SER D 593 9.84 -24.59 8.04
N PRO D 594 11.11 -24.17 7.96
CA PRO D 594 11.44 -23.03 7.11
C PRO D 594 11.03 -23.21 5.67
N ASN D 595 10.98 -24.44 5.17
CA ASN D 595 10.65 -24.66 3.76
C ASN D 595 9.26 -24.14 3.42
N GLU D 596 8.30 -24.30 4.34
CA GLU D 596 6.94 -23.85 4.06
C GLU D 596 6.87 -22.34 3.91
N LEU D 597 7.59 -21.60 4.75
CA LEU D 597 7.46 -20.15 4.84
C LEU D 597 8.35 -19.40 3.84
N SER D 598 9.22 -20.09 3.12
CA SER D 598 10.17 -19.43 2.23
C SER D 598 9.45 -18.60 1.16
N GLY D 599 9.92 -17.37 0.98
CA GLY D 599 9.39 -16.50 -0.05
C GLY D 599 8.23 -15.62 0.39
N MET D 600 7.68 -15.85 1.58
CA MET D 600 6.56 -15.05 2.06
C MET D 600 7.06 -13.75 2.66
N SER D 601 6.12 -12.85 2.93
CA SER D 601 6.41 -11.63 3.65
C SER D 601 6.19 -11.84 5.15
N GLU D 602 6.59 -10.85 5.94
CA GLU D 602 6.48 -10.98 7.40
C GLU D 602 5.04 -11.21 7.83
N SER D 603 4.12 -10.37 7.35
CA SER D 603 2.72 -10.51 7.73
C SER D 603 2.17 -11.86 7.30
N ALA D 604 2.54 -12.32 6.11
CA ALA D 604 2.09 -13.62 5.65
C ALA D 604 2.59 -14.74 6.56
N LYS D 605 3.85 -14.64 6.99
CA LYS D 605 4.40 -15.65 7.90
C LYS D 605 3.62 -15.67 9.21
N ILE D 606 3.36 -14.51 9.79
CA ILE D 606 2.61 -14.46 11.05
C ILE D 606 1.23 -15.07 10.86
N ALA D 607 0.54 -14.71 9.78
CA ALA D 607 -0.80 -15.23 9.55
C ALA D 607 -0.78 -16.75 9.40
N TYR D 608 0.21 -17.27 8.66
CA TYR D 608 0.30 -18.72 8.46
C TYR D 608 0.52 -19.43 9.79
N ILE D 609 1.44 -18.92 10.62
CA ILE D 609 1.69 -19.56 11.90
C ILE D 609 0.43 -19.55 12.76
N ASP D 610 -0.26 -18.41 12.79
CA ASP D 610 -1.46 -18.29 13.62
C ASP D 610 -2.55 -19.27 13.15
N ASN D 611 -2.75 -19.38 11.83
CA ASN D 611 -3.77 -20.30 11.33
C ASN D 611 -3.42 -21.75 11.64
N THR D 612 -2.15 -22.12 11.47
CA THR D 612 -1.77 -23.50 11.78
C THR D 612 -1.99 -23.80 13.25
N PHE D 613 -1.69 -22.85 14.14
CA PHE D 613 -1.95 -23.09 15.55
C PHE D 613 -3.44 -23.13 15.86
N ARG D 614 -4.25 -22.34 15.16
CA ARG D 614 -5.69 -22.34 15.41
C ARG D 614 -6.37 -23.58 14.85
N ASP D 615 -5.74 -24.27 13.90
CA ASP D 615 -6.30 -25.48 13.34
C ASP D 615 -5.99 -26.71 14.17
N ALA D 616 -5.22 -26.56 15.25
CA ALA D 616 -4.86 -27.67 16.11
C ALA D 616 -5.77 -27.82 17.32
N TYR D 617 -6.81 -27.00 17.43
CA TYR D 617 -7.74 -27.05 18.55
C TYR D 617 -9.06 -27.74 18.18
N LYS D 618 -9.10 -28.50 17.10
CA LYS D 618 -10.33 -29.16 16.68
C LYS D 618 -10.41 -30.60 17.20
N SER D 619 -9.45 -31.44 16.83
CA SER D 619 -9.51 -32.85 17.18
C SER D 619 -9.16 -33.06 18.65
N PRO D 620 -9.59 -34.17 19.24
CA PRO D 620 -9.31 -34.39 20.67
C PRO D 620 -7.83 -34.44 21.01
N LEU D 621 -6.99 -34.99 20.13
CA LEU D 621 -5.56 -35.14 20.38
C LEU D 621 -4.77 -34.58 19.21
N ASN D 622 -3.70 -33.87 19.55
CA ASN D 622 -2.91 -33.25 18.52
C ASN D 622 -1.42 -33.31 18.78
N ILE D 623 -0.65 -33.24 17.69
CA ILE D 623 0.81 -33.15 17.78
C ILE D 623 1.31 -32.13 16.77
N LEU D 624 2.17 -31.22 17.23
CA LEU D 624 2.70 -30.14 16.41
C LEU D 624 4.20 -30.11 16.56
N VAL D 625 4.92 -30.03 15.43
CA VAL D 625 6.38 -30.10 15.41
C VAL D 625 6.93 -28.84 14.74
N ILE D 626 7.79 -28.12 15.46
CA ILE D 626 8.44 -26.90 14.96
C ILE D 626 9.90 -27.20 14.71
N ASP D 627 10.38 -26.88 13.51
CA ASP D 627 11.71 -27.26 13.07
C ASP D 627 12.64 -26.05 13.01
N SER D 628 13.79 -26.16 13.68
CA SER D 628 14.86 -25.16 13.60
C SER D 628 14.35 -23.79 14.02
N LEU D 629 14.02 -23.68 15.30
CA LEU D 629 13.45 -22.44 15.82
C LEU D 629 14.30 -21.23 15.46
N GLU D 630 15.63 -21.35 15.53
CA GLU D 630 16.49 -20.18 15.31
C GLU D 630 16.30 -19.61 13.92
N THR D 631 16.18 -20.47 12.90
CA THR D 631 16.06 -20.01 11.53
C THR D 631 14.66 -19.52 11.20
N LEU D 632 13.67 -19.80 12.03
CA LEU D 632 12.33 -19.27 11.81
C LEU D 632 12.28 -17.77 12.10
N VAL D 633 13.20 -17.25 12.91
CA VAL D 633 13.22 -15.84 13.28
C VAL D 633 14.34 -15.08 12.57
N ASP D 634 15.05 -15.70 11.63
CA ASP D 634 16.08 -15.03 10.85
C ASP D 634 17.23 -14.51 11.73
N TRP D 635 17.92 -15.43 12.40
CA TRP D 635 19.02 -15.06 13.27
C TRP D 635 20.36 -15.10 12.53
N VAL D 636 21.09 -13.99 12.58
CA VAL D 636 22.43 -13.88 12.00
C VAL D 636 23.33 -13.16 12.99
N PRO D 637 24.52 -13.68 13.32
CA PRO D 637 25.29 -13.14 14.44
C PRO D 637 26.05 -11.86 14.15
N ILE D 638 25.99 -11.28 12.94
CA ILE D 638 26.77 -10.08 12.66
C ILE D 638 26.24 -8.91 13.46
N GLY D 639 24.93 -8.74 13.50
CA GLY D 639 24.34 -7.54 14.06
C GLY D 639 24.49 -7.44 15.56
N PRO D 640 23.77 -8.29 16.32
CA PRO D 640 22.86 -9.36 15.90
C PRO D 640 21.59 -8.84 15.24
N ARG D 641 21.12 -9.52 14.22
CA ARG D 641 19.88 -9.16 13.54
C ARG D 641 18.90 -10.31 13.67
N PHE D 642 17.65 -9.99 13.96
CA PHE D 642 16.59 -11.00 14.01
C PHE D 642 15.26 -10.27 14.01
N SER D 643 14.19 -11.03 13.81
CA SER D 643 12.85 -10.49 13.71
C SER D 643 12.16 -10.61 15.07
N ASN D 644 11.74 -9.48 15.63
CA ASN D 644 11.14 -9.49 16.96
C ASN D 644 9.68 -9.96 16.91
N ASN D 645 8.94 -9.58 15.87
CA ASN D 645 7.52 -9.87 15.84
C ASN D 645 7.25 -11.37 15.86
N ILE D 646 7.97 -12.13 15.02
CA ILE D 646 7.77 -13.57 14.98
C ILE D 646 8.18 -14.21 16.31
N LEU D 647 9.26 -13.72 16.92
CA LEU D 647 9.66 -14.27 18.21
C LEU D 647 8.57 -14.07 19.25
N GLN D 648 7.98 -12.88 19.31
CA GLN D 648 6.92 -12.66 20.30
C GLN D 648 5.70 -13.51 20.00
N MET D 649 5.34 -13.65 18.72
CA MET D 649 4.21 -14.52 18.37
C MET D 649 4.44 -15.94 18.86
N LEU D 650 5.62 -16.50 18.56
CA LEU D 650 5.89 -17.87 19.00
C LEU D 650 5.93 -17.97 20.52
N LYS D 651 6.51 -16.98 21.19
CA LYS D 651 6.59 -17.04 22.65
C LYS D 651 5.21 -17.02 23.29
N VAL D 652 4.30 -16.22 22.74
CA VAL D 652 2.95 -16.16 23.28
C VAL D 652 2.19 -17.45 22.97
N ALA D 653 2.42 -18.04 21.80
CA ALA D 653 1.61 -19.18 21.38
C ALA D 653 2.05 -20.51 21.99
N LEU D 654 3.24 -20.59 22.58
CA LEU D 654 3.72 -21.84 23.18
C LEU D 654 3.27 -22.02 24.62
N LYS D 655 2.51 -21.08 25.18
CA LYS D 655 2.07 -21.14 26.56
C LYS D 655 0.55 -21.05 26.70
N ARG D 656 -0.17 -20.93 25.60
CA ARG D 656 -1.62 -20.81 25.63
C ARG D 656 -2.26 -22.19 25.71
N LYS D 657 -3.15 -22.38 26.67
CA LYS D 657 -3.81 -23.66 26.82
C LYS D 657 -4.95 -23.80 25.82
N PRO D 658 -5.23 -25.01 25.34
CA PRO D 658 -6.29 -25.19 24.37
C PRO D 658 -7.65 -25.24 25.04
N PRO D 659 -8.74 -25.19 24.27
CA PRO D 659 -10.08 -25.23 24.88
C PRO D 659 -10.33 -26.51 25.65
N GLN D 660 -11.49 -26.58 26.30
CA GLN D 660 -11.77 -27.65 27.25
C GLN D 660 -11.73 -29.01 26.55
N ASP D 661 -11.08 -29.97 27.21
CA ASP D 661 -11.06 -31.36 26.75
C ASP D 661 -10.42 -31.50 25.37
N ARG D 662 -9.29 -30.83 25.17
CA ARG D 662 -8.48 -31.00 23.98
C ARG D 662 -7.01 -30.95 24.38
N ARG D 663 -6.20 -31.83 23.80
CA ARG D 663 -4.83 -32.02 24.24
C ARG D 663 -3.88 -31.84 23.07
N LEU D 664 -2.77 -31.15 23.34
CA LEU D 664 -1.80 -30.78 22.33
C LEU D 664 -0.40 -31.07 22.85
N LEU D 665 0.43 -31.68 22.02
CA LEU D 665 1.83 -31.94 22.34
C LEU D 665 2.70 -31.22 21.32
N ILE D 666 3.55 -30.31 21.81
CA ILE D 666 4.42 -29.50 20.96
C ILE D 666 5.84 -30.00 21.13
N MET D 667 6.53 -30.20 20.01
CA MET D 667 7.95 -30.57 20.03
C MET D 667 8.71 -29.63 19.11
N THR D 668 9.72 -28.96 19.64
CA THR D 668 10.49 -27.98 18.89
C THR D 668 11.96 -28.37 18.90
N THR D 669 12.62 -28.21 17.76
CA THR D 669 14.01 -28.58 17.58
C THR D 669 14.88 -27.35 17.37
N THR D 670 15.99 -27.27 18.09
CA THR D 670 16.89 -26.13 18.00
C THR D 670 18.33 -26.62 18.04
N SER D 671 19.25 -25.79 17.56
CA SER D 671 20.67 -26.11 17.56
C SER D 671 21.54 -24.98 18.11
N ALA D 672 20.94 -23.98 18.75
CA ALA D 672 21.66 -22.82 19.29
C ALA D 672 21.27 -22.58 20.74
N TYR D 673 21.27 -23.63 21.54
CA TYR D 673 20.82 -23.54 22.93
C TYR D 673 21.25 -22.24 23.60
N SER D 674 22.51 -21.84 23.42
CA SER D 674 23.00 -20.63 24.08
C SER D 674 22.22 -19.41 23.63
N VAL D 675 21.93 -19.30 22.34
CA VAL D 675 21.21 -18.15 21.83
C VAL D 675 19.83 -18.07 22.46
N LEU D 676 19.12 -19.20 22.56
CA LEU D 676 17.83 -19.20 23.22
C LEU D 676 17.98 -18.78 24.68
N GLN D 677 19.06 -19.19 25.33
CA GLN D 677 19.30 -18.76 26.69
C GLN D 677 19.42 -17.25 26.78
N GLN D 678 20.16 -16.64 25.83
CA GLN D 678 20.35 -15.20 25.87
C GLN D 678 19.04 -14.44 25.70
N MET D 679 18.18 -14.89 24.79
CA MET D 679 16.91 -14.21 24.56
C MET D 679 15.98 -14.28 25.76
N ASP D 680 16.27 -15.13 26.74
CA ASP D 680 15.41 -15.32 27.90
C ASP D 680 14.09 -15.99 27.53
N ILE D 681 14.11 -16.83 26.50
CA ILE D 681 12.93 -17.57 26.05
C ILE D 681 12.86 -18.97 26.62
N LEU D 682 13.69 -19.29 27.60
CA LEU D 682 13.82 -20.66 28.08
C LEU D 682 12.84 -21.03 29.18
N SER D 683 11.95 -20.12 29.57
CA SER D 683 10.98 -20.41 30.61
C SER D 683 9.73 -21.10 30.11
N CYS D 684 9.52 -21.18 28.79
CA CYS D 684 8.31 -21.75 28.22
C CYS D 684 8.55 -23.15 27.66
N PHE D 685 9.46 -23.91 28.26
CA PHE D 685 9.72 -25.31 27.90
C PHE D 685 9.72 -26.13 29.18
N ASP D 686 8.95 -27.22 29.19
CA ASP D 686 8.84 -28.01 30.40
C ASP D 686 10.03 -28.93 30.60
N ASN D 687 10.44 -29.66 29.57
CA ASN D 687 11.56 -30.58 29.70
C ASN D 687 12.46 -30.49 28.47
N GLU D 688 13.70 -30.94 28.65
CA GLU D 688 14.75 -30.82 27.65
C GLU D 688 15.41 -32.17 27.42
N ILE D 689 15.85 -32.38 26.19
CA ILE D 689 16.50 -33.62 25.79
C ILE D 689 17.75 -33.26 24.99
N ALA D 690 18.80 -34.05 25.18
CA ALA D 690 20.08 -33.85 24.53
C ALA D 690 20.40 -35.03 23.63
N VAL D 691 21.10 -34.75 22.53
CA VAL D 691 21.45 -35.79 21.56
C VAL D 691 22.92 -35.69 21.20
N PRO D 692 23.82 -36.16 22.07
CA PRO D 692 25.25 -35.98 21.81
C PRO D 692 25.75 -36.76 20.60
N ASN D 693 26.83 -36.25 20.00
CA ASN D 693 27.45 -36.92 18.87
C ASN D 693 28.01 -38.27 19.28
N MET D 694 28.16 -39.15 18.28
CA MET D 694 28.85 -40.42 18.49
C MET D 694 30.32 -40.16 18.80
N THR D 695 30.82 -40.82 19.85
CA THR D 695 32.16 -40.56 20.35
C THR D 695 33.02 -41.80 20.51
N ASN D 696 32.47 -43.01 20.32
CA ASN D 696 33.22 -44.24 20.41
C ASN D 696 33.38 -44.82 19.01
N LEU D 697 34.64 -45.10 18.63
CA LEU D 697 34.90 -45.59 17.28
C LEU D 697 34.13 -46.87 16.97
N ASP D 698 33.89 -47.72 17.96
CA ASP D 698 33.13 -48.94 17.71
C ASP D 698 31.78 -48.63 17.08
N GLU D 699 31.11 -47.58 17.55
CA GLU D 699 29.82 -47.23 16.97
C GLU D 699 29.94 -47.08 15.46
N LEU D 700 31.07 -46.56 14.99
CA LEU D 700 31.25 -46.44 13.55
C LEU D 700 31.01 -47.78 12.87
N ASN D 701 31.67 -48.84 13.37
CA ASN D 701 31.48 -50.16 12.76
C ASN D 701 30.04 -50.63 12.90
N ASN D 702 29.40 -50.30 14.02
CA ASN D 702 27.99 -50.66 14.18
C ASN D 702 27.16 -50.08 13.06
N VAL D 703 27.48 -48.85 12.65
CA VAL D 703 26.81 -48.26 11.49
C VAL D 703 27.26 -48.96 10.22
N MET D 704 28.54 -49.29 10.14
CA MET D 704 29.12 -49.80 8.91
C MET D 704 28.41 -51.08 8.48
N ILE D 705 28.17 -51.98 9.44
CA ILE D 705 27.48 -53.21 9.08
C ILE D 705 26.09 -52.89 8.55
N GLU D 706 25.44 -51.88 9.12
CA GLU D 706 24.11 -51.47 8.67
C GLU D 706 24.14 -50.88 7.28
N SER D 707 25.30 -50.41 6.82
CA SER D 707 25.42 -49.81 5.50
C SER D 707 26.11 -50.71 4.48
N ASN D 708 26.79 -51.77 4.94
CA ASN D 708 27.43 -52.73 4.04
C ASN D 708 28.41 -52.05 3.09
N PHE D 709 29.22 -51.13 3.64
CA PHE D 709 30.18 -50.40 2.82
C PHE D 709 31.21 -51.33 2.22
N LEU D 710 32.01 -51.97 3.07
CA LEU D 710 33.13 -52.80 2.65
C LEU D 710 33.05 -54.16 3.34
N ASP D 711 34.06 -54.98 3.09
CA ASP D 711 34.14 -56.30 3.68
C ASP D 711 34.52 -56.19 5.16
N ASP D 712 34.37 -57.31 5.86
CA ASP D 712 34.69 -57.33 7.29
C ASP D 712 36.17 -56.99 7.52
N ALA D 713 37.05 -57.55 6.70
CA ALA D 713 38.47 -57.25 6.84
C ALA D 713 38.73 -55.76 6.63
N GLY D 714 38.06 -55.16 5.65
CA GLY D 714 38.19 -53.73 5.46
C GLY D 714 37.71 -52.94 6.66
N ARG D 715 36.61 -53.38 7.28
CA ARG D 715 36.13 -52.71 8.48
C ARG D 715 37.16 -52.78 9.59
N VAL D 716 37.76 -53.96 9.80
CA VAL D 716 38.78 -54.10 10.84
C VAL D 716 39.97 -53.18 10.52
N LYS D 717 40.38 -53.14 9.26
CA LYS D 717 41.52 -52.30 8.88
C LYS D 717 41.22 -50.83 9.15
N VAL D 718 40.05 -50.36 8.74
CA VAL D 718 39.74 -48.93 8.92
C VAL D 718 39.66 -48.59 10.40
N ILE D 719 39.00 -49.43 11.20
CA ILE D 719 38.88 -49.11 12.62
C ILE D 719 40.25 -49.10 13.29
N ASN D 720 41.11 -50.08 12.95
CA ASN D 720 42.44 -50.11 13.54
C ASN D 720 43.24 -48.89 13.13
N GLU D 721 43.19 -48.51 11.86
CA GLU D 721 43.96 -47.35 11.40
C GLU D 721 43.50 -46.08 12.10
N LEU D 722 42.18 -45.87 12.17
CA LEU D 722 41.67 -44.66 12.82
C LEU D 722 42.00 -44.65 14.31
N SER D 723 41.86 -45.80 14.98
CA SER D 723 42.28 -45.88 16.38
C SER D 723 43.75 -45.51 16.52
N ARG D 724 44.57 -45.92 15.55
CA ARG D 724 45.97 -45.54 15.57
C ARG D 724 46.13 -44.02 15.46
N SER D 725 45.36 -43.40 14.57
CA SER D 725 45.54 -41.99 14.24
C SER D 725 44.22 -41.23 14.24
N CYS D 726 43.40 -41.43 15.27
CA CYS D 726 42.19 -40.63 15.41
C CYS D 726 41.65 -40.71 16.84
N PRO D 727 42.25 -39.99 17.78
CA PRO D 727 41.68 -39.87 19.12
C PRO D 727 40.54 -38.87 19.16
N ASN D 728 39.82 -38.88 20.28
CA ASN D 728 38.70 -37.99 20.54
C ASN D 728 37.80 -37.85 19.31
N PHE D 729 37.23 -38.99 18.91
CA PHE D 729 36.39 -39.04 17.72
C PHE D 729 35.15 -38.16 17.90
N ASN D 730 34.85 -37.33 16.90
CA ASN D 730 33.67 -36.46 16.93
C ASN D 730 33.31 -36.12 15.48
N VAL D 731 32.24 -36.72 14.96
CA VAL D 731 31.87 -36.51 13.56
C VAL D 731 30.42 -36.07 13.43
N GLY D 732 29.49 -36.85 13.97
CA GLY D 732 28.07 -36.65 13.69
C GLY D 732 27.59 -37.61 12.61
N ILE D 733 26.37 -38.13 12.74
CA ILE D 733 25.94 -39.24 11.90
C ILE D 733 25.72 -38.79 10.46
N LYS D 734 25.17 -37.59 10.26
CA LYS D 734 24.89 -37.13 8.90
C LYS D 734 26.17 -37.08 8.08
N LYS D 735 27.22 -36.49 8.64
CA LYS D 735 28.49 -36.41 7.93
C LYS D 735 29.07 -37.79 7.68
N THR D 736 28.94 -38.71 8.64
CA THR D 736 29.45 -40.06 8.44
C THR D 736 28.78 -40.73 7.25
N LEU D 737 27.45 -40.62 7.17
CA LEU D 737 26.73 -41.25 6.06
C LEU D 737 27.12 -40.61 4.74
N THR D 738 27.27 -39.28 4.70
CA THR D 738 27.69 -38.63 3.48
C THR D 738 29.07 -39.13 3.05
N ASN D 739 29.99 -39.26 4.00
CA ASN D 739 31.33 -39.73 3.67
C ASN D 739 31.31 -41.16 3.14
N ILE D 740 30.54 -42.04 3.77
CA ILE D 740 30.48 -43.43 3.29
C ILE D 740 29.92 -43.47 1.88
N GLU D 741 28.86 -42.70 1.62
CA GLU D 741 28.29 -42.66 0.29
C GLU D 741 29.31 -42.16 -0.72
N THR D 742 30.09 -41.13 -0.36
CA THR D 742 31.08 -40.63 -1.30
C THR D 742 32.14 -41.69 -1.56
N ALA D 743 32.55 -42.42 -0.52
CA ALA D 743 33.64 -43.37 -0.66
C ALA D 743 33.22 -44.63 -1.40
N ARG D 744 31.92 -44.86 -1.61
CA ARG D 744 31.51 -46.09 -2.28
C ARG D 744 31.99 -46.13 -3.72
N HIS D 745 31.91 -45.00 -4.44
CA HIS D 745 32.10 -44.98 -5.89
C HIS D 745 33.46 -44.47 -6.34
N ASP D 746 34.30 -43.97 -5.43
CA ASP D 746 35.60 -43.41 -5.81
C ASP D 746 36.72 -44.43 -5.63
N GLU D 747 36.89 -44.95 -4.41
CA GLU D 747 37.97 -45.90 -4.13
C GLU D 747 37.57 -46.73 -2.93
N ASP D 748 37.24 -48.00 -3.17
CA ASP D 748 36.83 -48.88 -2.08
C ASP D 748 37.88 -48.99 -0.97
N PRO D 749 39.19 -49.08 -1.27
CA PRO D 749 40.17 -49.20 -0.18
C PRO D 749 40.04 -48.12 0.89
N VAL D 750 40.78 -48.32 1.99
CA VAL D 750 40.60 -47.48 3.17
C VAL D 750 40.92 -46.03 2.86
N ASN D 751 41.93 -45.80 2.03
CA ASN D 751 42.53 -44.47 1.87
C ASN D 751 41.49 -43.34 1.87
N GLU D 752 40.51 -43.43 0.98
CA GLU D 752 39.54 -42.33 0.88
C GLU D 752 38.74 -42.17 2.16
N LEU D 753 38.27 -43.28 2.72
CA LEU D 753 37.45 -43.21 3.92
C LEU D 753 38.23 -42.64 5.10
N VAL D 754 39.46 -43.12 5.29
CA VAL D 754 40.27 -42.63 6.41
C VAL D 754 40.60 -41.16 6.23
N GLU D 755 40.92 -40.75 5.00
CA GLU D 755 41.22 -39.34 4.75
C GLU D 755 40.02 -38.47 5.07
N LEU D 756 38.85 -38.86 4.58
CA LEU D 756 37.65 -38.05 4.82
C LEU D 756 37.33 -38.00 6.31
N MET D 757 37.43 -39.13 7.01
CA MET D 757 37.09 -39.15 8.42
C MET D 757 38.04 -38.28 9.23
N THR D 758 39.34 -38.42 9.01
CA THR D 758 40.29 -37.57 9.72
C THR D 758 40.15 -36.11 9.33
N GLN D 759 39.63 -35.82 8.13
CA GLN D 759 39.37 -34.43 7.76
C GLN D 759 38.21 -33.85 8.54
N SER D 760 37.09 -34.58 8.62
CA SER D 760 35.92 -34.07 9.33
C SER D 760 36.17 -33.95 10.83
N ALA D 761 36.82 -34.95 11.43
CA ALA D 761 37.07 -34.93 12.86
C ALA D 761 37.98 -33.78 13.25
N ALA E 231 -60.30 9.44 21.01
CA ALA E 231 -59.49 10.58 20.61
C ALA E 231 -58.13 10.12 20.13
N VAL E 232 -57.20 9.95 21.07
CA VAL E 232 -55.84 9.51 20.75
C VAL E 232 -55.40 8.30 21.54
N ILE E 233 -55.98 8.03 22.72
CA ILE E 233 -55.73 6.83 23.49
C ILE E 233 -57.08 6.25 23.89
N ARG E 234 -57.18 4.93 23.88
CA ARG E 234 -58.42 4.29 24.28
C ARG E 234 -58.68 4.53 25.76
N PRO E 235 -59.94 4.74 26.15
CA PRO E 235 -60.23 4.90 27.59
C PRO E 235 -60.00 3.63 28.40
N ASP E 236 -59.92 2.48 27.75
CA ASP E 236 -59.73 1.19 28.43
C ASP E 236 -58.37 0.64 28.01
N PHE E 237 -57.33 0.98 28.78
CA PHE E 237 -55.98 0.50 28.51
C PHE E 237 -55.08 0.89 29.67
N LYS E 238 -54.18 -0.02 30.05
CA LYS E 238 -53.26 0.24 31.15
C LYS E 238 -51.83 -0.22 30.89
N PHE E 239 -51.54 -0.83 29.73
CA PHE E 239 -50.18 -1.19 29.33
C PHE E 239 -49.66 -2.39 30.12
N GLU E 240 -50.40 -2.84 31.14
CA GLU E 240 -50.01 -4.04 31.86
C GLU E 240 -50.29 -5.30 31.05
N ASP E 241 -51.31 -5.27 30.18
CA ASP E 241 -51.68 -6.43 29.40
C ASP E 241 -50.71 -6.66 28.25
N LEU E 242 -50.16 -5.60 27.67
CA LEU E 242 -49.37 -5.72 26.46
C LEU E 242 -48.09 -6.50 26.74
N GLY E 243 -47.60 -7.18 25.70
CA GLY E 243 -46.53 -8.15 25.90
C GLY E 243 -45.22 -7.52 26.31
N VAL E 244 -44.87 -6.38 25.71
CA VAL E 244 -43.55 -5.78 25.89
C VAL E 244 -43.27 -5.61 27.38
N GLY E 245 -42.18 -6.20 27.83
CA GLY E 245 -41.78 -6.07 29.23
C GLY E 245 -40.28 -5.92 29.33
N GLY E 246 -39.84 -5.24 30.38
CA GLY E 246 -38.44 -4.92 30.56
C GLY E 246 -38.04 -3.57 30.04
N LEU E 247 -38.87 -2.94 29.21
CA LEU E 247 -38.65 -1.58 28.69
C LEU E 247 -39.81 -0.70 29.15
N ASP E 248 -39.63 -0.03 30.29
CA ASP E 248 -40.63 0.88 30.82
C ASP E 248 -40.24 2.34 30.68
N LYS E 249 -38.96 2.67 30.91
CA LYS E 249 -38.54 4.06 30.76
C LYS E 249 -38.70 4.53 29.33
N GLU E 250 -38.34 3.68 28.35
CA GLU E 250 -38.49 4.05 26.95
C GLU E 250 -39.95 4.31 26.60
N PHE E 251 -40.86 3.48 27.12
CA PHE E 251 -42.28 3.70 26.85
C PHE E 251 -42.73 5.06 27.38
N THR E 252 -42.31 5.40 28.60
CA THR E 252 -42.71 6.69 29.17
C THR E 252 -42.14 7.83 28.35
N LYS E 253 -40.88 7.72 27.93
CA LYS E 253 -40.29 8.79 27.13
C LYS E 253 -41.04 8.96 25.81
N ILE E 254 -41.37 7.86 25.14
CA ILE E 254 -42.09 7.95 23.87
C ILE E 254 -43.44 8.59 24.09
N PHE E 255 -44.16 8.14 25.13
CA PHE E 255 -45.49 8.69 25.37
C PHE E 255 -45.43 10.17 25.69
N ARG E 256 -44.41 10.59 26.44
CA ARG E 256 -44.32 11.99 26.83
C ARG E 256 -43.96 12.88 25.66
N ARG E 257 -43.03 12.45 24.80
CA ARG E 257 -42.54 13.32 23.74
C ARG E 257 -43.29 13.15 22.42
N ALA E 258 -44.20 12.20 22.29
CA ALA E 258 -44.83 11.92 21.00
C ALA E 258 -46.32 12.24 21.01
N PHE E 259 -47.10 11.63 21.92
CA PHE E 259 -48.55 11.80 21.94
C PHE E 259 -49.03 12.76 23.01
N ALA E 260 -48.12 13.32 23.82
CA ALA E 260 -48.55 14.20 24.90
C ALA E 260 -49.25 15.44 24.37
N SER E 261 -48.69 16.05 23.31
CA SER E 261 -49.25 17.29 22.78
C SER E 261 -50.64 17.09 22.20
N ARG E 262 -51.05 15.86 21.91
CA ARG E 262 -52.36 15.58 21.32
C ARG E 262 -53.36 15.03 22.34
N ILE E 263 -53.23 15.43 23.60
CA ILE E 263 -54.13 15.01 24.66
C ILE E 263 -55.15 16.10 24.98
N PHE E 264 -54.69 17.34 25.14
CA PHE E 264 -55.57 18.44 25.48
C PHE E 264 -56.50 18.75 24.31
N PRO E 265 -57.47 19.63 24.51
CA PRO E 265 -58.16 20.21 23.37
C PRO E 265 -57.21 21.06 22.56
N PRO E 266 -57.45 21.18 21.24
CA PRO E 266 -56.47 21.87 20.40
C PRO E 266 -56.21 23.30 20.83
N SER E 267 -57.23 23.99 21.37
CA SER E 267 -57.12 25.43 21.60
C SER E 267 -55.90 25.79 22.43
N VAL E 268 -55.50 24.93 23.37
CA VAL E 268 -54.38 25.27 24.23
C VAL E 268 -53.08 25.34 23.44
N ILE E 269 -52.87 24.41 22.50
CA ILE E 269 -51.56 24.30 21.85
C ILE E 269 -51.22 25.58 21.12
N GLU E 270 -52.15 26.09 20.30
CA GLU E 270 -51.90 27.34 19.60
C GLU E 270 -51.77 28.49 20.59
N LYS E 271 -52.48 28.42 21.71
CA LYS E 271 -52.34 29.44 22.74
C LYS E 271 -50.94 29.40 23.35
N LEU E 272 -50.28 28.24 23.31
CA LEU E 272 -48.95 28.08 23.88
C LEU E 272 -47.84 28.20 22.85
N GLY E 273 -48.16 28.22 21.56
CA GLY E 273 -47.16 28.38 20.53
C GLY E 273 -46.18 27.23 20.40
N ILE E 274 -46.70 26.00 20.42
CA ILE E 274 -45.89 24.80 20.30
C ILE E 274 -46.42 23.96 19.14
N SER E 275 -45.52 23.49 18.29
CA SER E 275 -45.87 22.67 17.15
C SER E 275 -45.82 21.18 17.51
N HIS E 276 -46.48 20.37 16.69
CA HIS E 276 -46.51 18.93 16.91
C HIS E 276 -45.23 18.30 16.38
N VAL E 277 -44.89 17.13 16.94
CA VAL E 277 -43.76 16.35 16.45
C VAL E 277 -44.22 15.48 15.30
N LYS E 278 -43.32 15.24 14.34
CA LYS E 278 -43.66 14.56 13.10
C LYS E 278 -42.93 13.24 12.89
N GLY E 279 -41.68 13.12 13.35
CA GLY E 279 -40.89 11.93 13.12
C GLY E 279 -40.43 11.29 14.41
N LEU E 280 -40.41 9.95 14.41
CA LEU E 280 -39.92 9.14 15.53
C LEU E 280 -38.99 8.06 14.99
N LEU E 281 -37.86 7.85 15.66
CA LEU E 281 -36.89 6.87 15.19
C LEU E 281 -36.54 5.91 16.32
N LEU E 282 -36.58 4.61 16.03
CA LEU E 282 -36.20 3.57 16.98
C LEU E 282 -35.03 2.78 16.41
N TYR E 283 -34.01 2.53 17.23
CA TYR E 283 -32.84 1.80 16.77
C TYR E 283 -32.19 1.07 17.93
N GLY E 284 -31.55 -0.05 17.62
CA GLY E 284 -30.88 -0.87 18.61
C GLY E 284 -30.27 -2.10 18.00
N PRO E 285 -29.65 -2.95 18.82
CA PRO E 285 -29.02 -4.17 18.30
C PRO E 285 -30.06 -5.16 17.80
N PRO E 286 -29.66 -6.14 16.99
CA PRO E 286 -30.63 -7.09 16.43
C PRO E 286 -31.31 -7.93 17.49
N GLY E 287 -32.63 -7.89 17.50
CA GLY E 287 -33.41 -8.74 18.39
C GLY E 287 -33.59 -8.15 19.76
N THR E 288 -34.17 -6.95 19.84
CA THR E 288 -34.40 -6.27 21.10
C THR E 288 -35.85 -5.94 21.38
N GLY E 289 -36.72 -5.94 20.36
CA GLY E 289 -38.14 -5.84 20.58
C GLY E 289 -38.85 -4.71 19.86
N LYS E 290 -38.16 -4.01 18.96
CA LYS E 290 -38.75 -2.85 18.32
C LYS E 290 -39.95 -3.25 17.45
N THR E 291 -39.81 -4.31 16.66
CA THR E 291 -40.91 -4.71 15.79
C THR E 291 -42.12 -5.13 16.62
N LEU E 292 -41.90 -5.68 17.81
CA LEU E 292 -43.03 -6.01 18.68
C LEU E 292 -43.79 -4.75 19.08
N ILE E 293 -43.06 -3.69 19.45
CA ILE E 293 -43.70 -2.43 19.79
C ILE E 293 -44.49 -1.93 18.58
N ALA E 294 -43.87 -1.96 17.40
CA ALA E 294 -44.56 -1.47 16.22
C ALA E 294 -45.83 -2.27 15.95
N ARG E 295 -45.76 -3.59 16.12
CA ARG E 295 -46.92 -4.43 15.86
C ARG E 295 -48.06 -4.14 16.82
N LYS E 296 -47.76 -3.98 18.11
CA LYS E 296 -48.81 -3.87 19.10
C LYS E 296 -49.28 -2.44 19.37
N ILE E 297 -48.52 -1.43 18.94
CA ILE E 297 -48.91 -0.05 19.25
C ILE E 297 -50.24 0.28 18.60
N GLY E 298 -50.46 -0.18 17.37
CA GLY E 298 -51.69 0.17 16.67
C GLY E 298 -52.91 -0.30 17.42
N THR E 299 -52.91 -1.56 17.88
CA THR E 299 -54.06 -2.10 18.58
C THR E 299 -54.15 -1.59 20.01
N MET E 300 -53.02 -1.25 20.63
CA MET E 300 -53.04 -0.90 22.05
C MET E 300 -53.58 0.51 22.30
N LEU E 301 -53.33 1.46 21.40
CA LEU E 301 -53.63 2.87 21.65
C LEU E 301 -54.70 3.42 20.71
N ASN E 302 -55.74 2.63 20.45
CA ASN E 302 -56.92 3.08 19.70
C ASN E 302 -56.53 3.93 18.49
N ALA E 303 -55.57 3.43 17.72
CA ALA E 303 -55.09 4.16 16.55
C ALA E 303 -55.71 3.59 15.29
N LYS E 304 -55.80 4.43 14.27
CA LYS E 304 -56.18 3.96 12.94
C LYS E 304 -55.22 2.88 12.48
N GLU E 305 -55.76 1.87 11.81
CA GLU E 305 -54.93 0.75 11.36
C GLU E 305 -53.70 1.30 10.66
N PRO E 306 -52.52 1.22 11.28
CA PRO E 306 -51.34 1.82 10.66
C PRO E 306 -51.00 1.13 9.34
N LYS E 307 -50.47 1.92 8.40
CA LYS E 307 -50.07 1.40 7.11
C LYS E 307 -48.62 0.95 7.21
N ILE E 308 -48.36 -0.32 6.93
CA ILE E 308 -47.05 -0.92 7.08
C ILE E 308 -46.52 -1.30 5.71
N VAL E 309 -45.33 -0.81 5.38
CA VAL E 309 -44.67 -1.09 4.11
C VAL E 309 -43.22 -1.46 4.38
N ASN E 310 -42.80 -2.61 3.86
CA ASN E 310 -41.39 -2.98 3.92
C ASN E 310 -40.59 -2.14 2.94
N GLY E 311 -39.37 -1.78 3.32
CA GLY E 311 -38.56 -0.87 2.54
C GLY E 311 -38.48 -1.23 1.07
N PRO E 312 -37.83 -2.35 0.75
CA PRO E 312 -37.57 -2.68 -0.66
C PRO E 312 -38.81 -2.97 -1.49
N GLU E 313 -40.00 -2.91 -0.91
CA GLU E 313 -41.23 -3.05 -1.68
C GLU E 313 -41.63 -1.77 -2.42
N ILE E 314 -40.98 -0.65 -2.12
CA ILE E 314 -41.32 0.61 -2.79
C ILE E 314 -40.86 0.59 -4.25
N LEU E 315 -39.65 0.08 -4.51
CA LEU E 315 -39.08 0.20 -5.84
C LEU E 315 -39.91 -0.56 -6.85
N SER E 316 -39.89 -0.09 -8.09
CA SER E 316 -40.64 -0.70 -9.17
C SER E 316 -39.87 -0.53 -10.47
N LYS E 317 -40.40 -1.15 -11.53
CA LYS E 317 -39.68 -1.25 -12.78
C LYS E 317 -39.84 0.01 -13.64
N TYR E 318 -41.08 0.35 -14.00
CA TYR E 318 -41.33 1.40 -14.96
C TYR E 318 -40.89 2.76 -14.40
N VAL E 319 -40.59 3.69 -15.31
CA VAL E 319 -40.09 4.99 -14.89
C VAL E 319 -41.19 5.79 -14.22
N GLY E 320 -40.88 6.37 -13.06
CA GLY E 320 -41.81 7.19 -12.32
C GLY E 320 -42.73 6.43 -11.39
N SER E 321 -42.67 5.10 -11.40
CA SER E 321 -43.57 4.30 -10.58
C SER E 321 -43.25 4.42 -9.10
N SER E 322 -41.97 4.41 -8.74
CA SER E 322 -41.59 4.44 -7.33
C SER E 322 -42.02 5.73 -6.64
N GLU E 323 -41.68 6.88 -7.25
CA GLU E 323 -42.05 8.15 -6.64
C GLU E 323 -43.56 8.25 -6.47
N GLU E 324 -44.32 7.75 -7.45
CA GLU E 324 -45.76 7.69 -7.29
C GLU E 324 -46.14 6.83 -6.10
N ASN E 325 -45.49 5.67 -5.95
CA ASN E 325 -45.87 4.79 -4.87
C ASN E 325 -45.65 5.47 -3.52
N ILE E 326 -44.61 6.30 -3.42
CA ILE E 326 -44.40 7.02 -2.17
C ILE E 326 -45.47 8.09 -1.96
N ARG E 327 -45.76 8.87 -3.01
CA ARG E 327 -46.73 9.95 -2.83
C ARG E 327 -48.15 9.48 -3.07
N ASN E 328 -48.40 8.18 -2.89
CA ASN E 328 -49.73 7.61 -2.91
C ASN E 328 -50.19 7.16 -1.53
N LEU E 329 -49.30 7.13 -0.54
CA LEU E 329 -49.66 6.73 0.82
C LEU E 329 -50.34 7.86 1.61
N PHE E 330 -50.00 9.11 1.32
CA PHE E 330 -50.46 10.24 2.12
C PHE E 330 -51.79 10.81 1.64
N LYS E 331 -52.42 10.23 0.62
CA LYS E 331 -53.62 10.85 0.05
C LYS E 331 -54.75 10.91 1.07
N ASP E 332 -54.95 9.84 1.83
CA ASP E 332 -56.06 9.83 2.79
C ASP E 332 -55.90 10.92 3.83
N ALA E 333 -54.69 11.10 4.36
CA ALA E 333 -54.46 12.13 5.36
C ALA E 333 -54.72 13.51 4.78
N GLU E 334 -54.25 13.75 3.55
CA GLU E 334 -54.48 15.04 2.91
C GLU E 334 -55.97 15.30 2.75
N ALA E 335 -56.72 14.29 2.30
CA ALA E 335 -58.15 14.45 2.09
C ALA E 335 -58.87 14.75 3.40
N GLU E 336 -58.57 13.99 4.44
CA GLU E 336 -59.23 14.19 5.73
C GLU E 336 -58.88 15.56 6.32
N TYR E 337 -57.61 15.97 6.19
CA TYR E 337 -57.21 17.29 6.66
C TYR E 337 -58.00 18.38 5.94
N ARG E 338 -58.01 18.33 4.60
CA ARG E 338 -58.77 19.33 3.85
C ARG E 338 -60.24 19.34 4.23
N ALA E 339 -60.80 18.16 4.51
CA ALA E 339 -62.23 18.08 4.82
C ALA E 339 -62.55 18.65 6.20
N LYS E 340 -61.76 18.31 7.21
CA LYS E 340 -62.16 18.55 8.60
C LYS E 340 -61.17 19.40 9.40
N GLY E 341 -60.29 20.15 8.75
CA GLY E 341 -59.48 21.09 9.50
C GLY E 341 -58.69 20.41 10.59
N GLU E 342 -58.81 20.93 11.81
CA GLU E 342 -58.12 20.38 12.97
C GLU E 342 -58.87 19.22 13.62
N GLU E 343 -60.11 18.96 13.20
CA GLU E 343 -60.87 17.83 13.74
C GLU E 343 -60.40 16.50 13.20
N SER E 344 -59.48 16.49 12.23
CA SER E 344 -59.03 15.24 11.62
C SER E 344 -58.37 14.36 12.67
N SER E 345 -58.68 13.07 12.61
CA SER E 345 -58.05 12.10 13.49
C SER E 345 -56.57 11.94 13.15
N LEU E 346 -55.87 11.11 13.91
CA LEU E 346 -54.44 10.88 13.72
C LEU E 346 -54.23 9.66 12.83
N HIS E 347 -53.47 9.85 11.75
CA HIS E 347 -53.08 8.77 10.86
C HIS E 347 -51.59 8.49 11.05
N ILE E 348 -51.24 7.22 11.28
CA ILE E 348 -49.88 6.80 11.56
C ILE E 348 -49.47 5.77 10.52
N ILE E 349 -48.30 5.98 9.91
CA ILE E 349 -47.71 5.02 8.98
C ILE E 349 -46.29 4.75 9.45
N ILE E 350 -45.89 3.48 9.44
CA ILE E 350 -44.58 3.08 9.97
C ILE E 350 -43.79 2.40 8.86
N PHE E 351 -42.54 2.82 8.70
CA PHE E 351 -41.67 2.37 7.61
C PHE E 351 -40.69 1.35 8.20
N ASP E 352 -40.95 0.08 7.95
CA ASP E 352 -40.00 -0.96 8.38
C ASP E 352 -38.78 -0.96 7.47
N GLU E 353 -37.63 -1.31 8.04
CA GLU E 353 -36.36 -1.33 7.32
C GLU E 353 -36.12 0.01 6.61
N LEU E 354 -36.00 1.06 7.43
CA LEU E 354 -35.89 2.40 6.88
C LEU E 354 -34.61 2.58 6.07
N ASP E 355 -33.51 1.99 6.49
CA ASP E 355 -32.24 2.19 5.81
C ASP E 355 -32.17 1.49 4.45
N SER E 356 -33.19 0.73 4.07
CA SER E 356 -33.12 -0.03 2.82
C SER E 356 -33.06 0.89 1.61
N VAL E 357 -33.98 1.85 1.52
CA VAL E 357 -34.09 2.71 0.35
C VAL E 357 -33.48 4.09 0.59
N PHE E 358 -33.69 4.66 1.77
CA PHE E 358 -33.25 6.01 2.06
C PHE E 358 -31.79 6.05 2.49
N LYS E 359 -30.90 5.48 1.68
CA LYS E 359 -29.47 5.59 1.94
C LYS E 359 -28.99 6.99 1.57
N GLN E 360 -27.69 7.22 1.75
CA GLN E 360 -27.10 8.50 1.43
C GLN E 360 -27.38 8.85 -0.03
N ARG E 361 -27.84 10.08 -0.28
CA ARG E 361 -28.17 10.53 -1.61
C ARG E 361 -26.98 11.14 -2.34
N GLY E 362 -25.77 10.78 -1.94
CA GLY E 362 -24.56 11.16 -2.65
C GLY E 362 -23.68 9.95 -2.89
N SER E 363 -24.31 8.78 -3.04
CA SER E 363 -23.56 7.54 -3.17
C SER E 363 -22.73 7.53 -4.44
N ARG E 364 -23.29 8.02 -5.55
CA ARG E 364 -22.64 8.00 -6.85
C ARG E 364 -22.76 6.61 -7.46
N GLY E 365 -22.33 6.44 -8.70
CA GLY E 365 -22.43 5.16 -9.38
C GLY E 365 -22.72 5.30 -10.86
N ASP E 366 -23.20 6.46 -11.28
CA ASP E 366 -23.45 6.75 -12.69
C ASP E 366 -24.42 5.73 -13.29
N GLY E 367 -25.64 5.73 -12.76
CA GLY E 367 -26.66 4.80 -13.23
C GLY E 367 -28.06 5.31 -13.00
N THR E 368 -29.03 4.40 -13.05
CA THR E 368 -30.42 4.75 -12.81
C THR E 368 -30.57 5.48 -11.49
N GLY E 369 -31.23 6.64 -11.53
CA GLY E 369 -31.34 7.50 -10.38
C GLY E 369 -32.55 7.27 -9.51
N VAL E 370 -33.32 6.20 -9.78
CA VAL E 370 -34.51 5.93 -8.99
C VAL E 370 -34.19 5.75 -7.52
N GLY E 371 -32.92 5.56 -7.17
CA GLY E 371 -32.54 5.47 -5.78
C GLY E 371 -32.27 6.78 -5.10
N ASP E 372 -32.50 7.89 -5.81
CA ASP E 372 -32.31 9.23 -5.28
C ASP E 372 -33.59 10.06 -5.30
N ASN E 373 -34.39 9.95 -6.37
CA ASN E 373 -35.64 10.70 -6.40
C ASN E 373 -36.62 10.19 -5.35
N VAL E 374 -36.40 8.98 -4.83
CA VAL E 374 -37.25 8.46 -3.77
C VAL E 374 -37.09 9.29 -2.50
N VAL E 375 -35.83 9.54 -2.11
CA VAL E 375 -35.57 10.36 -0.94
C VAL E 375 -36.11 11.76 -1.15
N ASN E 376 -35.93 12.30 -2.35
CA ASN E 376 -36.39 13.66 -2.64
C ASN E 376 -37.90 13.74 -2.52
N GLN E 377 -38.63 12.73 -3.01
CA GLN E 377 -40.08 12.75 -2.91
C GLN E 377 -40.53 12.70 -1.46
N LEU E 378 -39.95 11.79 -0.67
CA LEU E 378 -40.34 11.71 0.73
C LEU E 378 -40.03 13.02 1.45
N LEU E 379 -38.85 13.59 1.17
CA LEU E 379 -38.47 14.83 1.84
C LEU E 379 -39.39 15.97 1.44
N ALA E 380 -39.81 16.02 0.17
CA ALA E 380 -40.72 17.05 -0.27
C ALA E 380 -42.07 16.93 0.43
N LYS E 381 -42.58 15.70 0.57
CA LYS E 381 -43.87 15.55 1.21
C LYS E 381 -43.79 15.62 2.73
N MET E 382 -42.60 15.57 3.32
CA MET E 382 -42.46 15.66 4.76
C MET E 382 -42.05 17.05 5.24
N ASP E 383 -41.29 17.80 4.44
CA ASP E 383 -40.84 19.14 4.81
C ASP E 383 -41.79 20.20 4.23
N GLY E 384 -41.95 20.22 2.92
CA GLY E 384 -42.91 21.11 2.30
C GLY E 384 -44.30 20.52 2.38
N VAL E 385 -44.73 20.21 3.61
CA VAL E 385 -45.97 19.49 3.82
C VAL E 385 -47.20 20.29 3.42
N ASP E 386 -47.04 21.60 3.21
CA ASP E 386 -48.18 22.49 3.01
C ASP E 386 -49.13 22.43 4.22
N GLN E 387 -48.54 22.42 5.42
CA GLN E 387 -49.29 22.56 6.66
C GLN E 387 -50.03 21.29 7.08
N LEU E 388 -49.54 20.12 6.65
CA LEU E 388 -50.08 18.85 7.15
C LEU E 388 -49.53 18.62 8.56
N ASN E 389 -50.39 18.79 9.56
CA ASN E 389 -50.00 18.66 10.96
C ASN E 389 -50.76 17.55 11.67
N ASN E 390 -51.08 16.47 10.96
CA ASN E 390 -51.75 15.32 11.56
C ASN E 390 -51.13 14.01 11.06
N ILE E 391 -49.81 13.98 10.96
CA ILE E 391 -49.10 12.80 10.47
C ILE E 391 -47.90 12.53 11.35
N LEU E 392 -47.72 11.26 11.71
CA LEU E 392 -46.59 10.80 12.52
C LEU E 392 -45.99 9.57 11.86
N VAL E 393 -44.73 9.66 11.44
CA VAL E 393 -44.05 8.57 10.77
C VAL E 393 -43.08 7.92 11.75
N ILE E 394 -43.09 6.59 11.81
CA ILE E 394 -42.21 5.82 12.67
C ILE E 394 -41.30 4.97 11.80
N GLY E 395 -40.00 5.07 12.03
CA GLY E 395 -39.03 4.31 11.27
C GLY E 395 -38.15 3.47 12.17
N MET E 396 -38.14 2.15 11.96
CA MET E 396 -37.36 1.23 12.77
C MET E 396 -36.18 0.72 11.95
N THR E 397 -35.00 0.72 12.57
CA THR E 397 -33.78 0.34 11.87
C THR E 397 -32.81 -0.31 12.84
N ASN E 398 -31.77 -0.92 12.28
CA ASN E 398 -30.69 -1.52 13.05
C ASN E 398 -29.37 -0.79 12.90
N ARG E 399 -29.24 0.10 11.93
CA ARG E 399 -27.98 0.79 11.66
C ARG E 399 -28.32 2.23 11.32
N LYS E 400 -28.20 3.12 12.31
CA LYS E 400 -28.48 4.53 12.08
C LYS E 400 -27.46 5.15 11.13
N ASP E 401 -26.21 4.72 11.21
CA ASP E 401 -25.16 5.35 10.43
C ASP E 401 -25.48 5.38 8.94
N LEU E 402 -26.15 4.34 8.43
CA LEU E 402 -26.43 4.27 7.00
C LEU E 402 -27.55 5.20 6.54
N ILE E 403 -28.37 5.69 7.47
CA ILE E 403 -29.47 6.58 7.09
C ILE E 403 -28.91 7.90 6.58
N ASP E 404 -29.55 8.45 5.55
CA ASP E 404 -29.11 9.72 4.99
C ASP E 404 -29.19 10.81 6.05
N SER E 405 -28.13 11.60 6.16
CA SER E 405 -28.06 12.64 7.18
C SER E 405 -29.10 13.73 6.95
N ALA E 406 -29.58 13.89 5.72
CA ALA E 406 -30.52 14.97 5.42
C ALA E 406 -31.82 14.81 6.18
N LEU E 407 -32.18 13.58 6.56
CA LEU E 407 -33.43 13.33 7.26
C LEU E 407 -33.30 13.43 8.77
N LEU E 408 -32.07 13.61 9.29
CA LEU E 408 -31.85 13.75 10.72
C LEU E 408 -31.60 15.22 11.02
N ARG E 409 -32.70 15.96 11.17
CA ARG E 409 -32.64 17.39 11.45
C ARG E 409 -33.99 17.80 12.02
N PRO E 410 -34.08 18.97 12.66
CA PRO E 410 -35.36 19.41 13.20
C PRO E 410 -36.43 19.50 12.11
N GLY E 411 -37.64 19.07 12.46
CA GLY E 411 -38.73 19.00 11.52
C GLY E 411 -38.83 17.70 10.74
N ARG E 412 -37.84 16.83 10.86
CA ARG E 412 -37.83 15.55 10.14
C ARG E 412 -37.12 14.53 11.03
N PHE E 413 -37.89 13.60 11.58
CA PHE E 413 -37.34 12.57 12.48
C PHE E 413 -36.53 13.23 13.60
N GLU E 414 -37.23 14.02 14.41
CA GLU E 414 -36.56 14.77 15.46
C GLU E 414 -36.12 13.84 16.59
N VAL E 415 -37.09 13.18 17.24
CA VAL E 415 -36.78 12.40 18.43
C VAL E 415 -36.24 11.03 18.01
N GLN E 416 -35.14 10.63 18.64
CA GLN E 416 -34.51 9.33 18.42
C GLN E 416 -34.43 8.60 19.75
N VAL E 417 -34.99 7.40 19.81
CA VAL E 417 -35.04 6.58 21.01
C VAL E 417 -34.18 5.36 20.75
N GLU E 418 -33.23 5.09 21.66
CA GLU E 418 -32.38 3.92 21.55
C GLU E 418 -32.91 2.82 22.46
N ILE E 419 -32.98 1.60 21.92
CA ILE E 419 -33.38 0.42 22.68
C ILE E 419 -32.15 -0.47 22.85
N HIS E 420 -31.75 -0.69 24.11
CA HIS E 420 -30.58 -1.48 24.42
C HIS E 420 -31.00 -2.78 25.12
N LEU E 421 -30.00 -3.58 25.47
CA LEU E 421 -30.24 -4.88 26.07
C LEU E 421 -30.90 -4.75 27.44
N PRO E 422 -31.72 -5.71 27.83
CA PRO E 422 -32.50 -5.56 29.07
C PRO E 422 -31.63 -5.70 30.30
N ASP E 423 -32.19 -5.25 31.43
CA ASP E 423 -31.55 -5.40 32.72
C ASP E 423 -32.06 -6.67 33.41
N GLU E 424 -31.50 -6.97 34.58
CA GLU E 424 -31.83 -8.21 35.27
C GLU E 424 -33.30 -8.28 35.61
N LYS E 425 -33.87 -7.18 36.11
CA LYS E 425 -35.30 -7.15 36.40
C LYS E 425 -36.12 -7.27 35.13
N GLY E 426 -35.71 -6.58 34.07
CA GLY E 426 -36.35 -6.79 32.78
C GLY E 426 -36.21 -8.22 32.29
N ARG E 427 -35.15 -8.93 32.66
CA ARG E 427 -35.09 -10.30 32.17
C ARG E 427 -35.99 -11.14 32.96
N LEU E 428 -36.16 -10.85 34.24
CA LEU E 428 -37.17 -11.59 34.98
C LEU E 428 -38.57 -11.34 34.40
N GLN E 429 -38.86 -10.09 34.01
CA GLN E 429 -40.15 -9.81 33.41
C GLN E 429 -40.33 -10.59 32.11
N ILE E 430 -39.30 -10.61 31.26
CA ILE E 430 -39.39 -11.35 30.01
C ILE E 430 -39.61 -12.84 30.26
N PHE E 431 -38.87 -13.41 31.22
CA PHE E 431 -39.04 -14.81 31.54
C PHE E 431 -40.46 -15.11 32.01
N ASP E 432 -41.02 -14.23 32.84
CA ASP E 432 -42.40 -14.41 33.28
C ASP E 432 -43.36 -14.36 32.10
N ILE E 433 -43.18 -13.39 31.21
CA ILE E 433 -44.10 -13.25 30.08
C ILE E 433 -44.03 -14.50 29.20
N GLN E 434 -42.82 -14.98 28.93
CA GLN E 434 -42.66 -16.13 28.04
C GLN E 434 -43.26 -17.39 28.64
N THR E 435 -43.13 -17.58 29.96
CA THR E 435 -43.59 -18.81 30.60
C THR E 435 -45.00 -18.69 31.21
N LYS E 436 -45.67 -17.56 31.03
CA LYS E 436 -47.04 -17.41 31.49
C LYS E 436 -47.92 -18.60 31.11
N LYS E 437 -48.10 -18.83 29.80
CA LYS E 437 -49.01 -19.87 29.36
C LYS E 437 -48.55 -21.26 29.80
N MET E 438 -47.24 -21.48 29.84
CA MET E 438 -46.73 -22.77 30.31
C MET E 438 -47.10 -23.02 31.76
N ARG E 439 -46.98 -21.99 32.60
CA ARG E 439 -47.31 -22.14 34.01
C ARG E 439 -48.80 -22.29 34.22
N GLU E 440 -49.62 -21.58 33.44
CA GLU E 440 -51.05 -21.54 33.71
C GLU E 440 -51.68 -22.93 33.61
N ASN E 441 -51.26 -23.72 32.63
CA ASN E 441 -51.87 -25.02 32.36
C ASN E 441 -51.21 -26.17 33.13
N ASN E 442 -50.43 -25.86 34.15
CA ASN E 442 -49.78 -26.88 34.98
C ASN E 442 -48.82 -27.75 34.16
N MET E 443 -48.21 -27.18 33.14
CA MET E 443 -47.24 -27.90 32.32
C MET E 443 -45.81 -27.73 32.82
N MET E 444 -45.57 -26.88 33.80
CA MET E 444 -44.24 -26.63 34.34
C MET E 444 -44.15 -27.17 35.75
N SER E 445 -43.12 -27.97 36.01
CA SER E 445 -42.94 -28.53 37.34
C SER E 445 -42.60 -27.42 38.33
N ASP E 446 -43.09 -27.58 39.57
CA ASP E 446 -42.88 -26.58 40.60
C ASP E 446 -41.42 -26.40 40.96
N ASP E 447 -40.56 -27.34 40.59
CA ASP E 447 -39.14 -27.23 40.95
C ASP E 447 -38.51 -26.00 40.31
N VAL E 448 -38.87 -25.72 39.04
CA VAL E 448 -38.23 -24.64 38.31
C VAL E 448 -38.33 -23.33 39.10
N ASN E 449 -37.23 -22.58 39.13
CA ASN E 449 -37.15 -21.33 39.86
C ASN E 449 -36.67 -20.25 38.90
N LEU E 450 -37.56 -19.30 38.56
CA LEU E 450 -37.25 -18.31 37.55
C LEU E 450 -36.12 -17.37 37.97
N ALA E 451 -35.97 -17.11 39.27
CA ALA E 451 -34.93 -16.21 39.73
C ALA E 451 -33.54 -16.74 39.39
N GLU E 452 -33.32 -18.03 39.61
CA GLU E 452 -32.03 -18.62 39.29
C GLU E 452 -31.72 -18.50 37.80
N LEU E 453 -32.71 -18.78 36.96
CA LEU E 453 -32.52 -18.67 35.51
C LEU E 453 -32.20 -17.23 35.11
N ALA E 454 -32.94 -16.28 35.67
CA ALA E 454 -32.65 -14.88 35.37
C ALA E 454 -31.23 -14.52 35.79
N ALA E 455 -30.76 -15.10 36.89
CA ALA E 455 -29.38 -14.86 37.33
C ALA E 455 -28.38 -15.46 36.35
N LEU E 456 -28.65 -16.66 35.84
CA LEU E 456 -27.68 -17.36 35.02
C LEU E 456 -27.52 -16.70 33.64
N THR E 457 -28.61 -16.26 33.02
CA THR E 457 -28.55 -15.67 31.69
C THR E 457 -27.94 -14.28 31.81
N LYS E 458 -26.63 -14.18 31.57
CA LYS E 458 -25.92 -12.93 31.82
C LYS E 458 -26.26 -11.86 30.80
N ASN E 459 -26.29 -12.21 29.51
CA ASN E 459 -26.39 -11.21 28.44
C ASN E 459 -27.44 -11.59 27.39
N PHE E 460 -28.48 -12.31 27.79
CA PHE E 460 -29.47 -12.78 26.83
C PHE E 460 -30.48 -11.68 26.55
N SER E 461 -30.74 -11.42 25.28
CA SER E 461 -31.84 -10.54 24.89
C SER E 461 -33.15 -11.31 24.89
N GLY E 462 -34.22 -10.66 24.45
CA GLY E 462 -35.53 -11.31 24.49
C GLY E 462 -35.60 -12.51 23.57
N ALA E 463 -35.13 -12.35 22.33
CA ALA E 463 -35.21 -13.44 21.36
C ALA E 463 -34.44 -14.66 21.83
N GLU E 464 -33.25 -14.46 22.40
CA GLU E 464 -32.48 -15.59 22.91
C GLU E 464 -33.17 -16.25 24.10
N ILE E 465 -33.88 -15.48 24.93
CA ILE E 465 -34.63 -16.09 26.02
C ILE E 465 -35.76 -16.96 25.49
N GLU E 466 -36.48 -16.48 24.48
CA GLU E 466 -37.52 -17.31 23.88
C GLU E 466 -36.92 -18.58 23.28
N GLY E 467 -35.79 -18.44 22.59
CA GLY E 467 -35.12 -19.61 22.05
C GLY E 467 -34.73 -20.59 23.14
N LEU E 468 -34.23 -20.08 24.27
CA LEU E 468 -33.90 -20.95 25.39
C LEU E 468 -35.12 -21.69 25.89
N VAL E 469 -36.25 -21.00 26.01
CA VAL E 469 -37.47 -21.64 26.50
C VAL E 469 -37.85 -22.81 25.59
N LYS E 470 -37.90 -22.57 24.28
CA LYS E 470 -38.36 -23.67 23.41
C LYS E 470 -37.32 -24.76 23.25
N SER E 471 -36.03 -24.42 23.31
CA SER E 471 -35.00 -25.47 23.28
C SER E 471 -35.11 -26.36 24.51
N ALA E 472 -35.37 -25.78 25.68
CA ALA E 472 -35.57 -26.58 26.87
C ALA E 472 -36.83 -27.43 26.77
N SER E 473 -37.89 -26.89 26.18
CA SER E 473 -39.11 -27.68 26.01
C SER E 473 -38.87 -28.87 25.08
N SER E 474 -37.97 -28.72 24.10
CA SER E 474 -37.70 -29.81 23.18
C SER E 474 -37.17 -31.04 23.90
N PHE E 475 -36.31 -30.84 24.92
CA PHE E 475 -35.81 -31.97 25.69
C PHE E 475 -36.95 -32.75 26.33
N ALA E 476 -37.87 -32.04 26.98
CA ALA E 476 -39.01 -32.71 27.60
C ALA E 476 -39.85 -33.43 26.55
N ILE E 477 -39.99 -32.84 25.37
CA ILE E 477 -40.74 -33.49 24.31
C ILE E 477 -40.07 -34.79 23.89
N ASN E 478 -38.73 -34.80 23.88
CA ASN E 478 -37.96 -35.90 23.31
C ASN E 478 -37.68 -37.04 24.29
N LYS E 479 -38.46 -37.17 25.35
CA LYS E 479 -38.34 -38.32 26.24
C LYS E 479 -39.43 -39.35 26.00
N THR E 480 -40.56 -38.95 25.45
CA THR E 480 -41.62 -39.88 25.07
C THR E 480 -41.49 -40.29 23.60
N VAL E 481 -41.32 -39.32 22.71
CA VAL E 481 -41.12 -39.60 21.29
C VAL E 481 -39.63 -39.75 21.06
N ASN E 482 -39.18 -40.95 20.73
CA ASN E 482 -37.77 -41.21 20.43
C ASN E 482 -37.59 -41.09 18.92
N ILE E 483 -37.04 -39.97 18.48
CA ILE E 483 -36.86 -39.70 17.06
C ILE E 483 -35.69 -40.52 16.55
N GLY E 484 -35.91 -41.26 15.46
CA GLY E 484 -34.86 -42.07 14.87
C GLY E 484 -34.78 -43.46 15.47
N LYS E 485 -34.32 -43.55 16.71
CA LYS E 485 -34.16 -44.85 17.35
C LYS E 485 -35.50 -45.56 17.43
N GLY E 486 -35.53 -46.83 17.02
CA GLY E 486 -36.76 -47.58 17.03
C GLY E 486 -37.78 -46.96 16.08
N ALA E 487 -39.06 -47.26 16.35
CA ALA E 487 -40.17 -46.69 15.62
C ALA E 487 -40.82 -45.59 16.46
N THR E 488 -41.93 -45.06 15.97
CA THR E 488 -42.70 -44.05 16.71
C THR E 488 -43.40 -44.73 17.88
N LYS E 489 -42.85 -44.55 19.07
CA LYS E 489 -43.40 -45.11 20.30
C LYS E 489 -43.89 -43.94 21.16
N LEU E 490 -45.19 -43.66 21.09
CA LEU E 490 -45.79 -42.55 21.81
C LEU E 490 -46.54 -43.12 23.00
N ASN E 491 -46.03 -42.86 24.21
CA ASN E 491 -46.69 -43.27 25.45
C ASN E 491 -47.88 -42.36 25.69
N THR E 492 -49.09 -42.85 25.38
CA THR E 492 -50.27 -42.01 25.48
C THR E 492 -50.57 -41.61 26.92
N LYS E 493 -49.97 -42.28 27.91
CA LYS E 493 -50.18 -41.94 29.30
C LYS E 493 -49.23 -40.85 29.78
N ASP E 494 -47.95 -40.93 29.41
CA ASP E 494 -47.00 -39.88 29.74
C ASP E 494 -47.29 -38.59 28.98
N ILE E 495 -48.11 -38.64 27.93
CA ILE E 495 -48.50 -37.41 27.24
C ILE E 495 -49.25 -36.48 28.19
N ALA E 496 -50.08 -37.05 29.06
CA ALA E 496 -50.80 -36.24 30.05
C ALA E 496 -49.92 -35.81 31.21
N LYS E 497 -48.78 -36.46 31.43
CA LYS E 497 -47.87 -36.10 32.50
C LYS E 497 -46.66 -35.30 32.01
N LEU E 498 -46.70 -34.80 30.79
CA LEU E 498 -45.59 -34.01 30.27
C LEU E 498 -45.31 -32.84 31.21
N LYS E 499 -44.04 -32.66 31.56
CA LYS E 499 -43.67 -31.66 32.56
C LYS E 499 -42.20 -31.30 32.39
N VAL E 500 -41.90 -30.01 32.37
CA VAL E 500 -40.52 -29.56 32.27
C VAL E 500 -39.90 -29.53 33.66
N THR E 501 -38.57 -29.61 33.70
CA THR E 501 -37.83 -29.63 34.96
C THR E 501 -36.55 -28.83 34.82
N ARG E 502 -35.76 -28.80 35.90
CA ARG E 502 -34.61 -27.89 35.95
C ARG E 502 -33.48 -28.35 35.05
N GLU E 503 -33.17 -29.66 35.06
CA GLU E 503 -32.06 -30.15 34.27
C GLU E 503 -32.26 -29.86 32.78
N ASP E 504 -33.52 -29.88 32.32
CA ASP E 504 -33.78 -29.50 30.93
C ASP E 504 -33.34 -28.06 30.68
N PHE E 505 -33.66 -27.17 31.60
CA PHE E 505 -33.28 -25.77 31.42
C PHE E 505 -31.77 -25.60 31.45
N LEU E 506 -31.07 -26.34 32.31
CA LEU E 506 -29.61 -26.26 32.34
C LEU E 506 -29.01 -26.76 31.02
N ASN E 507 -29.53 -27.87 30.50
CA ASN E 507 -29.05 -28.36 29.22
C ASN E 507 -29.32 -27.34 28.10
N ALA E 508 -30.50 -26.71 28.14
CA ALA E 508 -30.81 -25.67 27.15
C ALA E 508 -29.82 -24.53 27.25
N LEU E 509 -29.49 -24.10 28.46
CA LEU E 509 -28.43 -23.12 28.64
C LEU E 509 -27.16 -23.59 27.96
N ASN E 510 -26.89 -24.89 28.04
CA ASN E 510 -25.73 -25.45 27.36
C ASN E 510 -25.83 -25.25 25.85
N ASP E 511 -27.00 -25.50 25.26
CA ASP E 511 -27.14 -25.39 23.81
C ASP E 511 -27.01 -23.94 23.34
N VAL E 512 -27.92 -23.08 23.78
CA VAL E 512 -27.96 -21.70 23.31
C VAL E 512 -26.83 -20.90 23.93
N THR E 513 -26.23 -20.01 23.14
CA THR E 513 -25.16 -19.15 23.59
C THR E 513 -25.47 -17.72 23.20
N PRO E 514 -25.03 -16.74 23.98
CA PRO E 514 -25.23 -15.34 23.61
C PRO E 514 -24.21 -14.90 22.56
N ALA E 515 -24.50 -13.75 21.95
CA ALA E 515 -23.65 -13.19 20.91
C ALA E 515 -22.97 -11.89 21.33
N PHE E 516 -22.97 -11.57 22.62
CA PHE E 516 -22.41 -10.31 23.10
C PHE E 516 -21.21 -10.55 24.01
N GLY E 517 -21.37 -11.32 25.09
CA GLY E 517 -20.25 -11.93 25.79
C GLY E 517 -19.37 -11.00 26.60
N ILE E 518 -18.62 -10.14 25.92
CA ILE E 518 -17.64 -9.23 26.51
C ILE E 518 -16.68 -9.97 27.47
N SER E 519 -17.18 -10.45 28.60
CA SER E 519 -16.31 -10.84 29.71
C SER E 519 -17.10 -11.66 30.71
N GLU E 520 -16.52 -11.86 31.89
CA GLU E 520 -17.06 -12.66 32.99
C GLU E 520 -16.81 -14.14 32.76
N GLU E 521 -16.02 -14.49 31.74
CA GLU E 521 -15.59 -15.87 31.51
C GLU E 521 -14.08 -16.03 31.54
N ASP E 522 -13.34 -15.07 30.97
CA ASP E 522 -11.88 -15.16 30.98
C ASP E 522 -11.33 -15.15 32.40
N LEU E 523 -11.86 -14.28 33.25
CA LEU E 523 -11.41 -14.24 34.65
C LEU E 523 -11.73 -15.54 35.36
N LYS E 524 -12.91 -16.12 35.12
CA LYS E 524 -13.25 -17.37 35.79
C LYS E 524 -12.29 -18.47 35.38
N THR E 525 -11.94 -18.57 34.10
CA THR E 525 -11.02 -19.60 33.67
C THR E 525 -9.59 -19.31 34.11
N CYS E 526 -9.26 -18.05 34.40
CA CYS E 526 -7.91 -17.70 34.81
C CYS E 526 -7.57 -18.21 36.20
N VAL E 527 -8.57 -18.63 36.99
CA VAL E 527 -8.38 -19.13 38.34
C VAL E 527 -8.91 -20.55 38.42
N GLU E 528 -8.85 -21.27 37.31
CA GLU E 528 -9.44 -22.60 37.25
C GLU E 528 -8.80 -23.55 38.27
N GLY E 529 -7.48 -23.49 38.43
CA GLY E 529 -6.82 -24.34 39.39
C GLY E 529 -7.21 -24.06 40.82
N GLY E 530 -7.78 -22.89 41.10
CA GLY E 530 -8.29 -22.56 42.41
C GLY E 530 -7.19 -22.15 43.38
N MET E 531 -7.61 -21.81 44.58
CA MET E 531 -6.71 -21.41 45.64
C MET E 531 -6.38 -22.58 46.55
N MET E 532 -5.39 -22.36 47.43
CA MET E 532 -5.02 -23.39 48.40
C MET E 532 -4.79 -22.88 49.81
N LEU E 533 -4.63 -21.57 50.02
CA LEU E 533 -4.41 -21.03 51.37
C LEU E 533 -3.31 -21.80 52.09
N TYR E 534 -2.21 -22.05 51.38
CA TYR E 534 -1.11 -22.83 51.93
C TYR E 534 -0.34 -22.09 53.03
N SER E 535 -0.57 -20.79 53.23
CA SER E 535 0.13 -20.04 54.25
C SER E 535 -0.63 -18.76 54.53
N GLU E 536 -0.12 -17.96 55.47
CA GLU E 536 -0.79 -16.74 55.90
C GLU E 536 -0.66 -15.61 54.88
N ARG E 537 0.38 -15.65 54.03
CA ARG E 537 0.61 -14.56 53.10
C ARG E 537 -0.59 -14.38 52.17
N VAL E 538 -1.17 -15.50 51.73
CA VAL E 538 -2.33 -15.42 50.84
C VAL E 538 -3.46 -14.68 51.54
N ASN E 539 -3.72 -15.01 52.80
CA ASN E 539 -4.79 -14.36 53.54
C ASN E 539 -4.52 -12.87 53.69
N SER E 540 -3.28 -12.51 54.01
CA SER E 540 -2.97 -11.09 54.18
C SER E 540 -3.16 -10.32 52.88
N ILE E 541 -2.71 -10.89 51.77
CA ILE E 541 -2.86 -10.21 50.48
C ILE E 541 -4.33 -10.04 50.14
N LEU E 542 -5.13 -11.08 50.37
CA LEU E 542 -6.56 -10.96 50.07
C LEU E 542 -7.20 -9.89 50.94
N LYS E 543 -6.81 -9.83 52.21
CA LYS E 543 -7.36 -8.80 53.09
C LYS E 543 -7.00 -7.40 52.61
N ASN E 544 -5.76 -7.21 52.16
CA ASN E 544 -5.36 -5.90 51.65
C ASN E 544 -6.17 -5.52 50.41
N GLY E 545 -6.36 -6.49 49.51
CA GLY E 545 -7.21 -6.23 48.35
C GLY E 545 -8.62 -5.82 48.76
N ALA E 546 -9.16 -6.49 49.78
CA ALA E 546 -10.49 -6.13 50.26
C ALA E 546 -10.50 -4.71 50.82
N ARG E 547 -9.45 -4.33 51.55
CA ARG E 547 -9.39 -2.97 52.07
C ARG E 547 -9.41 -1.95 50.94
N TYR E 548 -8.63 -2.19 49.89
CA TYR E 548 -8.61 -1.24 48.78
C TYR E 548 -9.94 -1.17 48.06
N VAL E 549 -10.60 -2.31 47.84
CA VAL E 549 -11.91 -2.27 47.18
C VAL E 549 -12.91 -1.51 48.04
N ARG E 550 -12.86 -1.71 49.37
CA ARG E 550 -13.74 -0.94 50.24
C ARG E 550 -13.46 0.56 50.11
N GLN E 551 -12.18 0.94 50.09
CA GLN E 551 -11.82 2.35 49.99
C GLN E 551 -12.36 2.96 48.71
N VAL E 552 -12.18 2.27 47.58
CA VAL E 552 -12.70 2.80 46.32
C VAL E 552 -14.22 2.80 46.29
N ARG E 553 -14.85 1.92 47.06
CA ARG E 553 -16.31 1.87 47.07
C ARG E 553 -16.91 3.01 47.89
N GLU E 554 -16.28 3.40 48.99
CA GLU E 554 -16.90 4.34 49.92
C GLU E 554 -16.61 5.80 49.55
N SER E 555 -15.34 6.18 49.52
CA SER E 555 -14.99 7.60 49.40
C SER E 555 -15.42 8.16 48.05
N ASP E 556 -15.72 9.45 48.05
CA ASP E 556 -16.04 10.17 46.82
C ASP E 556 -14.90 11.04 46.32
N LYS E 557 -13.84 11.23 47.11
CA LYS E 557 -12.69 12.00 46.67
C LYS E 557 -11.63 11.16 45.99
N SER E 558 -11.60 9.85 46.26
CA SER E 558 -10.66 8.93 45.63
C SER E 558 -11.33 8.31 44.42
N ARG E 559 -11.14 8.93 43.26
CA ARG E 559 -11.76 8.49 42.02
C ARG E 559 -10.82 7.66 41.16
N LEU E 560 -9.64 7.31 41.66
CA LEU E 560 -8.70 6.51 40.88
C LEU E 560 -7.66 5.92 41.81
N VAL E 561 -7.48 4.60 41.73
CA VAL E 561 -6.47 3.90 42.49
C VAL E 561 -5.82 2.87 41.57
N SER E 562 -4.49 2.79 41.63
CA SER E 562 -3.72 1.85 40.82
C SER E 562 -2.80 1.07 41.74
N LEU E 563 -2.64 -0.22 41.46
CA LEU E 563 -1.82 -1.10 42.28
C LEU E 563 -0.91 -1.94 41.42
N LEU E 564 0.26 -2.27 41.97
CA LEU E 564 1.22 -3.16 41.33
C LEU E 564 1.38 -4.42 42.15
N ILE E 565 1.41 -5.56 41.46
CA ILE E 565 1.62 -6.86 42.09
C ILE E 565 2.85 -7.50 41.44
N HIS E 566 3.93 -7.59 42.21
CA HIS E 566 5.21 -8.01 41.66
C HIS E 566 5.81 -9.12 42.49
N GLY E 567 6.51 -10.03 41.82
CA GLY E 567 7.18 -11.12 42.49
C GLY E 567 7.94 -12.01 41.52
N PRO E 568 8.61 -13.03 42.04
CA PRO E 568 9.37 -13.93 41.18
C PRO E 568 8.48 -14.62 40.16
N ALA E 569 9.10 -15.10 39.09
CA ALA E 569 8.35 -15.71 37.99
C ALA E 569 7.76 -17.03 38.44
N GLY E 570 6.48 -17.24 38.15
CA GLY E 570 5.82 -18.49 38.46
C GLY E 570 5.24 -18.59 39.85
N SER E 571 5.43 -17.57 40.70
CA SER E 571 4.88 -17.62 42.05
C SER E 571 3.37 -17.67 42.05
N GLY E 572 2.72 -17.17 41.01
CA GLY E 572 1.28 -17.10 40.95
C GLY E 572 0.82 -15.71 41.29
N LYS E 573 0.50 -14.91 40.26
CA LYS E 573 0.12 -13.53 40.46
C LYS E 573 -1.22 -13.24 39.82
N THR E 574 -1.40 -13.67 38.57
CA THR E 574 -2.65 -13.41 37.88
C THR E 574 -3.82 -14.06 38.61
N ALA E 575 -3.60 -15.25 39.17
CA ALA E 575 -4.66 -15.93 39.89
C ALA E 575 -5.13 -15.10 41.08
N LEU E 576 -4.19 -14.52 41.82
CA LEU E 576 -4.54 -13.73 43.00
C LEU E 576 -5.36 -12.49 42.60
N ALA E 577 -4.92 -11.78 41.56
CA ALA E 577 -5.64 -10.60 41.13
C ALA E 577 -7.04 -10.96 40.63
N ALA E 578 -7.16 -12.04 39.87
CA ALA E 578 -8.47 -12.47 39.40
C ALA E 578 -9.37 -12.84 40.56
N GLU E 579 -8.82 -13.51 41.57
CA GLU E 579 -9.62 -13.86 42.74
C GLU E 579 -10.16 -12.61 43.44
N ILE E 580 -9.30 -11.61 43.65
CA ILE E 580 -9.77 -10.39 44.30
C ILE E 580 -10.84 -9.72 43.46
N ALA E 581 -10.62 -9.63 42.14
CA ALA E 581 -11.61 -8.97 41.28
C ALA E 581 -12.95 -9.68 41.32
N LEU E 582 -12.94 -11.02 41.26
CA LEU E 582 -14.19 -11.76 41.31
C LEU E 582 -14.90 -11.58 42.64
N LYS E 583 -14.15 -11.63 43.74
CA LYS E 583 -14.77 -11.43 45.05
C LYS E 583 -15.32 -10.02 45.23
N SER E 584 -14.79 -9.04 44.51
CA SER E 584 -15.26 -7.66 44.66
C SER E 584 -16.75 -7.54 44.32
N GLY E 585 -17.16 -8.10 43.19
CA GLY E 585 -18.56 -8.04 42.81
C GLY E 585 -19.02 -6.74 42.20
N PHE E 586 -18.13 -5.99 41.54
CA PHE E 586 -18.50 -4.72 40.93
C PHE E 586 -19.28 -4.97 39.65
N PRO E 587 -20.03 -3.96 39.18
CA PRO E 587 -20.80 -4.14 37.94
C PRO E 587 -19.95 -4.44 36.71
N PHE E 588 -18.78 -3.81 36.58
CA PHE E 588 -17.95 -3.92 35.39
C PHE E 588 -16.62 -4.56 35.75
N ILE E 589 -16.23 -5.58 35.01
CA ILE E 589 -14.96 -6.27 35.23
C ILE E 589 -14.44 -6.75 33.88
N ARG E 590 -13.14 -6.61 33.66
CA ARG E 590 -12.52 -7.11 32.44
C ARG E 590 -11.03 -7.33 32.67
N LEU E 591 -10.42 -8.07 31.75
CA LEU E 591 -9.02 -8.45 31.85
C LEU E 591 -8.34 -8.30 30.50
N ILE E 592 -7.16 -7.66 30.49
CA ILE E 592 -6.36 -7.48 29.29
C ILE E 592 -5.13 -8.36 29.42
N SER E 593 -4.93 -9.25 28.46
CA SER E 593 -3.84 -10.21 28.49
C SER E 593 -3.26 -10.36 27.09
N PRO E 594 -2.01 -10.79 26.97
CA PRO E 594 -1.41 -10.92 25.63
C PRO E 594 -2.14 -11.91 24.74
N ASN E 595 -2.90 -12.84 25.30
CA ASN E 595 -3.61 -13.82 24.47
C ASN E 595 -4.57 -13.13 23.51
N GLU E 596 -5.33 -12.14 24.00
CA GLU E 596 -6.29 -11.45 23.16
C GLU E 596 -5.60 -10.68 22.04
N LEU E 597 -4.51 -9.99 22.35
CA LEU E 597 -3.84 -9.10 21.40
C LEU E 597 -2.99 -9.85 20.38
N SER E 598 -2.78 -11.15 20.54
CA SER E 598 -1.87 -11.86 19.67
C SER E 598 -2.32 -11.78 18.22
N GLY E 599 -1.35 -11.60 17.32
CA GLY E 599 -1.60 -11.62 15.90
C GLY E 599 -2.02 -10.29 15.30
N MET E 600 -2.24 -9.26 16.12
CA MET E 600 -2.64 -7.96 15.61
C MET E 600 -1.43 -7.16 15.17
N SER E 601 -1.69 -6.16 14.33
CA SER E 601 -0.70 -5.15 14.00
C SER E 601 -0.65 -4.09 15.10
N GLU E 602 0.43 -3.30 15.11
CA GLU E 602 0.65 -2.37 16.21
C GLU E 602 -0.48 -1.35 16.33
N SER E 603 -0.92 -0.80 15.19
CA SER E 603 -2.01 0.16 15.23
C SER E 603 -3.28 -0.47 15.78
N ALA E 604 -3.55 -1.71 15.39
CA ALA E 604 -4.71 -2.42 15.93
C ALA E 604 -4.60 -2.59 17.44
N LYS E 605 -3.41 -2.92 17.94
CA LYS E 605 -3.23 -3.05 19.38
C LYS E 605 -3.53 -1.74 20.09
N ILE E 606 -3.02 -0.63 19.55
CA ILE E 606 -3.26 0.67 20.18
C ILE E 606 -4.75 0.98 20.19
N ALA E 607 -5.42 0.76 19.07
CA ALA E 607 -6.86 1.02 19.02
C ALA E 607 -7.62 0.14 20.00
N TYR E 608 -7.22 -1.12 20.12
CA TYR E 608 -7.91 -2.03 21.04
C TYR E 608 -7.75 -1.56 22.49
N ILE E 609 -6.54 -1.20 22.89
CA ILE E 609 -6.33 -0.75 24.26
C ILE E 609 -7.12 0.52 24.52
N ASP E 610 -7.08 1.47 23.58
CA ASP E 610 -7.80 2.72 23.77
C ASP E 610 -9.30 2.48 23.91
N ASN E 611 -9.86 1.62 23.05
CA ASN E 611 -11.29 1.34 23.12
C ASN E 611 -11.66 0.66 24.43
N THR E 612 -10.82 -0.27 24.89
CA THR E 612 -11.12 -0.96 26.15
C THR E 612 -11.14 0.03 27.31
N PHE E 613 -10.15 0.93 27.37
CA PHE E 613 -10.17 1.93 28.43
C PHE E 613 -11.41 2.80 28.34
N ARG E 614 -11.72 3.30 27.14
CA ARG E 614 -12.87 4.19 27.00
C ARG E 614 -14.15 3.49 27.42
N ASP E 615 -14.30 2.22 27.07
CA ASP E 615 -15.45 1.45 27.51
C ASP E 615 -15.49 1.35 29.03
N ALA E 616 -14.34 1.11 29.67
CA ALA E 616 -14.32 1.01 31.12
C ALA E 616 -14.72 2.31 31.81
N TYR E 617 -14.60 3.45 31.14
CA TYR E 617 -14.92 4.74 31.74
C TYR E 617 -16.42 5.03 31.82
N LYS E 618 -17.27 4.01 31.69
CA LYS E 618 -18.71 4.23 31.50
C LYS E 618 -19.52 4.05 32.80
N SER E 619 -19.44 2.87 33.40
CA SER E 619 -20.30 2.50 34.51
C SER E 619 -19.88 3.18 35.81
N PRO E 620 -20.79 3.23 36.80
CA PRO E 620 -20.45 3.93 38.05
C PRO E 620 -19.26 3.36 38.79
N LEU E 621 -19.04 2.04 38.76
CA LEU E 621 -17.90 1.42 39.41
C LEU E 621 -17.24 0.43 38.47
N ASN E 622 -15.91 0.36 38.50
CA ASN E 622 -15.17 -0.38 37.47
C ASN E 622 -13.87 -0.93 38.05
N ILE E 623 -13.53 -2.17 37.65
CA ILE E 623 -12.26 -2.80 37.99
C ILE E 623 -11.61 -3.26 36.69
N LEU E 624 -10.32 -2.96 36.53
CA LEU E 624 -9.57 -3.34 35.34
C LEU E 624 -8.27 -4.02 35.76
N VAL E 625 -7.98 -5.16 35.16
CA VAL E 625 -6.81 -5.96 35.48
C VAL E 625 -5.89 -6.02 34.27
N ILE E 626 -4.61 -5.74 34.47
CA ILE E 626 -3.60 -5.76 33.42
C ILE E 626 -2.58 -6.83 33.78
N ASP E 627 -2.32 -7.74 32.86
CA ASP E 627 -1.57 -8.95 33.13
C ASP E 627 -0.27 -8.96 32.35
N SER E 628 0.85 -9.14 33.06
CA SER E 628 2.17 -9.30 32.43
C SER E 628 2.51 -8.07 31.57
N LEU E 629 2.67 -6.95 32.25
CA LEU E 629 2.92 -5.69 31.55
C LEU E 629 4.10 -5.79 30.59
N GLU E 630 5.18 -6.45 31.01
CA GLU E 630 6.39 -6.47 30.19
C GLU E 630 6.15 -7.13 28.84
N THR E 631 5.24 -8.10 28.77
CA THR E 631 4.98 -8.78 27.49
C THR E 631 4.15 -7.92 26.56
N LEU E 632 3.27 -7.06 27.10
CA LEU E 632 2.46 -6.20 26.26
C LEU E 632 3.33 -5.23 25.46
N VAL E 633 4.57 -5.02 25.87
CA VAL E 633 5.47 -4.04 25.28
C VAL E 633 6.56 -4.68 24.43
N ASP E 634 6.58 -6.01 24.33
CA ASP E 634 7.54 -6.73 23.48
C ASP E 634 8.98 -6.48 23.94
N TRP E 635 9.28 -6.89 25.16
CA TRP E 635 10.62 -6.66 25.72
C TRP E 635 11.49 -7.89 25.52
N VAL E 636 12.66 -7.68 24.94
CA VAL E 636 13.67 -8.73 24.74
C VAL E 636 15.03 -8.12 25.08
N PRO E 637 15.84 -8.75 25.92
CA PRO E 637 17.01 -8.06 26.49
C PRO E 637 18.27 -8.07 25.61
N ILE E 638 18.19 -8.47 24.34
CA ILE E 638 19.39 -8.48 23.51
C ILE E 638 19.64 -7.11 22.86
N GLY E 639 18.58 -6.36 22.57
CA GLY E 639 18.74 -5.07 21.95
C GLY E 639 19.33 -4.03 22.89
N PRO E 640 18.56 -3.62 23.90
CA PRO E 640 17.20 -4.07 24.24
C PRO E 640 16.16 -3.50 23.30
N ARG E 641 15.25 -4.33 22.81
CA ARG E 641 14.21 -3.90 21.90
C ARG E 641 12.88 -3.89 22.64
N PHE E 642 12.08 -2.86 22.39
CA PHE E 642 10.73 -2.79 22.92
C PHE E 642 9.97 -1.74 22.14
N SER E 643 8.66 -1.76 22.25
CA SER E 643 7.79 -0.85 21.51
C SER E 643 7.55 0.39 22.36
N ASN E 644 8.00 1.55 21.89
CA ASN E 644 7.88 2.76 22.70
C ASN E 644 6.46 3.32 22.68
N ASN E 645 5.74 3.18 21.57
CA ASN E 645 4.42 3.78 21.45
C ASN E 645 3.45 3.20 22.47
N ILE E 646 3.41 1.87 22.58
CA ILE E 646 2.50 1.22 23.52
C ILE E 646 2.87 1.61 24.95
N LEU E 647 4.17 1.62 25.25
CA LEU E 647 4.59 1.99 26.59
C LEU E 647 4.12 3.38 26.94
N GLN E 648 4.29 4.33 26.01
CA GLN E 648 3.88 5.70 26.30
C GLN E 648 2.37 5.81 26.47
N MET E 649 1.59 5.10 25.65
CA MET E 649 0.15 5.15 25.83
C MET E 649 -0.26 4.61 27.19
N LEU E 650 0.31 3.47 27.61
CA LEU E 650 -0.03 2.94 28.92
C LEU E 650 0.38 3.91 30.01
N LYS E 651 1.54 4.55 29.86
CA LYS E 651 2.00 5.49 30.87
C LYS E 651 1.02 6.65 31.02
N VAL E 652 0.54 7.21 29.91
CA VAL E 652 -0.39 8.33 30.03
C VAL E 652 -1.75 7.86 30.55
N ALA E 653 -2.17 6.66 30.15
CA ALA E 653 -3.53 6.21 30.48
C ALA E 653 -3.64 5.84 31.96
N LEU E 654 -2.61 5.24 32.55
CA LEU E 654 -2.71 4.81 33.93
C LEU E 654 -2.90 5.97 34.90
N LYS E 655 -2.81 7.22 34.44
CA LYS E 655 -2.93 8.39 35.31
C LYS E 655 -4.15 9.24 35.02
N ARG E 656 -5.00 8.84 34.08
CA ARG E 656 -6.13 9.66 33.65
C ARG E 656 -7.34 9.38 34.54
N LYS E 657 -7.76 10.39 35.30
CA LYS E 657 -8.95 10.24 36.12
C LYS E 657 -10.20 10.17 35.26
N PRO E 658 -11.20 9.39 35.65
CA PRO E 658 -12.38 9.20 34.81
C PRO E 658 -13.29 10.41 34.87
N PRO E 659 -14.28 10.49 33.98
CA PRO E 659 -15.21 11.62 34.00
C PRO E 659 -15.89 11.77 35.35
N GLN E 660 -16.60 12.88 35.51
CA GLN E 660 -17.13 13.26 36.81
C GLN E 660 -18.04 12.19 37.40
N ASP E 661 -17.84 11.89 38.69
CA ASP E 661 -18.67 10.96 39.44
C ASP E 661 -18.57 9.53 38.92
N ARG E 662 -17.38 9.12 38.51
CA ARG E 662 -17.11 7.72 38.20
C ARG E 662 -15.83 7.28 38.91
N ARG E 663 -15.71 5.98 39.13
CA ARG E 663 -14.58 5.43 39.86
C ARG E 663 -13.96 4.26 39.08
N LEU E 664 -12.68 4.04 39.34
CA LEU E 664 -11.90 3.02 38.65
C LEU E 664 -10.89 2.42 39.62
N LEU E 665 -10.63 1.12 39.48
CA LEU E 665 -9.57 0.46 40.23
C LEU E 665 -8.73 -0.37 39.26
N ILE E 666 -7.48 0.03 39.05
CA ILE E 666 -6.58 -0.65 38.12
C ILE E 666 -5.61 -1.51 38.92
N MET E 667 -5.45 -2.77 38.51
CA MET E 667 -4.56 -3.70 39.18
C MET E 667 -3.68 -4.37 38.13
N THR E 668 -2.39 -4.07 38.15
CA THR E 668 -1.48 -4.58 37.13
C THR E 668 -0.41 -5.44 37.78
N THR E 669 -0.07 -6.54 37.10
CA THR E 669 0.88 -7.50 37.62
C THR E 669 2.11 -7.57 36.73
N THR E 670 3.26 -7.86 37.34
CA THR E 670 4.51 -7.92 36.57
C THR E 670 5.50 -8.83 37.29
N SER E 671 6.56 -9.19 36.55
CA SER E 671 7.58 -10.08 37.06
C SER E 671 9.01 -9.57 36.86
N ALA E 672 9.18 -8.36 36.34
CA ALA E 672 10.50 -7.81 36.00
C ALA E 672 10.68 -6.45 36.65
N TYR E 673 10.35 -6.37 37.94
CA TYR E 673 10.39 -5.12 38.69
C TYR E 673 11.54 -4.21 38.27
N SER E 674 12.73 -4.78 38.11
CA SER E 674 13.90 -3.96 37.76
C SER E 674 13.74 -3.26 36.41
N VAL E 675 13.22 -3.97 35.41
CA VAL E 675 13.06 -3.36 34.09
C VAL E 675 12.08 -2.19 34.15
N LEU E 676 11.01 -2.33 34.92
CA LEU E 676 10.11 -1.20 35.13
C LEU E 676 10.83 -0.08 35.83
N GLN E 677 11.73 -0.40 36.75
CA GLN E 677 12.48 0.66 37.41
C GLN E 677 13.31 1.43 36.40
N GLN E 678 13.96 0.70 35.46
CA GLN E 678 14.81 1.36 34.48
C GLN E 678 14.02 2.27 33.55
N MET E 679 12.86 1.80 33.08
CA MET E 679 12.07 2.65 32.19
C MET E 679 11.55 3.89 32.88
N ASP E 680 11.61 3.95 34.22
CA ASP E 680 11.21 5.13 34.98
C ASP E 680 9.70 5.35 34.96
N ILE E 681 8.92 4.28 34.93
CA ILE E 681 7.48 4.36 35.05
C ILE E 681 7.00 3.92 36.43
N LEU E 682 7.87 3.93 37.42
CA LEU E 682 7.51 3.46 38.75
C LEU E 682 6.79 4.51 39.57
N SER E 683 6.60 5.71 39.03
CA SER E 683 5.97 6.81 39.76
C SER E 683 4.47 6.90 39.53
N CYS E 684 3.89 6.03 38.70
CA CYS E 684 2.46 6.05 38.43
C CYS E 684 1.69 4.96 39.17
N PHE E 685 2.32 4.27 40.12
CA PHE E 685 1.69 3.26 40.94
C PHE E 685 1.62 3.72 42.39
N ASP E 686 0.43 3.66 42.99
CA ASP E 686 0.26 4.15 44.36
C ASP E 686 0.82 3.19 45.38
N ASN E 687 0.69 1.89 45.16
CA ASN E 687 1.15 0.91 46.15
C ASN E 687 1.58 -0.35 45.44
N GLU E 688 2.44 -1.11 46.13
CA GLU E 688 3.02 -2.32 45.59
C GLU E 688 2.83 -3.48 46.55
N ILE E 689 2.63 -4.67 46.01
CA ILE E 689 2.39 -5.88 46.79
C ILE E 689 3.31 -6.98 46.29
N ALA E 690 4.09 -7.56 47.20
CA ALA E 690 4.98 -8.66 46.87
C ALA E 690 4.29 -10.00 47.11
N VAL E 691 4.72 -11.01 46.36
CA VAL E 691 4.14 -12.35 46.46
C VAL E 691 5.26 -13.38 46.60
N PRO E 692 5.94 -13.46 47.74
CA PRO E 692 7.04 -14.41 47.87
C PRO E 692 6.56 -15.84 47.71
N ASN E 693 7.40 -16.66 47.07
CA ASN E 693 7.11 -18.07 46.90
C ASN E 693 7.39 -18.83 48.20
N MET E 694 6.87 -20.04 48.28
CA MET E 694 6.94 -20.80 49.53
C MET E 694 8.33 -21.40 49.72
N THR E 695 8.72 -21.52 50.99
CA THR E 695 10.02 -22.07 51.35
C THR E 695 9.97 -23.13 52.46
N ASN E 696 8.94 -23.16 53.28
CA ASN E 696 8.86 -24.12 54.37
C ASN E 696 8.23 -25.42 53.90
N LEU E 697 8.75 -26.55 54.39
CA LEU E 697 8.20 -27.85 54.01
C LEU E 697 6.76 -28.02 54.46
N ASP E 698 6.33 -27.25 55.46
CA ASP E 698 4.94 -27.33 55.90
C ASP E 698 3.99 -26.95 54.77
N GLU E 699 4.32 -25.90 54.02
CA GLU E 699 3.48 -25.49 52.91
C GLU E 699 3.45 -26.56 51.82
N LEU E 700 4.59 -27.21 51.56
CA LEU E 700 4.61 -28.31 50.62
C LEU E 700 3.70 -29.44 51.09
N ASN E 701 3.73 -29.75 52.37
CA ASN E 701 2.85 -30.78 52.91
C ASN E 701 1.39 -30.38 52.76
N ASN E 702 1.08 -29.11 53.00
CA ASN E 702 -0.31 -28.65 52.86
C ASN E 702 -0.79 -28.82 51.43
N VAL E 703 0.00 -28.38 50.45
CA VAL E 703 -0.43 -28.51 49.06
C VAL E 703 -0.52 -29.99 48.68
N MET E 704 0.37 -30.82 49.22
CA MET E 704 0.32 -32.24 48.92
C MET E 704 -0.97 -32.85 49.44
N ILE E 705 -1.35 -32.53 50.68
CA ILE E 705 -2.57 -33.10 51.24
C ILE E 705 -3.78 -32.58 50.47
N GLU E 706 -3.73 -31.32 50.02
CA GLU E 706 -4.85 -30.78 49.26
C GLU E 706 -4.95 -31.41 47.88
N SER E 707 -3.83 -31.81 47.29
CA SER E 707 -3.83 -32.44 45.98
C SER E 707 -4.13 -33.93 46.04
N ASN E 708 -4.13 -34.54 47.23
CA ASN E 708 -4.40 -35.97 47.37
C ASN E 708 -3.46 -36.81 46.52
N PHE E 709 -2.17 -36.47 46.54
CA PHE E 709 -1.20 -37.19 45.72
C PHE E 709 -1.07 -38.65 46.16
N LEU E 710 -0.89 -38.88 47.46
CA LEU E 710 -0.61 -40.21 47.98
C LEU E 710 -1.34 -40.39 49.30
N ASP E 711 -1.24 -41.60 49.85
CA ASP E 711 -1.82 -41.90 51.14
C ASP E 711 -1.06 -41.16 52.24
N ASP E 712 -1.64 -41.15 53.44
CA ASP E 712 -1.06 -40.38 54.55
C ASP E 712 0.35 -40.83 54.86
N ALA E 713 0.59 -42.14 54.89
CA ALA E 713 1.92 -42.64 55.19
C ALA E 713 2.93 -42.16 54.15
N GLY E 714 2.56 -42.21 52.87
CA GLY E 714 3.47 -41.72 51.84
C GLY E 714 3.72 -40.23 51.94
N ARG E 715 2.70 -39.46 52.27
CA ARG E 715 2.92 -38.03 52.33
C ARG E 715 3.84 -37.71 53.50
N VAL E 716 3.69 -38.45 54.61
CA VAL E 716 4.62 -38.25 55.71
C VAL E 716 6.04 -38.64 55.30
N LYS E 717 6.17 -39.81 54.68
CA LYS E 717 7.50 -40.33 54.36
C LYS E 717 8.25 -39.40 53.41
N VAL E 718 7.56 -38.88 52.40
CA VAL E 718 8.22 -37.98 51.45
C VAL E 718 8.76 -36.76 52.17
N ILE E 719 7.99 -36.20 53.10
CA ILE E 719 8.46 -34.99 53.77
C ILE E 719 9.62 -35.31 54.70
N ASN E 720 9.58 -36.44 55.41
CA ASN E 720 10.73 -36.77 56.26
C ASN E 720 11.98 -36.96 55.41
N GLU E 721 11.85 -37.64 54.27
CA GLU E 721 13.02 -37.84 53.40
C GLU E 721 13.53 -36.52 52.87
N LEU E 722 12.63 -35.63 52.43
CA LEU E 722 13.06 -34.36 51.85
C LEU E 722 13.65 -33.44 52.91
N SER E 723 13.26 -33.63 54.18
CA SER E 723 13.79 -32.77 55.24
C SER E 723 15.32 -32.88 55.31
N ARG E 724 15.83 -34.11 55.25
CA ARG E 724 17.28 -34.31 55.26
C ARG E 724 17.88 -34.26 53.86
N SER E 725 17.10 -34.57 52.82
CA SER E 725 17.63 -34.53 51.46
C SER E 725 18.01 -33.12 51.07
N CYS E 726 17.15 -32.13 51.37
CA CYS E 726 17.41 -30.76 51.00
C CYS E 726 16.54 -29.81 51.82
N PRO E 727 16.94 -29.49 53.06
CA PRO E 727 16.07 -28.64 53.90
C PRO E 727 15.75 -27.28 53.30
N ASN E 728 16.72 -26.64 52.65
CA ASN E 728 16.49 -25.33 52.05
C ASN E 728 15.69 -25.47 50.76
N PHE E 729 14.69 -24.61 50.59
CA PHE E 729 13.66 -24.83 49.57
C PHE E 729 13.24 -23.51 48.95
N ASN E 730 13.24 -23.46 47.62
CA ASN E 730 12.75 -22.30 46.86
C ASN E 730 12.31 -22.84 45.49
N VAL E 731 11.00 -23.01 45.30
CA VAL E 731 10.50 -23.61 44.06
C VAL E 731 9.44 -22.73 43.42
N GLY E 732 8.36 -22.45 44.14
CA GLY E 732 7.21 -21.78 43.56
C GLY E 732 5.90 -22.48 43.89
N ILE E 733 4.92 -22.39 42.99
CA ILE E 733 3.66 -23.11 43.16
C ILE E 733 3.36 -23.92 41.90
N LYS E 734 3.41 -23.28 40.73
CA LYS E 734 3.06 -23.95 39.49
C LYS E 734 3.90 -25.20 39.28
N LYS E 735 5.22 -25.07 39.45
CA LYS E 735 6.11 -26.20 39.27
C LYS E 735 5.77 -27.34 40.22
N THR E 736 5.28 -27.02 41.42
CA THR E 736 4.95 -28.08 42.38
C THR E 736 3.82 -28.95 41.84
N LEU E 737 2.74 -28.32 41.38
CA LEU E 737 1.63 -29.09 40.84
C LEU E 737 2.04 -29.87 39.60
N THR E 738 2.84 -29.26 38.72
CA THR E 738 3.27 -30.00 37.54
C THR E 738 4.06 -31.25 37.94
N ASN E 739 4.99 -31.10 38.89
CA ASN E 739 5.78 -32.24 39.34
C ASN E 739 4.89 -33.29 40.00
N ILE E 740 3.91 -32.85 40.78
CA ILE E 740 3.00 -33.78 41.45
C ILE E 740 2.30 -34.64 40.41
N GLU E 741 1.76 -34.00 39.37
CA GLU E 741 1.05 -34.76 38.34
C GLU E 741 1.97 -35.73 37.62
N THR E 742 3.16 -35.26 37.21
CA THR E 742 4.06 -36.17 36.49
C THR E 742 4.43 -37.37 37.36
N ALA E 743 4.63 -37.14 38.67
CA ALA E 743 4.94 -38.24 39.57
C ALA E 743 3.75 -39.17 39.72
N ARG E 744 2.53 -38.63 39.79
CA ARG E 744 1.37 -39.49 39.86
C ARG E 744 1.35 -40.41 38.66
N HIS E 745 1.60 -39.84 37.48
CA HIS E 745 1.49 -40.61 36.25
C HIS E 745 2.48 -41.77 36.24
N ASP E 746 3.77 -41.46 36.46
CA ASP E 746 4.78 -42.49 36.26
C ASP E 746 4.97 -43.37 37.50
N GLU E 747 5.43 -42.78 38.61
CA GLU E 747 5.75 -43.55 39.81
C GLU E 747 5.55 -42.62 41.01
N ASP E 748 4.43 -42.78 41.70
CA ASP E 748 4.14 -41.98 42.87
C ASP E 748 5.17 -42.17 43.98
N PRO E 749 5.90 -43.29 44.05
CA PRO E 749 7.00 -43.37 45.02
C PRO E 749 7.98 -42.21 44.94
N VAL E 750 8.87 -42.15 45.94
CA VAL E 750 9.77 -41.01 46.09
C VAL E 750 10.58 -40.77 44.83
N ASN E 751 11.08 -41.85 44.21
CA ASN E 751 12.14 -41.77 43.21
C ASN E 751 11.86 -40.79 42.08
N GLU E 752 10.60 -40.38 41.89
CA GLU E 752 10.27 -39.44 40.82
C GLU E 752 9.91 -38.06 41.37
N LEU E 753 8.94 -37.98 42.28
CA LEU E 753 8.53 -36.68 42.79
C LEU E 753 9.69 -35.98 43.50
N VAL E 754 10.36 -36.68 44.42
CA VAL E 754 11.42 -36.04 45.17
C VAL E 754 12.61 -35.74 44.27
N GLU E 755 12.89 -36.63 43.32
CA GLU E 755 13.96 -36.37 42.37
C GLU E 755 13.71 -35.06 41.63
N LEU E 756 12.53 -34.91 41.05
CA LEU E 756 12.22 -33.69 40.31
C LEU E 756 12.24 -32.47 41.23
N MET E 757 11.67 -32.60 42.43
CA MET E 757 11.60 -31.45 43.33
C MET E 757 12.99 -30.97 43.72
N THR E 758 13.89 -31.90 44.02
CA THR E 758 15.27 -31.51 44.34
C THR E 758 15.97 -30.93 43.12
N GLN E 759 15.75 -31.51 41.95
CA GLN E 759 16.41 -31.01 40.74
C GLN E 759 16.00 -29.57 40.44
N SER E 760 14.71 -29.26 40.57
CA SER E 760 14.24 -27.92 40.27
C SER E 760 14.86 -26.89 41.21
N ALA E 761 14.92 -27.20 42.50
CA ALA E 761 15.45 -26.25 43.47
C ALA E 761 16.97 -26.18 43.39
N ASP F 248 -21.26 44.18 11.79
CA ASP F 248 -21.21 45.48 11.15
C ASP F 248 -19.93 45.65 10.32
N LYS F 249 -18.82 45.11 10.82
CA LYS F 249 -17.55 45.27 10.13
C LYS F 249 -17.58 44.63 8.74
N PHE F 251 -20.41 44.07 7.17
CA PHE F 251 -21.41 44.88 6.47
C PHE F 251 -20.79 46.14 5.87
N THR F 252 -19.80 46.72 6.55
CA THR F 252 -19.09 47.86 5.98
C THR F 252 -18.10 47.46 4.90
N LYS F 253 -17.36 46.37 5.10
CA LYS F 253 -16.37 45.96 4.11
C LYS F 253 -17.04 45.63 2.77
N ILE F 254 -18.06 44.77 2.80
CA ILE F 254 -18.68 44.34 1.55
C ILE F 254 -19.27 45.53 0.79
N PHE F 255 -19.88 46.46 1.53
CA PHE F 255 -20.48 47.63 0.89
C PHE F 255 -19.42 48.54 0.31
N ARG F 256 -18.40 48.87 1.10
CA ARG F 256 -17.40 49.85 0.67
C ARG F 256 -16.59 49.33 -0.51
N ARG F 257 -16.14 48.08 -0.45
CA ARG F 257 -15.18 47.57 -1.42
C ARG F 257 -15.85 47.02 -2.67
N ALA F 258 -16.78 46.08 -2.52
CA ALA F 258 -17.39 45.45 -3.67
C ALA F 258 -18.45 46.33 -4.31
N PHE F 259 -19.44 46.77 -3.52
CA PHE F 259 -20.59 47.51 -4.04
C PHE F 259 -20.35 49.02 -4.01
N ALA F 260 -19.35 49.45 -4.79
CA ALA F 260 -19.07 50.87 -4.92
C ALA F 260 -19.01 51.29 -6.38
N SER F 261 -18.58 50.39 -7.26
CA SER F 261 -18.42 50.73 -8.67
C SER F 261 -19.76 51.10 -9.30
N ARG F 262 -20.81 50.36 -8.98
CA ARG F 262 -22.11 50.60 -9.60
C ARG F 262 -22.65 52.00 -9.29
N ILE F 263 -22.14 52.66 -8.25
CA ILE F 263 -22.66 53.97 -7.89
C ILE F 263 -22.34 54.99 -8.98
N PHE F 264 -21.19 54.87 -9.63
CA PHE F 264 -20.75 55.89 -10.57
C PHE F 264 -21.64 55.89 -11.81
N PRO F 265 -21.67 57.01 -12.54
CA PRO F 265 -22.44 57.07 -13.79
C PRO F 265 -21.97 56.02 -14.78
N PRO F 266 -22.90 55.38 -15.50
CA PRO F 266 -22.52 54.20 -16.30
C PRO F 266 -21.47 54.50 -17.37
N SER F 267 -21.53 55.68 -17.99
CA SER F 267 -20.63 55.96 -19.11
C SER F 267 -19.17 55.90 -18.67
N VAL F 268 -18.88 56.33 -17.43
CA VAL F 268 -17.51 56.30 -16.96
C VAL F 268 -17.01 54.86 -16.91
N ILE F 269 -17.82 53.95 -16.36
CA ILE F 269 -17.45 52.55 -16.29
C ILE F 269 -17.27 51.98 -17.70
N GLU F 270 -18.22 52.28 -18.58
CA GLU F 270 -18.15 51.75 -19.94
C GLU F 270 -16.86 52.22 -20.63
N LYS F 271 -16.42 53.45 -20.34
CA LYS F 271 -15.30 54.02 -21.07
C LYS F 271 -13.97 53.54 -20.51
N LEU F 272 -13.79 53.64 -19.19
CA LEU F 272 -12.53 53.22 -18.59
C LEU F 272 -12.28 51.73 -18.79
N GLY F 273 -13.30 50.92 -18.57
CA GLY F 273 -13.18 49.47 -18.64
C GLY F 273 -13.07 48.77 -17.30
N ILE F 274 -13.26 49.49 -16.19
CA ILE F 274 -13.19 48.86 -14.87
C ILE F 274 -14.23 47.75 -14.80
N SER F 275 -13.86 46.62 -14.23
CA SER F 275 -14.73 45.45 -14.14
C SER F 275 -15.23 45.28 -12.71
N HIS F 276 -16.54 45.10 -12.57
CA HIS F 276 -17.17 44.90 -11.28
C HIS F 276 -16.90 43.49 -10.76
N VAL F 277 -16.77 43.37 -9.43
CA VAL F 277 -16.58 42.05 -8.83
C VAL F 277 -17.82 41.21 -9.07
N LYS F 278 -17.61 39.93 -9.36
CA LYS F 278 -18.69 39.03 -9.76
C LYS F 278 -19.17 38.13 -8.64
N GLY F 279 -18.27 37.49 -7.91
CA GLY F 279 -18.62 36.45 -6.96
C GLY F 279 -18.36 36.88 -5.52
N LEU F 280 -19.30 36.57 -4.64
CA LEU F 280 -19.18 36.78 -3.20
C LEU F 280 -19.49 35.47 -2.50
N LEU F 281 -18.56 35.00 -1.67
CA LEU F 281 -18.70 33.70 -1.01
C LEU F 281 -18.86 33.92 0.50
N LEU F 282 -20.08 33.69 1.00
CA LEU F 282 -20.38 33.77 2.41
C LEU F 282 -20.29 32.38 3.02
N TYR F 283 -19.47 32.22 4.06
CA TYR F 283 -19.26 30.92 4.67
C TYR F 283 -19.31 31.05 6.18
N GLY F 284 -19.63 29.93 6.84
CA GLY F 284 -19.70 29.87 8.28
C GLY F 284 -20.37 28.60 8.75
N PRO F 285 -20.41 28.39 10.06
CA PRO F 285 -21.03 27.17 10.61
C PRO F 285 -22.53 27.17 10.37
N PRO F 286 -23.18 26.02 10.43
CA PRO F 286 -24.63 25.97 10.20
C PRO F 286 -25.40 26.79 11.21
N GLY F 287 -26.52 27.35 10.78
CA GLY F 287 -27.39 28.10 11.64
C GLY F 287 -27.05 29.55 11.81
N THR F 288 -25.96 30.03 11.21
CA THR F 288 -25.59 31.43 11.32
C THR F 288 -26.56 32.36 10.59
N GLY F 289 -27.45 31.82 9.77
CA GLY F 289 -28.38 32.65 9.03
C GLY F 289 -27.89 33.08 7.67
N LYS F 290 -26.98 32.31 7.05
CA LYS F 290 -26.46 32.67 5.74
C LYS F 290 -27.58 32.91 4.75
N THR F 291 -28.65 32.10 4.82
CA THR F 291 -29.81 32.34 3.97
C THR F 291 -30.45 33.69 4.30
N LEU F 292 -30.52 34.03 5.58
CA LEU F 292 -31.10 35.31 5.97
C LEU F 292 -30.31 36.47 5.38
N ILE F 293 -28.98 36.41 5.50
CA ILE F 293 -28.15 37.48 4.97
C ILE F 293 -28.27 37.55 3.44
N ALA F 294 -28.29 36.39 2.78
CA ALA F 294 -28.43 36.38 1.34
C ALA F 294 -29.73 37.04 0.90
N ARG F 295 -30.83 36.72 1.60
CA ARG F 295 -32.11 37.35 1.28
C ARG F 295 -32.07 38.84 1.55
N LYS F 296 -31.47 39.24 2.68
CA LYS F 296 -31.50 40.65 3.05
C LYS F 296 -30.65 41.50 2.11
N ILE F 297 -29.57 40.94 1.57
CA ILE F 297 -28.69 41.72 0.71
C ILE F 297 -29.46 42.24 -0.50
N GLY F 298 -30.28 41.39 -1.12
CA GLY F 298 -31.00 41.80 -2.31
C GLY F 298 -31.98 42.93 -2.04
N THR F 299 -32.76 42.81 -0.97
CA THR F 299 -33.75 43.84 -0.67
C THR F 299 -33.07 45.14 -0.22
N MET F 300 -32.00 45.05 0.55
CA MET F 300 -31.33 46.26 1.03
C MET F 300 -30.81 47.09 -0.14
N LEU F 301 -30.21 46.45 -1.14
CA LEU F 301 -29.63 47.16 -2.28
C LEU F 301 -30.65 47.47 -3.37
N ASN F 302 -31.94 47.24 -3.12
CA ASN F 302 -32.97 47.52 -4.11
C ASN F 302 -32.68 46.79 -5.42
N ALA F 303 -32.21 45.55 -5.30
CA ALA F 303 -31.88 44.73 -6.46
C ALA F 303 -33.12 44.00 -6.97
N LYS F 304 -32.94 43.32 -8.10
CA LYS F 304 -34.03 42.54 -8.65
C LYS F 304 -34.48 41.47 -7.66
N GLU F 305 -35.71 41.02 -7.81
CA GLU F 305 -36.24 40.00 -6.92
C GLU F 305 -35.37 38.74 -6.99
N PRO F 306 -34.86 38.25 -5.86
CA PRO F 306 -33.94 37.12 -5.91
C PRO F 306 -34.63 35.86 -6.41
N LYS F 307 -33.85 35.03 -7.13
CA LYS F 307 -34.30 33.72 -7.57
C LYS F 307 -33.68 32.66 -6.64
N ILE F 308 -34.49 32.15 -5.72
CA ILE F 308 -34.02 31.21 -4.71
C ILE F 308 -34.15 29.80 -5.28
N VAL F 309 -33.03 29.07 -5.31
CA VAL F 309 -33.01 27.70 -5.80
C VAL F 309 -32.21 26.85 -4.83
N ASN F 310 -32.76 25.69 -4.48
CA ASN F 310 -32.08 24.77 -3.57
C ASN F 310 -30.97 24.01 -4.29
N GLY F 311 -29.88 23.76 -3.58
CA GLY F 311 -28.77 23.02 -4.13
C GLY F 311 -29.13 21.63 -4.60
N PRO F 312 -29.62 20.78 -3.69
CA PRO F 312 -29.96 19.41 -4.10
C PRO F 312 -31.06 19.34 -5.15
N GLU F 313 -31.97 20.32 -5.18
CA GLU F 313 -33.03 20.31 -6.18
C GLU F 313 -32.50 20.49 -7.59
N ILE F 314 -31.25 20.94 -7.75
CA ILE F 314 -30.69 21.13 -9.08
C ILE F 314 -30.64 19.82 -9.85
N LEU F 315 -30.49 18.70 -9.14
CA LEU F 315 -30.43 17.41 -9.80
C LEU F 315 -31.70 17.17 -10.59
N SER F 316 -31.55 16.72 -11.84
CA SER F 316 -32.66 16.58 -12.76
C SER F 316 -32.78 15.14 -13.23
N LYS F 317 -34.02 14.74 -13.54
CA LYS F 317 -34.27 13.38 -13.99
C LYS F 317 -33.78 13.16 -15.42
N TYR F 318 -34.05 14.10 -16.32
CA TYR F 318 -33.72 13.93 -17.73
C TYR F 318 -32.27 14.29 -17.99
N VAL F 319 -31.66 13.60 -18.96
CA VAL F 319 -30.27 13.85 -19.32
C VAL F 319 -30.19 15.17 -20.08
N GLY F 320 -29.31 16.06 -19.64
CA GLY F 320 -29.10 17.32 -20.29
C GLY F 320 -30.07 18.41 -19.86
N SER F 321 -31.14 18.03 -19.15
CA SER F 321 -32.12 19.02 -18.71
C SER F 321 -31.57 19.92 -17.61
N SER F 322 -30.63 19.40 -16.81
CA SER F 322 -29.98 20.26 -15.82
C SER F 322 -29.22 21.39 -16.51
N GLU F 323 -28.49 21.08 -17.58
CA GLU F 323 -27.82 22.13 -18.35
C GLU F 323 -28.84 23.10 -18.94
N GLU F 324 -29.97 22.57 -19.41
CA GLU F 324 -31.01 23.44 -19.95
C GLU F 324 -31.52 24.41 -18.90
N ASN F 325 -31.75 23.92 -17.68
CA ASN F 325 -32.20 24.80 -16.60
C ASN F 325 -31.13 25.85 -16.28
N ILE F 326 -29.87 25.43 -16.19
CA ILE F 326 -28.81 26.36 -15.84
C ILE F 326 -28.72 27.47 -16.88
N ARG F 327 -28.77 27.11 -18.16
CA ARG F 327 -28.69 28.12 -19.20
C ARG F 327 -29.94 28.99 -19.23
N ASN F 328 -31.11 28.41 -18.95
CA ASN F 328 -32.35 29.17 -18.94
C ASN F 328 -32.37 30.19 -17.81
N LEU F 329 -31.68 29.90 -16.70
CA LEU F 329 -31.66 30.84 -15.58
C LEU F 329 -31.21 32.24 -16.02
N PHE F 330 -30.30 32.32 -16.99
CA PHE F 330 -29.66 33.58 -17.35
C PHE F 330 -30.39 34.33 -18.46
N LYS F 331 -31.49 33.77 -18.99
CA LYS F 331 -32.11 34.36 -20.17
C LYS F 331 -32.64 35.75 -19.88
N ASP F 332 -33.28 35.94 -18.72
CA ASP F 332 -33.85 37.25 -18.39
C ASP F 332 -32.77 38.31 -18.31
N ALA F 333 -31.69 38.01 -17.58
CA ALA F 333 -30.60 38.98 -17.46
C ALA F 333 -29.96 39.27 -18.81
N GLU F 334 -29.72 38.23 -19.62
CA GLU F 334 -29.09 38.45 -20.91
C GLU F 334 -29.95 39.34 -21.79
N ALA F 335 -31.26 39.04 -21.87
CA ALA F 335 -32.14 39.85 -22.70
C ALA F 335 -32.24 41.28 -22.18
N GLU F 336 -32.33 41.44 -20.86
CA GLU F 336 -32.44 42.78 -20.30
C GLU F 336 -31.19 43.61 -20.60
N TYR F 337 -30.01 43.00 -20.45
CA TYR F 337 -28.78 43.72 -20.81
C TYR F 337 -28.75 44.03 -22.30
N ARG F 338 -29.19 43.09 -23.13
CA ARG F 338 -29.22 43.32 -24.58
C ARG F 338 -30.10 44.52 -24.92
N ALA F 339 -31.27 44.63 -24.29
CA ALA F 339 -32.18 45.71 -24.59
C ALA F 339 -31.59 47.07 -24.24
N LYS F 340 -30.94 47.17 -23.08
CA LYS F 340 -30.43 48.44 -22.57
C LYS F 340 -28.91 48.49 -22.54
N GLY F 341 -28.27 47.55 -21.85
CA GLY F 341 -26.83 47.56 -21.71
C GLY F 341 -26.40 47.92 -20.30
N GLU F 342 -25.61 48.99 -20.16
CA GLU F 342 -25.12 49.40 -18.85
C GLU F 342 -26.26 49.76 -17.90
N GLU F 343 -27.44 50.05 -18.42
CA GLU F 343 -28.56 50.49 -17.59
C GLU F 343 -29.33 49.34 -16.95
N SER F 344 -28.95 48.09 -17.24
CA SER F 344 -29.68 46.96 -16.68
C SER F 344 -29.57 46.95 -15.16
N SER F 345 -30.69 46.63 -14.50
CA SER F 345 -30.70 46.54 -13.06
C SER F 345 -29.93 45.32 -12.58
N LEU F 346 -29.59 45.31 -11.30
CA LEU F 346 -28.76 44.26 -10.72
C LEU F 346 -29.60 43.01 -10.49
N HIS F 347 -29.19 41.90 -11.10
CA HIS F 347 -29.83 40.61 -10.90
C HIS F 347 -28.98 39.77 -9.96
N ILE F 348 -29.62 39.15 -8.97
CA ILE F 348 -28.95 38.34 -7.97
C ILE F 348 -29.51 36.92 -8.02
N ILE F 349 -28.64 35.94 -8.02
CA ILE F 349 -29.02 34.52 -7.97
C ILE F 349 -28.27 33.87 -6.82
N ILE F 350 -29.02 33.22 -5.93
CA ILE F 350 -28.46 32.54 -4.77
C ILE F 350 -28.69 31.04 -4.95
N PHE F 351 -27.62 30.27 -4.79
CA PHE F 351 -27.65 28.81 -4.96
C PHE F 351 -27.31 28.20 -3.61
N ASP F 352 -28.34 27.91 -2.83
CA ASP F 352 -28.14 27.34 -1.50
C ASP F 352 -27.45 25.99 -1.59
N GLU F 353 -26.52 25.74 -0.68
CA GLU F 353 -25.77 24.49 -0.62
C GLU F 353 -25.04 24.25 -1.94
N LEU F 354 -24.12 25.17 -2.25
CA LEU F 354 -23.37 25.08 -3.49
C LEU F 354 -22.53 23.80 -3.52
N ASP F 355 -21.86 23.49 -2.42
CA ASP F 355 -21.00 22.31 -2.37
C ASP F 355 -21.77 21.02 -2.55
N SER F 356 -23.09 21.03 -2.41
CA SER F 356 -23.88 19.82 -2.63
C SER F 356 -23.75 19.35 -4.07
N VAL F 357 -23.78 20.28 -5.03
CA VAL F 357 -23.77 19.94 -6.44
C VAL F 357 -22.45 20.35 -7.10
N PHE F 358 -21.78 21.38 -6.59
CA PHE F 358 -20.53 21.88 -7.17
C PHE F 358 -19.33 21.26 -6.47
N LYS F 359 -19.22 19.94 -6.61
CA LYS F 359 -18.06 19.21 -6.12
C LYS F 359 -17.10 18.90 -7.27
N GLN F 360 -15.85 18.65 -6.90
CA GLN F 360 -14.81 18.37 -7.89
C GLN F 360 -15.19 17.18 -8.76
N GLY F 369 -22.84 12.38 -14.91
CA GLY F 369 -22.03 13.54 -14.61
C GLY F 369 -22.81 14.83 -14.62
N VAL F 370 -23.97 14.81 -13.96
CA VAL F 370 -24.80 16.02 -13.89
C VAL F 370 -24.05 17.13 -13.15
N GLY F 371 -23.40 16.78 -12.05
CA GLY F 371 -22.64 17.76 -11.30
C GLY F 371 -21.42 18.30 -12.01
N ASP F 372 -21.02 17.69 -13.12
CA ASP F 372 -19.93 18.21 -13.95
C ASP F 372 -20.46 19.06 -15.10
N ASN F 373 -21.55 18.62 -15.74
CA ASN F 373 -22.15 19.42 -16.79
C ASN F 373 -22.72 20.72 -16.26
N VAL F 374 -23.23 20.71 -15.01
CA VAL F 374 -23.70 21.96 -14.41
C VAL F 374 -22.55 22.95 -14.29
N VAL F 375 -21.39 22.48 -13.84
CA VAL F 375 -20.21 23.34 -13.74
C VAL F 375 -19.78 23.81 -15.12
N ASN F 376 -19.81 22.91 -16.10
CA ASN F 376 -19.45 23.30 -17.46
C ASN F 376 -20.33 24.44 -17.95
N GLN F 377 -21.65 24.29 -17.80
CA GLN F 377 -22.58 25.32 -18.24
C GLN F 377 -22.34 26.63 -17.48
N LEU F 378 -22.18 26.55 -16.16
CA LEU F 378 -22.02 27.76 -15.37
C LEU F 378 -20.75 28.51 -15.75
N LEU F 379 -19.65 27.78 -15.95
CA LEU F 379 -18.38 28.42 -16.29
C LEU F 379 -18.40 28.95 -17.70
N ALA F 380 -19.08 28.26 -18.63
CA ALA F 380 -19.21 28.78 -19.98
C ALA F 380 -19.99 30.08 -19.99
N LYS F 381 -21.06 30.16 -19.19
CA LYS F 381 -21.89 31.36 -19.18
C LYS F 381 -21.25 32.49 -18.39
N MET F 382 -20.44 32.19 -17.37
CA MET F 382 -20.01 33.22 -16.44
C MET F 382 -19.00 34.17 -17.08
N ASP F 383 -17.99 33.62 -17.75
CA ASP F 383 -16.83 34.39 -18.20
C ASP F 383 -16.60 34.18 -19.69
N GLY F 384 -15.68 34.98 -20.22
CA GLY F 384 -15.26 34.86 -21.62
C GLY F 384 -16.11 35.73 -22.56
N VAL F 385 -16.94 35.07 -23.37
CA VAL F 385 -17.73 35.81 -24.36
C VAL F 385 -18.64 36.83 -23.68
N ASP F 386 -19.07 36.56 -22.45
CA ASP F 386 -20.00 37.43 -21.75
C ASP F 386 -19.24 38.43 -20.88
N GLN F 387 -19.71 39.67 -20.87
CA GLN F 387 -19.21 40.74 -20.01
C GLN F 387 -20.33 41.31 -19.16
N LEU F 388 -21.19 40.44 -18.65
CA LEU F 388 -22.37 40.86 -17.89
C LEU F 388 -21.96 41.22 -16.47
N ASN F 389 -21.91 42.52 -16.18
CA ASN F 389 -21.59 43.01 -14.84
C ASN F 389 -22.83 43.27 -14.01
N ASN F 390 -24.01 42.94 -14.51
CA ASN F 390 -25.27 43.19 -13.81
C ASN F 390 -25.77 41.96 -13.06
N ILE F 391 -24.99 40.89 -13.02
CA ILE F 391 -25.37 39.65 -12.34
C ILE F 391 -24.42 39.44 -11.17
N LEU F 392 -24.97 39.22 -9.99
CA LEU F 392 -24.20 38.92 -8.79
C LEU F 392 -24.63 37.56 -8.27
N VAL F 393 -23.71 36.62 -8.19
CA VAL F 393 -23.96 35.28 -7.71
C VAL F 393 -23.40 35.14 -6.31
N ILE F 394 -24.25 34.73 -5.37
CA ILE F 394 -23.87 34.54 -3.97
C ILE F 394 -23.84 33.04 -3.69
N GLY F 395 -22.68 32.54 -3.27
CA GLY F 395 -22.55 31.14 -2.93
C GLY F 395 -22.34 30.96 -1.44
N MET F 396 -23.23 30.20 -0.79
CA MET F 396 -23.16 29.96 0.64
C MET F 396 -22.97 28.47 0.89
N THR F 397 -22.05 28.14 1.79
CA THR F 397 -21.76 26.75 2.10
C THR F 397 -21.26 26.65 3.54
N ASN F 398 -21.64 25.56 4.21
CA ASN F 398 -21.16 25.30 5.56
C ASN F 398 -19.76 24.72 5.57
N ARG F 399 -19.34 24.08 4.48
CA ARG F 399 -18.03 23.45 4.37
C ARG F 399 -17.28 24.10 3.21
N LYS F 400 -16.29 24.94 3.53
CA LYS F 400 -15.59 25.68 2.51
C LYS F 400 -14.61 24.82 1.72
N ASP F 401 -14.09 23.75 2.33
CA ASP F 401 -13.09 22.93 1.67
C ASP F 401 -13.64 22.17 0.46
N LEU F 402 -14.96 21.97 0.42
CA LEU F 402 -15.56 21.12 -0.63
C LEU F 402 -15.75 21.87 -1.94
N ILE F 403 -15.57 23.19 -1.95
CA ILE F 403 -15.82 23.96 -3.16
C ILE F 403 -14.87 23.51 -4.26
N ASP F 404 -15.39 23.41 -5.48
CA ASP F 404 -14.58 22.97 -6.61
C ASP F 404 -13.41 23.92 -6.83
N SER F 405 -12.24 23.35 -7.14
CA SER F 405 -11.08 24.16 -7.45
C SER F 405 -11.24 24.89 -8.77
N ALA F 406 -12.11 24.41 -9.66
CA ALA F 406 -12.34 25.10 -10.93
C ALA F 406 -12.93 26.48 -10.74
N LEU F 407 -13.64 26.70 -9.63
CA LEU F 407 -14.22 28.02 -9.33
C LEU F 407 -13.35 28.85 -8.41
N LEU F 408 -12.44 28.24 -7.65
CA LEU F 408 -11.57 28.96 -6.73
C LEU F 408 -10.36 29.48 -7.51
N ARG F 409 -10.54 30.62 -8.14
CA ARG F 409 -9.47 31.27 -8.90
C ARG F 409 -9.78 32.75 -9.01
N PRO F 410 -8.78 33.59 -9.22
CA PRO F 410 -9.04 35.04 -9.36
C PRO F 410 -10.01 35.32 -10.49
N GLY F 411 -10.87 36.32 -10.27
CA GLY F 411 -11.92 36.65 -11.21
C GLY F 411 -13.23 35.94 -10.96
N ARG F 412 -13.26 34.97 -10.05
CA ARG F 412 -14.48 34.25 -9.69
C ARG F 412 -14.49 34.08 -8.18
N PHE F 413 -15.54 34.59 -7.53
CA PHE F 413 -15.65 34.52 -6.08
C PHE F 413 -14.43 35.16 -5.40
N GLU F 414 -14.10 36.37 -5.86
CA GLU F 414 -12.91 37.06 -5.35
C GLU F 414 -13.04 37.37 -3.87
N VAL F 415 -14.21 37.81 -3.43
CA VAL F 415 -14.41 38.27 -2.05
C VAL F 415 -15.03 37.14 -1.24
N GLN F 416 -14.39 36.83 -0.11
CA GLN F 416 -14.85 35.82 0.84
C GLN F 416 -15.20 36.51 2.15
N PRO F 422 -25.69 32.84 17.68
CA PRO F 422 -26.05 34.20 18.11
C PRO F 422 -25.29 34.64 19.35
N ASP F 423 -25.00 35.95 19.44
CA ASP F 423 -24.31 36.48 20.59
C ASP F 423 -25.22 36.44 21.82
N GLU F 424 -24.65 36.77 22.98
CA GLU F 424 -25.40 36.69 24.23
C GLU F 424 -26.66 37.54 24.15
N LYS F 425 -26.51 38.82 23.80
CA LYS F 425 -27.66 39.70 23.69
C LYS F 425 -28.62 39.22 22.62
N GLY F 426 -28.10 38.84 21.45
CA GLY F 426 -28.97 38.33 20.40
C GLY F 426 -29.67 37.05 20.80
N ARG F 427 -28.96 36.19 21.54
CA ARG F 427 -29.58 34.96 22.04
C ARG F 427 -30.73 35.30 22.99
N LEU F 428 -30.53 36.27 23.87
CA LEU F 428 -31.61 36.70 24.76
C LEU F 428 -32.77 37.27 23.97
N GLN F 429 -32.49 38.04 22.92
CA GLN F 429 -33.57 38.62 22.12
C GLN F 429 -34.37 37.53 21.42
N ILE F 430 -33.70 36.52 20.86
CA ILE F 430 -34.45 35.45 20.22
C ILE F 430 -35.22 34.64 21.26
N PHE F 431 -34.67 34.49 22.46
CA PHE F 431 -35.43 33.85 23.53
C PHE F 431 -36.70 34.62 23.82
N ASP F 432 -36.60 35.95 23.89
CA ASP F 432 -37.79 36.77 24.11
C ASP F 432 -38.78 36.61 22.97
N ILE F 433 -38.28 36.57 21.73
CA ILE F 433 -39.16 36.39 20.57
C ILE F 433 -39.94 35.09 20.71
N GLN F 434 -39.24 34.01 21.05
CA GLN F 434 -39.90 32.70 21.18
C GLN F 434 -40.89 32.70 22.34
N THR F 435 -40.53 33.34 23.45
CA THR F 435 -41.33 33.24 24.67
C THR F 435 -42.52 34.21 24.67
N LYS F 436 -42.52 35.23 23.81
CA LYS F 436 -43.58 36.24 23.82
C LYS F 436 -44.96 35.63 24.07
N LYS F 437 -45.32 34.59 23.30
CA LYS F 437 -46.68 34.08 23.36
C LYS F 437 -47.00 33.46 24.71
N MET F 438 -46.05 32.74 25.30
CA MET F 438 -46.31 32.12 26.60
C MET F 438 -46.25 33.16 27.71
N ARG F 439 -45.32 34.11 27.63
CA ARG F 439 -45.19 35.12 28.68
C ARG F 439 -46.41 36.03 28.72
N GLU F 440 -46.94 36.41 27.55
CA GLU F 440 -48.01 37.40 27.53
C GLU F 440 -49.28 36.87 28.19
N ASN F 441 -49.56 35.58 28.03
CA ASN F 441 -50.82 35.01 28.49
C ASN F 441 -50.79 34.58 29.95
N ASN F 442 -49.88 35.13 30.74
CA ASN F 442 -49.86 34.90 32.19
C ASN F 442 -49.85 33.40 32.50
N MET F 443 -49.02 32.66 31.77
CA MET F 443 -48.80 31.23 32.02
C MET F 443 -47.34 30.94 32.36
N MET F 444 -46.58 31.96 32.73
CA MET F 444 -45.16 31.83 33.06
C MET F 444 -44.94 32.29 34.50
N SER F 445 -44.29 31.44 35.29
CA SER F 445 -43.97 31.80 36.67
C SER F 445 -42.86 32.85 36.71
N ASP F 446 -42.98 33.78 37.66
CA ASP F 446 -42.01 34.87 37.76
C ASP F 446 -40.61 34.38 38.15
N ASP F 447 -40.49 33.16 38.66
CA ASP F 447 -39.19 32.65 39.05
C ASP F 447 -38.28 32.41 37.85
N VAL F 448 -38.86 32.23 36.67
CA VAL F 448 -38.07 31.87 35.49
C VAL F 448 -37.25 33.07 35.06
N ASN F 449 -35.93 32.92 35.03
CA ASN F 449 -35.02 33.97 34.61
C ASN F 449 -34.49 33.64 33.23
N LEU F 450 -34.93 34.42 32.23
CA LEU F 450 -34.48 34.18 30.86
C LEU F 450 -32.98 34.35 30.73
N ALA F 451 -32.42 35.38 31.39
CA ALA F 451 -30.98 35.57 31.32
C ALA F 451 -30.22 34.39 31.90
N GLU F 452 -30.78 33.74 32.93
CA GLU F 452 -30.13 32.55 33.47
C GLU F 452 -30.08 31.45 32.42
N LEU F 453 -31.20 31.22 31.72
CA LEU F 453 -31.22 30.21 30.68
C LEU F 453 -30.23 30.55 29.57
N ALA F 454 -30.15 31.83 29.21
CA ALA F 454 -29.17 32.23 28.21
C ALA F 454 -27.76 31.93 28.67
N ALA F 455 -27.45 32.22 29.93
CA ALA F 455 -26.14 31.88 30.47
C ALA F 455 -25.89 30.38 30.43
N LEU F 456 -26.96 29.58 30.57
CA LEU F 456 -26.81 28.13 30.49
C LEU F 456 -26.61 27.67 29.05
N THR F 457 -27.34 28.25 28.10
CA THR F 457 -27.26 27.87 26.69
C THR F 457 -26.20 28.72 26.00
N LYS F 458 -24.98 28.17 25.87
CA LYS F 458 -23.86 28.91 25.31
C LYS F 458 -23.60 28.61 23.84
N ASN F 459 -23.84 27.38 23.40
CA ASN F 459 -23.48 26.91 22.06
C ASN F 459 -24.69 26.31 21.36
N PHE F 460 -25.81 27.02 21.40
CA PHE F 460 -27.08 26.53 20.88
C PHE F 460 -27.58 27.44 19.77
N SER F 461 -28.26 26.85 18.78
CA SER F 461 -28.85 27.59 17.69
C SER F 461 -30.38 27.59 17.82
N GLY F 462 -31.02 28.34 16.93
CA GLY F 462 -32.44 28.63 17.10
C GLY F 462 -33.30 27.37 17.18
N ALA F 463 -33.05 26.42 16.28
CA ALA F 463 -33.82 25.18 16.29
C ALA F 463 -33.65 24.45 17.62
N GLU F 464 -32.43 24.46 18.16
CA GLU F 464 -32.22 23.88 19.48
C GLU F 464 -33.04 24.62 20.54
N ILE F 465 -33.15 25.94 20.42
CA ILE F 465 -33.96 26.69 21.40
C ILE F 465 -35.41 26.26 21.31
N GLU F 466 -35.93 26.12 20.09
CA GLU F 466 -37.30 25.64 19.94
C GLU F 466 -37.45 24.26 20.56
N GLY F 467 -36.46 23.38 20.35
CA GLY F 467 -36.51 22.06 20.95
C GLY F 467 -36.55 22.09 22.46
N LEU F 468 -35.69 22.91 23.08
CA LEU F 468 -35.72 23.04 24.53
C LEU F 468 -37.06 23.57 25.02
N VAL F 469 -37.61 24.56 24.31
CA VAL F 469 -38.91 25.10 24.70
C VAL F 469 -39.97 24.00 24.69
N LYS F 470 -40.01 23.22 23.60
CA LYS F 470 -41.03 22.19 23.49
C LYS F 470 -40.85 21.11 24.56
N SER F 471 -39.61 20.66 24.79
CA SER F 471 -39.39 19.63 25.81
C SER F 471 -39.75 20.14 27.20
N ALA F 472 -39.38 21.39 27.50
CA ALA F 472 -39.74 21.95 28.79
C ALA F 472 -41.26 22.01 28.95
N SER F 473 -41.97 22.43 27.90
CA SER F 473 -43.43 22.38 27.99
C SER F 473 -43.90 20.94 28.17
N SER F 474 -43.19 19.98 27.56
CA SER F 474 -43.62 18.59 27.62
C SER F 474 -43.66 18.10 29.05
N PHE F 475 -42.70 18.54 29.86
CA PHE F 475 -42.71 18.10 31.26
C PHE F 475 -43.92 18.67 32.00
N ALA F 476 -44.29 19.92 31.72
CA ALA F 476 -45.50 20.48 32.28
C ALA F 476 -46.73 19.69 31.81
N ILE F 477 -46.71 19.25 30.56
CA ILE F 477 -47.79 18.38 30.07
C ILE F 477 -47.88 17.11 30.92
N ASN F 478 -46.73 16.48 31.15
CA ASN F 478 -46.73 15.24 31.93
C ASN F 478 -47.26 15.48 33.33
N LYS F 479 -46.92 16.62 33.93
CA LYS F 479 -47.38 16.88 35.30
C LYS F 479 -48.89 16.75 35.43
N THR F 480 -49.64 17.14 34.40
CA THR F 480 -51.09 17.06 34.46
C THR F 480 -51.60 15.65 34.16
N VAL F 481 -51.27 15.14 32.97
CA VAL F 481 -51.75 13.84 32.54
C VAL F 481 -50.96 12.75 33.25
N ASN F 482 -51.67 11.76 33.80
CA ASN F 482 -51.03 10.66 34.50
C ASN F 482 -50.48 9.63 33.50
N LYS F 493 -60.59 18.75 35.29
CA LYS F 493 -60.69 19.92 34.43
C LYS F 493 -60.14 21.17 35.13
N ASP F 494 -58.91 21.06 35.62
CA ASP F 494 -58.21 22.18 36.25
C ASP F 494 -57.22 22.82 35.29
N ILE F 495 -57.58 22.91 34.01
CA ILE F 495 -56.66 23.39 32.99
C ILE F 495 -56.17 24.80 33.30
N ALA F 496 -56.90 25.55 34.11
CA ALA F 496 -56.50 26.91 34.46
C ALA F 496 -55.16 26.97 35.16
N LYS F 497 -54.71 25.87 35.77
CA LYS F 497 -53.47 25.85 36.54
C LYS F 497 -52.29 25.31 35.73
N LEU F 498 -52.44 25.14 34.42
CA LEU F 498 -51.33 24.72 33.58
C LEU F 498 -50.31 25.85 33.51
N LYS F 499 -49.19 25.70 34.21
CA LYS F 499 -48.14 26.71 34.27
C LYS F 499 -46.79 26.07 34.03
N VAL F 500 -45.96 26.74 33.24
CA VAL F 500 -44.59 26.28 33.00
C VAL F 500 -43.71 26.76 34.14
N THR F 501 -43.00 25.83 34.77
CA THR F 501 -42.15 26.12 35.91
C THR F 501 -40.69 26.02 35.52
N ARG F 502 -39.83 26.65 36.34
CA ARG F 502 -38.39 26.64 36.07
C ARG F 502 -37.83 25.23 36.15
N GLU F 503 -38.44 24.36 36.96
CA GLU F 503 -37.94 22.99 37.08
C GLU F 503 -37.98 22.27 35.75
N ASP F 504 -39.04 22.48 34.97
CA ASP F 504 -39.13 21.85 33.67
C ASP F 504 -38.00 22.32 32.75
N PHE F 505 -37.71 23.62 32.77
CA PHE F 505 -36.60 24.13 31.95
C PHE F 505 -35.27 23.52 32.38
N LEU F 506 -35.04 23.44 33.70
CA LEU F 506 -33.81 22.83 34.18
C LEU F 506 -33.72 21.36 33.78
N ASN F 507 -34.85 20.64 33.84
CA ASN F 507 -34.84 19.21 33.57
C ASN F 507 -34.67 18.91 32.09
N ALA F 508 -35.31 19.71 31.23
CA ALA F 508 -35.30 19.44 29.80
C ALA F 508 -33.93 19.66 29.16
N LEU F 509 -32.98 20.25 29.87
CA LEU F 509 -31.66 20.49 29.29
C LEU F 509 -30.94 19.20 28.92
N ASN F 510 -31.38 18.06 29.47
CA ASN F 510 -30.69 16.80 29.22
C ASN F 510 -31.01 16.21 27.86
N ASP F 511 -32.09 16.65 27.21
CA ASP F 511 -32.48 16.08 25.93
C ASP F 511 -31.65 16.68 24.79
N VAL F 512 -31.63 18.01 24.69
CA VAL F 512 -30.90 18.67 23.61
C VAL F 512 -29.42 18.69 23.94
N THR F 513 -28.59 18.77 22.88
CA THR F 513 -27.15 18.77 23.02
C THR F 513 -26.54 19.64 21.94
N PRO F 514 -25.48 20.40 22.26
CA PRO F 514 -24.83 21.22 21.23
C PRO F 514 -23.75 20.43 20.49
N ALA F 515 -23.04 21.09 19.58
CA ALA F 515 -21.98 20.47 18.79
C ALA F 515 -20.74 21.35 18.81
N PHE F 516 -20.36 21.84 19.99
CA PHE F 516 -19.21 22.72 20.17
C PHE F 516 -18.26 22.10 21.19
N GLY F 517 -17.21 22.85 21.52
CA GLY F 517 -16.23 22.40 22.50
C GLY F 517 -15.56 23.58 23.16
N ILE F 518 -15.15 23.38 24.41
CA ILE F 518 -14.49 24.42 25.21
C ILE F 518 -13.42 23.77 26.06
N SER F 519 -12.30 24.47 26.23
CA SER F 519 -11.21 24.02 27.08
C SER F 519 -11.02 24.88 28.32
N GLU F 520 -11.80 25.97 28.46
CA GLU F 520 -11.76 26.75 29.69
C GLU F 520 -12.10 25.90 30.90
N GLU F 521 -12.97 24.90 30.73
CA GLU F 521 -13.27 23.98 31.82
C GLU F 521 -12.04 23.18 32.23
N ASP F 522 -11.23 22.75 31.26
CA ASP F 522 -10.03 21.99 31.59
C ASP F 522 -9.11 22.75 32.52
N LEU F 523 -9.04 24.06 32.38
CA LEU F 523 -8.20 24.87 33.26
C LEU F 523 -8.82 25.09 34.63
N LYS F 524 -10.08 24.70 34.83
CA LYS F 524 -10.72 24.83 36.13
C LYS F 524 -10.69 23.54 36.94
N THR F 525 -10.63 22.38 36.28
CA THR F 525 -10.56 21.12 37.00
C THR F 525 -9.17 20.82 37.54
N CYS F 526 -8.13 21.38 36.94
CA CYS F 526 -6.77 21.12 37.40
C CYS F 526 -6.51 21.62 38.80
N VAL F 527 -7.34 22.54 39.31
CA VAL F 527 -7.18 23.06 40.66
C VAL F 527 -8.30 22.57 41.56
N GLU F 528 -8.90 21.43 41.22
CA GLU F 528 -10.04 20.95 41.99
C GLU F 528 -9.68 20.70 43.44
N GLY F 529 -8.44 20.27 43.71
CA GLY F 529 -8.03 20.02 45.07
C GLY F 529 -7.82 21.25 45.91
N GLY F 530 -7.75 22.42 45.30
CA GLY F 530 -7.68 23.67 46.03
C GLY F 530 -6.29 23.96 46.57
N MET F 531 -6.14 25.17 47.10
CA MET F 531 -4.90 25.63 47.70
C MET F 531 -4.97 25.50 49.21
N MET F 532 -3.79 25.48 49.83
CA MET F 532 -3.69 25.40 51.28
C MET F 532 -2.81 26.47 51.91
N LEU F 533 -1.93 27.12 51.15
CA LEU F 533 -1.06 28.16 51.68
C LEU F 533 -0.30 27.66 52.91
N TYR F 534 0.18 26.43 52.82
CA TYR F 534 0.90 25.81 53.94
C TYR F 534 2.24 26.47 54.23
N SER F 535 2.75 27.33 53.35
CA SER F 535 4.02 27.98 53.56
C SER F 535 4.03 29.31 52.82
N GLU F 536 4.97 30.17 53.21
CA GLU F 536 5.03 31.51 52.63
C GLU F 536 5.57 31.48 51.21
N ARG F 537 6.39 30.47 50.86
CA ARG F 537 6.95 30.44 49.53
C ARG F 537 5.86 30.28 48.47
N VAL F 538 4.74 29.65 48.82
CA VAL F 538 3.61 29.60 47.91
C VAL F 538 3.13 31.01 47.58
N ASN F 539 2.99 31.84 48.62
CA ASN F 539 2.60 33.22 48.40
C ASN F 539 3.64 33.96 47.57
N SER F 540 4.92 33.69 47.79
CA SER F 540 5.96 34.34 47.00
C SER F 540 5.84 33.98 45.53
N ILE F 541 5.61 32.70 45.22
CA ILE F 541 5.47 32.27 43.83
C ILE F 541 4.25 32.92 43.20
N LEU F 542 3.13 32.97 43.91
CA LEU F 542 1.95 33.63 43.36
C LEU F 542 2.22 35.10 43.09
N LYS F 543 2.96 35.75 43.99
CA LYS F 543 3.29 37.17 43.77
C LYS F 543 4.13 37.33 42.51
N ASN F 544 5.11 36.45 42.30
CA ASN F 544 5.93 36.54 41.09
C ASN F 544 5.07 36.34 39.84
N GLY F 545 4.16 35.38 39.86
CA GLY F 545 3.30 35.18 38.71
C GLY F 545 2.44 36.40 38.41
N ALA F 546 1.85 37.00 39.44
CA ALA F 546 1.04 38.20 39.23
C ALA F 546 1.87 39.38 38.78
N ARG F 547 3.16 39.39 39.13
CA ARG F 547 4.05 40.44 38.63
C ARG F 547 4.30 40.26 37.15
N TYR F 548 4.59 39.03 36.72
CA TYR F 548 4.89 38.83 35.30
C TYR F 548 3.66 39.11 34.45
N VAL F 549 2.47 38.70 34.92
CA VAL F 549 1.26 38.99 34.14
C VAL F 549 1.05 40.48 34.01
N ARG F 550 1.24 41.24 35.10
CA ARG F 550 1.10 42.69 34.98
C ARG F 550 2.14 43.28 34.03
N GLN F 551 3.38 42.79 34.09
CA GLN F 551 4.41 43.28 33.19
C GLN F 551 4.01 43.09 31.73
N VAL F 552 3.47 41.93 31.39
CA VAL F 552 3.00 41.72 30.03
C VAL F 552 1.86 42.67 29.71
N ARG F 553 0.97 42.91 30.67
CA ARG F 553 -0.18 43.77 30.41
C ARG F 553 0.24 45.19 30.08
N GLU F 554 1.20 45.74 30.82
CA GLU F 554 1.46 47.18 30.75
C GLU F 554 2.49 47.56 29.69
N SER F 555 3.56 46.78 29.55
CA SER F 555 4.64 47.16 28.64
C SER F 555 4.24 46.91 27.20
N ASP F 556 4.56 47.85 26.32
CA ASP F 556 4.24 47.73 24.90
C ASP F 556 5.37 47.09 24.09
N LYS F 557 6.54 46.89 24.68
CA LYS F 557 7.68 46.30 23.98
C LYS F 557 7.81 44.80 24.21
N SER F 558 7.57 44.35 25.45
CA SER F 558 7.64 42.92 25.78
C SER F 558 6.40 42.23 25.24
N ARG F 559 6.48 41.77 24.00
CA ARG F 559 5.36 41.12 23.35
C ARG F 559 5.40 39.60 23.48
N LEU F 560 6.40 39.06 24.18
CA LEU F 560 6.52 37.62 24.35
C LEU F 560 7.33 37.37 25.62
N VAL F 561 6.74 36.65 26.57
CA VAL F 561 7.40 36.29 27.82
C VAL F 561 7.26 34.79 28.00
N SER F 562 8.38 34.12 28.29
CA SER F 562 8.41 32.69 28.51
C SER F 562 8.89 32.39 29.92
N LEU F 563 8.20 31.49 30.60
CA LEU F 563 8.54 31.10 31.96
C LEU F 563 8.63 29.59 32.07
N LEU F 564 9.56 29.12 32.91
CA LEU F 564 9.71 27.71 33.20
C LEU F 564 9.46 27.50 34.68
N ILE F 565 8.65 26.49 35.01
CA ILE F 565 8.33 26.14 36.39
C ILE F 565 8.82 24.71 36.58
N HIS F 566 9.86 24.53 37.39
CA HIS F 566 10.49 23.24 37.54
C HIS F 566 10.64 22.86 39.01
N GLY F 567 10.60 21.56 39.27
CA GLY F 567 10.76 21.05 40.61
C GLY F 567 10.66 19.54 40.68
N PRO F 568 10.82 18.99 41.88
CA PRO F 568 10.74 17.53 42.03
C PRO F 568 9.37 17.00 41.68
N ALA F 569 9.33 15.75 41.20
CA ALA F 569 8.08 15.14 40.77
C ALA F 569 7.10 15.04 41.93
N GLY F 570 5.85 15.42 41.67
CA GLY F 570 4.81 15.33 42.66
C GLY F 570 4.67 16.55 43.55
N SER F 571 5.54 17.55 43.40
CA SER F 571 5.48 18.73 44.25
C SER F 571 4.24 19.57 43.96
N GLY F 572 3.69 19.49 42.76
CA GLY F 572 2.55 20.29 42.40
C GLY F 572 2.96 21.50 41.56
N LYS F 573 2.76 21.42 40.26
CA LYS F 573 3.17 22.47 39.35
C LYS F 573 2.07 22.86 38.39
N THR F 574 1.27 21.90 37.92
CA THR F 574 0.16 22.24 37.04
C THR F 574 -0.89 23.05 37.78
N ALA F 575 -1.17 22.68 39.03
CA ALA F 575 -2.19 23.40 39.80
C ALA F 575 -1.78 24.84 40.03
N LEU F 576 -0.51 25.08 40.34
CA LEU F 576 -0.04 26.44 40.62
C LEU F 576 -0.15 27.31 39.37
N ALA F 577 0.30 26.79 38.22
CA ALA F 577 0.22 27.54 36.97
C ALA F 577 -1.24 27.80 36.58
N ALA F 578 -2.10 26.80 36.76
CA ALA F 578 -3.52 27.00 36.46
C ALA F 578 -4.11 28.09 37.36
N GLU F 579 -3.70 28.12 38.63
CA GLU F 579 -4.19 29.15 39.53
C GLU F 579 -3.76 30.54 39.06
N ILE F 580 -2.50 30.68 38.66
CA ILE F 580 -2.04 31.99 38.17
C ILE F 580 -2.84 32.40 36.94
N ALA F 581 -3.03 31.46 36.00
CA ALA F 581 -3.76 31.80 34.78
C ALA F 581 -5.19 32.21 35.09
N LEU F 582 -5.87 31.49 35.99
CA LEU F 582 -7.23 31.83 36.33
C LEU F 582 -7.33 33.17 37.06
N LYS F 583 -6.29 33.53 37.82
CA LYS F 583 -6.26 34.84 38.46
C LYS F 583 -5.94 35.96 37.48
N SER F 584 -5.34 35.65 36.33
CA SER F 584 -4.98 36.70 35.37
C SER F 584 -6.20 37.46 34.89
N GLY F 585 -7.22 36.74 34.41
CA GLY F 585 -8.42 37.38 33.89
C GLY F 585 -8.33 37.85 32.45
N PHE F 586 -7.46 37.27 31.64
CA PHE F 586 -7.32 37.66 30.25
C PHE F 586 -8.49 37.09 29.44
N PRO F 587 -8.76 37.65 28.26
CA PRO F 587 -9.84 37.11 27.44
C PRO F 587 -9.64 35.67 26.97
N PHE F 588 -8.40 35.26 26.73
CA PHE F 588 -8.08 33.97 26.12
C PHE F 588 -7.14 33.18 27.02
N ILE F 589 -7.53 31.96 27.37
CA ILE F 589 -6.69 31.07 28.17
C ILE F 589 -6.87 29.64 27.68
N ARG F 590 -5.77 28.89 27.59
CA ARG F 590 -5.85 27.52 27.12
C ARG F 590 -4.70 26.68 27.68
N LEU F 591 -4.87 25.36 27.57
CA LEU F 591 -3.93 24.38 28.09
C LEU F 591 -3.65 23.30 27.04
N ILE F 592 -2.37 22.94 26.92
CA ILE F 592 -1.92 21.83 26.07
C ILE F 592 -1.40 20.75 27.00
N SER F 593 -2.15 19.66 27.12
CA SER F 593 -1.83 18.57 28.03
C SER F 593 -1.69 17.27 27.25
N PRO F 594 -0.92 16.31 27.76
CA PRO F 594 -0.79 15.04 27.02
C PRO F 594 -2.11 14.33 26.82
N ASN F 595 -3.05 14.47 27.75
CA ASN F 595 -4.33 13.76 27.64
C ASN F 595 -5.04 14.08 26.34
N GLU F 596 -4.96 15.33 25.88
CA GLU F 596 -5.68 15.71 24.67
C GLU F 596 -5.09 15.06 23.42
N LEU F 597 -3.81 14.71 23.44
CA LEU F 597 -3.10 14.19 22.28
C LEU F 597 -3.08 12.67 22.23
N SER F 598 -3.59 11.99 23.25
CA SER F 598 -3.45 10.54 23.31
C SER F 598 -4.20 9.87 22.16
N GLY F 599 -3.56 8.85 21.57
CA GLY F 599 -4.16 8.08 20.51
C GLY F 599 -3.92 8.61 19.11
N MET F 600 -3.31 9.78 18.97
CA MET F 600 -3.08 10.36 17.65
C MET F 600 -1.74 9.91 17.09
N SER F 601 -1.60 10.03 15.77
CA SER F 601 -0.34 9.77 15.10
C SER F 601 0.52 11.04 15.10
N GLU F 602 1.80 10.87 14.77
CA GLU F 602 2.73 11.99 14.88
C GLU F 602 2.33 13.16 13.99
N SER F 603 1.97 12.87 12.74
CA SER F 603 1.59 13.94 11.81
C SER F 603 0.31 14.63 12.24
N ALA F 604 -0.47 14.03 13.14
CA ALA F 604 -1.64 14.67 13.69
C ALA F 604 -1.31 15.49 14.92
N LYS F 605 -0.38 15.02 15.76
CA LYS F 605 0.05 15.82 16.90
C LYS F 605 0.73 17.11 16.44
N ILE F 606 1.58 17.04 15.42
CA ILE F 606 2.29 18.24 14.98
C ILE F 606 1.31 19.27 14.41
N ALA F 607 0.20 18.81 13.85
CA ALA F 607 -0.80 19.72 13.34
C ALA F 607 -1.69 20.25 14.44
N TYR F 608 -2.03 19.43 15.43
CA TYR F 608 -2.81 19.94 16.55
C TYR F 608 -2.03 21.01 17.31
N ILE F 609 -0.74 20.78 17.56
CA ILE F 609 0.06 21.78 18.25
C ILE F 609 0.19 23.04 17.42
N ASP F 610 0.30 22.90 16.10
CA ASP F 610 0.39 24.09 15.26
C ASP F 610 -0.90 24.88 15.28
N ASN F 611 -2.04 24.20 15.16
CA ASN F 611 -3.32 24.90 15.18
C ASN F 611 -3.53 25.60 16.52
N THR F 612 -3.22 24.91 17.62
CA THR F 612 -3.39 25.51 18.94
C THR F 612 -2.59 26.79 19.05
N PHE F 613 -1.41 26.84 18.44
CA PHE F 613 -0.65 28.09 18.49
C PHE F 613 -1.26 29.14 17.58
N ARG F 614 -1.65 28.74 16.37
CA ARG F 614 -2.21 29.70 15.40
C ARG F 614 -3.51 30.32 15.88
N ASP F 615 -4.21 29.68 16.82
CA ASP F 615 -5.44 30.24 17.36
C ASP F 615 -5.19 31.21 18.51
N ALA F 616 -3.94 31.37 18.94
CA ALA F 616 -3.61 32.30 20.02
C ALA F 616 -3.16 33.66 19.52
N TYR F 617 -3.15 33.89 18.21
CA TYR F 617 -2.73 35.16 17.62
C TYR F 617 -3.92 36.01 17.15
N LYS F 618 -5.11 35.77 17.67
CA LYS F 618 -6.32 36.46 17.23
C LYS F 618 -7.04 37.13 18.39
N SER F 619 -6.28 37.80 19.23
CA SER F 619 -6.85 38.50 20.38
C SER F 619 -5.78 39.39 21.01
N PRO F 620 -6.14 40.54 21.57
CA PRO F 620 -5.10 41.45 22.07
C PRO F 620 -4.21 40.87 23.16
N LEU F 621 -4.71 39.97 24.01
CA LEU F 621 -3.91 39.41 25.08
C LEU F 621 -4.18 37.91 25.19
N ASN F 622 -3.11 37.12 25.38
CA ASN F 622 -3.27 35.68 25.40
C ASN F 622 -2.37 35.04 26.45
N ILE F 623 -2.85 33.93 27.02
CA ILE F 623 -2.08 33.09 27.95
C ILE F 623 -2.18 31.65 27.45
N LEU F 624 -1.05 30.95 27.43
CA LEU F 624 -0.98 29.56 27.02
C LEU F 624 -0.16 28.76 28.02
N VAL F 625 -0.68 27.60 28.42
CA VAL F 625 -0.03 26.76 29.42
C VAL F 625 0.29 25.42 28.78
N ILE F 626 1.54 24.98 28.91
CA ILE F 626 2.02 23.72 28.37
C ILE F 626 2.37 22.81 29.54
N ASP F 627 1.87 21.57 29.51
CA ASP F 627 1.95 20.69 30.66
C ASP F 627 2.85 19.50 30.39
N SER F 628 3.82 19.29 31.26
CA SER F 628 4.70 18.12 31.22
C SER F 628 5.44 18.03 29.87
N LEU F 629 6.32 19.02 29.66
CA LEU F 629 7.00 19.13 28.37
C LEU F 629 7.66 17.83 27.96
N GLU F 630 8.33 17.14 28.89
CA GLU F 630 9.08 15.96 28.49
C GLU F 630 8.18 14.82 28.05
N THR F 631 6.93 14.78 28.53
CA THR F 631 6.02 13.71 28.16
C THR F 631 5.48 13.89 26.75
N LEU F 632 5.36 15.13 26.27
CA LEU F 632 4.91 15.36 24.91
C LEU F 632 5.91 14.84 23.89
N VAL F 633 7.19 14.75 24.28
CA VAL F 633 8.28 14.43 23.38
C VAL F 633 8.59 12.93 23.35
N ASP F 634 7.92 12.13 24.18
CA ASP F 634 8.09 10.67 24.22
C ASP F 634 9.50 10.29 24.68
N TRP F 635 9.88 10.76 25.87
CA TRP F 635 11.22 10.54 26.37
C TRP F 635 11.26 9.29 27.25
N VAL F 636 12.18 8.37 26.94
CA VAL F 636 12.40 7.17 27.73
C VAL F 636 13.91 6.96 27.83
N PRO F 637 14.49 6.82 29.03
CA PRO F 637 15.96 6.93 29.16
C PRO F 637 16.75 5.69 28.77
N ILE F 638 16.11 4.57 28.42
CA ILE F 638 16.88 3.36 28.11
C ILE F 638 17.65 3.52 26.81
N GLY F 639 17.05 4.17 25.81
CA GLY F 639 17.68 4.25 24.51
C GLY F 639 18.93 5.10 24.49
N PRO F 640 18.78 6.43 24.66
CA PRO F 640 17.53 7.16 24.88
C PRO F 640 16.72 7.28 23.61
N ARG F 641 15.40 7.22 23.71
CA ARG F 641 14.51 7.36 22.57
C ARG F 641 13.63 8.58 22.79
N PHE F 642 13.36 9.31 21.72
CA PHE F 642 12.43 10.43 21.77
C PHE F 642 12.11 10.84 20.35
N SER F 643 11.09 11.68 20.22
CA SER F 643 10.61 12.14 18.92
C SER F 643 11.25 13.49 18.64
N ASN F 644 12.09 13.55 17.61
CA ASN F 644 12.81 14.78 17.30
C ASN F 644 11.92 15.81 16.63
N ASN F 645 10.91 15.35 15.87
CA ASN F 645 10.08 16.27 15.11
C ASN F 645 9.28 17.20 16.03
N ILE F 646 8.61 16.64 17.03
CA ILE F 646 7.82 17.46 17.94
C ILE F 646 8.72 18.38 18.74
N LEU F 647 9.90 17.89 19.13
CA LEU F 647 10.83 18.73 19.86
C LEU F 647 11.21 19.95 19.04
N GLN F 648 11.53 19.74 17.77
CA GLN F 648 11.91 20.86 16.92
C GLN F 648 10.74 21.82 16.72
N MET F 649 9.53 21.29 16.55
CA MET F 649 8.36 22.14 16.39
C MET F 649 8.16 23.04 17.61
N LEU F 650 8.23 22.46 18.81
CA LEU F 650 8.06 23.27 20.01
C LEU F 650 9.18 24.27 20.17
N LYS F 651 10.41 23.87 19.86
CA LYS F 651 11.54 24.78 20.01
C LYS F 651 11.38 25.99 19.09
N VAL F 652 10.92 25.78 17.86
CA VAL F 652 10.71 26.89 16.95
C VAL F 652 9.55 27.76 17.43
N ALA F 653 8.48 27.14 17.92
CA ALA F 653 7.29 27.91 18.28
C ALA F 653 7.53 28.78 19.50
N LEU F 654 8.32 28.32 20.46
CA LEU F 654 8.45 29.05 21.72
C LEU F 654 9.21 30.36 21.58
N LYS F 655 9.82 30.64 20.43
CA LYS F 655 10.56 31.87 20.20
C LYS F 655 9.92 32.79 19.16
N ARG F 656 8.79 32.39 18.57
CA ARG F 656 8.18 33.16 17.49
C ARG F 656 7.38 34.31 18.08
N LYS F 657 7.70 35.53 17.68
CA LYS F 657 6.96 36.69 18.16
C LYS F 657 5.56 36.69 17.56
N PRO F 658 4.54 37.09 18.32
CA PRO F 658 3.20 37.16 17.78
C PRO F 658 3.08 38.32 16.81
N PRO F 659 2.02 38.36 16.00
CA PRO F 659 1.86 39.47 15.06
C PRO F 659 1.81 40.80 15.80
N GLN F 660 1.81 41.88 15.02
CA GLN F 660 1.88 43.22 15.57
C GLN F 660 0.75 43.46 16.56
N ASP F 661 1.08 44.12 17.67
CA ASP F 661 0.14 44.64 18.66
C ASP F 661 -0.52 43.56 19.50
N ARG F 662 -0.09 42.30 19.38
CA ARG F 662 -0.66 41.20 20.15
C ARG F 662 0.41 40.62 21.07
N ARG F 663 -0.05 40.21 22.24
CA ARG F 663 0.86 39.72 23.23
C ARG F 663 0.55 38.32 23.72
N LEU F 664 1.59 37.61 24.19
CA LEU F 664 1.46 36.25 24.69
C LEU F 664 2.18 36.10 26.03
N LEU F 665 1.67 35.18 26.84
CA LEU F 665 2.35 34.73 28.05
C LEU F 665 2.29 33.21 28.07
N ILE F 666 3.46 32.57 28.00
CA ILE F 666 3.56 31.12 27.92
C ILE F 666 4.17 30.60 29.21
N MET F 667 3.49 29.65 29.85
CA MET F 667 4.03 28.98 31.03
C MET F 667 4.09 27.48 30.77
N THR F 668 5.28 26.90 30.89
CA THR F 668 5.50 25.48 30.65
C THR F 668 6.04 24.81 31.89
N THR F 669 5.50 23.64 32.22
CA THR F 669 5.88 22.91 33.42
C THR F 669 6.64 21.64 33.07
N THR F 670 7.70 21.36 33.82
CA THR F 670 8.53 20.19 33.54
C THR F 670 9.08 19.64 34.84
N SER F 671 9.57 18.40 34.78
CA SER F 671 10.09 17.71 35.95
C SER F 671 11.43 17.04 35.71
N ALA F 672 12.06 17.25 34.56
CA ALA F 672 13.29 16.58 34.19
C ALA F 672 14.35 17.59 33.78
N TYR F 673 14.54 18.62 34.61
CA TYR F 673 15.41 19.74 34.29
C TYR F 673 16.72 19.29 33.63
N SER F 674 17.29 18.19 34.12
CA SER F 674 18.55 17.71 33.56
C SER F 674 18.41 17.33 32.09
N VAL F 675 17.31 16.66 31.73
CA VAL F 675 17.11 16.26 30.33
C VAL F 675 17.04 17.49 29.42
N LEU F 676 16.28 18.50 29.83
CA LEU F 676 16.23 19.73 29.04
C LEU F 676 17.60 20.37 28.95
N GLN F 677 18.40 20.27 30.00
CA GLN F 677 19.76 20.78 29.92
C GLN F 677 20.55 20.03 28.87
N GLN F 678 20.38 18.70 28.81
CA GLN F 678 21.14 17.90 27.84
C GLN F 678 20.76 18.27 26.41
N MET F 679 19.46 18.46 26.14
CA MET F 679 19.05 18.78 24.78
C MET F 679 19.46 20.19 24.35
N ASP F 680 19.95 21.01 25.28
CA ASP F 680 20.39 22.37 25.00
C ASP F 680 19.23 23.30 24.67
N ILE F 681 18.00 22.89 25.00
CA ILE F 681 16.82 23.72 24.79
C ILE F 681 16.66 24.80 25.85
N LEU F 682 17.54 24.84 26.85
CA LEU F 682 17.31 25.71 27.99
C LEU F 682 17.44 27.18 27.61
N SER F 683 18.10 27.48 26.49
CA SER F 683 18.28 28.85 26.06
C SER F 683 16.96 29.47 25.61
N CYS F 684 15.91 28.67 25.44
CA CYS F 684 14.66 29.19 24.89
C CYS F 684 13.79 29.89 25.93
N PHE F 685 14.03 29.70 27.22
CA PHE F 685 13.23 30.27 28.30
C PHE F 685 13.89 31.50 28.88
N ASP F 686 13.08 32.43 29.38
CA ASP F 686 13.61 33.68 29.92
C ASP F 686 13.86 33.62 31.41
N ASN F 687 13.02 32.92 32.17
CA ASN F 687 13.18 32.87 33.62
C ASN F 687 12.68 31.53 34.14
N GLU F 688 13.23 31.12 35.28
CA GLU F 688 12.90 29.85 35.91
C GLU F 688 12.38 30.08 37.33
N ILE F 689 11.45 29.23 37.74
CA ILE F 689 10.86 29.27 39.08
C ILE F 689 10.90 27.86 39.66
N ALA F 690 11.49 27.73 40.84
CA ALA F 690 11.64 26.44 41.50
C ALA F 690 10.61 26.27 42.60
N VAL F 691 10.01 25.09 42.66
CA VAL F 691 8.96 24.79 43.63
C VAL F 691 9.40 23.62 44.50
N PRO F 692 10.03 23.87 45.65
CA PRO F 692 10.45 22.75 46.51
C PRO F 692 9.29 22.21 47.34
N ASN F 693 9.31 20.89 47.54
CA ASN F 693 8.29 20.23 48.32
C ASN F 693 8.55 20.40 49.81
N MET F 694 7.48 20.38 50.60
CA MET F 694 7.56 20.69 52.02
C MET F 694 8.44 19.70 52.75
N THR F 695 9.16 20.20 53.76
CA THR F 695 10.08 19.38 54.54
C THR F 695 9.95 19.55 56.05
N ASN F 696 9.27 20.58 56.54
CA ASN F 696 9.16 20.84 57.96
C ASN F 696 7.78 20.42 58.48
N LEU F 697 7.76 19.92 59.71
CA LEU F 697 6.53 19.39 60.29
C LEU F 697 5.47 20.47 60.52
N ASP F 698 5.87 21.75 60.50
CA ASP F 698 4.89 22.82 60.58
C ASP F 698 3.94 22.75 59.40
N GLU F 699 4.48 22.50 58.20
CA GLU F 699 3.62 22.35 57.03
C GLU F 699 2.68 21.15 57.18
N LEU F 700 3.17 20.07 57.76
CA LEU F 700 2.29 18.92 58.01
C LEU F 700 1.17 19.28 58.96
N ASN F 701 1.48 20.05 60.01
CA ASN F 701 0.43 20.48 60.93
C ASN F 701 -0.60 21.35 60.21
N ASN F 702 -0.13 22.28 59.38
CA ASN F 702 -1.05 23.14 58.64
C ASN F 702 -1.96 22.31 57.74
N VAL F 703 -1.39 21.34 57.02
CA VAL F 703 -2.19 20.50 56.14
C VAL F 703 -3.19 19.68 56.95
N MET F 704 -2.76 19.19 58.12
CA MET F 704 -3.65 18.39 58.96
C MET F 704 -4.84 19.19 59.43
N ILE F 705 -4.60 20.44 59.87
CA ILE F 705 -5.71 21.27 60.32
C ILE F 705 -6.59 21.64 59.13
N GLU F 706 -5.99 21.85 57.96
CA GLU F 706 -6.77 22.22 56.78
C GLU F 706 -7.68 21.09 56.33
N SER F 707 -7.22 19.84 56.43
CA SER F 707 -7.98 18.69 56.00
C SER F 707 -8.83 18.10 57.12
N ASN F 708 -8.83 18.69 58.31
CA ASN F 708 -9.61 18.23 59.45
C ASN F 708 -9.53 16.71 59.59
N PHE F 709 -8.31 16.19 59.55
CA PHE F 709 -8.11 14.74 59.59
C PHE F 709 -8.49 14.18 60.96
N LEU F 710 -8.01 14.80 62.04
CA LEU F 710 -8.21 14.29 63.38
C LEU F 710 -8.49 15.44 64.33
N ASP F 711 -8.84 15.09 65.57
CA ASP F 711 -9.01 16.08 66.63
C ASP F 711 -7.65 16.63 67.04
N ASP F 712 -7.68 17.56 67.99
CA ASP F 712 -6.44 18.23 68.39
C ASP F 712 -5.45 17.24 69.02
N ALA F 713 -5.95 16.30 69.82
CA ALA F 713 -5.06 15.39 70.51
C ALA F 713 -4.28 14.52 69.52
N GLY F 714 -4.97 13.95 68.55
CA GLY F 714 -4.29 13.12 67.56
C GLY F 714 -3.30 13.92 66.72
N ARG F 715 -3.69 15.13 66.33
CA ARG F 715 -2.81 15.97 65.53
C ARG F 715 -1.64 16.50 66.33
N VAL F 716 -1.73 16.47 67.67
CA VAL F 716 -0.58 16.80 68.50
C VAL F 716 0.32 15.59 68.71
N LYS F 717 -0.28 14.40 68.79
CA LYS F 717 0.51 13.19 69.00
C LYS F 717 1.24 12.75 67.74
N VAL F 718 0.69 13.06 66.56
CA VAL F 718 1.33 12.65 65.31
C VAL F 718 2.70 13.31 65.18
N ILE F 719 2.80 14.61 65.47
CA ILE F 719 4.06 15.31 65.35
C ILE F 719 5.08 14.72 66.32
N ASN F 720 4.66 14.44 67.55
CA ASN F 720 5.58 13.85 68.52
C ASN F 720 6.06 12.49 68.06
N GLU F 721 5.16 11.67 67.52
CA GLU F 721 5.54 10.35 67.03
C GLU F 721 6.51 10.45 65.86
N LEU F 722 6.29 11.41 64.96
CA LEU F 722 7.16 11.55 63.80
C LEU F 722 8.54 12.07 64.19
N SER F 723 8.59 13.07 65.08
CA SER F 723 9.85 13.74 65.35
C SER F 723 10.90 12.76 65.87
N ARG F 724 10.48 11.67 66.50
CA ARG F 724 11.39 10.69 67.06
C ARG F 724 11.76 9.59 66.07
N SER F 725 11.28 9.67 64.83
CA SER F 725 11.57 8.65 63.83
C SER F 725 12.11 9.23 62.52
N CYS F 726 11.64 10.40 62.11
CA CYS F 726 11.97 10.95 60.79
C CYS F 726 12.12 12.47 60.91
N PRO F 727 13.34 12.95 61.17
CA PRO F 727 13.51 14.40 61.34
C PRO F 727 13.33 15.18 60.04
N ASN F 728 13.89 14.69 58.93
CA ASN F 728 13.78 15.37 57.64
C ASN F 728 12.64 14.73 56.85
N PHE F 729 11.64 15.53 56.49
CA PHE F 729 10.40 14.98 55.97
C PHE F 729 10.50 14.62 54.49
N ASN F 730 10.71 15.62 53.63
CA ASN F 730 10.93 15.42 52.20
C ASN F 730 9.87 14.51 51.57
N VAL F 731 8.63 14.99 51.57
CA VAL F 731 7.52 14.29 50.95
C VAL F 731 6.66 15.29 50.17
N GLY F 732 6.18 14.88 49.00
CA GLY F 732 5.37 15.75 48.17
C GLY F 732 3.96 15.92 48.70
N ILE F 733 3.33 17.04 48.32
CA ILE F 733 2.00 17.35 48.84
C ILE F 733 0.97 16.36 48.32
N LYS F 734 1.07 15.98 47.05
CA LYS F 734 0.14 15.01 46.48
C LYS F 734 0.14 13.71 47.29
N LYS F 735 1.35 13.22 47.60
CA LYS F 735 1.48 12.00 48.38
C LYS F 735 0.89 12.18 49.78
N THR F 736 1.08 13.35 50.38
CA THR F 736 0.51 13.60 51.70
C THR F 736 -1.00 13.52 51.66
N LEU F 737 -1.62 14.14 50.65
CA LEU F 737 -3.08 14.10 50.56
C LEU F 737 -3.58 12.68 50.37
N THR F 738 -2.97 11.92 49.45
CA THR F 738 -3.46 10.57 49.23
C THR F 738 -3.25 9.69 50.46
N ASN F 739 -2.14 9.87 51.17
CA ASN F 739 -1.91 9.09 52.38
C ASN F 739 -2.94 9.43 53.46
N ILE F 740 -3.26 10.70 53.63
CA ILE F 740 -4.30 11.06 54.59
C ILE F 740 -5.61 10.42 54.20
N GLU F 741 -5.96 10.49 52.92
CA GLU F 741 -7.23 9.92 52.48
C GLU F 741 -7.29 8.42 52.75
N THR F 742 -6.20 7.70 52.47
CA THR F 742 -6.24 6.25 52.67
C THR F 742 -6.21 5.89 54.15
N ALA F 743 -5.54 6.69 54.97
CA ALA F 743 -5.46 6.39 56.39
C ALA F 743 -6.75 6.74 57.12
N ARG F 744 -7.58 7.61 56.56
CA ARG F 744 -8.82 7.99 57.23
C ARG F 744 -9.71 6.78 57.53
N HIS F 745 -9.56 5.70 56.76
CA HIS F 745 -10.49 4.58 56.87
C HIS F 745 -9.99 3.49 57.82
N ASP F 746 -8.78 2.96 57.58
CA ASP F 746 -8.32 1.81 58.32
C ASP F 746 -8.33 2.07 59.82
N GLU F 747 -7.52 3.02 60.29
CA GLU F 747 -7.44 3.34 61.71
C GLU F 747 -7.29 4.85 61.84
N ASP F 748 -8.38 5.53 62.21
CA ASP F 748 -8.32 6.97 62.39
C ASP F 748 -7.21 7.38 63.34
N PRO F 749 -6.98 6.68 64.47
CA PRO F 749 -5.85 7.03 65.34
C PRO F 749 -4.52 7.06 64.60
N VAL F 750 -3.49 7.57 65.29
CA VAL F 750 -2.20 7.80 64.68
C VAL F 750 -1.59 6.51 64.15
N ASN F 751 -1.93 5.37 64.78
CA ASN F 751 -1.21 4.12 64.57
C ASN F 751 -1.11 3.72 63.09
N GLU F 752 -1.85 4.37 62.20
CA GLU F 752 -1.70 4.18 60.76
C GLU F 752 -0.77 5.21 60.12
N LEU F 753 -1.13 6.49 60.22
CA LEU F 753 -0.47 7.52 59.43
C LEU F 753 1.05 7.49 59.59
N VAL F 754 1.53 7.50 60.82
CA VAL F 754 2.97 7.60 61.05
C VAL F 754 3.71 6.47 60.34
N GLU F 755 3.14 5.27 60.34
CA GLU F 755 3.77 4.16 59.62
C GLU F 755 3.75 4.42 58.12
N LEU F 756 2.58 4.72 57.56
CA LEU F 756 2.47 4.87 56.12
C LEU F 756 3.44 5.93 55.62
N MET F 757 3.44 7.10 56.26
CA MET F 757 4.32 8.18 55.84
C MET F 757 5.78 7.78 56.01
N THR F 758 6.12 7.07 57.10
CA THR F 758 7.50 6.62 57.24
C THR F 758 7.88 5.69 56.10
N GLN F 759 6.89 4.95 55.59
CA GLN F 759 7.15 4.06 54.46
C GLN F 759 7.33 4.86 53.17
N SER F 760 6.74 6.04 53.10
CA SER F 760 6.80 6.88 51.91
C SER F 760 7.89 7.94 52.00
N ALA F 761 8.70 7.92 53.06
CA ALA F 761 9.76 8.91 53.23
C ALA F 761 10.78 8.81 52.10
N GLY G 173 -8.59 2.95 -11.06
CA GLY G 173 -8.77 1.55 -10.76
C GLY G 173 -10.17 1.19 -10.29
N GLN G 174 -11.20 1.73 -10.94
CA GLN G 174 -12.57 1.36 -10.61
C GLN G 174 -13.34 0.97 -11.84
N GLN G 175 -14.41 0.22 -11.62
CA GLN G 175 -15.28 -0.26 -12.69
C GLN G 175 -16.72 -0.06 -12.22
N ILE G 176 -17.69 -0.28 -13.10
CA ILE G 176 -19.07 0.00 -12.77
C ILE G 176 -19.99 -0.93 -13.55
N PHE G 177 -21.13 -1.26 -12.96
CA PHE G 177 -22.14 -2.08 -13.59
C PHE G 177 -23.18 -1.18 -14.28
N SER G 178 -24.37 -1.71 -14.53
CA SER G 178 -25.43 -0.88 -15.10
C SER G 178 -26.76 -1.62 -15.03
N GLN G 179 -27.83 -0.90 -14.68
CA GLN G 179 -29.18 -1.46 -14.61
C GLN G 179 -30.06 -0.77 -15.65
N ALA G 180 -31.32 -1.21 -15.76
CA ALA G 180 -32.18 -0.68 -16.83
C ALA G 180 -33.64 -0.58 -16.39
N LEU G 181 -34.28 0.52 -16.74
CA LEU G 181 -35.71 0.72 -16.52
C LEU G 181 -36.46 0.57 -17.83
N LEU G 182 -37.69 0.08 -17.75
CA LEU G 182 -38.53 -0.08 -18.93
C LEU G 182 -39.14 1.28 -19.31
N ASN G 183 -40.09 1.27 -20.24
CA ASN G 183 -40.73 2.50 -20.72
C ASN G 183 -42.00 2.78 -19.93
N ALA G 184 -42.25 4.07 -19.69
CA ALA G 184 -43.46 4.48 -19.00
C ALA G 184 -44.69 4.22 -19.87
#